data_7B2N
#
_entry.id   7B2N
#
_cell.length_a   109.493
_cell.length_b   251.068
_cell.length_c   126.411
_cell.angle_alpha   90.000
_cell.angle_beta   90.110
_cell.angle_gamma   90.000
#
_symmetry.space_group_name_H-M   'C 1 2 1'
#
loop_
_entity.id
_entity.type
_entity.pdbx_description
1 polymer 'Fructose-bisphosphate aldolase 1, chloroplastic'
2 non-polymer 'SULFATE ION'
3 non-polymer 'CHLORIDE ION'
4 water water
#
_entity_poly.entity_id   1
_entity_poly.type   'polypeptide(L)'
_entity_poly.pdbx_seq_one_letter_code
;MHHHHHHHMGKYDEELIKTAGTVASKGRGILAMDESNATCGKRLDSIGVENTEENRRAYRELLVTAPGLGQYISGAILFE
ETLYQSTASGKKFVDVMKEQNIVPGIKVDKGLVPLSNTNGESWCMGLDGLDKRCAEYYKAGARFAKWRSVVSIPHGPSII
AARDCAYGLARYAAIAQNAGLVPIVEPEVLLDGEHDIDRCLEVQEAIWAETFKYMADNKVMFEGILLKPAMVTPGADCKN
KAGPAKVAEYTLKMLRRRVPPAVPGIMFLSGGQSELESTLNLNAMNQSPNPWHVSFSYARALQNTVLKTWQGKPENVQAA
QAALLKRAKANSDAQQGKYDATTEGKEAAQGMYEKGYVY
;
_entity_poly.pdbx_strand_id   A,B,C,D,E,F,G,H
#
loop_
_chem_comp.id
_chem_comp.type
_chem_comp.name
_chem_comp.formula
CL non-polymer 'CHLORIDE ION' 'Cl -1'
SO4 non-polymer 'SULFATE ION' 'O4 S -2'
#
# COMPACT_ATOMS: atom_id res chain seq x y z
N LYS A 11 -1.74 -1.00 -13.53
CA LYS A 11 -0.67 -1.91 -13.93
C LYS A 11 0.63 -1.16 -14.24
N TYR A 12 0.50 0.03 -14.83
CA TYR A 12 1.64 0.85 -15.19
C TYR A 12 1.82 2.07 -14.29
N ASP A 13 1.10 2.12 -13.16
CA ASP A 13 1.04 3.34 -12.34
C ASP A 13 2.42 3.89 -12.02
N GLU A 14 3.31 3.04 -11.49
CA GLU A 14 4.62 3.52 -11.09
C GLU A 14 5.47 3.92 -12.30
N GLU A 15 5.32 3.23 -13.43
CA GLU A 15 6.10 3.61 -14.61
C GLU A 15 5.60 4.92 -15.18
N LEU A 16 4.28 5.15 -15.13
CA LEU A 16 3.74 6.45 -15.55
C LEU A 16 4.29 7.57 -14.69
N ILE A 17 4.38 7.35 -13.38
CA ILE A 17 4.95 8.35 -12.49
C ILE A 17 6.43 8.54 -12.79
N LYS A 18 7.16 7.44 -12.96
CA LYS A 18 8.57 7.52 -13.28
C LYS A 18 8.81 8.23 -14.61
N THR A 19 7.99 7.93 -15.62
CA THR A 19 8.14 8.57 -16.92
C THR A 19 7.79 10.06 -16.85
N ALA A 20 6.71 10.40 -16.16
CA ALA A 20 6.33 11.81 -16.04
C ALA A 20 7.41 12.62 -15.34
N GLY A 21 8.07 12.05 -14.34
CA GLY A 21 9.12 12.75 -13.64
C GLY A 21 10.39 12.92 -14.45
N THR A 22 10.63 11.99 -15.39
CA THR A 22 11.79 12.13 -16.27
C THR A 22 11.55 13.18 -17.35
N VAL A 23 10.30 13.28 -17.83
CA VAL A 23 9.99 14.27 -18.87
C VAL A 23 9.88 15.66 -18.27
N ALA A 24 9.19 15.79 -17.14
CA ALA A 24 9.07 17.08 -16.45
C ALA A 24 10.19 17.23 -15.43
N SER A 25 11.41 17.29 -15.94
CA SER A 25 12.62 17.38 -15.13
C SER A 25 13.21 18.78 -15.23
N LYS A 26 14.09 19.10 -14.29
CA LYS A 26 14.62 20.46 -14.19
C LYS A 26 15.44 20.81 -15.42
N GLY A 27 15.11 21.93 -16.05
CA GLY A 27 15.88 22.42 -17.17
C GLY A 27 15.76 21.61 -18.44
N ARG A 28 14.66 20.88 -18.61
CA ARG A 28 14.46 20.08 -19.81
C ARG A 28 13.05 20.29 -20.34
N GLY A 29 12.89 20.01 -21.63
CA GLY A 29 11.60 20.12 -22.28
C GLY A 29 11.45 19.13 -23.41
N ILE A 30 10.36 19.23 -24.16
CA ILE A 30 10.00 18.27 -25.19
C ILE A 30 10.26 18.87 -26.55
N LEU A 31 10.87 18.08 -27.43
CA LEU A 31 10.98 18.42 -28.84
C LEU A 31 9.80 17.78 -29.57
N ALA A 32 8.83 18.59 -29.99
CA ALA A 32 7.70 18.10 -30.75
C ALA A 32 8.15 17.86 -32.19
N MET A 33 8.16 16.58 -32.62
CA MET A 33 8.59 16.17 -33.95
C MET A 33 7.54 15.40 -34.70
N ASP A 34 6.26 15.49 -34.30
CA ASP A 34 5.26 14.54 -34.77
C ASP A 34 4.58 15.00 -36.05
N GLU A 35 5.30 15.68 -36.94
CA GLU A 35 4.69 16.17 -38.18
C GLU A 35 4.24 15.01 -39.06
N SER A 36 3.08 15.19 -39.69
CA SER A 36 2.58 14.35 -40.77
C SER A 36 3.64 14.09 -41.83
N ASN A 37 3.44 13.08 -42.67
CA ASN A 37 4.26 12.99 -43.88
C ASN A 37 3.97 14.15 -44.81
N ALA A 38 2.70 14.53 -44.94
CA ALA A 38 2.36 15.71 -45.74
C ALA A 38 2.91 16.97 -45.11
N THR A 39 2.71 17.15 -43.81
CA THR A 39 3.13 18.39 -43.15
C THR A 39 4.65 18.51 -43.13
N CYS A 40 5.35 17.44 -42.77
CA CYS A 40 6.81 17.46 -42.82
C CYS A 40 7.29 17.76 -44.24
N GLY A 41 6.50 17.37 -45.23
CA GLY A 41 6.81 17.75 -46.61
C GLY A 41 6.79 19.24 -46.81
N LYS A 42 5.81 19.93 -46.20
CA LYS A 42 5.76 21.39 -46.28
C LYS A 42 7.01 22.01 -45.66
N ARG A 43 7.48 21.47 -44.54
CA ARG A 43 8.73 21.96 -43.95
C ARG A 43 9.89 21.77 -44.91
N LEU A 44 9.96 20.61 -45.58
CA LEU A 44 11.06 20.34 -46.48
C LEU A 44 10.97 21.17 -47.75
N ASP A 45 9.77 21.52 -48.19
CA ASP A 45 9.63 22.38 -49.36
C ASP A 45 10.05 23.81 -49.06
N SER A 46 9.90 24.25 -47.81
CA SER A 46 10.28 25.61 -47.44
C SER A 46 11.78 25.84 -47.58
N ILE A 47 12.58 24.78 -47.65
CA ILE A 47 14.01 24.87 -47.90
C ILE A 47 14.40 24.16 -49.20
N GLY A 48 13.45 24.00 -50.10
CA GLY A 48 13.74 23.39 -51.40
C GLY A 48 14.24 21.96 -51.33
N VAL A 49 13.64 21.15 -50.47
CA VAL A 49 13.97 19.72 -50.37
C VAL A 49 12.70 18.94 -50.70
N GLU A 50 12.84 17.96 -51.59
CA GLU A 50 11.66 17.23 -52.06
C GLU A 50 11.21 16.21 -51.03
N ASN A 51 9.88 16.09 -50.89
CA ASN A 51 9.26 15.25 -49.87
C ASN A 51 9.34 13.79 -50.30
N THR A 52 10.46 13.16 -49.98
CA THR A 52 10.63 11.72 -50.14
C THR A 52 10.82 11.08 -48.76
N GLU A 53 10.67 9.76 -48.73
CA GLU A 53 10.82 9.06 -47.46
C GLU A 53 12.26 9.13 -46.95
N GLU A 54 13.25 9.10 -47.84
CA GLU A 54 14.63 9.17 -47.40
C GLU A 54 14.98 10.56 -46.88
N ASN A 55 14.40 11.61 -47.46
CA ASN A 55 14.67 12.95 -46.97
C ASN A 55 14.05 13.16 -45.59
N ARG A 56 12.80 12.72 -45.41
CA ARG A 56 12.16 12.80 -44.10
C ARG A 56 12.94 12.00 -43.06
N ARG A 57 13.33 10.77 -43.42
CA ARG A 57 14.11 9.95 -42.50
C ARG A 57 15.46 10.61 -42.19
N ALA A 58 16.09 11.21 -43.19
CA ALA A 58 17.37 11.88 -42.96
C ALA A 58 17.21 13.04 -41.99
N TYR A 59 16.16 13.84 -42.17
CA TYR A 59 15.92 14.95 -41.27
C TYR A 59 15.69 14.48 -39.84
N ARG A 60 14.81 13.49 -39.67
CA ARG A 60 14.51 12.98 -38.33
C ARG A 60 15.77 12.42 -37.68
N GLU A 61 16.62 11.73 -38.44
CA GLU A 61 17.89 11.26 -37.90
C GLU A 61 18.74 12.44 -37.45
N LEU A 62 18.73 13.52 -38.22
CA LEU A 62 19.51 14.70 -37.86
C LEU A 62 19.07 15.26 -36.50
N LEU A 63 17.76 15.30 -36.25
CA LEU A 63 17.25 15.83 -34.99
C LEU A 63 17.65 14.94 -33.82
N VAL A 64 17.26 13.67 -33.85
CA VAL A 64 17.43 12.82 -32.68
C VAL A 64 18.88 12.44 -32.44
N THR A 65 19.76 12.61 -33.42
CA THR A 65 21.17 12.28 -33.25
C THR A 65 22.03 13.49 -32.92
N ALA A 66 21.43 14.65 -32.72
CA ALA A 66 22.18 15.82 -32.28
C ALA A 66 22.98 15.47 -31.03
N PRO A 67 24.28 15.80 -30.98
CA PRO A 67 25.17 15.14 -30.00
C PRO A 67 24.81 15.36 -28.54
N GLY A 68 24.33 16.54 -28.16
CA GLY A 68 24.12 16.76 -26.74
C GLY A 68 22.69 17.00 -26.31
N LEU A 69 21.73 16.49 -27.09
CA LEU A 69 20.33 16.90 -26.91
C LEU A 69 19.78 16.48 -25.56
N GLY A 70 20.35 15.43 -24.96
CA GLY A 70 19.82 14.88 -23.71
C GLY A 70 19.91 15.81 -22.51
N GLN A 71 20.75 16.84 -22.56
CA GLN A 71 20.84 17.75 -21.43
C GLN A 71 19.66 18.71 -21.38
N TYR A 72 19.03 19.00 -22.52
CA TYR A 72 17.98 19.99 -22.59
C TYR A 72 16.64 19.42 -23.05
N ILE A 73 16.63 18.26 -23.68
CA ILE A 73 15.41 17.66 -24.18
C ILE A 73 15.16 16.38 -23.38
N SER A 74 13.97 16.29 -22.77
CA SER A 74 13.61 15.12 -22.00
C SER A 74 12.71 14.15 -22.77
N GLY A 75 12.02 14.63 -23.79
CA GLY A 75 11.16 13.77 -24.59
C GLY A 75 11.00 14.31 -25.99
N ALA A 76 10.66 13.42 -26.90
CA ALA A 76 10.44 13.77 -28.31
C ALA A 76 9.16 13.12 -28.78
N ILE A 77 8.19 13.94 -29.19
CA ILE A 77 6.95 13.43 -29.76
C ILE A 77 7.21 13.01 -31.20
N LEU A 78 7.06 11.73 -31.48
CA LEU A 78 7.32 11.19 -32.81
C LEU A 78 6.03 11.02 -33.60
N PHE A 79 6.16 11.10 -34.91
CA PHE A 79 5.12 10.60 -35.80
C PHE A 79 5.18 9.07 -35.81
N GLU A 80 4.04 8.45 -36.14
CA GLU A 80 3.96 6.99 -36.07
C GLU A 80 5.04 6.34 -36.94
N GLU A 81 5.32 6.92 -38.10
CA GLU A 81 6.34 6.35 -38.99
C GLU A 81 7.73 6.47 -38.37
N THR A 82 8.01 7.60 -37.71
CA THR A 82 9.34 7.82 -37.15
C THR A 82 9.64 6.87 -36.00
N LEU A 83 8.61 6.43 -35.27
CA LEU A 83 8.83 5.59 -34.09
C LEU A 83 9.57 4.31 -34.41
N TYR A 84 9.46 3.82 -35.66
CA TYR A 84 10.08 2.57 -36.06
C TYR A 84 11.31 2.74 -36.92
N GLN A 85 11.66 3.98 -37.30
CA GLN A 85 12.79 4.18 -38.20
C GLN A 85 14.11 4.06 -37.44
N SER A 86 15.19 3.94 -38.19
CA SER A 86 16.53 3.81 -37.64
C SER A 86 17.45 4.82 -38.30
N THR A 87 18.67 4.90 -37.77
CA THR A 87 19.71 5.70 -38.40
C THR A 87 20.22 5.00 -39.66
N ALA A 88 20.98 5.75 -40.46
CA ALA A 88 21.65 5.14 -41.60
C ALA A 88 22.64 4.07 -41.15
N SER A 89 23.27 4.28 -39.99
CA SER A 89 24.17 3.27 -39.43
C SER A 89 23.42 2.03 -38.96
N GLY A 90 22.11 2.12 -38.76
CA GLY A 90 21.30 0.96 -38.46
C GLY A 90 20.88 0.76 -37.02
N LYS A 91 21.07 1.76 -36.15
CA LYS A 91 20.60 1.69 -34.78
C LYS A 91 19.30 2.48 -34.64
N LYS A 92 18.38 1.96 -33.82
CA LYS A 92 17.03 2.48 -33.75
C LYS A 92 16.98 3.87 -33.13
N PHE A 93 16.03 4.68 -33.62
CA PHE A 93 15.81 6.01 -33.05
C PHE A 93 15.54 5.93 -31.56
N VAL A 94 14.61 5.06 -31.15
CA VAL A 94 14.26 4.96 -29.74
C VAL A 94 15.45 4.47 -28.93
N ASP A 95 16.35 3.70 -29.55
CA ASP A 95 17.58 3.31 -28.86
C ASP A 95 18.58 4.45 -28.83
N VAL A 96 18.52 5.35 -29.82
CA VAL A 96 19.31 6.58 -29.75
C VAL A 96 18.82 7.43 -28.58
N MET A 97 17.51 7.61 -28.48
CA MET A 97 16.94 8.52 -27.48
C MET A 97 17.21 8.04 -26.06
N LYS A 98 17.13 6.72 -25.84
CA LYS A 98 17.31 6.22 -24.48
C LYS A 98 18.74 6.37 -24.00
N GLU A 99 19.72 6.22 -24.90
CA GLU A 99 21.11 6.46 -24.52
C GLU A 99 21.37 7.92 -24.19
N GLN A 100 20.43 8.82 -24.51
CA GLN A 100 20.49 10.22 -24.12
C GLN A 100 19.44 10.56 -23.06
N ASN A 101 18.83 9.54 -22.45
CA ASN A 101 17.74 9.73 -21.48
C ASN A 101 16.64 10.63 -22.02
N ILE A 102 16.31 10.47 -23.30
CA ILE A 102 15.17 11.14 -23.93
C ILE A 102 14.05 10.13 -24.07
N VAL A 103 12.86 10.49 -23.59
CA VAL A 103 11.73 9.56 -23.59
C VAL A 103 11.06 9.61 -24.96
N PRO A 104 10.88 8.47 -25.64
CA PRO A 104 10.14 8.48 -26.90
C PRO A 104 8.66 8.64 -26.64
N GLY A 105 8.03 9.55 -27.38
CA GLY A 105 6.60 9.76 -27.33
C GLY A 105 5.99 9.60 -28.70
N ILE A 106 4.66 9.53 -28.74
CA ILE A 106 3.96 9.24 -29.99
C ILE A 106 2.64 10.00 -30.02
N LYS A 107 2.37 10.67 -31.14
CA LYS A 107 1.05 11.23 -31.38
C LYS A 107 0.08 10.11 -31.71
N VAL A 108 -1.10 10.13 -31.09
CA VAL A 108 -2.01 8.99 -31.17
C VAL A 108 -3.42 9.42 -31.60
N ASP A 109 -3.69 10.72 -31.62
CA ASP A 109 -4.97 11.14 -32.16
C ASP A 109 -4.98 10.98 -33.68
N LYS A 110 -6.18 11.12 -34.26
CA LYS A 110 -6.34 10.98 -35.70
C LYS A 110 -6.85 12.26 -36.35
N GLY A 111 -6.68 13.40 -35.68
CA GLY A 111 -6.84 14.70 -36.30
C GLY A 111 -8.22 15.29 -36.07
N LEU A 112 -8.38 16.50 -36.59
CA LEU A 112 -9.59 17.29 -36.41
C LEU A 112 -10.57 17.04 -37.55
N VAL A 113 -11.85 17.13 -37.22
CA VAL A 113 -12.94 16.80 -38.11
C VAL A 113 -14.11 17.73 -37.77
N PRO A 114 -14.84 18.23 -38.76
CA PRO A 114 -16.02 19.06 -38.46
C PRO A 114 -16.98 18.35 -37.53
N LEU A 115 -17.40 19.07 -36.49
CA LEU A 115 -18.33 18.54 -35.50
C LEU A 115 -19.75 18.91 -35.89
N SER A 116 -20.60 17.90 -36.02
CA SER A 116 -21.94 18.09 -36.56
C SER A 116 -22.73 19.13 -35.77
N ASN A 117 -23.50 19.94 -36.50
CA ASN A 117 -24.46 20.89 -35.95
C ASN A 117 -23.80 22.05 -35.20
N THR A 118 -22.51 22.29 -35.46
CA THR A 118 -21.83 23.50 -35.07
C THR A 118 -21.53 24.33 -36.32
N ASN A 119 -21.17 25.59 -36.11
CA ASN A 119 -20.90 26.50 -37.20
C ASN A 119 -19.39 26.58 -37.44
N GLY A 120 -18.86 25.49 -38.00
CA GLY A 120 -17.46 25.43 -38.37
C GLY A 120 -16.51 24.94 -37.29
N GLU A 121 -17.03 24.34 -36.23
CA GLU A 121 -16.16 23.89 -35.15
C GLU A 121 -15.74 22.44 -35.37
N SER A 122 -14.54 22.13 -34.88
CA SER A 122 -13.93 20.82 -35.07
C SER A 122 -13.93 20.03 -33.77
N TRP A 123 -13.82 18.72 -33.90
CA TRP A 123 -13.54 17.82 -32.79
C TRP A 123 -12.39 16.92 -33.18
N CYS A 124 -11.79 16.29 -32.18
CA CYS A 124 -10.61 15.45 -32.37
C CYS A 124 -11.02 13.99 -32.24
N MET A 125 -10.77 13.21 -33.28
CA MET A 125 -11.11 11.79 -33.30
C MET A 125 -9.89 10.94 -33.00
N GLY A 126 -10.13 9.66 -32.75
CA GLY A 126 -9.03 8.73 -32.55
C GLY A 126 -9.25 7.69 -31.46
N LEU A 127 -10.40 7.74 -30.78
CA LEU A 127 -10.61 6.79 -29.69
C LEU A 127 -10.80 5.36 -30.20
N ASP A 128 -11.40 5.20 -31.37
CA ASP A 128 -11.61 3.86 -31.93
C ASP A 128 -10.28 3.16 -32.18
N GLY A 129 -10.06 2.03 -31.52
CA GLY A 129 -8.82 1.29 -31.64
C GLY A 129 -7.66 1.89 -30.88
N LEU A 130 -7.89 2.97 -30.12
CA LEU A 130 -6.79 3.64 -29.43
C LEU A 130 -6.10 2.72 -28.44
N ASP A 131 -6.88 1.86 -27.77
CA ASP A 131 -6.29 0.94 -26.79
C ASP A 131 -5.27 0.02 -27.45
N LYS A 132 -5.57 -0.46 -28.65
CA LYS A 132 -4.67 -1.38 -29.33
C LYS A 132 -3.46 -0.66 -29.93
N ARG A 133 -3.66 0.55 -30.44
CA ARG A 133 -2.54 1.31 -30.99
C ARG A 133 -1.52 1.65 -29.90
N CYS A 134 -2.00 2.14 -28.74
CA CYS A 134 -1.09 2.51 -27.66
C CYS A 134 -0.35 1.29 -27.12
N ALA A 135 -1.01 0.12 -27.08
CA ALA A 135 -0.30 -1.10 -26.70
C ALA A 135 0.81 -1.41 -27.68
N GLU A 136 0.57 -1.22 -28.97
N GLU A 136 0.55 -1.23 -28.98
CA GLU A 136 1.62 -1.46 -29.95
CA GLU A 136 1.59 -1.45 -29.98
C GLU A 136 2.72 -0.41 -29.85
C GLU A 136 2.70 -0.42 -29.85
N TYR A 137 2.34 0.86 -29.66
CA TYR A 137 3.35 1.90 -29.49
C TYR A 137 4.18 1.68 -28.24
N TYR A 138 3.55 1.12 -27.19
CA TYR A 138 4.30 0.80 -25.99
C TYR A 138 5.32 -0.31 -26.25
N LYS A 139 4.92 -1.33 -27.01
CA LYS A 139 5.87 -2.39 -27.37
C LYS A 139 7.04 -1.84 -28.18
N ALA A 140 6.77 -0.86 -29.04
CA ALA A 140 7.80 -0.21 -29.84
C ALA A 140 8.71 0.70 -29.03
N GLY A 141 8.44 0.93 -27.74
CA GLY A 141 9.32 1.72 -26.91
C GLY A 141 8.82 3.10 -26.55
N ALA A 142 7.70 3.55 -27.11
CA ALA A 142 7.12 4.81 -26.67
C ALA A 142 6.67 4.70 -25.21
N ARG A 143 6.73 5.83 -24.50
CA ARG A 143 6.32 5.87 -23.10
C ARG A 143 5.41 7.05 -22.76
N PHE A 144 5.16 7.96 -23.69
CA PHE A 144 4.12 8.95 -23.50
C PHE A 144 3.42 9.20 -24.84
N ALA A 145 2.22 9.79 -24.75
CA ALA A 145 1.35 9.96 -25.91
C ALA A 145 0.90 11.42 -25.98
N LYS A 146 0.32 11.79 -27.12
CA LYS A 146 -0.12 13.15 -27.36
C LYS A 146 -1.42 13.15 -28.16
N TRP A 147 -2.32 14.06 -27.80
CA TRP A 147 -3.64 14.14 -28.41
C TRP A 147 -4.05 15.61 -28.37
N ARG A 148 -4.33 16.18 -29.54
CA ARG A 148 -4.57 17.61 -29.66
C ARG A 148 -6.03 17.86 -30.03
N SER A 149 -6.75 18.57 -29.17
CA SER A 149 -8.05 19.09 -29.51
C SER A 149 -7.98 20.61 -29.38
N VAL A 150 -8.97 21.30 -29.96
CA VAL A 150 -8.91 22.75 -30.06
C VAL A 150 -10.26 23.34 -29.72
N VAL A 151 -10.22 24.62 -29.32
CA VAL A 151 -11.41 25.45 -29.19
C VAL A 151 -11.10 26.81 -29.80
N SER A 152 -12.08 27.39 -30.48
N SER A 152 -12.08 27.39 -30.47
CA SER A 152 -11.94 28.69 -31.11
CA SER A 152 -11.95 28.69 -31.11
C SER A 152 -12.82 29.70 -30.39
C SER A 152 -12.83 29.70 -30.40
N ILE A 153 -12.22 30.80 -29.97
CA ILE A 153 -12.95 31.88 -29.31
C ILE A 153 -13.84 32.60 -30.34
N PRO A 154 -13.39 32.86 -31.57
CA PRO A 154 -14.31 33.39 -32.58
C PRO A 154 -15.59 32.59 -32.74
N HIS A 155 -15.55 31.28 -32.51
CA HIS A 155 -16.74 30.45 -32.58
C HIS A 155 -17.45 30.31 -31.24
N GLY A 156 -16.88 30.83 -30.16
CA GLY A 156 -17.48 30.74 -28.86
C GLY A 156 -16.44 30.46 -27.79
N PRO A 157 -16.05 29.18 -27.62
CA PRO A 157 -16.56 28.03 -28.38
C PRO A 157 -17.96 27.63 -27.93
N SER A 158 -18.65 26.82 -28.73
CA SER A 158 -19.98 26.37 -28.34
C SER A 158 -19.89 25.37 -27.19
N ILE A 159 -21.05 25.14 -26.56
CA ILE A 159 -21.10 24.21 -25.43
C ILE A 159 -20.63 22.84 -25.85
N ILE A 160 -21.20 22.30 -26.93
CA ILE A 160 -20.90 20.92 -27.31
C ILE A 160 -19.50 20.78 -27.90
N ALA A 161 -18.92 21.85 -28.44
CA ALA A 161 -17.57 21.75 -28.96
C ALA A 161 -16.55 21.71 -27.84
N ALA A 162 -16.68 22.61 -26.87
CA ALA A 162 -15.80 22.56 -25.69
C ALA A 162 -16.02 21.27 -24.90
N ARG A 163 -17.27 20.82 -24.82
CA ARG A 163 -17.55 19.55 -24.14
C ARG A 163 -16.77 18.40 -24.76
N ASP A 164 -16.84 18.26 -26.08
CA ASP A 164 -16.15 17.14 -26.71
C ASP A 164 -14.65 17.29 -26.66
N CYS A 165 -14.15 18.53 -26.68
CA CYS A 165 -12.71 18.73 -26.50
C CYS A 165 -12.28 18.18 -25.15
N ALA A 166 -13.02 18.51 -24.08
CA ALA A 166 -12.67 18.02 -22.75
C ALA A 166 -12.98 16.53 -22.61
N TYR A 167 -14.16 16.12 -23.08
CA TYR A 167 -14.58 14.72 -22.94
C TYR A 167 -13.63 13.78 -23.67
N GLY A 168 -13.28 14.10 -24.91
CA GLY A 168 -12.40 13.23 -25.67
C GLY A 168 -11.01 13.14 -25.07
N LEU A 169 -10.52 14.26 -24.53
CA LEU A 169 -9.19 14.26 -23.92
C LEU A 169 -9.18 13.40 -22.65
N ALA A 170 -10.25 13.48 -21.86
CA ALA A 170 -10.31 12.68 -20.64
C ALA A 170 -10.48 11.20 -20.96
N ARG A 171 -11.26 10.88 -22.00
CA ARG A 171 -11.32 9.48 -22.46
C ARG A 171 -9.96 9.00 -22.90
N TYR A 172 -9.29 9.79 -23.75
CA TYR A 172 -7.96 9.40 -24.25
C TYR A 172 -6.97 9.22 -23.10
N ALA A 173 -7.02 10.11 -22.10
CA ALA A 173 -6.04 10.05 -21.01
C ALA A 173 -6.15 8.74 -20.26
N ALA A 174 -7.37 8.25 -20.04
CA ALA A 174 -7.54 6.98 -19.34
C ALA A 174 -7.09 5.81 -20.20
N ILE A 175 -7.46 5.82 -21.49
CA ILE A 175 -7.05 4.75 -22.40
C ILE A 175 -5.53 4.66 -22.46
N ALA A 176 -4.86 5.82 -22.52
CA ALA A 176 -3.40 5.81 -22.65
C ALA A 176 -2.72 5.31 -21.38
N GLN A 177 -3.20 5.72 -20.21
CA GLN A 177 -2.57 5.29 -18.98
C GLN A 177 -2.71 3.78 -18.79
N ASN A 178 -3.88 3.23 -19.13
CA ASN A 178 -4.05 1.78 -19.05
C ASN A 178 -3.15 1.05 -20.04
N ALA A 179 -2.72 1.70 -21.11
CA ALA A 179 -1.75 1.12 -22.03
C ALA A 179 -0.31 1.39 -21.63
N GLY A 180 -0.08 2.20 -20.61
CA GLY A 180 1.26 2.49 -20.15
C GLY A 180 1.91 3.70 -20.78
N LEU A 181 1.13 4.57 -21.41
CA LEU A 181 1.63 5.79 -22.00
C LEU A 181 1.16 6.97 -21.15
N VAL A 182 2.10 7.77 -20.68
CA VAL A 182 1.78 9.03 -20.01
C VAL A 182 1.07 9.93 -21.02
N PRO A 183 -0.16 10.34 -20.77
CA PRO A 183 -0.86 11.19 -21.75
C PRO A 183 -0.45 12.64 -21.60
N ILE A 184 -0.07 13.25 -22.72
CA ILE A 184 0.00 14.70 -22.81
C ILE A 184 -1.38 15.21 -23.17
N VAL A 185 -1.90 16.12 -22.36
CA VAL A 185 -3.26 16.63 -22.51
C VAL A 185 -3.16 18.02 -23.12
N GLU A 186 -3.65 18.17 -24.36
CA GLU A 186 -3.52 19.42 -25.11
C GLU A 186 -4.88 19.91 -25.59
N PRO A 187 -5.58 20.69 -24.77
CA PRO A 187 -6.73 21.44 -25.27
C PRO A 187 -6.30 22.83 -25.67
N GLU A 188 -5.91 23.02 -26.93
CA GLU A 188 -5.32 24.28 -27.34
C GLU A 188 -6.40 25.33 -27.56
N VAL A 189 -6.34 26.40 -26.79
CA VAL A 189 -7.13 27.60 -27.09
C VAL A 189 -6.40 28.36 -28.20
N LEU A 190 -7.06 28.50 -29.34
CA LEU A 190 -6.41 29.03 -30.53
C LEU A 190 -6.17 30.54 -30.40
N LEU A 191 -5.19 31.02 -31.16
CA LEU A 191 -4.87 32.45 -31.18
C LEU A 191 -5.89 33.26 -31.97
N ASP A 192 -6.67 32.62 -32.83
CA ASP A 192 -7.51 33.34 -33.78
C ASP A 192 -8.49 34.27 -33.07
N GLY A 193 -8.78 35.39 -33.73
CA GLY A 193 -9.73 36.37 -33.24
C GLY A 193 -9.04 37.65 -32.78
N GLU A 194 -9.88 38.59 -32.34
CA GLU A 194 -9.43 39.86 -31.79
C GLU A 194 -9.48 39.89 -30.27
N HIS A 195 -9.80 38.77 -29.63
CA HIS A 195 -10.02 38.75 -28.19
C HIS A 195 -8.80 39.24 -27.43
N ASP A 196 -9.03 39.93 -26.31
CA ASP A 196 -7.94 40.36 -25.46
C ASP A 196 -7.47 39.21 -24.57
N ILE A 197 -6.50 39.49 -23.71
CA ILE A 197 -5.91 38.44 -22.89
C ILE A 197 -6.87 37.99 -21.78
N ASP A 198 -7.78 38.87 -21.34
CA ASP A 198 -8.77 38.48 -20.36
C ASP A 198 -9.74 37.44 -20.93
N ARG A 199 -10.12 37.60 -22.20
CA ARG A 199 -10.99 36.62 -22.84
C ARG A 199 -10.29 35.28 -23.00
N CYS A 200 -9.01 35.30 -23.35
CA CYS A 200 -8.26 34.05 -23.46
C CYS A 200 -8.14 33.35 -22.11
N LEU A 201 -7.87 34.12 -21.03
CA LEU A 201 -7.78 33.52 -19.70
C LEU A 201 -9.13 32.93 -19.28
N GLU A 202 -10.21 33.63 -19.61
CA GLU A 202 -11.55 33.15 -19.27
C GLU A 202 -11.83 31.82 -19.96
N VAL A 203 -11.50 31.73 -21.25
CA VAL A 203 -11.78 30.50 -22.00
C VAL A 203 -10.85 29.38 -21.56
N GLN A 204 -9.57 29.71 -21.32
CA GLN A 204 -8.64 28.70 -20.82
C GLN A 204 -9.12 28.12 -19.50
N GLU A 205 -9.58 28.98 -18.59
CA GLU A 205 -10.02 28.50 -17.29
C GLU A 205 -11.22 27.58 -17.41
N ALA A 206 -12.12 27.84 -18.36
CA ALA A 206 -13.31 27.01 -18.51
C ALA A 206 -12.93 25.63 -19.06
N ILE A 207 -12.15 25.59 -20.15
CA ILE A 207 -11.84 24.31 -20.77
C ILE A 207 -10.97 23.45 -19.87
N TRP A 208 -10.13 24.08 -19.04
CA TRP A 208 -9.32 23.30 -18.12
C TRP A 208 -10.13 22.80 -16.94
N ALA A 209 -11.13 23.58 -16.49
CA ALA A 209 -12.02 23.10 -15.45
C ALA A 209 -12.86 21.92 -15.96
N GLU A 210 -13.29 21.98 -17.22
CA GLU A 210 -14.09 20.89 -17.78
C GLU A 210 -13.23 19.64 -18.00
N THR A 211 -12.02 19.82 -18.54
CA THR A 211 -11.16 18.67 -18.80
C THR A 211 -10.77 17.97 -17.51
N PHE A 212 -10.46 18.73 -16.46
CA PHE A 212 -10.05 18.12 -15.20
C PHE A 212 -11.22 17.46 -14.48
N LYS A 213 -12.44 17.97 -14.65
CA LYS A 213 -13.61 17.31 -14.07
C LYS A 213 -13.85 15.95 -14.72
N TYR A 214 -13.79 15.88 -16.05
CA TYR A 214 -13.99 14.60 -16.74
C TYR A 214 -12.87 13.63 -16.42
N MET A 215 -11.62 14.13 -16.36
CA MET A 215 -10.49 13.27 -16.00
C MET A 215 -10.65 12.72 -14.59
N ALA A 216 -11.18 13.54 -13.67
CA ALA A 216 -11.48 13.04 -12.33
C ALA A 216 -12.57 11.98 -12.39
N ASP A 217 -13.64 12.24 -13.16
CA ASP A 217 -14.69 11.24 -13.35
C ASP A 217 -14.12 9.94 -13.91
N ASN A 218 -13.21 10.03 -14.87
CA ASN A 218 -12.64 8.83 -15.48
C ASN A 218 -11.54 8.20 -14.63
N LYS A 219 -11.27 8.74 -13.45
CA LYS A 219 -10.28 8.19 -12.53
C LYS A 219 -8.88 8.18 -13.12
N VAL A 220 -8.59 9.17 -13.97
CA VAL A 220 -7.23 9.38 -14.45
C VAL A 220 -6.33 9.70 -13.26
N MET A 221 -5.10 9.18 -13.28
CA MET A 221 -4.14 9.42 -12.22
C MET A 221 -3.33 10.68 -12.55
N PHE A 222 -3.59 11.76 -11.81
CA PHE A 222 -3.00 13.06 -12.15
C PHE A 222 -1.49 13.07 -11.96
N GLU A 223 -0.94 12.17 -11.15
CA GLU A 223 0.51 12.08 -11.01
C GLU A 223 1.18 11.48 -12.23
N GLY A 224 0.42 10.97 -13.19
CA GLY A 224 0.98 10.38 -14.38
C GLY A 224 0.46 10.99 -15.67
N ILE A 225 0.15 12.28 -15.66
CA ILE A 225 -0.22 13.02 -16.86
C ILE A 225 0.72 14.21 -17.02
N LEU A 226 0.74 14.74 -18.25
CA LEU A 226 1.44 15.98 -18.57
C LEU A 226 0.48 16.86 -19.35
N LEU A 227 0.60 18.17 -19.17
CA LEU A 227 -0.25 19.12 -19.84
C LEU A 227 0.51 19.81 -20.96
N LYS A 228 -0.21 20.19 -22.01
CA LYS A 228 0.33 20.98 -23.11
C LYS A 228 -0.68 22.05 -23.45
N PRO A 229 -0.75 23.11 -22.64
CA PRO A 229 -1.69 24.19 -22.91
C PRO A 229 -1.07 25.23 -23.85
N ALA A 230 -1.93 26.08 -24.38
CA ALA A 230 -1.48 27.34 -24.92
C ALA A 230 -1.23 28.31 -23.77
N MET A 231 -0.22 29.16 -23.95
CA MET A 231 -0.03 30.26 -23.00
C MET A 231 -1.24 31.17 -23.00
N VAL A 232 -1.36 32.00 -21.97
CA VAL A 232 -2.43 32.98 -21.90
C VAL A 232 -1.92 34.27 -22.55
N THR A 233 -2.43 34.56 -23.74
CA THR A 233 -2.00 35.69 -24.54
C THR A 233 -3.25 36.37 -25.10
N PRO A 234 -3.12 37.60 -25.56
CA PRO A 234 -4.19 38.19 -26.38
C PRO A 234 -4.28 37.48 -27.73
N GLY A 235 -5.38 37.72 -28.43
CA GLY A 235 -5.58 37.13 -29.72
C GLY A 235 -4.56 37.60 -30.74
N ALA A 236 -4.41 36.80 -31.80
CA ALA A 236 -3.47 37.16 -32.87
C ALA A 236 -3.85 38.49 -33.50
N ASP A 237 -5.15 38.72 -33.69
CA ASP A 237 -5.64 39.99 -34.23
C ASP A 237 -6.22 40.88 -33.13
N CYS A 238 -5.53 41.02 -32.01
CA CYS A 238 -6.01 41.88 -30.93
C CYS A 238 -5.22 43.19 -30.89
N LYS A 239 -5.90 44.26 -30.47
CA LYS A 239 -5.34 45.60 -30.43
C LYS A 239 -4.17 45.73 -29.46
N ASN A 240 -4.46 45.66 -28.15
CA ASN A 240 -3.41 45.76 -27.14
C ASN A 240 -2.68 44.42 -27.01
N LYS A 241 -1.40 44.50 -26.68
CA LYS A 241 -0.54 43.32 -26.64
C LYS A 241 0.15 43.21 -25.28
N ALA A 242 0.77 42.05 -25.07
CA ALA A 242 1.30 41.67 -23.76
C ALA A 242 2.72 41.16 -23.90
N GLY A 243 3.63 41.72 -23.10
CA GLY A 243 5.00 41.27 -23.08
C GLY A 243 5.18 40.07 -22.19
N PRO A 244 6.44 39.63 -22.05
CA PRO A 244 6.71 38.41 -21.28
C PRO A 244 6.23 38.45 -19.85
N ALA A 245 6.26 39.61 -19.18
CA ALA A 245 5.88 39.67 -17.77
C ALA A 245 4.38 39.51 -17.60
N LYS A 246 3.60 40.15 -18.47
CA LYS A 246 2.14 40.05 -18.35
C LYS A 246 1.65 38.67 -18.76
N VAL A 247 2.24 38.09 -19.81
CA VAL A 247 1.83 36.76 -20.23
C VAL A 247 2.20 35.72 -19.16
N ALA A 248 3.36 35.88 -18.53
CA ALA A 248 3.71 35.03 -17.41
C ALA A 248 2.73 35.19 -16.26
N GLU A 249 2.33 36.44 -15.98
CA GLU A 249 1.40 36.69 -14.89
C GLU A 249 0.04 36.08 -15.16
N TYR A 250 -0.50 36.31 -16.37
CA TYR A 250 -1.81 35.78 -16.70
C TYR A 250 -1.79 34.25 -16.80
N THR A 251 -0.71 33.69 -17.35
CA THR A 251 -0.66 32.26 -17.55
C THR A 251 -0.51 31.52 -16.23
N LEU A 252 0.34 32.02 -15.34
CA LEU A 252 0.51 31.37 -14.05
C LEU A 252 -0.76 31.46 -13.22
N LYS A 253 -1.47 32.59 -13.29
CA LYS A 253 -2.76 32.70 -12.61
C LYS A 253 -3.72 31.62 -13.09
N MET A 254 -3.83 31.45 -14.40
CA MET A 254 -4.68 30.41 -14.97
C MET A 254 -4.32 29.04 -14.42
N LEU A 255 -3.04 28.71 -14.42
CA LEU A 255 -2.60 27.40 -13.99
C LEU A 255 -2.84 27.20 -12.50
N ARG A 256 -2.50 28.20 -11.68
N ARG A 256 -2.50 28.20 -11.69
CA ARG A 256 -2.70 28.08 -10.25
CA ARG A 256 -2.70 28.13 -10.25
C ARG A 256 -4.16 27.95 -9.86
C ARG A 256 -4.17 27.91 -9.90
N ARG A 257 -5.07 28.43 -10.72
CA ARG A 257 -6.49 28.37 -10.43
C ARG A 257 -7.15 27.09 -10.95
N ARG A 258 -6.45 26.23 -11.67
CA ARG A 258 -7.11 25.12 -12.35
C ARG A 258 -6.35 23.80 -12.35
N VAL A 259 -5.03 23.79 -12.21
CA VAL A 259 -4.24 22.55 -12.27
C VAL A 259 -3.93 22.16 -10.83
N PRO A 260 -4.34 20.97 -10.37
CA PRO A 260 -3.99 20.56 -9.01
C PRO A 260 -2.51 20.25 -8.91
N PRO A 261 -1.92 20.36 -7.72
CA PRO A 261 -0.46 20.16 -7.59
C PRO A 261 0.03 18.77 -7.93
N ALA A 262 -0.85 17.77 -8.02
CA ALA A 262 -0.38 16.42 -8.31
C ALA A 262 0.17 16.29 -9.73
N VAL A 263 -0.31 17.11 -10.67
CA VAL A 263 0.19 17.12 -12.05
C VAL A 263 1.67 17.50 -12.05
N PRO A 264 2.56 16.66 -12.57
CA PRO A 264 4.00 16.93 -12.42
C PRO A 264 4.59 17.96 -13.37
N GLY A 265 4.01 18.16 -14.54
CA GLY A 265 4.63 18.98 -15.56
C GLY A 265 3.64 19.66 -16.48
N ILE A 266 4.00 20.87 -16.92
CA ILE A 266 3.19 21.66 -17.82
C ILE A 266 4.11 22.17 -18.91
N MET A 267 3.99 21.60 -20.12
CA MET A 267 4.90 21.87 -21.22
C MET A 267 4.14 22.62 -22.32
N PHE A 268 4.41 23.92 -22.43
CA PHE A 268 3.62 24.78 -23.30
C PHE A 268 3.95 24.57 -24.77
N LEU A 269 2.98 24.92 -25.61
CA LEU A 269 3.16 25.07 -27.04
C LEU A 269 3.45 26.54 -27.37
N SER A 270 4.14 26.77 -28.49
CA SER A 270 4.44 28.13 -28.94
C SER A 270 3.29 28.72 -29.74
N GLY A 271 2.70 27.94 -30.64
CA GLY A 271 1.42 28.26 -31.23
C GLY A 271 1.36 29.46 -32.14
N GLY A 272 2.50 30.05 -32.50
CA GLY A 272 2.45 31.18 -33.41
C GLY A 272 3.23 32.40 -32.93
N GLN A 273 3.97 32.26 -31.84
CA GLN A 273 4.90 33.31 -31.43
C GLN A 273 6.26 33.04 -32.06
N SER A 274 7.11 34.07 -32.05
CA SER A 274 8.45 33.94 -32.57
C SER A 274 9.28 33.00 -31.71
N GLU A 275 10.41 32.57 -32.24
CA GLU A 275 11.37 31.79 -31.48
C GLU A 275 11.78 32.52 -30.20
N LEU A 276 11.98 33.84 -30.29
CA LEU A 276 12.43 34.60 -29.13
C LEU A 276 11.30 34.79 -28.13
N GLU A 277 10.12 35.17 -28.63
CA GLU A 277 8.95 35.36 -27.76
C GLU A 277 8.65 34.09 -26.96
N SER A 278 8.76 32.92 -27.60
CA SER A 278 8.53 31.66 -26.91
C SER A 278 9.49 31.49 -25.75
N THR A 279 10.76 31.84 -25.95
CA THR A 279 11.75 31.68 -24.90
C THR A 279 11.56 32.69 -23.78
N LEU A 280 11.22 33.94 -24.14
CA LEU A 280 11.08 34.99 -23.13
C LEU A 280 9.85 34.77 -22.26
N ASN A 281 8.74 34.34 -22.87
CA ASN A 281 7.55 34.05 -22.11
C ASN A 281 7.79 32.94 -21.10
N LEU A 282 8.41 31.84 -21.55
CA LEU A 282 8.74 30.75 -20.63
C LEU A 282 9.70 31.23 -19.54
N ASN A 283 10.66 32.06 -19.91
CA ASN A 283 11.63 32.56 -18.95
C ASN A 283 10.96 33.41 -17.88
N ALA A 284 9.98 34.23 -18.26
CA ALA A 284 9.29 35.08 -17.31
C ALA A 284 8.40 34.30 -16.34
N MET A 285 8.11 33.03 -16.63
CA MET A 285 7.32 32.19 -15.74
C MET A 285 8.18 31.44 -14.73
N ASN A 286 9.49 31.56 -14.81
CA ASN A 286 10.39 30.82 -13.93
C ASN A 286 11.33 31.74 -13.16
N GLN A 287 10.87 32.96 -12.85
CA GLN A 287 11.62 33.83 -11.96
C GLN A 287 11.44 33.47 -10.50
N SER A 288 10.35 32.78 -10.15
CA SER A 288 10.09 32.26 -8.82
C SER A 288 9.61 30.82 -8.96
N PRO A 289 9.72 30.02 -7.89
CA PRO A 289 9.34 28.60 -7.99
C PRO A 289 7.86 28.42 -8.33
N ASN A 290 7.56 27.29 -8.98
CA ASN A 290 6.20 26.96 -9.36
C ASN A 290 5.76 25.65 -8.70
N PRO A 291 4.46 25.44 -8.52
CA PRO A 291 4.00 24.17 -7.91
C PRO A 291 4.22 22.96 -8.81
N TRP A 292 4.37 23.18 -10.09
CA TRP A 292 4.71 22.10 -11.03
C TRP A 292 5.85 22.57 -11.94
N HIS A 293 6.46 21.64 -12.66
CA HIS A 293 7.49 22.00 -13.64
C HIS A 293 6.82 22.68 -14.84
N VAL A 294 7.16 23.94 -15.05
CA VAL A 294 6.65 24.72 -16.17
C VAL A 294 7.74 24.79 -17.22
N SER A 295 7.55 24.06 -18.32
CA SER A 295 8.56 24.00 -19.37
C SER A 295 7.94 24.13 -20.76
N PHE A 296 8.55 23.51 -21.76
CA PHE A 296 8.18 23.72 -23.15
C PHE A 296 7.99 22.39 -23.87
N SER A 297 7.11 22.41 -24.87
CA SER A 297 6.98 21.34 -25.86
C SER A 297 6.83 22.03 -27.22
N TYR A 298 7.96 22.25 -27.88
CA TYR A 298 8.00 23.14 -29.05
C TYR A 298 8.30 22.34 -30.32
N ALA A 299 7.63 22.69 -31.41
CA ALA A 299 8.01 22.15 -32.71
C ALA A 299 8.62 23.24 -33.58
N ARG A 300 7.79 24.07 -34.22
CA ARG A 300 8.29 25.06 -35.17
C ARG A 300 9.28 26.03 -34.55
N ALA A 301 9.28 26.18 -33.23
CA ALA A 301 10.33 26.97 -32.58
C ALA A 301 11.67 26.26 -32.66
N LEU A 302 11.76 25.06 -32.06
CA LEU A 302 13.05 24.42 -31.85
C LEU A 302 13.76 24.08 -33.16
N GLN A 303 13.01 23.66 -34.17
CA GLN A 303 13.62 23.09 -35.37
C GLN A 303 13.62 24.04 -36.58
N ASN A 304 13.02 25.22 -36.47
CA ASN A 304 13.03 26.17 -37.59
C ASN A 304 14.44 26.58 -37.97
N THR A 305 15.26 26.93 -36.97
CA THR A 305 16.65 27.27 -37.26
C THR A 305 17.44 26.07 -37.79
N VAL A 306 17.01 24.85 -37.48
CA VAL A 306 17.74 23.67 -37.93
C VAL A 306 17.52 23.46 -39.42
N LEU A 307 16.30 23.69 -39.89
CA LEU A 307 15.99 23.53 -41.31
C LEU A 307 16.80 24.50 -42.15
N LYS A 308 16.84 25.78 -41.74
CA LYS A 308 17.55 26.78 -42.54
C LYS A 308 19.05 26.57 -42.48
N THR A 309 19.58 26.07 -41.35
CA THR A 309 21.00 25.76 -41.30
C THR A 309 21.33 24.52 -42.13
N TRP A 310 20.41 23.55 -42.17
CA TRP A 310 20.65 22.31 -42.90
C TRP A 310 20.58 22.53 -44.40
N GLN A 311 19.43 23.01 -44.89
CA GLN A 311 19.18 23.19 -46.33
C GLN A 311 19.37 21.88 -47.09
N GLY A 312 19.10 20.75 -46.44
CA GLY A 312 19.23 19.45 -47.06
C GLY A 312 20.64 19.04 -47.42
N LYS A 313 21.66 19.84 -47.08
CA LYS A 313 23.00 19.52 -47.54
C LYS A 313 23.76 18.75 -46.47
N PRO A 314 24.35 17.61 -46.82
CA PRO A 314 25.07 16.81 -45.81
C PRO A 314 26.21 17.55 -45.16
N GLU A 315 26.81 18.53 -45.84
CA GLU A 315 27.89 19.31 -45.25
C GLU A 315 27.39 20.22 -44.13
N ASN A 316 26.08 20.49 -44.08
CA ASN A 316 25.49 21.36 -43.07
C ASN A 316 24.90 20.58 -41.90
N VAL A 317 25.09 19.27 -41.85
CA VAL A 317 24.46 18.45 -40.80
C VAL A 317 24.94 18.89 -39.43
N GLN A 318 26.25 19.11 -39.27
CA GLN A 318 26.80 19.43 -37.96
C GLN A 318 26.39 20.83 -37.50
N ALA A 319 26.34 21.78 -38.43
CA ALA A 319 25.91 23.13 -38.05
C ALA A 319 24.41 23.16 -37.75
N ALA A 320 23.62 22.31 -38.41
CA ALA A 320 22.18 22.26 -38.14
C ALA A 320 21.90 21.64 -36.79
N GLN A 321 22.69 20.64 -36.39
CA GLN A 321 22.54 20.07 -35.06
C GLN A 321 23.03 21.02 -33.99
N ALA A 322 24.07 21.81 -34.28
CA ALA A 322 24.54 22.81 -33.33
C ALA A 322 23.50 23.90 -33.12
N ALA A 323 22.78 24.27 -34.18
CA ALA A 323 21.69 25.23 -34.03
C ALA A 323 20.56 24.65 -33.19
N LEU A 324 20.31 23.34 -33.28
CA LEU A 324 19.27 22.72 -32.46
C LEU A 324 19.64 22.78 -30.99
N LEU A 325 20.86 22.37 -30.65
CA LEU A 325 21.32 22.42 -29.26
C LEU A 325 21.31 23.84 -28.72
N LYS A 326 21.59 24.84 -29.57
CA LYS A 326 21.60 26.22 -29.10
C LYS A 326 20.20 26.70 -28.75
N ARG A 327 19.21 26.39 -29.60
CA ARG A 327 17.84 26.77 -29.28
C ARG A 327 17.28 25.91 -28.16
N ALA A 328 17.72 24.66 -28.07
CA ALA A 328 17.32 23.82 -26.95
C ALA A 328 17.93 24.32 -25.65
N LYS A 329 19.20 24.72 -25.68
CA LYS A 329 19.84 25.26 -24.49
C LYS A 329 19.21 26.57 -24.04
N ALA A 330 18.69 27.36 -24.99
CA ALA A 330 18.02 28.60 -24.62
C ALA A 330 16.75 28.32 -23.83
N ASN A 331 15.90 27.43 -24.35
CA ASN A 331 14.63 27.14 -23.69
C ASN A 331 14.83 26.37 -22.39
N SER A 332 15.89 25.56 -22.31
CA SER A 332 16.25 24.94 -21.04
C SER A 332 16.68 25.99 -20.02
N ASP A 333 17.46 26.98 -20.46
CA ASP A 333 17.79 28.11 -19.59
C ASP A 333 16.54 28.86 -19.18
N ALA A 334 15.60 29.04 -20.12
CA ALA A 334 14.34 29.68 -19.77
C ALA A 334 13.54 28.88 -18.74
N GLN A 335 13.63 27.55 -18.80
CA GLN A 335 12.93 26.70 -17.84
C GLN A 335 13.39 26.98 -16.42
N GLN A 336 14.63 27.41 -16.25
CA GLN A 336 15.16 27.77 -14.94
C GLN A 336 15.19 29.27 -14.71
N GLY A 337 14.53 30.05 -15.57
CA GLY A 337 14.56 31.49 -15.43
C GLY A 337 15.94 32.09 -15.54
N LYS A 338 16.84 31.44 -16.27
CA LYS A 338 18.23 31.87 -16.41
C LYS A 338 18.58 32.30 -17.83
N TYR A 339 17.59 32.67 -18.63
CA TYR A 339 17.86 32.93 -20.05
C TYR A 339 18.60 34.25 -20.22
N ASP A 340 19.77 34.19 -20.85
CA ASP A 340 20.57 35.37 -21.19
C ASP A 340 20.47 35.58 -22.69
N ALA A 341 19.72 36.60 -23.10
CA ALA A 341 19.47 36.87 -24.51
C ALA A 341 20.60 37.61 -25.19
N THR A 342 21.70 37.89 -24.49
CA THR A 342 22.85 38.56 -25.11
C THR A 342 23.53 37.64 -26.11
N GLY B 10 -18.76 47.70 -2.69
CA GLY B 10 -17.67 47.88 -3.63
C GLY B 10 -16.74 46.68 -3.67
N LYS B 11 -16.15 46.42 -4.83
CA LYS B 11 -15.40 45.19 -5.05
C LYS B 11 -14.39 44.92 -3.94
N TYR B 12 -14.44 43.70 -3.41
CA TYR B 12 -13.67 43.31 -2.24
C TYR B 12 -12.50 42.41 -2.59
N ASP B 13 -12.12 42.32 -3.86
CA ASP B 13 -11.14 41.33 -4.29
C ASP B 13 -9.85 41.41 -3.49
N GLU B 14 -9.34 42.63 -3.25
CA GLU B 14 -8.08 42.76 -2.54
C GLU B 14 -8.24 42.47 -1.06
N GLU B 15 -9.33 42.91 -0.44
CA GLU B 15 -9.52 42.63 0.98
C GLU B 15 -9.79 41.13 1.22
N LEU B 16 -10.54 40.49 0.32
CA LEU B 16 -10.74 39.05 0.43
C LEU B 16 -9.42 38.31 0.44
N ILE B 17 -8.54 38.62 -0.52
CA ILE B 17 -7.22 37.99 -0.58
C ILE B 17 -6.44 38.24 0.70
N LYS B 18 -6.49 39.48 1.20
CA LYS B 18 -5.77 39.80 2.43
C LYS B 18 -6.32 39.02 3.62
N THR B 19 -7.66 38.93 3.73
CA THR B 19 -8.26 38.16 4.80
C THR B 19 -7.87 36.68 4.72
N ALA B 20 -8.00 36.09 3.53
CA ALA B 20 -7.68 34.67 3.37
C ALA B 20 -6.22 34.40 3.74
N GLY B 21 -5.31 35.27 3.32
CA GLY B 21 -3.91 35.11 3.69
C GLY B 21 -3.66 35.36 5.16
N THR B 22 -4.43 36.25 5.79
CA THR B 22 -4.29 36.45 7.23
C THR B 22 -4.80 35.24 8.00
N VAL B 23 -5.94 34.68 7.58
CA VAL B 23 -6.50 33.53 8.29
C VAL B 23 -5.68 32.27 8.01
N ALA B 24 -5.14 32.13 6.80
CA ALA B 24 -4.26 31.00 6.49
C ALA B 24 -2.79 31.38 6.70
N SER B 25 -2.47 31.76 7.92
CA SER B 25 -1.11 32.17 8.27
C SER B 25 -0.38 31.02 8.95
N LYS B 26 0.93 30.90 8.68
CA LYS B 26 1.75 29.84 9.27
C LYS B 26 1.56 29.79 10.78
N GLY B 27 1.41 28.58 11.32
CA GLY B 27 1.35 28.41 12.75
C GLY B 27 0.02 28.77 13.39
N ARG B 28 -1.01 29.06 12.61
CA ARG B 28 -2.29 29.46 13.17
C ARG B 28 -3.42 28.73 12.48
N GLY B 29 -4.53 28.60 13.20
CA GLY B 29 -5.73 27.97 12.68
C GLY B 29 -6.98 28.67 13.20
N ILE B 30 -8.13 28.06 12.98
CA ILE B 30 -9.42 28.68 13.29
C ILE B 30 -10.04 28.02 14.51
N LEU B 31 -10.55 28.84 15.42
CA LEU B 31 -11.38 28.36 16.53
C LEU B 31 -12.82 28.42 16.08
N ALA B 32 -13.44 27.25 15.92
CA ALA B 32 -14.86 27.16 15.57
C ALA B 32 -15.69 27.21 16.85
N MET B 33 -16.47 28.27 17.02
CA MET B 33 -17.27 28.46 18.22
C MET B 33 -18.63 29.01 17.84
N ASP B 34 -19.21 28.50 16.76
CA ASP B 34 -20.44 29.03 16.19
C ASP B 34 -21.66 28.17 16.50
N GLU B 35 -21.67 27.51 17.67
CA GLU B 35 -22.82 26.70 18.06
C GLU B 35 -24.07 27.57 18.21
N SER B 36 -25.21 27.02 17.81
CA SER B 36 -26.49 27.67 18.02
C SER B 36 -26.78 27.78 19.52
N ASN B 37 -27.82 28.55 19.85
CA ASN B 37 -28.23 28.66 21.24
C ASN B 37 -28.64 27.30 21.80
N ALA B 38 -29.35 26.51 21.01
CA ALA B 38 -29.73 25.17 21.44
C ALA B 38 -28.49 24.29 21.63
N THR B 39 -27.59 24.28 20.65
CA THR B 39 -26.43 23.40 20.73
C THR B 39 -25.49 23.80 21.86
N CYS B 40 -25.25 25.11 22.02
CA CYS B 40 -24.38 25.55 23.10
C CYS B 40 -25.04 25.28 24.45
N GLY B 41 -26.38 25.29 24.49
CA GLY B 41 -27.08 24.90 25.70
C GLY B 41 -26.75 23.48 26.11
N LYS B 42 -26.73 22.56 25.14
CA LYS B 42 -26.32 21.18 25.43
C LYS B 42 -24.90 21.15 25.99
N ARG B 43 -24.03 21.96 25.42
CA ARG B 43 -22.62 22.00 25.88
C ARG B 43 -22.57 22.46 27.33
N LEU B 44 -23.36 23.46 27.68
CA LEU B 44 -23.37 24.04 29.04
C LEU B 44 -23.98 23.03 30.01
N ASP B 45 -24.92 22.24 29.53
CA ASP B 45 -25.59 21.20 30.35
C ASP B 45 -24.56 20.10 30.66
N SER B 46 -23.72 19.73 29.71
CA SER B 46 -22.69 18.67 29.87
C SER B 46 -21.86 18.94 31.12
N ILE B 47 -21.47 20.18 31.34
CA ILE B 47 -20.84 20.53 32.60
C ILE B 47 -21.87 21.03 33.62
N GLY B 48 -23.15 20.81 33.35
CA GLY B 48 -24.20 21.12 34.30
C GLY B 48 -24.43 22.58 34.58
N VAL B 49 -24.54 23.41 33.55
CA VAL B 49 -24.78 24.84 33.71
C VAL B 49 -26.01 25.24 32.91
N GLU B 50 -26.77 26.18 33.46
CA GLU B 50 -28.04 26.60 32.88
C GLU B 50 -27.82 27.36 31.56
N ASN B 51 -28.69 27.10 30.59
CA ASN B 51 -28.58 27.74 29.27
C ASN B 51 -29.38 29.04 29.28
N THR B 52 -28.78 30.06 29.89
CA THR B 52 -29.28 31.41 29.78
C THR B 52 -28.50 32.16 28.71
N GLU B 53 -29.08 33.27 28.25
CA GLU B 53 -28.35 34.14 27.34
C GLU B 53 -27.07 34.66 27.98
N GLU B 54 -27.10 34.90 29.30
CA GLU B 54 -25.91 35.42 29.98
C GLU B 54 -24.81 34.36 30.10
N ASN B 55 -25.19 33.09 30.28
CA ASN B 55 -24.18 32.04 30.39
C ASN B 55 -23.54 31.74 29.04
N ARG B 56 -24.32 31.83 27.96
CA ARG B 56 -23.73 31.75 26.63
C ARG B 56 -22.76 32.91 26.41
N ARG B 57 -23.17 34.12 26.81
CA ARG B 57 -22.31 35.29 26.62
C ARG B 57 -21.05 35.19 27.47
N ALA B 58 -21.16 34.62 28.68
CA ALA B 58 -20.00 34.51 29.56
C ALA B 58 -19.03 33.44 29.08
N TYR B 59 -19.54 32.31 28.58
CA TYR B 59 -18.65 31.32 28.01
C TYR B 59 -17.96 31.85 26.76
N ARG B 60 -18.70 32.61 25.95
CA ARG B 60 -18.09 33.19 24.75
C ARG B 60 -17.06 34.25 25.13
N GLU B 61 -17.35 35.06 26.14
CA GLU B 61 -16.34 36.01 26.63
C GLU B 61 -15.09 35.27 27.07
N LEU B 62 -15.25 34.17 27.81
CA LEU B 62 -14.11 33.39 28.28
C LEU B 62 -13.19 32.98 27.13
N LEU B 63 -13.78 32.41 26.07
CA LEU B 63 -12.97 31.93 24.94
C LEU B 63 -12.26 33.09 24.25
N VAL B 64 -13.03 34.10 23.83
CA VAL B 64 -12.51 35.19 23.02
C VAL B 64 -11.48 36.02 23.78
N THR B 65 -11.56 36.04 25.11
CA THR B 65 -10.72 36.90 25.92
C THR B 65 -9.49 36.18 26.49
N ALA B 66 -9.26 34.92 26.08
CA ALA B 66 -8.11 34.19 26.58
C ALA B 66 -6.82 34.90 26.16
N PRO B 67 -5.92 35.22 27.10
CA PRO B 67 -4.78 36.08 26.78
C PRO B 67 -3.83 35.42 25.80
N GLY B 68 -3.41 36.19 24.79
CA GLY B 68 -2.47 35.69 23.82
C GLY B 68 -3.02 34.62 22.89
N LEU B 69 -4.34 34.44 22.85
CA LEU B 69 -4.93 33.45 21.96
C LEU B 69 -4.57 33.73 20.50
N GLY B 70 -4.32 34.99 20.15
CA GLY B 70 -4.05 35.36 18.77
C GLY B 70 -2.75 34.83 18.21
N GLN B 71 -1.85 34.34 19.07
CA GLN B 71 -0.61 33.75 18.56
C GLN B 71 -0.85 32.40 17.90
N TYR B 72 -1.99 31.75 18.19
CA TYR B 72 -2.31 30.45 17.63
C TYR B 72 -3.61 30.43 16.86
N ILE B 73 -4.49 31.40 17.08
CA ILE B 73 -5.79 31.45 16.44
C ILE B 73 -5.83 32.68 15.56
N SER B 74 -6.08 32.49 14.28
CA SER B 74 -6.16 33.59 13.32
C SER B 74 -7.58 34.03 13.05
N GLY B 75 -8.57 33.16 13.29
CA GLY B 75 -9.96 33.52 13.10
C GLY B 75 -10.83 32.73 14.04
N ALA B 76 -12.02 33.25 14.28
CA ALA B 76 -13.00 32.57 15.12
C ALA B 76 -14.35 32.65 14.42
N ILE B 77 -14.93 31.48 14.16
CA ILE B 77 -16.27 31.42 13.58
C ILE B 77 -17.28 31.66 14.70
N LEU B 78 -18.03 32.75 14.60
CA LEU B 78 -19.02 33.10 15.60
C LEU B 78 -20.42 32.69 15.16
N PHE B 79 -21.27 32.41 16.14
CA PHE B 79 -22.70 32.37 15.90
C PHE B 79 -23.22 33.79 15.74
N GLU B 80 -24.37 33.91 15.07
CA GLU B 80 -24.97 35.22 14.83
C GLU B 80 -25.10 36.04 16.10
N GLU B 81 -25.49 35.41 17.21
CA GLU B 81 -25.70 36.13 18.46
C GLU B 81 -24.39 36.68 19.01
N THR B 82 -23.35 35.84 19.04
CA THR B 82 -22.08 36.26 19.62
C THR B 82 -21.45 37.43 18.87
N LEU B 83 -21.72 37.54 17.56
CA LEU B 83 -21.11 38.60 16.76
C LEU B 83 -21.45 40.00 17.27
N TYR B 84 -22.56 40.16 17.99
CA TYR B 84 -22.98 41.47 18.48
C TYR B 84 -22.82 41.64 19.98
N GLN B 85 -22.31 40.64 20.69
CA GLN B 85 -22.23 40.71 22.14
C GLN B 85 -20.94 41.42 22.56
N SER B 86 -20.87 41.75 23.85
CA SER B 86 -19.72 42.42 24.45
C SER B 86 -19.31 41.68 25.72
N THR B 87 -18.13 42.04 26.23
CA THR B 87 -17.71 41.61 27.54
C THR B 87 -18.55 42.29 28.62
N ALA B 88 -18.38 41.82 29.85
CA ALA B 88 -19.10 42.42 30.98
C ALA B 88 -18.73 43.89 31.15
N SER B 89 -17.45 44.22 30.95
CA SER B 89 -17.02 45.61 31.06
C SER B 89 -17.59 46.47 29.94
N GLY B 90 -17.96 45.87 28.81
CA GLY B 90 -18.69 46.61 27.78
C GLY B 90 -17.99 46.72 26.44
N LYS B 91 -16.86 46.05 26.27
CA LYS B 91 -16.14 46.09 25.01
C LYS B 91 -16.66 45.02 24.07
N LYS B 92 -17.01 45.42 22.85
CA LYS B 92 -17.53 44.50 21.84
C LYS B 92 -16.56 43.35 21.60
N PHE B 93 -17.11 42.16 21.41
CA PHE B 93 -16.29 40.98 21.15
C PHE B 93 -15.41 41.18 19.91
N VAL B 94 -15.95 41.83 18.88
CA VAL B 94 -15.17 42.09 17.68
C VAL B 94 -13.96 42.95 18.00
N ASP B 95 -14.09 43.87 18.96
CA ASP B 95 -12.96 44.71 19.34
C ASP B 95 -11.95 43.94 20.16
N VAL B 96 -12.40 42.98 20.98
CA VAL B 96 -11.46 42.12 21.68
C VAL B 96 -10.63 41.32 20.68
N MET B 97 -11.29 40.76 19.68
CA MET B 97 -10.58 39.95 18.69
C MET B 97 -9.66 40.80 17.82
N LYS B 98 -10.04 42.05 17.52
CA LYS B 98 -9.15 42.93 16.79
C LYS B 98 -7.89 43.23 17.58
N GLU B 99 -8.02 43.45 18.89
CA GLU B 99 -6.85 43.62 19.74
C GLU B 99 -6.04 42.34 19.83
N GLN B 100 -6.70 41.18 19.74
CA GLN B 100 -6.02 39.90 19.82
C GLN B 100 -5.40 39.46 18.49
N ASN B 101 -5.61 40.23 17.42
CA ASN B 101 -5.16 39.85 16.08
C ASN B 101 -5.89 38.60 15.58
N ILE B 102 -7.18 38.51 15.92
CA ILE B 102 -8.05 37.42 15.49
C ILE B 102 -9.14 38.00 14.60
N VAL B 103 -9.33 37.40 13.42
CA VAL B 103 -10.34 37.86 12.47
C VAL B 103 -11.69 37.28 12.87
N PRO B 104 -12.76 38.08 12.88
CA PRO B 104 -14.08 37.52 13.19
C PRO B 104 -14.71 36.91 11.94
N GLY B 105 -15.22 35.68 12.10
CA GLY B 105 -15.99 35.01 11.07
C GLY B 105 -17.38 34.67 11.59
N ILE B 106 -18.24 34.25 10.68
CA ILE B 106 -19.67 34.09 11.00
C ILE B 106 -20.23 32.91 10.23
N LYS B 107 -20.96 32.04 10.93
CA LYS B 107 -21.73 30.98 10.29
C LYS B 107 -22.96 31.59 9.62
N VAL B 108 -23.19 31.23 8.36
CA VAL B 108 -24.27 31.85 7.59
C VAL B 108 -25.25 30.85 7.00
N ASP B 109 -24.98 29.55 7.09
CA ASP B 109 -25.98 28.59 6.61
C ASP B 109 -27.10 28.45 7.64
N LYS B 110 -28.19 27.81 7.22
CA LYS B 110 -29.38 27.66 8.06
C LYS B 110 -29.66 26.20 8.44
N GLY B 111 -28.65 25.34 8.37
CA GLY B 111 -28.75 23.99 8.89
C GLY B 111 -29.20 22.97 7.86
N LEU B 112 -29.14 21.70 8.29
CA LEU B 112 -29.45 20.57 7.45
C LEU B 112 -30.94 20.25 7.49
N VAL B 113 -31.46 19.81 6.34
CA VAL B 113 -32.89 19.54 6.13
C VAL B 113 -32.98 18.28 5.27
N PRO B 114 -33.96 17.40 5.46
CA PRO B 114 -34.10 16.25 4.56
C PRO B 114 -34.25 16.68 3.11
N LEU B 115 -33.45 16.08 2.25
CA LEU B 115 -33.54 16.29 0.81
C LEU B 115 -34.62 15.39 0.24
N SER B 116 -35.56 15.99 -0.49
CA SER B 116 -36.72 15.26 -0.99
C SER B 116 -36.31 14.16 -1.97
N ASN B 117 -36.96 13.01 -1.84
CA ASN B 117 -36.81 11.85 -2.71
C ASN B 117 -35.45 11.17 -2.57
N THR B 118 -34.76 11.39 -1.46
CA THR B 118 -33.61 10.57 -1.09
C THR B 118 -34.01 9.67 0.07
N ASN B 119 -33.24 8.61 0.27
CA ASN B 119 -33.45 7.72 1.42
C ASN B 119 -32.67 8.27 2.59
N GLY B 120 -33.25 9.28 3.24
CA GLY B 120 -32.70 9.81 4.48
C GLY B 120 -31.49 10.71 4.35
N GLU B 121 -31.36 11.45 3.25
CA GLU B 121 -30.21 12.32 3.06
C GLU B 121 -30.58 13.77 3.31
N SER B 122 -29.57 14.56 3.67
CA SER B 122 -29.74 15.96 4.03
C SER B 122 -29.19 16.87 2.93
N TRP B 123 -29.72 18.10 2.92
CA TRP B 123 -29.12 19.22 2.21
C TRP B 123 -29.05 20.40 3.18
N CYS B 124 -28.23 21.37 2.83
CA CYS B 124 -27.99 22.53 3.68
C CYS B 124 -28.68 23.75 3.07
N MET B 125 -29.56 24.38 3.85
CA MET B 125 -30.34 25.53 3.41
C MET B 125 -29.67 26.83 3.86
N GLY B 126 -29.99 27.91 3.15
CA GLY B 126 -29.50 29.21 3.56
C GLY B 126 -29.35 30.27 2.50
N LEU B 127 -29.51 29.89 1.22
CA LEU B 127 -29.27 30.86 0.15
C LEU B 127 -30.26 32.02 0.18
N ASP B 128 -31.47 31.78 0.67
CA ASP B 128 -32.49 32.83 0.70
C ASP B 128 -32.09 33.93 1.68
N GLY B 129 -31.99 35.17 1.17
CA GLY B 129 -31.55 36.27 1.99
C GLY B 129 -30.08 36.27 2.34
N LEU B 130 -29.31 35.33 1.79
CA LEU B 130 -27.90 35.22 2.16
C LEU B 130 -27.11 36.45 1.80
N ASP B 131 -27.48 37.12 0.70
CA ASP B 131 -26.71 38.29 0.27
C ASP B 131 -26.84 39.44 1.25
N LYS B 132 -28.08 39.72 1.70
CA LYS B 132 -28.27 40.78 2.68
C LYS B 132 -27.67 40.41 4.02
N ARG B 133 -27.81 39.15 4.43
CA ARG B 133 -27.28 38.71 5.71
C ARG B 133 -25.77 38.90 5.79
N CYS B 134 -25.05 38.45 4.76
CA CYS B 134 -23.59 38.63 4.74
C CYS B 134 -23.21 40.10 4.66
N ALA B 135 -24.08 40.92 4.09
CA ALA B 135 -23.80 42.36 3.98
C ALA B 135 -23.88 42.95 5.38
N GLU B 136 -24.87 42.54 6.15
CA GLU B 136 -25.01 43.06 7.52
C GLU B 136 -23.90 42.49 8.40
N TYR B 137 -23.47 41.26 8.15
CA TYR B 137 -22.39 40.67 8.97
C TYR B 137 -21.09 41.42 8.72
N TYR B 138 -20.88 41.85 7.48
CA TYR B 138 -19.69 42.59 7.12
C TYR B 138 -19.64 43.93 7.85
N LYS B 139 -20.76 44.64 7.88
CA LYS B 139 -20.83 45.91 8.62
C LYS B 139 -20.57 45.70 10.11
N ALA B 140 -20.93 44.54 10.64
CA ALA B 140 -20.73 44.26 12.05
C ALA B 140 -19.31 43.81 12.39
N GLY B 141 -18.43 43.68 11.39
CA GLY B 141 -17.04 43.34 11.62
C GLY B 141 -16.60 41.99 11.09
N ALA B 142 -17.53 41.13 10.66
CA ALA B 142 -17.15 39.83 10.13
C ALA B 142 -16.39 39.99 8.82
N ARG B 143 -15.37 39.16 8.63
CA ARG B 143 -14.58 39.19 7.41
C ARG B 143 -14.46 37.84 6.72
N PHE B 144 -14.98 36.76 7.31
CA PHE B 144 -15.11 35.50 6.60
C PHE B 144 -16.36 34.78 7.09
N ALA B 145 -16.81 33.81 6.28
CA ALA B 145 -18.08 33.12 6.53
C ALA B 145 -17.86 31.62 6.49
N LYS B 146 -18.89 30.88 6.92
CA LYS B 146 -18.84 29.43 6.95
C LYS B 146 -20.17 28.85 6.55
N TRP B 147 -20.12 27.73 5.83
CA TRP B 147 -21.31 27.02 5.36
C TRP B 147 -20.97 25.55 5.39
N ARG B 148 -21.75 24.76 6.12
CA ARG B 148 -21.48 23.34 6.30
C ARG B 148 -22.55 22.53 5.59
N SER B 149 -22.12 21.75 4.60
CA SER B 149 -22.94 20.73 3.95
C SER B 149 -22.28 19.39 4.19
N VAL B 150 -23.03 18.31 3.93
CA VAL B 150 -22.56 16.96 4.26
C VAL B 150 -22.91 16.00 3.14
N VAL B 151 -22.19 14.88 3.10
CA VAL B 151 -22.57 13.73 2.29
C VAL B 151 -22.40 12.47 3.14
N SER B 152 -23.35 11.55 3.01
CA SER B 152 -23.37 10.30 3.74
C SER B 152 -22.84 9.18 2.85
N ILE B 153 -21.83 8.47 3.33
CA ILE B 153 -21.35 7.29 2.60
C ILE B 153 -22.34 6.13 2.75
N PRO B 154 -22.90 5.86 3.95
CA PRO B 154 -23.93 4.80 4.03
C PRO B 154 -25.09 4.97 3.04
N HIS B 155 -25.37 6.19 2.58
CA HIS B 155 -26.40 6.42 1.60
C HIS B 155 -25.86 6.55 0.17
N GLY B 156 -24.55 6.39 -0.01
CA GLY B 156 -23.94 6.51 -1.32
C GLY B 156 -22.66 7.33 -1.27
N PRO B 157 -22.78 8.66 -1.32
CA PRO B 157 -24.04 9.44 -1.38
C PRO B 157 -24.76 9.35 -2.71
N SER B 158 -26.05 9.69 -2.72
CA SER B 158 -26.79 9.73 -3.97
C SER B 158 -26.27 10.85 -4.86
N ILE B 159 -26.60 10.75 -6.15
CA ILE B 159 -26.13 11.75 -7.11
C ILE B 159 -26.69 13.13 -6.75
N ILE B 160 -27.99 13.20 -6.45
CA ILE B 160 -28.60 14.51 -6.20
C ILE B 160 -28.20 15.06 -4.84
N ALA B 161 -27.93 14.19 -3.86
CA ALA B 161 -27.44 14.68 -2.58
C ALA B 161 -26.03 15.27 -2.71
N ALA B 162 -25.14 14.56 -3.43
CA ALA B 162 -23.81 15.11 -3.65
C ALA B 162 -23.87 16.37 -4.48
N ARG B 163 -24.78 16.41 -5.47
CA ARG B 163 -24.88 17.58 -6.34
C ARG B 163 -25.29 18.82 -5.55
N ASP B 164 -26.29 18.69 -4.67
CA ASP B 164 -26.78 19.87 -3.97
C ASP B 164 -25.75 20.42 -2.99
N CYS B 165 -25.01 19.51 -2.33
CA CYS B 165 -23.92 19.88 -1.44
C CYS B 165 -22.86 20.69 -2.18
N ALA B 166 -22.42 20.21 -3.33
CA ALA B 166 -21.46 20.93 -4.15
C ALA B 166 -22.07 22.18 -4.74
N TYR B 167 -23.33 22.10 -5.19
CA TYR B 167 -23.96 23.23 -5.87
C TYR B 167 -24.28 24.35 -4.88
N GLY B 168 -24.78 24.02 -3.69
CA GLY B 168 -25.08 25.05 -2.71
C GLY B 168 -23.83 25.73 -2.19
N LEU B 169 -22.77 24.96 -1.95
CA LEU B 169 -21.51 25.53 -1.50
C LEU B 169 -20.97 26.51 -2.54
N ALA B 170 -20.99 26.13 -3.82
CA ALA B 170 -20.47 27.02 -4.85
C ALA B 170 -21.32 28.28 -5.01
N ARG B 171 -22.64 28.17 -4.84
CA ARG B 171 -23.48 29.35 -4.89
C ARG B 171 -23.23 30.25 -3.69
N TYR B 172 -23.10 29.66 -2.52
CA TYR B 172 -22.85 30.42 -1.27
C TYR B 172 -21.51 31.12 -1.37
N ALA B 173 -20.54 30.48 -2.00
CA ALA B 173 -19.20 31.06 -2.07
C ALA B 173 -19.18 32.32 -2.93
N ALA B 174 -19.97 32.34 -4.00
CA ALA B 174 -20.03 33.55 -4.84
C ALA B 174 -20.80 34.66 -4.13
N ILE B 175 -21.86 34.31 -3.40
CA ILE B 175 -22.61 35.32 -2.66
C ILE B 175 -21.75 35.96 -1.58
N ALA B 176 -21.03 35.12 -0.83
CA ALA B 176 -20.19 35.61 0.25
C ALA B 176 -19.13 36.56 -0.25
N GLN B 177 -18.41 36.16 -1.31
CA GLN B 177 -17.35 37.00 -1.85
C GLN B 177 -17.90 38.35 -2.33
N ASN B 178 -19.08 38.34 -2.95
CA ASN B 178 -19.68 39.58 -3.42
C ASN B 178 -20.13 40.47 -2.25
N ALA B 179 -20.25 39.91 -1.06
CA ALA B 179 -20.62 40.67 0.12
C ALA B 179 -19.42 41.05 0.98
N GLY B 180 -18.22 40.61 0.61
CA GLY B 180 -17.02 40.96 1.34
C GLY B 180 -16.51 39.92 2.31
N LEU B 181 -17.14 38.76 2.37
CA LEU B 181 -16.75 37.71 3.31
C LEU B 181 -16.04 36.59 2.57
N VAL B 182 -14.89 36.18 3.08
CA VAL B 182 -14.18 35.02 2.55
C VAL B 182 -14.97 33.77 2.91
N PRO B 183 -15.39 32.97 1.94
CA PRO B 183 -16.18 31.77 2.26
C PRO B 183 -15.28 30.62 2.67
N ILE B 184 -15.58 30.03 3.82
CA ILE B 184 -15.04 28.72 4.19
C ILE B 184 -15.93 27.66 3.55
N VAL B 185 -15.35 26.82 2.71
CA VAL B 185 -16.10 25.85 1.92
C VAL B 185 -15.96 24.49 2.60
N GLU B 186 -17.05 24.02 3.21
CA GLU B 186 -17.02 22.81 4.03
C GLU B 186 -18.04 21.79 3.51
N PRO B 187 -17.65 20.96 2.54
CA PRO B 187 -18.43 19.76 2.25
C PRO B 187 -17.91 18.59 3.06
N GLU B 188 -18.51 18.35 4.22
CA GLU B 188 -17.99 17.34 5.13
C GLU B 188 -18.43 15.95 4.67
N VAL B 189 -17.46 15.08 4.42
CA VAL B 189 -17.72 13.66 4.25
C VAL B 189 -17.82 13.05 5.64
N LEU B 190 -19.01 12.59 6.01
CA LEU B 190 -19.25 12.14 7.39
C LEU B 190 -18.45 10.89 7.70
N LEU B 191 -18.18 10.70 9.00
CA LEU B 191 -17.47 9.50 9.45
C LEU B 191 -18.36 8.27 9.48
N ASP B 192 -19.69 8.43 9.38
CA ASP B 192 -20.62 7.32 9.56
C ASP B 192 -20.28 6.15 8.65
N GLY B 193 -20.29 4.95 9.24
CA GLY B 193 -20.27 3.72 8.47
C GLY B 193 -19.04 2.88 8.76
N GLU B 194 -18.97 1.75 8.04
CA GLU B 194 -17.88 0.81 8.16
C GLU B 194 -16.87 0.94 7.01
N HIS B 195 -17.09 1.90 6.11
CA HIS B 195 -16.24 2.06 4.94
C HIS B 195 -14.77 2.22 5.33
N ASP B 196 -13.89 1.73 4.47
CA ASP B 196 -12.46 1.84 4.69
C ASP B 196 -11.96 3.20 4.18
N ILE B 197 -10.66 3.46 4.39
CA ILE B 197 -10.12 4.77 4.06
C ILE B 197 -10.15 4.99 2.55
N ASP B 198 -10.04 3.93 1.76
CA ASP B 198 -10.08 4.06 0.31
C ASP B 198 -11.43 4.58 -0.17
N ARG B 199 -12.52 4.13 0.46
CA ARG B 199 -13.84 4.62 0.07
C ARG B 199 -14.00 6.09 0.43
N CYS B 200 -13.53 6.49 1.62
CA CYS B 200 -13.46 7.91 1.98
C CYS B 200 -12.72 8.72 0.93
N LEU B 201 -11.53 8.26 0.56
CA LEU B 201 -10.73 8.96 -0.44
C LEU B 201 -11.51 9.19 -1.73
N GLU B 202 -12.18 8.13 -2.21
CA GLU B 202 -12.93 8.22 -3.46
C GLU B 202 -14.07 9.22 -3.35
N VAL B 203 -14.82 9.17 -2.24
CA VAL B 203 -15.94 10.08 -2.07
C VAL B 203 -15.44 11.51 -1.86
N GLN B 204 -14.35 11.66 -1.11
CA GLN B 204 -13.75 12.99 -0.98
C GLN B 204 -13.34 13.53 -2.35
N GLU B 205 -12.64 12.72 -3.14
CA GLU B 205 -12.17 13.17 -4.45
C GLU B 205 -13.32 13.61 -5.33
N ALA B 206 -14.44 12.88 -5.30
CA ALA B 206 -15.56 13.21 -6.18
C ALA B 206 -16.25 14.50 -5.75
N ILE B 207 -16.47 14.67 -4.44
CA ILE B 207 -17.21 15.85 -4.00
C ILE B 207 -16.38 17.11 -4.17
N TRP B 208 -15.05 17.00 -4.04
CA TRP B 208 -14.20 18.16 -4.25
C TRP B 208 -14.07 18.49 -5.73
N ALA B 209 -13.98 17.46 -6.59
CA ALA B 209 -14.02 17.71 -8.03
C ALA B 209 -15.32 18.39 -8.44
N GLU B 210 -16.43 17.95 -7.85
CA GLU B 210 -17.72 18.55 -8.18
C GLU B 210 -17.82 19.98 -7.63
N THR B 211 -17.46 20.15 -6.36
CA THR B 211 -17.54 21.47 -5.75
C THR B 211 -16.67 22.48 -6.47
N PHE B 212 -15.48 22.06 -6.91
CA PHE B 212 -14.59 23.00 -7.58
C PHE B 212 -15.04 23.31 -8.99
N LYS B 213 -15.71 22.37 -9.65
CA LYS B 213 -16.27 22.65 -10.97
C LYS B 213 -17.36 23.70 -10.88
N TYR B 214 -18.33 23.49 -9.98
CA TYR B 214 -19.39 24.48 -9.81
C TYR B 214 -18.83 25.85 -9.43
N MET B 215 -17.82 25.88 -8.55
CA MET B 215 -17.23 27.16 -8.15
C MET B 215 -16.54 27.85 -9.33
N ALA B 216 -15.82 27.08 -10.14
CA ALA B 216 -15.22 27.64 -11.35
C ALA B 216 -16.30 28.18 -12.28
N ASP B 217 -17.41 27.45 -12.43
CA ASP B 217 -18.54 27.95 -13.22
C ASP B 217 -19.04 29.28 -12.69
N ASN B 218 -19.19 29.39 -11.37
CA ASN B 218 -19.74 30.57 -10.72
C ASN B 218 -18.73 31.72 -10.63
N LYS B 219 -17.56 31.57 -11.25
CA LYS B 219 -16.51 32.61 -11.24
C LYS B 219 -16.07 32.95 -9.82
N VAL B 220 -16.08 31.98 -8.91
CA VAL B 220 -15.55 32.19 -7.58
C VAL B 220 -14.05 32.43 -7.67
N MET B 221 -13.56 33.39 -6.89
CA MET B 221 -12.14 33.75 -6.88
C MET B 221 -11.41 32.83 -5.91
N PHE B 222 -10.61 31.90 -6.45
CA PHE B 222 -10.03 30.87 -5.60
C PHE B 222 -8.99 31.43 -4.63
N GLU B 223 -8.39 32.56 -4.98
CA GLU B 223 -7.42 33.20 -4.10
C GLU B 223 -8.07 33.75 -2.82
N GLY B 224 -9.40 33.86 -2.79
CA GLY B 224 -10.09 34.38 -1.63
C GLY B 224 -11.11 33.43 -1.04
N ILE B 225 -10.80 32.13 -1.03
CA ILE B 225 -11.62 31.14 -0.35
C ILE B 225 -10.71 30.33 0.57
N LEU B 226 -11.34 29.68 1.54
CA LEU B 226 -10.69 28.71 2.40
C LEU B 226 -11.48 27.41 2.35
N LEU B 227 -10.78 26.30 2.53
CA LEU B 227 -11.42 24.99 2.57
C LEU B 227 -11.46 24.47 4.00
N LYS B 228 -12.52 23.73 4.32
CA LYS B 228 -12.66 23.02 5.58
C LYS B 228 -13.11 21.60 5.28
N PRO B 229 -12.19 20.73 4.87
CA PRO B 229 -12.55 19.34 4.60
C PRO B 229 -12.47 18.48 5.85
N ALA B 230 -13.12 17.33 5.77
CA ALA B 230 -12.78 16.24 6.66
C ALA B 230 -11.46 15.63 6.22
N MET B 231 -10.72 15.07 7.18
CA MET B 231 -9.56 14.31 6.79
C MET B 231 -10.00 13.04 6.09
N VAL B 232 -9.06 12.40 5.39
CA VAL B 232 -9.32 11.11 4.77
C VAL B 232 -8.96 10.04 5.80
N THR B 233 -9.99 9.42 6.38
CA THR B 233 -9.86 8.42 7.42
C THR B 233 -10.88 7.32 7.16
N PRO B 234 -10.66 6.12 7.70
CA PRO B 234 -11.70 5.09 7.65
C PRO B 234 -12.94 5.57 8.39
N GLY B 235 -14.06 4.89 8.10
CA GLY B 235 -15.29 5.20 8.80
C GLY B 235 -15.20 4.89 10.28
N ALA B 236 -16.15 5.47 11.04
CA ALA B 236 -16.14 5.31 12.48
C ALA B 236 -16.24 3.84 12.88
N ASP B 237 -17.01 3.05 12.14
CA ASP B 237 -17.21 1.64 12.47
C ASP B 237 -16.34 0.71 11.66
N CYS B 238 -15.38 1.25 10.92
CA CYS B 238 -14.48 0.40 10.16
C CYS B 238 -13.53 -0.32 11.12
N LYS B 239 -13.26 -1.60 10.83
CA LYS B 239 -12.38 -2.36 11.70
C LYS B 239 -10.90 -2.11 11.41
N ASN B 240 -10.56 -1.72 10.19
CA ASN B 240 -9.20 -1.37 9.83
C ASN B 240 -8.97 0.11 10.12
N LYS B 241 -8.01 0.40 11.00
CA LYS B 241 -7.77 1.76 11.46
C LYS B 241 -6.74 2.45 10.58
N ALA B 242 -6.28 3.63 10.99
CA ALA B 242 -5.27 4.37 10.25
C ALA B 242 -4.56 5.34 11.19
N GLY B 243 -3.25 5.15 11.36
CA GLY B 243 -2.45 6.05 12.16
C GLY B 243 -2.19 7.36 11.46
N PRO B 244 -1.50 8.26 12.17
CA PRO B 244 -1.29 9.62 11.62
C PRO B 244 -0.56 9.64 10.29
N ALA B 245 0.48 8.82 10.13
CA ALA B 245 1.23 8.82 8.87
C ALA B 245 0.34 8.43 7.71
N LYS B 246 -0.49 7.39 7.87
CA LYS B 246 -1.35 6.97 6.78
C LYS B 246 -2.45 7.98 6.50
N VAL B 247 -3.03 8.56 7.56
CA VAL B 247 -4.02 9.62 7.38
C VAL B 247 -3.42 10.79 6.62
N ALA B 248 -2.18 11.15 6.96
CA ALA B 248 -1.51 12.25 6.28
C ALA B 248 -1.27 11.91 4.81
N GLU B 249 -0.76 10.71 4.53
CA GLU B 249 -0.52 10.31 3.14
C GLU B 249 -1.79 10.36 2.32
N TYR B 250 -2.87 9.79 2.83
CA TYR B 250 -4.13 9.76 2.08
C TYR B 250 -4.72 11.16 1.95
N THR B 251 -4.67 11.95 3.01
CA THR B 251 -5.28 13.27 2.98
C THR B 251 -4.55 14.20 2.03
N LEU B 252 -3.22 14.19 2.06
CA LEU B 252 -2.44 15.09 1.19
C LEU B 252 -2.56 14.69 -0.27
N LYS B 253 -2.56 13.39 -0.55
CA LYS B 253 -2.83 12.91 -1.92
C LYS B 253 -4.15 13.46 -2.43
N MET B 254 -5.21 13.33 -1.62
CA MET B 254 -6.51 13.83 -2.02
C MET B 254 -6.46 15.31 -2.34
N LEU B 255 -5.84 16.10 -1.45
CA LEU B 255 -5.76 17.53 -1.66
C LEU B 255 -4.92 17.87 -2.90
N ARG B 256 -3.78 17.19 -3.06
N ARG B 256 -3.76 17.21 -3.03
CA ARG B 256 -2.92 17.47 -4.21
CA ARG B 256 -2.91 17.43 -4.20
C ARG B 256 -3.59 17.11 -5.52
C ARG B 256 -3.65 17.18 -5.50
N ARG B 257 -4.53 16.17 -5.51
CA ARG B 257 -5.25 15.80 -6.72
C ARG B 257 -6.47 16.66 -7.00
N ARG B 258 -6.89 17.54 -6.09
CA ARG B 258 -8.15 18.23 -6.29
C ARG B 258 -8.17 19.72 -5.97
N VAL B 259 -7.17 20.27 -5.29
CA VAL B 259 -7.23 21.65 -4.83
C VAL B 259 -6.23 22.45 -5.64
N PRO B 260 -6.63 23.44 -6.43
CA PRO B 260 -5.66 24.20 -7.22
C PRO B 260 -4.81 25.09 -6.33
N PRO B 261 -3.53 25.30 -6.67
CA PRO B 261 -2.63 26.01 -5.74
C PRO B 261 -3.07 27.42 -5.39
N ALA B 262 -4.00 28.01 -6.14
CA ALA B 262 -4.43 29.36 -5.83
C ALA B 262 -5.14 29.44 -4.49
N VAL B 263 -5.77 28.35 -4.05
CA VAL B 263 -6.42 28.27 -2.75
C VAL B 263 -5.37 28.46 -1.67
N PRO B 264 -5.47 29.48 -0.81
CA PRO B 264 -4.38 29.73 0.15
C PRO B 264 -4.38 28.80 1.35
N GLY B 265 -5.55 28.39 1.85
CA GLY B 265 -5.60 27.65 3.10
C GLY B 265 -6.61 26.53 3.20
N ILE B 266 -6.24 25.47 3.90
CA ILE B 266 -7.06 24.28 4.09
C ILE B 266 -7.10 23.98 5.57
N MET B 267 -8.26 24.15 6.20
CA MET B 267 -8.40 24.10 7.66
C MET B 267 -9.36 22.96 8.02
N PHE B 268 -8.80 21.87 8.52
CA PHE B 268 -9.57 20.64 8.70
C PHE B 268 -10.53 20.72 9.88
N LEU B 269 -11.63 19.99 9.76
CA LEU B 269 -12.48 19.68 10.89
C LEU B 269 -11.98 18.42 11.59
N SER B 270 -12.32 18.28 12.88
CA SER B 270 -12.01 17.07 13.63
C SER B 270 -13.09 16.01 13.47
N GLY B 271 -14.35 16.41 13.64
CA GLY B 271 -15.48 15.59 13.23
C GLY B 271 -15.62 14.26 13.93
N GLY B 272 -14.95 14.05 15.06
CA GLY B 272 -15.11 12.81 15.78
C GLY B 272 -13.81 12.16 16.24
N GLN B 273 -12.69 12.85 16.07
CA GLN B 273 -11.42 12.34 16.54
C GLN B 273 -11.12 12.86 17.94
N SER B 274 -10.26 12.15 18.65
CA SER B 274 -9.75 12.67 19.91
C SER B 274 -8.99 13.97 19.64
N GLU B 275 -8.71 14.71 20.72
CA GLU B 275 -7.85 15.87 20.56
C GLU B 275 -6.45 15.46 20.12
N LEU B 276 -5.93 14.38 20.70
CA LEU B 276 -4.56 13.97 20.41
C LEU B 276 -4.43 13.50 18.97
N GLU B 277 -5.32 12.60 18.53
CA GLU B 277 -5.23 12.10 17.16
C GLU B 277 -5.45 13.22 16.16
N SER B 278 -6.33 14.18 16.46
CA SER B 278 -6.50 15.35 15.60
C SER B 278 -5.19 16.11 15.47
N THR B 279 -4.48 16.28 16.58
CA THR B 279 -3.21 17.00 16.58
C THR B 279 -2.13 16.18 15.88
N LEU B 280 -2.09 14.87 16.12
CA LEU B 280 -1.07 14.04 15.50
C LEU B 280 -1.31 13.89 14.00
N ASN B 281 -2.58 13.82 13.59
CA ASN B 281 -2.88 13.75 12.15
C ASN B 281 -2.41 15.00 11.45
N LEU B 282 -2.72 16.18 12.01
CA LEU B 282 -2.28 17.43 11.41
C LEU B 282 -0.77 17.53 11.41
N ASN B 283 -0.13 17.05 12.47
CA ASN B 283 1.32 17.12 12.58
C ASN B 283 1.98 16.27 11.51
N ALA B 284 1.38 15.13 11.17
CA ALA B 284 1.96 14.24 10.16
C ALA B 284 1.82 14.80 8.75
N MET B 285 0.92 15.75 8.53
CA MET B 285 0.76 16.41 7.25
C MET B 285 1.69 17.60 7.08
N ASN B 286 2.51 17.92 8.07
CA ASN B 286 3.36 19.09 8.02
C ASN B 286 4.81 18.75 8.37
N GLN B 287 5.25 17.55 7.99
CA GLN B 287 6.66 17.19 8.10
C GLN B 287 7.47 17.69 6.91
N SER B 288 6.81 18.09 5.83
CA SER B 288 7.44 18.63 4.63
C SER B 288 6.54 19.75 4.11
N PRO B 289 7.01 20.60 3.20
CA PRO B 289 6.18 21.72 2.74
C PRO B 289 4.98 21.27 1.92
N ASN B 290 3.98 22.15 1.87
CA ASN B 290 2.73 21.94 1.17
C ASN B 290 2.45 23.11 0.25
N PRO B 291 1.75 22.89 -0.86
CA PRO B 291 1.44 23.99 -1.80
C PRO B 291 0.42 24.98 -1.23
N TRP B 292 -0.24 24.62 -0.16
CA TRP B 292 -1.15 25.54 0.53
C TRP B 292 -0.96 25.36 2.03
N HIS B 293 -1.46 26.30 2.82
CA HIS B 293 -1.37 26.16 4.27
C HIS B 293 -2.37 25.12 4.75
N VAL B 294 -1.86 24.04 5.32
CA VAL B 294 -2.67 22.95 5.83
C VAL B 294 -2.74 23.10 7.34
N SER B 295 -3.93 23.49 7.84
CA SER B 295 -4.11 23.82 9.25
C SER B 295 -5.41 23.26 9.82
N PHE B 296 -5.91 23.89 10.88
CA PHE B 296 -7.00 23.33 11.65
C PHE B 296 -8.15 24.33 11.78
N SER B 297 -9.36 23.79 11.91
CA SER B 297 -10.57 24.55 12.22
C SER B 297 -11.40 23.66 13.15
N TYR B 298 -11.08 23.70 14.44
CA TYR B 298 -11.61 22.77 15.42
C TYR B 298 -12.60 23.46 16.35
N ALA B 299 -13.66 22.74 16.72
CA ALA B 299 -14.56 23.21 17.76
C ALA B 299 -14.32 22.41 19.04
N ARG B 300 -14.90 21.21 19.12
CA ARG B 300 -14.82 20.43 20.35
C ARG B 300 -13.38 20.08 20.71
N ALA B 301 -12.55 19.79 19.71
CA ALA B 301 -11.15 19.44 19.97
C ALA B 301 -10.38 20.59 20.60
N LEU B 302 -10.91 21.82 20.56
CA LEU B 302 -10.33 22.95 21.29
C LEU B 302 -11.13 23.37 22.51
N GLN B 303 -12.44 23.09 22.53
CA GLN B 303 -13.31 23.60 23.58
C GLN B 303 -13.59 22.62 24.71
N ASN B 304 -13.53 21.31 24.46
CA ASN B 304 -14.02 20.35 25.44
C ASN B 304 -13.26 20.45 26.76
N THR B 305 -11.94 20.64 26.70
CA THR B 305 -11.18 20.79 27.93
C THR B 305 -11.45 22.13 28.61
N VAL B 306 -11.88 23.13 27.84
CA VAL B 306 -12.19 24.43 28.43
C VAL B 306 -13.45 24.35 29.28
N LEU B 307 -14.50 23.71 28.75
CA LEU B 307 -15.71 23.51 29.53
C LEU B 307 -15.46 22.65 30.75
N LYS B 308 -14.77 21.51 30.56
CA LYS B 308 -14.50 20.60 31.67
C LYS B 308 -13.67 21.27 32.76
N THR B 309 -12.83 22.24 32.39
CA THR B 309 -12.03 22.97 33.36
C THR B 309 -12.76 24.17 33.95
N TRP B 310 -13.60 24.84 33.15
CA TRP B 310 -14.35 25.99 33.63
C TRP B 310 -15.37 25.57 34.68
N GLN B 311 -16.26 24.63 34.33
CA GLN B 311 -17.33 24.15 35.19
C GLN B 311 -18.31 25.25 35.58
N GLY B 312 -18.36 26.33 34.81
CA GLY B 312 -19.24 27.44 35.09
C GLY B 312 -18.81 28.35 36.23
N LYS B 313 -17.76 27.98 36.95
CA LYS B 313 -17.38 28.71 38.16
C LYS B 313 -16.42 29.85 37.83
N PRO B 314 -16.72 31.08 38.27
CA PRO B 314 -15.85 32.21 37.94
C PRO B 314 -14.43 32.06 38.45
N GLU B 315 -14.21 31.27 39.51
CA GLU B 315 -12.87 31.08 40.03
C GLU B 315 -12.00 30.22 39.10
N ASN B 316 -12.61 29.51 38.16
CA ASN B 316 -11.90 28.62 37.25
C ASN B 316 -11.67 29.24 35.87
N VAL B 317 -11.97 30.53 35.70
CA VAL B 317 -11.89 31.15 34.38
C VAL B 317 -10.45 31.12 33.86
N GLN B 318 -9.49 31.47 34.70
CA GLN B 318 -8.10 31.54 34.25
C GLN B 318 -7.54 30.14 33.96
N ALA B 319 -7.94 29.15 34.75
CA ALA B 319 -7.53 27.78 34.45
C ALA B 319 -8.18 27.26 33.18
N ALA B 320 -9.39 27.73 32.85
CA ALA B 320 -10.02 27.32 31.60
C ALA B 320 -9.36 28.00 30.41
N GLN B 321 -8.93 29.25 30.58
CA GLN B 321 -8.25 29.94 29.49
C GLN B 321 -6.86 29.36 29.25
N ALA B 322 -6.17 28.97 30.33
CA ALA B 322 -4.92 28.24 30.16
C ALA B 322 -5.15 26.94 29.40
N ALA B 323 -6.29 26.28 29.64
CA ALA B 323 -6.58 25.03 28.95
C ALA B 323 -6.83 25.25 27.46
N LEU B 324 -7.52 26.33 27.12
CA LEU B 324 -7.73 26.69 25.71
C LEU B 324 -6.40 26.98 25.03
N LEU B 325 -5.52 27.72 25.69
CA LEU B 325 -4.24 28.10 25.11
C LEU B 325 -3.34 26.89 24.92
N LYS B 326 -3.41 25.91 25.83
CA LYS B 326 -2.59 24.72 25.71
C LYS B 326 -2.98 23.93 24.46
N ARG B 327 -4.28 23.83 24.18
CA ARG B 327 -4.73 23.08 23.02
C ARG B 327 -4.48 23.86 21.72
N ALA B 328 -4.73 25.17 21.73
CA ALA B 328 -4.45 25.98 20.54
C ALA B 328 -2.98 25.93 20.18
N LYS B 329 -2.10 25.96 21.20
CA LYS B 329 -0.66 25.89 20.92
C LYS B 329 -0.28 24.54 20.34
N ALA B 330 -0.82 23.45 20.89
CA ALA B 330 -0.51 22.12 20.40
C ALA B 330 -0.85 21.99 18.92
N ASN B 331 -1.99 22.53 18.51
CA ASN B 331 -2.37 22.46 17.11
C ASN B 331 -1.60 23.47 16.26
N SER B 332 -1.24 24.61 16.83
CA SER B 332 -0.36 25.53 16.13
C SER B 332 1.02 24.90 15.92
N ASP B 333 1.49 24.11 16.89
CA ASP B 333 2.73 23.37 16.71
C ASP B 333 2.57 22.29 15.64
N ALA B 334 1.44 21.57 15.67
CA ALA B 334 1.18 20.54 14.67
C ALA B 334 1.11 21.13 13.26
N GLN B 335 0.61 22.37 13.16
CA GLN B 335 0.57 23.03 11.85
C GLN B 335 1.97 23.23 11.30
N GLN B 336 2.94 23.47 12.16
CA GLN B 336 4.33 23.62 11.73
C GLN B 336 5.08 22.30 11.73
N GLY B 337 4.42 21.19 12.08
CA GLY B 337 5.08 19.91 12.15
C GLY B 337 5.99 19.72 13.35
N LYS B 338 5.92 20.60 14.35
CA LYS B 338 6.82 20.55 15.50
C LYS B 338 6.07 20.25 16.80
N TYR B 339 5.10 19.35 16.76
CA TYR B 339 4.39 18.98 17.98
C TYR B 339 5.20 17.99 18.82
N ASP B 340 5.65 16.90 18.19
CA ASP B 340 6.37 15.87 18.94
C ASP B 340 7.72 16.38 19.40
N ALA B 341 8.50 16.98 18.49
CA ALA B 341 9.85 17.43 18.78
C ALA B 341 9.90 18.46 19.92
N MET C 9 1.76 -10.61 10.18
CA MET C 9 0.71 -9.81 10.84
C MET C 9 -0.36 -9.48 9.80
N GLY C 10 -0.35 -8.24 9.33
CA GLY C 10 -1.28 -7.71 8.33
C GLY C 10 -2.49 -7.04 8.94
N LYS C 11 -3.36 -7.84 9.56
CA LYS C 11 -4.68 -7.42 10.06
C LYS C 11 -4.68 -6.16 10.93
N TYR C 12 -3.83 -6.09 11.93
CA TYR C 12 -3.94 -4.96 12.87
C TYR C 12 -2.81 -3.95 12.71
N ASP C 13 -2.02 -4.01 11.64
CA ASP C 13 -0.81 -3.19 11.52
C ASP C 13 -1.08 -1.71 11.80
N GLU C 14 -2.06 -1.14 11.11
CA GLU C 14 -2.34 0.28 11.27
C GLU C 14 -2.82 0.62 12.68
N GLU C 15 -3.57 -0.29 13.31
CA GLU C 15 -4.02 -0.01 14.67
C GLU C 15 -2.88 -0.16 15.67
N LEU C 16 -1.97 -1.11 15.43
CA LEU C 16 -0.78 -1.20 16.26
C LEU C 16 0.03 0.10 16.20
N ILE C 17 0.22 0.63 15.00
CA ILE C 17 0.91 1.92 14.85
C ILE C 17 0.15 3.01 15.59
N LYS C 18 -1.17 3.07 15.38
CA LYS C 18 -1.98 4.10 16.03
C LYS C 18 -1.88 3.98 17.55
N THR C 19 -2.05 2.77 18.08
CA THR C 19 -1.97 2.56 19.53
C THR C 19 -0.59 2.97 20.05
N ALA C 20 0.47 2.47 19.42
CA ALA C 20 1.81 2.77 19.88
C ALA C 20 2.06 4.28 19.93
N GLY C 21 1.53 5.02 18.95
CA GLY C 21 1.67 6.46 18.95
C GLY C 21 0.84 7.14 20.02
N THR C 22 -0.33 6.60 20.33
CA THR C 22 -1.14 7.17 21.41
C THR C 22 -0.46 7.00 22.76
N VAL C 23 0.16 5.85 22.99
CA VAL C 23 0.85 5.62 24.26
C VAL C 23 2.17 6.39 24.31
N ALA C 24 2.92 6.39 23.22
CA ALA C 24 4.19 7.11 23.14
C ALA C 24 3.95 8.58 22.73
N SER C 25 3.14 9.25 23.53
CA SER C 25 2.69 10.60 23.21
C SER C 25 3.36 11.63 24.11
N LYS C 26 3.46 12.86 23.60
CA LYS C 26 4.19 13.93 24.27
C LYS C 26 3.63 14.20 25.66
N GLY C 27 4.51 14.13 26.66
CA GLY C 27 4.16 14.43 28.03
C GLY C 27 3.37 13.36 28.75
N ARG C 28 3.33 12.13 28.25
CA ARG C 28 2.54 11.09 28.87
C ARG C 28 3.36 9.83 29.06
N GLY C 29 2.98 9.04 30.06
CA GLY C 29 3.61 7.77 30.33
C GLY C 29 2.60 6.73 30.80
N ILE C 30 3.09 5.57 31.20
CA ILE C 30 2.26 4.42 31.51
C ILE C 30 2.15 4.25 33.02
N LEU C 31 0.94 3.93 33.49
CA LEU C 31 0.73 3.51 34.86
C LEU C 31 0.75 1.98 34.88
N ALA C 32 1.84 1.42 35.41
CA ALA C 32 1.90 -0.03 35.59
C ALA C 32 1.12 -0.39 36.86
N MET C 33 0.06 -1.17 36.71
CA MET C 33 -0.77 -1.55 37.85
C MET C 33 -1.31 -2.96 37.67
N ASP C 34 -0.45 -3.86 37.18
CA ASP C 34 -0.86 -5.22 36.83
C ASP C 34 -0.42 -6.24 37.87
N GLU C 35 -0.42 -5.87 39.15
CA GLU C 35 -0.08 -6.82 40.19
C GLU C 35 -1.08 -7.97 40.22
N SER C 36 -0.57 -9.18 40.41
CA SER C 36 -1.43 -10.33 40.61
C SER C 36 -2.28 -10.13 41.87
N ASN C 37 -3.29 -10.99 42.02
CA ASN C 37 -4.13 -10.95 43.21
C ASN C 37 -3.29 -11.12 44.48
N ALA C 38 -2.31 -12.01 44.44
CA ALA C 38 -1.41 -12.18 45.59
C ALA C 38 -0.56 -10.94 45.81
N THR C 39 0.06 -10.42 44.74
CA THR C 39 0.97 -9.28 44.91
C THR C 39 0.20 -8.02 45.30
N CYS C 40 -0.95 -7.78 44.66
CA CYS C 40 -1.79 -6.68 45.10
C CYS C 40 -2.22 -6.87 46.56
N GLY C 41 -2.31 -8.13 47.01
CA GLY C 41 -2.60 -8.39 48.41
C GLY C 41 -1.52 -7.86 49.33
N LYS C 42 -0.26 -8.11 48.99
CA LYS C 42 0.84 -7.59 49.80
C LYS C 42 0.81 -6.07 49.87
N ARG C 43 0.53 -5.41 48.76
CA ARG C 43 0.48 -3.95 48.75
C ARG C 43 -0.66 -3.43 49.61
N LEU C 44 -1.72 -4.22 49.78
CA LEU C 44 -2.83 -3.79 50.62
C LEU C 44 -2.52 -3.93 52.10
N ASP C 45 -1.68 -4.91 52.48
CA ASP C 45 -1.28 -5.03 53.89
C ASP C 45 -0.37 -3.87 54.29
N SER C 46 0.49 -3.40 53.39
CA SER C 46 1.36 -2.28 53.70
C SER C 46 0.58 -1.09 54.26
N ILE C 47 -0.72 -1.00 53.96
CA ILE C 47 -1.61 -0.01 54.54
C ILE C 47 -2.69 -0.66 55.41
N GLY C 48 -2.54 -1.94 55.73
CA GLY C 48 -3.45 -2.62 56.64
C GLY C 48 -4.84 -2.89 56.09
N VAL C 49 -4.94 -3.24 54.81
CA VAL C 49 -6.21 -3.55 54.17
C VAL C 49 -6.16 -4.98 53.67
N GLU C 50 -7.23 -5.74 53.89
CA GLU C 50 -7.21 -7.15 53.59
C GLU C 50 -7.46 -7.40 52.11
N ASN C 51 -6.87 -8.47 51.60
CA ASN C 51 -6.90 -8.80 50.18
C ASN C 51 -8.22 -9.50 49.85
N THR C 52 -9.22 -8.71 49.49
CA THR C 52 -10.46 -9.22 48.94
C THR C 52 -10.57 -8.81 47.47
N GLU C 53 -11.35 -9.58 46.71
CA GLU C 53 -11.63 -9.18 45.34
C GLU C 53 -12.24 -7.79 45.28
N GLU C 54 -13.06 -7.45 46.26
CA GLU C 54 -13.71 -6.14 46.28
C GLU C 54 -12.73 -5.03 46.66
N ASN C 55 -11.79 -5.31 47.57
CA ASN C 55 -10.80 -4.29 47.93
C ASN C 55 -9.81 -4.06 46.80
N ARG C 56 -9.44 -5.12 46.07
CA ARG C 56 -8.60 -4.94 44.90
C ARG C 56 -9.33 -4.13 43.84
N ARG C 57 -10.61 -4.42 43.64
CA ARG C 57 -11.41 -3.66 42.68
C ARG C 57 -11.51 -2.19 43.11
N ALA C 58 -11.70 -1.96 44.40
CA ALA C 58 -11.86 -0.58 44.88
C ALA C 58 -10.56 0.19 44.77
N TYR C 59 -9.41 -0.47 45.02
CA TYR C 59 -8.13 0.18 44.82
C TYR C 59 -7.92 0.50 43.34
N ARG C 60 -8.27 -0.43 42.46
CA ARG C 60 -8.08 -0.22 41.04
C ARG C 60 -9.03 0.85 40.51
N GLU C 61 -10.26 0.91 41.03
CA GLU C 61 -11.17 1.98 40.64
C GLU C 61 -10.61 3.34 41.08
N LEU C 62 -10.04 3.40 42.28
CA LEU C 62 -9.44 4.65 42.75
C LEU C 62 -8.41 5.16 41.74
N LEU C 63 -7.59 4.26 41.19
CA LEU C 63 -6.53 4.67 40.28
C LEU C 63 -7.09 5.16 38.95
N VAL C 64 -7.87 4.32 38.27
CA VAL C 64 -8.27 4.67 36.91
C VAL C 64 -9.31 5.79 36.86
N THR C 65 -10.02 6.06 37.96
CA THR C 65 -11.01 7.14 37.94
C THR C 65 -10.46 8.44 38.51
N ALA C 66 -9.15 8.51 38.78
CA ALA C 66 -8.56 9.76 39.25
C ALA C 66 -8.80 10.87 38.23
N PRO C 67 -9.37 12.00 38.64
CA PRO C 67 -9.75 13.03 37.66
C PRO C 67 -8.54 13.57 36.90
N GLY C 68 -8.70 13.71 35.58
CA GLY C 68 -7.69 14.30 34.74
C GLY C 68 -6.44 13.48 34.56
N LEU C 69 -6.46 12.21 34.96
CA LEU C 69 -5.26 11.38 34.87
C LEU C 69 -4.74 11.29 33.43
N GLY C 70 -5.64 11.34 32.45
CA GLY C 70 -5.24 11.16 31.06
C GLY C 70 -4.35 12.26 30.50
N GLN C 71 -4.27 13.40 31.19
CA GLN C 71 -3.33 14.44 30.77
C GLN C 71 -1.89 13.96 30.86
N TYR C 72 -1.62 13.02 31.78
CA TYR C 72 -0.27 12.56 32.04
C TYR C 72 -0.06 11.08 31.82
N ILE C 73 -1.12 10.28 31.83
CA ILE C 73 -1.04 8.83 31.69
C ILE C 73 -1.69 8.46 30.38
N SER C 74 -0.92 7.82 29.49
CA SER C 74 -1.42 7.40 28.19
C SER C 74 -1.90 5.95 28.17
N GLY C 75 -1.47 5.14 29.13
CA GLY C 75 -1.86 3.75 29.19
C GLY C 75 -1.70 3.20 30.59
N ALA C 76 -2.42 2.11 30.85
CA ALA C 76 -2.34 1.45 32.16
C ALA C 76 -2.27 -0.05 31.94
N ILE C 77 -1.21 -0.66 32.45
CA ILE C 77 -1.07 -2.12 32.37
C ILE C 77 -1.93 -2.74 33.44
N LEU C 78 -2.94 -3.50 33.04
CA LEU C 78 -3.88 -4.13 33.96
C LEU C 78 -3.55 -5.59 34.15
N PHE C 79 -3.93 -6.13 35.31
CA PHE C 79 -3.96 -7.56 35.51
C PHE C 79 -5.26 -8.12 34.95
N GLU C 80 -5.23 -9.41 34.59
CA GLU C 80 -6.37 -10.03 33.90
C GLU C 80 -7.69 -9.77 34.62
N GLU C 81 -7.70 -9.86 35.95
CA GLU C 81 -8.92 -9.64 36.70
C GLU C 81 -9.46 -8.23 36.50
N THR C 82 -8.59 -7.21 36.65
CA THR C 82 -9.03 -5.83 36.50
C THR C 82 -9.60 -5.55 35.11
N LEU C 83 -9.08 -6.24 34.09
CA LEU C 83 -9.54 -5.97 32.72
C LEU C 83 -11.04 -6.14 32.59
N TYR C 84 -11.65 -7.02 33.40
CA TYR C 84 -13.06 -7.33 33.30
C TYR C 84 -13.90 -6.67 34.39
N GLN C 85 -13.33 -5.77 35.18
CA GLN C 85 -14.05 -5.19 36.31
C GLN C 85 -14.64 -3.83 35.95
N SER C 86 -15.44 -3.32 36.87
CA SER C 86 -16.15 -2.06 36.68
C SER C 86 -16.15 -1.27 37.98
N THR C 87 -16.46 0.03 37.86
CA THR C 87 -16.66 0.88 39.02
C THR C 87 -17.91 0.43 39.77
N ALA C 88 -18.08 0.98 40.97
CA ALA C 88 -19.28 0.68 41.76
C ALA C 88 -20.55 1.09 41.02
N SER C 89 -20.49 2.19 40.26
CA SER C 89 -21.63 2.64 39.47
C SER C 89 -21.95 1.70 38.33
N GLY C 90 -21.02 0.82 37.95
CA GLY C 90 -21.27 -0.15 36.91
C GLY C 90 -20.63 0.12 35.57
N LYS C 91 -19.73 1.10 35.48
CA LYS C 91 -19.03 1.40 34.24
C LYS C 91 -17.74 0.59 34.17
N LYS C 92 -17.54 -0.13 33.06
CA LYS C 92 -16.32 -0.91 32.86
C LYS C 92 -15.09 -0.03 33.01
N PHE C 93 -14.01 -0.61 33.57
CA PHE C 93 -12.78 0.13 33.73
C PHE C 93 -12.19 0.54 32.39
N VAL C 94 -12.32 -0.31 31.37
CA VAL C 94 -11.79 0.04 30.06
C VAL C 94 -12.56 1.22 29.48
N ASP C 95 -13.85 1.35 29.82
CA ASP C 95 -14.63 2.48 29.31
C ASP C 95 -14.24 3.77 29.99
N VAL C 96 -13.96 3.72 31.30
CA VAL C 96 -13.48 4.91 31.99
C VAL C 96 -12.16 5.37 31.39
N MET C 97 -11.26 4.42 31.13
CA MET C 97 -9.96 4.75 30.54
C MET C 97 -10.13 5.32 29.14
N LYS C 98 -11.06 4.76 28.36
CA LYS C 98 -11.29 5.26 27.01
C LYS C 98 -11.70 6.74 27.02
N GLU C 99 -12.54 7.13 27.99
CA GLU C 99 -12.94 8.54 28.09
C GLU C 99 -11.80 9.44 28.52
N GLN C 100 -10.73 8.89 29.10
CA GLN C 100 -9.55 9.66 29.48
C GLN C 100 -8.44 9.60 28.44
N ASN C 101 -8.69 8.98 27.28
CA ASN C 101 -7.66 8.71 26.28
C ASN C 101 -6.51 7.92 26.91
N ILE C 102 -6.85 7.01 27.82
CA ILE C 102 -5.88 6.07 28.38
C ILE C 102 -6.11 4.71 27.73
N VAL C 103 -5.03 4.13 27.20
CA VAL C 103 -5.13 2.85 26.49
C VAL C 103 -5.03 1.70 27.48
N PRO C 104 -5.97 0.76 27.47
CA PRO C 104 -5.85 -0.40 28.35
C PRO C 104 -4.80 -1.38 27.84
N GLY C 105 -3.91 -1.82 28.73
CA GLY C 105 -2.95 -2.85 28.45
C GLY C 105 -3.13 -4.02 29.39
N ILE C 106 -2.51 -5.15 29.04
CA ILE C 106 -2.73 -6.39 29.77
C ILE C 106 -1.41 -7.14 29.92
N LYS C 107 -1.10 -7.55 31.15
CA LYS C 107 0.00 -8.49 31.37
C LYS C 107 -0.37 -9.86 30.84
N VAL C 108 0.50 -10.44 30.00
CA VAL C 108 0.21 -11.70 29.35
C VAL C 108 1.21 -12.80 29.67
N ASP C 109 2.34 -12.49 30.29
CA ASP C 109 3.28 -13.55 30.65
C ASP C 109 2.80 -14.27 31.90
N LYS C 110 3.40 -15.43 32.16
CA LYS C 110 3.01 -16.29 33.27
C LYS C 110 3.99 -16.25 34.44
N GLY C 111 5.01 -15.40 34.37
CA GLY C 111 5.92 -15.20 35.48
C GLY C 111 7.22 -15.97 35.32
N LEU C 112 8.12 -15.73 36.27
CA LEU C 112 9.47 -16.26 36.21
C LEU C 112 9.55 -17.67 36.77
N VAL C 113 10.43 -18.47 36.17
CA VAL C 113 10.60 -19.88 36.52
C VAL C 113 12.10 -20.18 36.44
N PRO C 114 12.65 -21.04 37.30
CA PRO C 114 14.06 -21.41 37.17
C PRO C 114 14.35 -22.10 35.84
N LEU C 115 15.47 -21.72 35.22
CA LEU C 115 15.87 -22.26 33.94
C LEU C 115 16.80 -23.46 34.15
N SER C 116 16.47 -24.57 33.49
CA SER C 116 17.20 -25.82 33.68
C SER C 116 18.67 -25.66 33.33
N ASN C 117 19.54 -26.22 34.18
CA ASN C 117 20.98 -26.27 33.99
C ASN C 117 21.62 -24.89 33.96
N THR C 118 20.95 -23.90 34.54
CA THR C 118 21.59 -22.67 34.99
C THR C 118 21.70 -22.72 36.50
N ASN C 119 22.51 -21.82 37.05
CA ASN C 119 22.71 -21.77 38.49
C ASN C 119 21.93 -20.56 39.03
N GLY C 120 20.64 -20.77 39.27
CA GLY C 120 19.81 -19.75 39.88
C GLY C 120 19.25 -18.72 38.92
N GLU C 121 19.29 -18.98 37.61
CA GLU C 121 18.80 -18.02 36.63
C GLU C 121 17.38 -18.36 36.21
N SER C 122 16.62 -17.31 35.87
CA SER C 122 15.21 -17.43 35.59
C SER C 122 14.92 -17.29 34.10
N TRP C 123 13.79 -17.84 33.69
CA TRP C 123 13.21 -17.57 32.38
C TRP C 123 11.74 -17.23 32.59
N CYS C 124 11.14 -16.62 31.57
CA CYS C 124 9.77 -16.13 31.67
C CYS C 124 8.89 -16.98 30.77
N MET C 125 7.91 -17.65 31.36
CA MET C 125 7.03 -18.53 30.62
C MET C 125 5.78 -17.78 30.18
N GLY C 126 5.04 -18.38 29.23
CA GLY C 126 3.78 -17.80 28.83
C GLY C 126 3.37 -17.98 27.38
N LEU C 127 4.21 -18.63 26.57
CA LEU C 127 3.90 -18.75 25.15
C LEU C 127 2.76 -19.72 24.88
N ASP C 128 2.59 -20.73 25.72
CA ASP C 128 1.54 -21.72 25.50
C ASP C 128 0.17 -21.06 25.63
N GLY C 129 -0.63 -21.14 24.56
CA GLY C 129 -1.93 -20.50 24.55
C GLY C 129 -1.92 -19.00 24.50
N LEU C 130 -0.76 -18.37 24.28
CA LEU C 130 -0.69 -16.92 24.27
C LEU C 130 -1.49 -16.31 23.13
N ASP C 131 -1.58 -17.01 22.00
CA ASP C 131 -2.35 -16.47 20.88
C ASP C 131 -3.83 -16.36 21.22
N LYS C 132 -4.37 -17.35 21.92
CA LYS C 132 -5.80 -17.33 22.25
C LYS C 132 -6.11 -16.37 23.39
N ARG C 133 -5.20 -16.20 24.35
N ARG C 133 -5.20 -16.22 24.35
CA ARG C 133 -5.46 -15.29 25.46
CA ARG C 133 -5.46 -15.29 25.46
C ARG C 133 -5.40 -13.84 24.99
C ARG C 133 -5.40 -13.84 24.98
N CYS C 134 -4.41 -13.50 24.15
CA CYS C 134 -4.32 -12.15 23.63
C CYS C 134 -5.52 -11.81 22.74
N ALA C 135 -6.04 -12.80 22.00
CA ALA C 135 -7.22 -12.57 21.18
C ALA C 135 -8.41 -12.21 22.04
N GLU C 136 -8.59 -12.91 23.17
N GLU C 136 -8.59 -12.88 23.18
CA GLU C 136 -9.68 -12.60 24.09
CA GLU C 136 -9.72 -12.56 24.04
C GLU C 136 -9.46 -11.24 24.76
C GLU C 136 -9.48 -11.29 24.86
N TYR C 137 -8.21 -10.95 25.12
CA TYR C 137 -7.92 -9.66 25.75
C TYR C 137 -8.22 -8.52 24.79
N TYR C 138 -7.98 -8.73 23.49
CA TYR C 138 -8.34 -7.74 22.49
C TYR C 138 -9.85 -7.50 22.47
N LYS C 139 -10.64 -8.58 22.52
CA LYS C 139 -12.09 -8.44 22.57
C LYS C 139 -12.53 -7.73 23.85
N ALA C 140 -11.80 -7.93 24.94
CA ALA C 140 -12.13 -7.25 26.19
C ALA C 140 -11.73 -5.77 26.18
N GLY C 141 -11.06 -5.31 25.14
CA GLY C 141 -10.68 -3.91 25.03
C GLY C 141 -9.23 -3.62 25.28
N ALA C 142 -8.40 -4.62 25.53
CA ALA C 142 -6.97 -4.39 25.64
C ALA C 142 -6.39 -4.06 24.29
N ARG C 143 -5.42 -3.15 24.26
CA ARG C 143 -4.79 -2.74 23.01
C ARG C 143 -3.27 -2.80 23.06
N PHE C 144 -2.67 -3.13 24.20
CA PHE C 144 -1.26 -3.45 24.26
C PHE C 144 -1.04 -4.49 25.35
N ALA C 145 0.12 -5.13 25.31
CA ALA C 145 0.45 -6.22 26.21
C ALA C 145 1.78 -5.94 26.90
N LYS C 146 2.07 -6.74 27.92
CA LYS C 146 3.34 -6.65 28.62
C LYS C 146 3.88 -8.03 28.91
N TRP C 147 5.20 -8.16 28.84
CA TRP C 147 5.91 -9.40 29.12
C TRP C 147 7.24 -9.02 29.74
N ARG C 148 7.51 -9.52 30.93
CA ARG C 148 8.71 -9.15 31.68
C ARG C 148 9.64 -10.35 31.80
N SER C 149 10.82 -10.23 31.23
CA SER C 149 11.90 -11.18 31.44
C SER C 149 13.10 -10.44 32.01
N VAL C 150 13.96 -11.18 32.71
CA VAL C 150 15.07 -10.58 33.43
C VAL C 150 16.37 -11.28 33.06
N VAL C 151 17.47 -10.56 33.25
CA VAL C 151 18.81 -11.13 33.26
C VAL C 151 19.52 -10.60 34.49
N SER C 152 20.36 -11.44 35.09
CA SER C 152 21.07 -11.10 36.31
C SER C 152 22.56 -11.01 36.02
N ILE C 153 23.13 -9.82 36.26
CA ILE C 153 24.57 -9.66 36.13
C ILE C 153 25.33 -10.59 37.07
N PRO C 154 24.95 -10.75 38.36
CA PRO C 154 25.69 -11.68 39.23
C PRO C 154 25.90 -13.06 38.62
N HIS C 155 24.96 -13.56 37.83
CA HIS C 155 25.09 -14.85 37.19
C HIS C 155 25.67 -14.76 35.79
N GLY C 156 26.08 -13.58 35.35
CA GLY C 156 26.69 -13.42 34.05
C GLY C 156 26.13 -12.23 33.29
N PRO C 157 24.96 -12.40 32.66
CA PRO C 157 24.14 -13.61 32.65
C PRO C 157 24.73 -14.70 31.76
N SER C 158 24.26 -15.93 31.93
CA SER C 158 24.76 -17.02 31.10
C SER C 158 24.18 -16.92 29.70
N ILE C 159 24.81 -17.63 28.77
CA ILE C 159 24.42 -17.56 27.36
C ILE C 159 22.96 -17.99 27.19
N ILE C 160 22.60 -19.15 27.75
CA ILE C 160 21.27 -19.68 27.50
C ILE C 160 20.21 -18.87 28.23
N ALA C 161 20.56 -18.25 29.36
CA ALA C 161 19.59 -17.43 30.06
C ALA C 161 19.30 -16.14 29.30
N ALA C 162 20.35 -15.47 28.81
CA ALA C 162 20.13 -14.27 28.01
C ALA C 162 19.45 -14.61 26.69
N ARG C 163 19.72 -15.79 26.13
CA ARG C 163 19.07 -16.19 24.90
C ARG C 163 17.57 -16.35 25.10
N ASP C 164 17.16 -17.08 26.14
CA ASP C 164 15.72 -17.31 26.31
C ASP C 164 14.98 -16.03 26.64
N CYS C 165 15.62 -15.10 27.34
CA CYS C 165 15.06 -13.78 27.54
C CYS C 165 14.73 -13.12 26.21
N ALA C 166 15.74 -13.01 25.34
CA ALA C 166 15.54 -12.40 24.03
C ALA C 166 14.57 -13.20 23.18
N TYR C 167 14.77 -14.51 23.11
CA TYR C 167 13.99 -15.36 22.21
C TYR C 167 12.53 -15.39 22.60
N GLY C 168 12.25 -15.49 23.90
CA GLY C 168 10.87 -15.50 24.36
C GLY C 168 10.18 -14.17 24.12
N LEU C 169 10.89 -13.06 24.33
CA LEU C 169 10.32 -11.75 24.06
C LEU C 169 9.98 -11.60 22.59
N ALA C 170 10.88 -12.08 21.70
CA ALA C 170 10.63 -11.98 20.28
C ALA C 170 9.47 -12.86 19.84
N ARG C 171 9.40 -14.10 20.35
CA ARG C 171 8.24 -14.95 20.06
C ARG C 171 6.96 -14.27 20.52
N TYR C 172 6.99 -13.67 21.71
CA TYR C 172 5.79 -13.04 22.26
C TYR C 172 5.40 -11.80 21.48
N ALA C 173 6.38 -11.01 21.05
CA ALA C 173 6.08 -9.80 20.27
C ALA C 173 5.33 -10.14 18.99
N ALA C 174 5.79 -11.17 18.27
CA ALA C 174 5.08 -11.57 17.05
C ALA C 174 3.68 -12.06 17.37
N ILE C 175 3.52 -12.85 18.43
CA ILE C 175 2.21 -13.38 18.79
C ILE C 175 1.26 -12.25 19.16
N ALA C 176 1.73 -11.30 19.98
CA ALA C 176 0.87 -10.20 20.42
C ALA C 176 0.42 -9.34 19.25
N GLN C 177 1.34 -9.03 18.33
CA GLN C 177 0.97 -8.22 17.17
C GLN C 177 -0.08 -8.90 16.32
N ASN C 178 0.04 -10.23 16.13
CA ASN C 178 -0.93 -10.95 15.32
C ASN C 178 -2.31 -11.01 15.97
N ALA C 179 -2.40 -10.80 17.29
CA ALA C 179 -3.67 -10.71 17.98
C ALA C 179 -4.15 -9.28 18.16
N GLY C 180 -3.36 -8.30 17.73
CA GLY C 180 -3.78 -6.91 17.79
C GLY C 180 -3.36 -6.15 19.02
N LEU C 181 -2.36 -6.62 19.76
CA LEU C 181 -1.84 -5.93 20.92
C LEU C 181 -0.42 -5.44 20.64
N VAL C 182 -0.15 -4.18 20.98
CA VAL C 182 1.19 -3.63 20.87
C VAL C 182 2.04 -4.24 21.97
N PRO C 183 3.08 -5.01 21.64
CA PRO C 183 3.89 -5.65 22.68
C PRO C 183 4.85 -4.67 23.32
N ILE C 184 4.81 -4.59 24.65
CA ILE C 184 5.83 -3.89 25.42
C ILE C 184 6.95 -4.88 25.70
N VAL C 185 8.13 -4.62 25.16
CA VAL C 185 9.27 -5.54 25.25
C VAL C 185 10.10 -5.13 26.47
N GLU C 186 10.14 -6.01 27.48
CA GLU C 186 10.79 -5.70 28.76
C GLU C 186 11.83 -6.76 29.10
N PRO C 187 13.07 -6.59 28.66
CA PRO C 187 14.16 -7.41 29.19
C PRO C 187 14.91 -6.67 30.28
N GLU C 188 14.47 -6.83 31.52
CA GLU C 188 14.99 -6.02 32.61
C GLU C 188 16.36 -6.52 33.03
N VAL C 189 17.38 -5.72 32.78
CA VAL C 189 18.68 -5.93 33.41
C VAL C 189 18.53 -5.59 34.89
N LEU C 190 18.63 -6.62 35.75
CA LEU C 190 18.39 -6.42 37.17
C LEU C 190 19.44 -5.53 37.78
N LEU C 191 19.06 -4.86 38.87
CA LEU C 191 20.00 -4.06 39.64
C LEU C 191 20.90 -4.89 40.54
N ASP C 192 20.55 -6.17 40.75
CA ASP C 192 21.25 -7.01 41.71
C ASP C 192 22.75 -7.00 41.48
N GLY C 193 23.50 -6.96 42.58
CA GLY C 193 24.95 -7.09 42.55
C GLY C 193 25.64 -5.76 42.81
N GLU C 194 26.97 -5.83 42.71
CA GLU C 194 27.85 -4.69 42.96
C GLU C 194 28.40 -4.07 41.68
N HIS C 195 27.99 -4.56 40.52
CA HIS C 195 28.55 -4.11 39.25
C HIS C 195 28.45 -2.60 39.10
N ASP C 196 29.40 -2.02 38.37
CA ASP C 196 29.37 -0.60 38.08
C ASP C 196 28.46 -0.32 36.88
N ILE C 197 28.36 0.96 36.51
CA ILE C 197 27.45 1.36 35.45
C ILE C 197 27.91 0.82 34.10
N ASP C 198 29.22 0.69 33.89
CA ASP C 198 29.72 0.21 32.61
C ASP C 198 29.37 -1.26 32.38
N ARG C 199 29.35 -2.07 33.44
CA ARG C 199 28.93 -3.45 33.29
C ARG C 199 27.44 -3.54 32.96
N CYS C 200 26.64 -2.63 33.51
CA CYS C 200 25.22 -2.58 33.16
C CYS C 200 25.04 -2.17 31.70
N LEU C 201 25.79 -1.16 31.26
CA LEU C 201 25.77 -0.76 29.86
C LEU C 201 26.13 -1.93 28.95
N GLU C 202 27.15 -2.70 29.34
CA GLU C 202 27.58 -3.83 28.54
C GLU C 202 26.46 -4.87 28.43
N VAL C 203 25.83 -5.21 29.55
CA VAL C 203 24.77 -6.22 29.54
C VAL C 203 23.54 -5.68 28.82
N GLN C 204 23.22 -4.40 29.00
CA GLN C 204 22.08 -3.80 28.31
C GLN C 204 22.26 -3.85 26.80
N GLU C 205 23.46 -3.51 26.32
CA GLU C 205 23.69 -3.51 24.88
C GLU C 205 23.62 -4.91 24.28
N ALA C 206 24.06 -5.92 25.02
CA ALA C 206 24.03 -7.29 24.51
C ALA C 206 22.59 -7.82 24.47
N ILE C 207 21.84 -7.62 25.54
CA ILE C 207 20.48 -8.15 25.58
C ILE C 207 19.59 -7.42 24.58
N TRP C 208 19.89 -6.15 24.29
CA TRP C 208 19.06 -5.41 23.34
C TRP C 208 19.39 -5.76 21.90
N ALA C 209 20.68 -5.94 21.59
CA ALA C 209 21.06 -6.39 20.26
C ALA C 209 20.44 -7.75 19.95
N GLU C 210 20.53 -8.68 20.91
CA GLU C 210 20.02 -10.02 20.69
C GLU C 210 18.50 -10.04 20.58
N THR C 211 17.82 -9.19 21.35
CA THR C 211 16.37 -9.16 21.31
C THR C 211 15.86 -8.55 20.01
N PHE C 212 16.56 -7.53 19.50
CA PHE C 212 16.14 -6.93 18.23
C PHE C 212 16.47 -7.83 17.04
N LYS C 213 17.53 -8.62 17.14
CA LYS C 213 17.84 -9.56 16.07
C LYS C 213 16.78 -10.65 15.96
N TYR C 214 16.39 -11.23 17.10
CA TYR C 214 15.33 -12.23 17.09
C TYR C 214 14.00 -11.63 16.64
N MET C 215 13.72 -10.40 17.05
CA MET C 215 12.49 -9.75 16.62
C MET C 215 12.50 -9.48 15.12
N ALA C 216 13.66 -9.12 14.57
CA ALA C 216 13.77 -8.96 13.13
C ALA C 216 13.58 -10.30 12.41
N ASP C 217 14.14 -11.38 12.96
CA ASP C 217 13.94 -12.70 12.37
C ASP C 217 12.46 -13.08 12.35
N ASN C 218 11.73 -12.71 13.39
CA ASN C 218 10.31 -13.05 13.52
C ASN C 218 9.40 -12.11 12.75
N LYS C 219 9.95 -11.19 11.94
CA LYS C 219 9.17 -10.26 11.14
C LYS C 219 8.25 -9.38 12.00
N VAL C 220 8.70 -9.06 13.21
CA VAL C 220 7.98 -8.14 14.07
C VAL C 220 8.03 -6.74 13.45
N MET C 221 6.89 -6.06 13.41
CA MET C 221 6.83 -4.69 12.90
C MET C 221 7.27 -3.71 13.99
N PHE C 222 8.40 -3.04 13.78
CA PHE C 222 8.97 -2.21 14.85
C PHE C 222 8.15 -0.94 15.09
N GLU C 223 7.42 -0.48 14.08
CA GLU C 223 6.60 0.71 14.27
C GLU C 223 5.43 0.46 15.22
N GLY C 224 5.19 -0.79 15.60
CA GLY C 224 4.11 -1.13 16.51
C GLY C 224 4.57 -1.92 17.71
N ILE C 225 5.73 -1.56 18.27
CA ILE C 225 6.17 -2.10 19.54
C ILE C 225 6.56 -0.95 20.45
N LEU C 226 6.63 -1.23 21.74
CA LEU C 226 7.13 -0.31 22.74
C LEU C 226 8.18 -1.00 23.58
N LEU C 227 9.16 -0.24 24.04
CA LEU C 227 10.26 -0.76 24.85
C LEU C 227 10.06 -0.35 26.30
N LYS C 228 10.36 -1.27 27.21
CA LYS C 228 10.42 -0.98 28.65
C LYS C 228 11.72 -1.53 29.19
N PRO C 229 12.82 -0.81 29.02
CA PRO C 229 14.09 -1.24 29.59
C PRO C 229 14.29 -0.70 31.01
N ALA C 230 15.24 -1.32 31.70
CA ALA C 230 15.81 -0.67 32.86
C ALA C 230 16.73 0.45 32.40
N MET C 231 16.83 1.49 33.21
CA MET C 231 17.85 2.49 32.97
C MET C 231 19.24 1.88 33.18
N VAL C 232 20.24 2.50 32.57
CA VAL C 232 21.62 2.09 32.76
C VAL C 232 22.14 2.82 34.01
N THR C 233 22.22 2.10 35.12
CA THR C 233 22.67 2.59 36.41
C THR C 233 23.64 1.59 37.01
N PRO C 234 24.44 2.00 37.98
CA PRO C 234 25.27 1.04 38.72
C PRO C 234 24.40 0.08 39.51
N GLY C 235 25.03 -1.00 39.97
CA GLY C 235 24.31 -2.03 40.69
C GLY C 235 23.81 -1.55 42.05
N ALA C 236 22.87 -2.32 42.60
CA ALA C 236 22.20 -1.92 43.83
C ALA C 236 23.17 -1.88 45.00
N ASP C 237 24.15 -2.79 45.02
CA ASP C 237 25.15 -2.84 46.08
C ASP C 237 26.49 -2.29 45.63
N CYS C 238 26.49 -1.37 44.66
CA CYS C 238 27.70 -0.73 44.18
C CYS C 238 27.89 0.61 44.88
N LYS C 239 29.10 0.86 45.38
CA LYS C 239 29.34 2.05 46.19
C LYS C 239 29.56 3.30 45.35
N ASN C 240 30.05 3.16 44.11
CA ASN C 240 30.22 4.29 43.21
C ASN C 240 28.88 4.51 42.50
N LYS C 241 28.24 5.65 42.78
CA LYS C 241 26.91 5.95 42.30
C LYS C 241 26.97 6.86 41.07
N ALA C 242 25.78 7.20 40.57
CA ALA C 242 25.67 8.00 39.35
C ALA C 242 24.45 8.92 39.48
N GLY C 243 24.69 10.23 39.33
CA GLY C 243 23.62 11.18 39.39
C GLY C 243 22.76 11.15 38.14
N PRO C 244 21.75 12.01 38.10
CA PRO C 244 20.84 12.02 36.94
C PRO C 244 21.54 12.30 35.62
N ALA C 245 22.53 13.20 35.61
CA ALA C 245 23.23 13.51 34.36
C ALA C 245 24.00 12.30 33.84
N LYS C 246 24.61 11.52 34.74
CA LYS C 246 25.38 10.37 34.30
C LYS C 246 24.46 9.24 33.82
N VAL C 247 23.42 8.93 34.61
CA VAL C 247 22.46 7.93 34.20
C VAL C 247 21.83 8.29 32.85
N ALA C 248 21.68 9.59 32.58
CA ALA C 248 21.09 10.02 31.32
C ALA C 248 22.00 9.73 30.13
N GLU C 249 23.29 10.03 30.25
CA GLU C 249 24.16 9.89 29.09
C GLU C 249 24.48 8.43 28.80
N TYR C 250 24.65 7.62 29.84
CA TYR C 250 24.84 6.19 29.64
C TYR C 250 23.59 5.56 29.03
N THR C 251 22.41 5.94 29.54
CA THR C 251 21.17 5.32 29.08
C THR C 251 20.84 5.73 27.65
N LEU C 252 21.04 7.00 27.30
CA LEU C 252 20.67 7.47 25.98
C LEU C 252 21.58 6.89 24.90
N LYS C 253 22.88 6.79 25.19
CA LYS C 253 23.78 6.23 24.18
C LYS C 253 23.57 4.73 24.02
N MET C 254 23.24 4.03 25.11
CA MET C 254 22.78 2.65 24.98
C MET C 254 21.61 2.55 24.02
N LEU C 255 20.64 3.47 24.14
CA LEU C 255 19.44 3.42 23.31
C LEU C 255 19.76 3.75 21.86
N ARG C 256 20.52 4.83 21.63
CA ARG C 256 20.85 5.21 20.26
C ARG C 256 21.70 4.17 19.56
N ARG C 257 22.34 3.28 20.31
CA ARG C 257 23.20 2.26 19.73
C ARG C 257 22.45 0.97 19.39
N ARG C 258 21.22 0.79 19.85
CA ARG C 258 20.54 -0.49 19.67
C ARG C 258 19.11 -0.38 19.16
N VAL C 259 18.45 0.75 19.32
CA VAL C 259 17.03 0.87 18.98
C VAL C 259 16.95 1.56 17.62
N PRO C 260 16.27 0.99 16.62
CA PRO C 260 16.11 1.70 15.36
C PRO C 260 15.03 2.78 15.46
N PRO C 261 15.10 3.82 14.63
CA PRO C 261 14.14 4.93 14.74
C PRO C 261 12.69 4.53 14.52
N ALA C 262 12.44 3.37 13.91
CA ALA C 262 11.06 2.95 13.71
C ALA C 262 10.33 2.70 15.02
N VAL C 263 11.05 2.41 16.11
CA VAL C 263 10.40 2.15 17.40
C VAL C 263 9.87 3.47 17.97
N PRO C 264 8.60 3.57 18.28
CA PRO C 264 8.07 4.90 18.67
C PRO C 264 8.37 5.34 20.09
N GLY C 265 8.40 4.42 21.05
CA GLY C 265 8.40 4.81 22.46
C GLY C 265 9.24 3.88 23.31
N ILE C 266 9.92 4.47 24.29
CA ILE C 266 10.76 3.75 25.23
C ILE C 266 10.36 4.22 26.63
N MET C 267 9.69 3.33 27.38
CA MET C 267 9.06 3.68 28.66
C MET C 267 9.78 2.95 29.78
N PHE C 268 10.53 3.68 30.60
CA PHE C 268 11.43 3.08 31.56
C PHE C 268 10.71 2.57 32.80
N LEU C 269 11.21 1.45 33.31
CA LEU C 269 10.88 1.03 34.67
C LEU C 269 11.75 1.80 35.65
N SER C 270 11.19 2.09 36.83
CA SER C 270 12.02 2.71 37.86
C SER C 270 12.88 1.66 38.55
N GLY C 271 12.26 0.54 38.97
CA GLY C 271 13.00 -0.60 39.44
C GLY C 271 13.90 -0.35 40.64
N GLY C 272 13.30 0.06 41.76
CA GLY C 272 14.04 0.15 43.01
C GLY C 272 14.73 1.46 43.26
N GLN C 273 14.56 2.46 42.41
CA GLN C 273 15.05 3.79 42.75
C GLN C 273 13.94 4.58 43.42
N SER C 274 14.31 5.70 44.04
CA SER C 274 13.33 6.52 44.73
C SER C 274 12.45 7.25 43.72
N GLU C 275 11.38 7.86 44.22
CA GLU C 275 10.44 8.54 43.35
C GLU C 275 11.00 9.85 42.81
N LEU C 276 11.91 10.49 43.54
CA LEU C 276 12.57 11.67 43.01
C LEU C 276 13.68 11.26 42.04
N GLU C 277 14.40 10.18 42.32
CA GLU C 277 15.46 9.73 41.44
C GLU C 277 14.91 9.29 40.10
N SER C 278 13.74 8.63 40.11
CA SER C 278 13.11 8.23 38.84
C SER C 278 12.74 9.45 38.02
N THR C 279 12.20 10.49 38.67
CA THR C 279 11.81 11.70 37.97
C THR C 279 13.03 12.46 37.45
N LEU C 280 14.06 12.60 38.28
CA LEU C 280 15.25 13.33 37.87
C LEU C 280 15.94 12.65 36.69
N ASN C 281 15.98 11.31 36.71
CA ASN C 281 16.65 10.57 35.64
C ASN C 281 15.93 10.75 34.31
N LEU C 282 14.60 10.62 34.31
CA LEU C 282 13.84 10.86 33.09
C LEU C 282 13.98 12.30 32.63
N ASN C 283 13.91 13.25 33.57
CA ASN C 283 14.02 14.67 33.21
C ASN C 283 15.36 14.96 32.55
N ALA C 284 16.44 14.34 33.04
CA ALA C 284 17.76 14.59 32.47
C ALA C 284 17.90 14.01 31.06
N MET C 285 17.10 13.02 30.69
CA MET C 285 17.15 12.43 29.37
C MET C 285 16.32 13.20 28.35
N ASN C 286 15.61 14.25 28.77
CA ASN C 286 14.73 15.00 27.89
C ASN C 286 15.07 16.48 27.88
N GLN C 287 16.36 16.79 28.03
CA GLN C 287 16.85 18.15 27.88
C GLN C 287 17.09 18.53 26.42
N SER C 288 17.11 17.55 25.52
CA SER C 288 17.25 17.77 24.09
C SER C 288 16.48 16.67 23.37
N PRO C 289 16.09 16.90 22.11
CA PRO C 289 15.22 15.93 21.42
C PRO C 289 15.83 14.53 21.36
N ASN C 290 14.95 13.55 21.25
CA ASN C 290 15.34 12.14 21.12
C ASN C 290 14.74 11.57 19.84
N PRO C 291 15.38 10.55 19.24
CA PRO C 291 14.82 9.93 18.04
C PRO C 291 13.53 9.15 18.28
N TRP C 292 13.23 8.85 19.53
CA TRP C 292 11.95 8.23 19.93
C TRP C 292 11.48 8.88 21.22
N HIS C 293 10.22 8.70 21.56
CA HIS C 293 9.70 9.20 22.83
C HIS C 293 10.33 8.43 23.98
N VAL C 294 11.00 9.14 24.87
CA VAL C 294 11.63 8.57 26.06
C VAL C 294 10.80 8.96 27.27
N SER C 295 10.14 7.98 27.89
CA SER C 295 9.16 8.27 28.94
C SER C 295 9.24 7.26 30.07
N PHE C 296 8.13 7.02 30.77
CA PHE C 296 8.10 6.22 31.98
C PHE C 296 6.99 5.18 31.92
N SER C 297 7.20 4.11 32.70
CA SER C 297 6.19 3.08 32.92
C SER C 297 6.38 2.59 34.36
N TYR C 298 5.72 3.27 35.29
CA TYR C 298 6.03 3.14 36.71
C TYR C 298 4.90 2.44 37.47
N ALA C 299 5.28 1.69 38.50
CA ALA C 299 4.31 1.08 39.39
C ALA C 299 4.39 1.79 40.73
N ARG C 300 5.26 1.35 41.66
CA ARG C 300 5.27 1.94 42.99
C ARG C 300 5.67 3.40 42.97
N ALA C 301 6.55 3.80 42.04
CA ALA C 301 6.93 5.20 41.93
C ALA C 301 5.74 6.10 41.64
N LEU C 302 4.63 5.55 41.15
CA LEU C 302 3.37 6.26 41.02
C LEU C 302 2.34 5.83 42.06
N GLN C 303 2.40 4.59 42.54
CA GLN C 303 1.37 4.04 43.42
C GLN C 303 1.67 4.23 44.90
N ASN C 304 2.94 4.36 45.28
CA ASN C 304 3.30 4.39 46.69
C ASN C 304 2.56 5.48 47.45
N THR C 305 2.65 6.72 46.96
CA THR C 305 1.99 7.82 47.66
C THR C 305 0.47 7.69 47.63
N VAL C 306 -0.07 6.96 46.66
CA VAL C 306 -1.52 6.78 46.58
C VAL C 306 -2.00 5.84 47.69
N LEU C 307 -1.32 4.71 47.86
CA LEU C 307 -1.70 3.76 48.90
C LEU C 307 -1.57 4.39 50.28
N LYS C 308 -0.47 5.10 50.53
CA LYS C 308 -0.25 5.68 51.85
C LYS C 308 -1.11 6.90 52.12
N THR C 309 -1.61 7.56 51.08
CA THR C 309 -2.62 8.60 51.28
C THR C 309 -4.01 8.00 51.42
N TRP C 310 -4.27 6.91 50.69
CA TRP C 310 -5.56 6.23 50.81
C TRP C 310 -5.74 5.64 52.21
N GLN C 311 -4.76 4.87 52.66
CA GLN C 311 -4.84 4.11 53.91
C GLN C 311 -6.17 3.39 54.05
N GLY C 312 -6.78 3.02 52.91
CA GLY C 312 -7.98 2.23 52.87
C GLY C 312 -9.28 2.97 53.17
N LYS C 313 -9.22 4.19 53.72
CA LYS C 313 -10.42 4.87 54.22
C LYS C 313 -11.10 5.66 53.11
N PRO C 314 -12.43 5.54 52.94
CA PRO C 314 -13.10 6.20 51.82
C PRO C 314 -13.09 7.73 51.87
N GLU C 315 -12.88 8.33 53.05
CA GLU C 315 -12.83 9.78 53.13
C GLU C 315 -11.51 10.35 52.59
N ASN C 316 -10.52 9.51 52.33
CA ASN C 316 -9.25 9.92 51.77
C ASN C 316 -9.12 9.64 50.29
N VAL C 317 -10.22 9.27 49.64
CA VAL C 317 -10.16 8.87 48.23
C VAL C 317 -9.78 10.05 47.36
N GLN C 318 -10.32 11.24 47.66
CA GLN C 318 -9.99 12.42 46.85
C GLN C 318 -8.54 12.84 47.04
N ALA C 319 -8.03 12.79 48.28
CA ALA C 319 -6.64 13.12 48.51
C ALA C 319 -5.70 12.10 47.90
N ALA C 320 -6.10 10.82 47.88
CA ALA C 320 -5.28 9.79 47.25
C ALA C 320 -5.25 9.97 45.75
N GLN C 321 -6.38 10.36 45.14
CA GLN C 321 -6.40 10.62 43.71
C GLN C 321 -5.62 11.87 43.35
N ALA C 322 -5.64 12.88 44.23
CA ALA C 322 -4.83 14.06 44.00
C ALA C 322 -3.34 13.76 44.09
N ALA C 323 -2.96 12.83 44.98
CA ALA C 323 -1.55 12.45 45.09
C ALA C 323 -1.08 11.71 43.85
N LEU C 324 -1.97 10.94 43.21
CA LEU C 324 -1.60 10.25 41.97
C LEU C 324 -1.42 11.26 40.84
N LEU C 325 -2.37 12.19 40.69
CA LEU C 325 -2.26 13.20 39.66
C LEU C 325 -1.02 14.07 39.87
N LYS C 326 -0.64 14.32 41.12
CA LYS C 326 0.56 15.10 41.39
C LYS C 326 1.82 14.31 41.01
N ARG C 327 1.86 13.03 41.35
CA ARG C 327 3.01 12.21 40.99
C ARG C 327 3.06 11.97 39.49
N ALA C 328 1.90 11.83 38.84
CA ALA C 328 1.88 11.68 37.39
C ALA C 328 2.32 12.95 36.70
N LYS C 329 1.97 14.11 37.26
CA LYS C 329 2.36 15.38 36.63
C LYS C 329 3.87 15.58 36.68
N ALA C 330 4.50 15.20 37.79
CA ALA C 330 5.95 15.36 37.91
C ALA C 330 6.69 14.59 36.83
N ASN C 331 6.25 13.36 36.55
CA ASN C 331 6.92 12.57 35.53
C ASN C 331 6.56 13.00 34.11
N SER C 332 5.35 13.55 33.93
CA SER C 332 5.01 14.16 32.65
C SER C 332 5.89 15.36 32.37
N ASP C 333 6.17 16.16 33.42
CA ASP C 333 7.11 17.26 33.30
C ASP C 333 8.51 16.75 32.98
N ALA C 334 8.91 15.64 33.62
CA ALA C 334 10.23 15.06 33.36
C ALA C 334 10.34 14.59 31.92
N GLN C 335 9.28 13.99 31.36
CA GLN C 335 9.33 13.55 29.98
C GLN C 335 9.56 14.71 29.03
N GLN C 336 9.13 15.91 29.40
CA GLN C 336 9.37 17.09 28.58
C GLN C 336 10.59 17.88 29.04
N GLY C 337 11.35 17.36 30.00
CA GLY C 337 12.50 18.08 30.50
C GLY C 337 12.21 19.38 31.22
N LYS C 338 10.95 19.62 31.60
CA LYS C 338 10.55 20.86 32.27
C LYS C 338 10.28 20.66 33.75
N TYR C 339 10.89 19.65 34.36
CA TYR C 339 10.74 19.38 35.78
C TYR C 339 11.78 20.16 36.58
N ASP C 340 11.40 20.56 37.79
CA ASP C 340 12.32 21.10 38.79
C ASP C 340 11.60 21.28 40.12
N LYS D 11 -31.42 20.00 -44.20
CA LYS D 11 -31.42 19.66 -45.61
C LYS D 11 -32.15 18.35 -45.89
N TYR D 12 -31.73 17.28 -45.21
CA TYR D 12 -32.43 16.00 -45.30
C TYR D 12 -33.69 15.97 -44.46
N ASP D 13 -34.13 17.12 -43.95
CA ASP D 13 -35.18 17.15 -42.93
C ASP D 13 -36.46 16.49 -43.44
N GLU D 14 -36.90 16.86 -44.65
CA GLU D 14 -38.08 16.22 -45.22
C GLU D 14 -37.86 14.72 -45.39
N GLU D 15 -36.68 14.33 -45.88
CA GLU D 15 -36.40 12.92 -46.13
C GLU D 15 -36.39 12.12 -44.83
N LEU D 16 -35.71 12.65 -43.80
CA LEU D 16 -35.63 11.94 -42.52
C LEU D 16 -37.01 11.73 -41.92
N ILE D 17 -37.84 12.78 -41.90
CA ILE D 17 -39.20 12.64 -41.38
C ILE D 17 -39.97 11.61 -42.17
N LYS D 18 -39.75 11.55 -43.49
CA LYS D 18 -40.44 10.59 -44.32
C LYS D 18 -40.03 9.16 -43.98
N THR D 19 -38.72 8.89 -43.95
CA THR D 19 -38.22 7.57 -43.60
C THR D 19 -38.76 7.12 -42.24
N ALA D 20 -38.71 8.01 -41.25
CA ALA D 20 -39.16 7.66 -39.91
C ALA D 20 -40.64 7.29 -39.90
N GLY D 21 -41.45 7.99 -40.69
CA GLY D 21 -42.87 7.67 -40.75
C GLY D 21 -43.15 6.36 -41.45
N THR D 22 -42.38 6.04 -42.49
CA THR D 22 -42.53 4.76 -43.17
C THR D 22 -42.19 3.61 -42.23
N VAL D 23 -41.07 3.73 -41.51
CA VAL D 23 -40.66 2.66 -40.60
C VAL D 23 -41.60 2.58 -39.40
N ALA D 24 -42.07 3.73 -38.91
CA ALA D 24 -43.01 3.74 -37.80
C ALA D 24 -44.44 3.59 -38.28
N SER D 25 -44.69 2.58 -39.10
CA SER D 25 -46.03 2.34 -39.65
C SER D 25 -46.83 1.44 -38.72
N LYS D 26 -48.15 1.52 -38.86
CA LYS D 26 -49.02 0.67 -38.08
C LYS D 26 -48.87 -0.79 -38.51
N GLY D 27 -48.82 -1.68 -37.52
CA GLY D 27 -48.74 -3.10 -37.79
C GLY D 27 -47.48 -3.54 -38.52
N ARG D 28 -46.40 -2.77 -38.44
CA ARG D 28 -45.15 -3.14 -39.07
C ARG D 28 -44.00 -2.87 -38.11
N GLY D 29 -42.98 -3.74 -38.17
CA GLY D 29 -41.78 -3.57 -37.37
C GLY D 29 -40.53 -3.79 -38.19
N ILE D 30 -39.37 -3.82 -37.55
CA ILE D 30 -38.10 -3.96 -38.25
C ILE D 30 -37.60 -5.39 -38.11
N LEU D 31 -37.08 -5.93 -39.20
CA LEU D 31 -36.32 -7.18 -39.16
C LEU D 31 -34.84 -6.85 -39.07
N ALA D 32 -34.20 -7.27 -38.00
CA ALA D 32 -32.78 -7.01 -37.79
C ALA D 32 -31.98 -8.17 -38.39
N MET D 33 -31.15 -7.88 -39.40
CA MET D 33 -30.33 -8.89 -40.05
C MET D 33 -28.87 -8.49 -40.14
N ASP D 34 -28.41 -7.59 -39.27
CA ASP D 34 -27.08 -6.98 -39.42
C ASP D 34 -25.98 -7.77 -38.72
N GLU D 35 -26.05 -9.09 -38.71
CA GLU D 35 -25.02 -9.87 -38.05
C GLU D 35 -23.69 -9.73 -38.79
N SER D 36 -22.60 -9.75 -38.03
CA SER D 36 -21.27 -9.82 -38.63
C SER D 36 -21.13 -11.08 -39.48
N ASN D 37 -20.11 -11.10 -40.33
CA ASN D 37 -19.81 -12.31 -41.08
C ASN D 37 -19.49 -13.48 -40.15
N ALA D 38 -18.81 -13.20 -39.04
CA ALA D 38 -18.51 -14.26 -38.09
C ALA D 38 -19.75 -14.68 -37.31
N THR D 39 -20.56 -13.72 -36.86
CA THR D 39 -21.76 -14.07 -36.11
C THR D 39 -22.74 -14.84 -36.98
N CYS D 40 -22.95 -14.38 -38.21
CA CYS D 40 -23.75 -15.15 -39.17
C CYS D 40 -23.14 -16.51 -39.41
N GLY D 41 -21.82 -16.63 -39.26
CA GLY D 41 -21.18 -17.93 -39.36
C GLY D 41 -21.56 -18.85 -38.21
N LYS D 42 -21.48 -18.34 -36.98
CA LYS D 42 -21.89 -19.15 -35.84
C LYS D 42 -23.37 -19.50 -35.91
N ARG D 43 -24.18 -18.61 -36.48
CA ARG D 43 -25.61 -18.86 -36.67
C ARG D 43 -25.88 -19.82 -37.82
N LEU D 44 -24.94 -19.93 -38.78
CA LEU D 44 -25.11 -20.86 -39.89
C LEU D 44 -24.68 -22.27 -39.52
N ASP D 45 -23.68 -22.42 -38.66
CA ASP D 45 -23.22 -23.73 -38.25
C ASP D 45 -24.14 -24.38 -37.21
N SER D 46 -25.09 -23.63 -36.65
CA SER D 46 -26.14 -24.24 -35.84
C SER D 46 -27.00 -25.18 -36.66
N ILE D 47 -27.06 -25.00 -37.98
CA ILE D 47 -27.74 -25.90 -38.88
C ILE D 47 -26.75 -26.58 -39.83
N GLY D 48 -25.46 -26.57 -39.49
CA GLY D 48 -24.46 -27.28 -40.25
C GLY D 48 -24.26 -26.77 -41.67
N VAL D 49 -24.23 -25.45 -41.84
CA VAL D 49 -24.02 -24.82 -43.14
C VAL D 49 -22.69 -24.08 -43.10
N GLU D 50 -21.86 -24.28 -44.12
CA GLU D 50 -20.53 -23.69 -44.14
C GLU D 50 -20.63 -22.18 -44.33
N ASN D 51 -19.73 -21.45 -43.67
CA ASN D 51 -19.76 -19.98 -43.68
C ASN D 51 -18.93 -19.48 -44.87
N THR D 52 -19.58 -19.44 -46.03
CA THR D 52 -19.04 -18.81 -47.22
C THR D 52 -19.81 -17.53 -47.48
N GLU D 53 -19.21 -16.64 -48.29
CA GLU D 53 -19.93 -15.42 -48.66
C GLU D 53 -21.17 -15.75 -49.48
N GLU D 54 -21.16 -16.85 -50.23
CA GLU D 54 -22.32 -17.23 -51.03
C GLU D 54 -23.46 -17.72 -50.14
N ASN D 55 -23.13 -18.49 -49.10
CA ASN D 55 -24.18 -18.99 -48.21
C ASN D 55 -24.78 -17.87 -47.39
N ARG D 56 -23.95 -16.94 -46.91
CA ARG D 56 -24.49 -15.74 -46.26
C ARG D 56 -25.36 -14.95 -47.23
N ARG D 57 -24.89 -14.76 -48.47
CA ARG D 57 -25.69 -14.07 -49.47
C ARG D 57 -26.99 -14.81 -49.75
N ALA D 58 -26.93 -16.13 -49.84
CA ALA D 58 -28.14 -16.92 -50.09
C ALA D 58 -29.11 -16.79 -48.92
N TYR D 59 -28.62 -16.88 -47.69
CA TYR D 59 -29.50 -16.78 -46.54
C TYR D 59 -30.13 -15.40 -46.43
N ARG D 60 -29.35 -14.36 -46.71
CA ARG D 60 -29.91 -13.01 -46.68
C ARG D 60 -30.93 -12.82 -47.79
N GLU D 61 -30.65 -13.36 -48.98
CA GLU D 61 -31.65 -13.31 -50.06
C GLU D 61 -32.92 -14.01 -49.65
N LEU D 62 -32.80 -15.20 -49.07
CA LEU D 62 -33.97 -15.92 -48.55
C LEU D 62 -34.84 -15.01 -47.70
N LEU D 63 -34.21 -14.19 -46.84
CA LEU D 63 -34.97 -13.35 -45.92
C LEU D 63 -35.67 -12.21 -46.65
N VAL D 64 -34.93 -11.46 -47.48
CA VAL D 64 -35.52 -10.26 -48.08
C VAL D 64 -36.52 -10.58 -49.18
N THR D 65 -36.49 -11.79 -49.74
CA THR D 65 -37.44 -12.18 -50.78
C THR D 65 -38.58 -13.02 -50.26
N ALA D 66 -38.72 -13.16 -48.93
CA ALA D 66 -39.86 -13.87 -48.38
C ALA D 66 -41.16 -13.23 -48.87
N PRO D 67 -42.18 -14.02 -49.24
CA PRO D 67 -43.29 -13.51 -50.04
C PRO D 67 -43.96 -12.24 -49.54
N GLY D 68 -44.69 -12.31 -48.44
CA GLY D 68 -45.46 -11.17 -47.96
C GLY D 68 -44.85 -10.40 -46.80
N LEU D 69 -43.52 -10.18 -46.84
CA LEU D 69 -42.85 -9.50 -45.73
C LEU D 69 -43.34 -8.08 -45.57
N GLY D 70 -43.44 -7.33 -46.67
CA GLY D 70 -43.79 -5.93 -46.64
C GLY D 70 -45.09 -5.59 -45.93
N GLN D 71 -45.92 -6.59 -45.67
CA GLN D 71 -47.13 -6.35 -44.87
C GLN D 71 -46.81 -6.12 -43.41
N TYR D 72 -45.77 -6.78 -42.90
CA TYR D 72 -45.45 -6.75 -41.48
C TYR D 72 -44.08 -6.17 -41.17
N ILE D 73 -43.24 -5.94 -42.17
CA ILE D 73 -41.89 -5.44 -41.98
C ILE D 73 -41.77 -4.12 -42.73
N SER D 74 -41.47 -3.05 -42.01
CA SER D 74 -41.31 -1.74 -42.61
C SER D 74 -39.87 -1.41 -42.95
N GLY D 75 -38.91 -2.09 -42.33
CA GLY D 75 -37.51 -1.86 -42.60
C GLY D 75 -36.67 -3.04 -42.17
N ALA D 76 -35.44 -3.08 -42.66
CA ALA D 76 -34.53 -4.18 -42.39
C ALA D 76 -33.14 -3.61 -42.12
N ILE D 77 -32.56 -4.00 -40.99
CA ILE D 77 -31.21 -3.56 -40.63
C ILE D 77 -30.22 -4.54 -41.24
N LEU D 78 -29.45 -4.08 -42.21
CA LEU D 78 -28.50 -4.93 -42.91
C LEU D 78 -27.09 -4.76 -42.34
N PHE D 79 -26.27 -5.77 -42.59
CA PHE D 79 -24.83 -5.66 -42.41
C PHE D 79 -24.21 -5.07 -43.67
N GLU D 80 -23.03 -4.46 -43.50
CA GLU D 80 -22.39 -3.73 -44.59
C GLU D 80 -22.24 -4.59 -45.84
N GLU D 81 -21.84 -5.85 -45.68
CA GLU D 81 -21.66 -6.73 -46.83
C GLU D 81 -22.96 -6.88 -47.61
N THR D 82 -24.07 -7.11 -46.89
CA THR D 82 -25.35 -7.39 -47.54
C THR D 82 -25.90 -6.18 -48.27
N LEU D 83 -25.59 -4.96 -47.80
CA LEU D 83 -26.14 -3.76 -48.40
C LEU D 83 -25.81 -3.64 -49.88
N TYR D 84 -24.70 -4.24 -50.31
CA TYR D 84 -24.26 -4.16 -51.70
C TYR D 84 -24.53 -5.43 -52.50
N GLN D 85 -25.00 -6.50 -51.87
CA GLN D 85 -25.18 -7.78 -52.55
C GLN D 85 -26.48 -7.80 -53.34
N SER D 86 -26.61 -8.82 -54.20
CA SER D 86 -27.76 -8.97 -55.07
C SER D 86 -28.27 -10.41 -55.01
N THR D 87 -29.51 -10.60 -55.44
CA THR D 87 -30.04 -11.94 -55.62
C THR D 87 -29.26 -12.66 -56.73
N ALA D 88 -29.40 -13.99 -56.76
CA ALA D 88 -28.85 -14.77 -57.85
C ALA D 88 -29.40 -14.26 -59.19
N SER D 89 -30.65 -13.81 -59.19
CA SER D 89 -31.24 -13.23 -60.40
C SER D 89 -30.42 -12.04 -60.89
N GLY D 90 -29.86 -11.26 -59.97
CA GLY D 90 -29.15 -10.05 -60.31
C GLY D 90 -29.78 -8.79 -59.73
N LYS D 91 -30.89 -8.93 -59.02
CA LYS D 91 -31.60 -7.81 -58.41
C LYS D 91 -30.88 -7.39 -57.14
N LYS D 92 -30.44 -6.13 -57.11
CA LYS D 92 -29.78 -5.61 -55.92
C LYS D 92 -30.67 -5.76 -54.70
N PHE D 93 -30.07 -6.16 -53.58
CA PHE D 93 -30.85 -6.44 -52.38
C PHE D 93 -31.70 -5.24 -51.96
N VAL D 94 -31.10 -4.05 -51.98
CA VAL D 94 -31.86 -2.86 -51.59
C VAL D 94 -33.00 -2.63 -52.56
N ASP D 95 -32.84 -3.05 -53.80
CA ASP D 95 -33.88 -2.85 -54.79
C ASP D 95 -35.04 -3.82 -54.57
N VAL D 96 -34.73 -5.05 -54.16
CA VAL D 96 -35.78 -6.00 -53.77
C VAL D 96 -36.59 -5.45 -52.61
N MET D 97 -35.91 -4.85 -51.62
CA MET D 97 -36.61 -4.31 -50.46
C MET D 97 -37.50 -3.14 -50.83
N LYS D 98 -37.07 -2.32 -51.79
CA LYS D 98 -37.81 -1.09 -52.12
C LYS D 98 -39.23 -1.39 -52.55
N GLU D 99 -39.45 -2.48 -53.30
CA GLU D 99 -40.80 -2.78 -53.78
C GLU D 99 -41.65 -3.41 -52.69
N GLN D 100 -41.07 -4.25 -51.85
CA GLN D 100 -41.93 -4.68 -50.77
C GLN D 100 -42.20 -3.57 -49.75
N ASN D 101 -41.82 -2.36 -50.18
CA ASN D 101 -41.80 -1.17 -49.36
C ASN D 101 -41.20 -1.47 -47.99
N ILE D 102 -39.95 -1.95 -48.04
CA ILE D 102 -39.13 -2.16 -46.86
C ILE D 102 -37.93 -1.23 -47.00
N VAL D 103 -37.75 -0.36 -46.03
CA VAL D 103 -36.67 0.63 -46.10
C VAL D 103 -35.36 -0.05 -45.72
N PRO D 104 -34.27 0.18 -46.47
CA PRO D 104 -32.96 -0.39 -46.11
C PRO D 104 -32.28 0.46 -45.05
N GLY D 105 -31.92 -0.18 -43.94
CA GLY D 105 -31.07 0.42 -42.93
C GLY D 105 -29.78 -0.38 -42.79
N ILE D 106 -28.85 0.16 -42.02
CA ILE D 106 -27.58 -0.52 -41.82
C ILE D 106 -27.01 -0.19 -40.44
N LYS D 107 -26.26 -1.15 -39.90
CA LYS D 107 -25.53 -0.97 -38.66
C LYS D 107 -24.24 -0.20 -38.93
N VAL D 108 -23.99 0.82 -38.12
CA VAL D 108 -22.85 1.71 -38.34
C VAL D 108 -21.86 1.72 -37.19
N ASP D 109 -22.21 1.18 -36.02
CA ASP D 109 -21.25 1.15 -34.93
C ASP D 109 -20.20 0.07 -35.15
N LYS D 110 -19.10 0.17 -34.40
CA LYS D 110 -17.99 -0.77 -34.52
C LYS D 110 -17.90 -1.72 -33.33
N GLY D 111 -18.94 -1.78 -32.51
CA GLY D 111 -19.05 -2.80 -31.49
C GLY D 111 -18.53 -2.38 -30.13
N LEU D 112 -18.67 -3.30 -29.18
CA LEU D 112 -18.40 -3.02 -27.78
C LEU D 112 -16.93 -3.26 -27.45
N VAL D 113 -16.40 -2.40 -26.57
CA VAL D 113 -15.01 -2.46 -26.14
C VAL D 113 -14.95 -2.13 -24.66
N PRO D 114 -14.02 -2.77 -23.93
CA PRO D 114 -13.87 -2.43 -22.50
C PRO D 114 -13.64 -0.94 -22.29
N LEU D 115 -14.38 -0.37 -21.35
CA LEU D 115 -14.23 1.04 -21.00
C LEU D 115 -13.18 1.16 -19.90
N SER D 116 -12.16 1.97 -20.16
CA SER D 116 -11.04 2.09 -19.22
C SER D 116 -11.54 2.53 -17.85
N ASN D 117 -10.93 1.95 -16.81
CA ASN D 117 -11.15 2.32 -15.42
C ASN D 117 -12.57 2.07 -14.95
N THR D 118 -13.28 1.13 -15.57
CA THR D 118 -14.47 0.54 -15.00
C THR D 118 -14.17 -0.92 -14.66
N ASN D 119 -15.11 -1.58 -14.00
CA ASN D 119 -14.96 -2.99 -13.66
C ASN D 119 -15.80 -3.81 -14.63
N GLY D 120 -15.24 -4.04 -15.81
CA GLY D 120 -15.87 -4.88 -16.80
C GLY D 120 -17.02 -4.25 -17.56
N GLU D 121 -17.12 -2.93 -17.57
CA GLU D 121 -18.18 -2.27 -18.32
C GLU D 121 -17.70 -1.96 -19.74
N SER D 122 -18.67 -1.78 -20.64
CA SER D 122 -18.40 -1.65 -22.06
C SER D 122 -18.73 -0.24 -22.57
N TRP D 123 -18.15 0.10 -23.71
CA TRP D 123 -18.55 1.27 -24.48
C TRP D 123 -18.59 0.91 -25.96
N CYS D 124 -19.39 1.67 -26.70
CA CYS D 124 -19.61 1.42 -28.12
C CYS D 124 -18.78 2.42 -28.94
N MET D 125 -17.85 1.91 -29.72
CA MET D 125 -17.00 2.72 -30.57
C MET D 125 -17.58 2.84 -31.98
N GLY D 126 -17.03 3.77 -32.75
CA GLY D 126 -17.41 3.88 -34.15
C GLY D 126 -17.60 5.28 -34.70
N LEU D 127 -17.33 6.32 -33.90
CA LEU D 127 -17.52 7.67 -34.38
C LEU D 127 -16.41 8.13 -35.32
N ASP D 128 -15.23 7.52 -35.22
CA ASP D 128 -14.13 7.83 -36.14
C ASP D 128 -14.52 7.40 -37.55
N GLY D 129 -14.52 8.35 -38.47
CA GLY D 129 -14.89 8.08 -39.85
C GLY D 129 -16.37 7.85 -40.08
N LEU D 130 -17.21 8.07 -39.06
CA LEU D 130 -18.61 7.71 -39.19
C LEU D 130 -19.36 8.62 -40.17
N ASP D 131 -18.96 9.89 -40.28
CA ASP D 131 -19.64 10.78 -41.22
C ASP D 131 -19.41 10.34 -42.65
N LYS D 132 -18.20 9.88 -42.98
CA LYS D 132 -17.93 9.39 -44.32
C LYS D 132 -18.62 8.06 -44.58
N ARG D 133 -18.58 7.15 -43.61
CA ARG D 133 -19.18 5.83 -43.80
C ARG D 133 -20.68 5.92 -44.01
N CYS D 134 -21.37 6.74 -43.20
CA CYS D 134 -22.80 6.96 -43.37
C CYS D 134 -23.11 7.62 -44.70
N ALA D 135 -22.17 8.44 -45.21
CA ALA D 135 -22.38 9.12 -46.49
C ALA D 135 -22.42 8.11 -47.64
N GLU D 136 -21.48 7.15 -47.63
CA GLU D 136 -21.47 6.12 -48.66
C GLU D 136 -22.67 5.19 -48.53
N TYR D 137 -23.05 4.84 -47.30
CA TYR D 137 -24.24 4.02 -47.11
C TYR D 137 -25.48 4.72 -47.64
N TYR D 138 -25.51 6.05 -47.61
CA TYR D 138 -26.63 6.79 -48.19
C TYR D 138 -26.62 6.70 -49.70
N LYS D 139 -25.44 6.80 -50.31
CA LYS D 139 -25.32 6.62 -51.75
C LYS D 139 -25.76 5.21 -52.18
N ALA D 140 -25.57 4.22 -51.30
CA ALA D 140 -25.88 2.84 -51.61
C ALA D 140 -27.33 2.47 -51.34
N GLY D 141 -28.17 3.42 -50.91
CA GLY D 141 -29.58 3.16 -50.72
C GLY D 141 -30.03 3.02 -49.29
N ALA D 142 -29.11 3.00 -48.33
CA ALA D 142 -29.51 2.95 -46.93
C ALA D 142 -30.17 4.27 -46.54
N ARG D 143 -31.25 4.17 -45.76
CA ARG D 143 -31.99 5.35 -45.35
C ARG D 143 -32.16 5.47 -43.83
N PHE D 144 -31.73 4.48 -43.06
CA PHE D 144 -31.61 4.64 -41.62
C PHE D 144 -30.40 3.86 -41.11
N ALA D 145 -29.95 4.23 -39.93
CA ALA D 145 -28.75 3.66 -39.32
C ALA D 145 -29.10 3.05 -37.98
N LYS D 146 -28.16 2.28 -37.43
CA LYS D 146 -28.36 1.63 -36.15
C LYS D 146 -27.05 1.58 -35.39
N TRP D 147 -27.13 1.88 -34.10
CA TRP D 147 -25.96 1.94 -33.21
C TRP D 147 -26.42 1.42 -31.86
N ARG D 148 -25.75 0.40 -31.33
CA ARG D 148 -26.17 -0.26 -30.10
C ARG D 148 -25.10 -0.09 -29.02
N SER D 149 -25.50 0.45 -27.88
CA SER D 149 -24.67 0.52 -26.69
C SER D 149 -25.46 -0.08 -25.53
N VAL D 150 -24.73 -0.47 -24.47
CA VAL D 150 -25.32 -1.24 -23.39
C VAL D 150 -24.96 -0.63 -22.03
N VAL D 151 -25.85 -0.84 -21.05
CA VAL D 151 -25.56 -0.57 -19.64
C VAL D 151 -25.88 -1.84 -18.87
N SER D 152 -25.08 -2.13 -17.85
CA SER D 152 -25.21 -3.34 -17.05
C SER D 152 -25.62 -2.96 -15.63
N ILE D 153 -26.80 -3.43 -15.22
CA ILE D 153 -27.23 -3.23 -13.83
C ILE D 153 -26.29 -3.90 -12.84
N PRO D 154 -25.83 -5.15 -13.05
CA PRO D 154 -24.87 -5.73 -12.10
C PRO D 154 -23.60 -4.91 -11.94
N HIS D 155 -23.24 -4.07 -12.90
CA HIS D 155 -22.11 -3.17 -12.76
C HIS D 155 -22.52 -1.78 -12.29
N GLY D 156 -23.81 -1.55 -12.07
CA GLY D 156 -24.30 -0.27 -11.63
C GLY D 156 -25.56 0.16 -12.35
N PRO D 157 -25.41 0.76 -13.54
CA PRO D 157 -24.13 1.05 -14.20
C PRO D 157 -23.38 2.20 -13.53
N SER D 158 -22.08 2.32 -13.81
CA SER D 158 -21.31 3.42 -13.28
C SER D 158 -21.73 4.72 -13.98
N ILE D 159 -21.35 5.84 -13.36
CA ILE D 159 -21.67 7.15 -13.92
C ILE D 159 -21.06 7.29 -15.31
N ILE D 160 -19.78 6.91 -15.45
CA ILE D 160 -19.07 7.15 -16.70
C ILE D 160 -19.49 6.16 -17.78
N ALA D 161 -19.88 4.93 -17.41
CA ALA D 161 -20.35 3.98 -18.42
C ALA D 161 -21.71 4.40 -18.96
N ALA D 162 -22.64 4.75 -18.07
CA ALA D 162 -23.92 5.30 -18.51
C ALA D 162 -23.71 6.59 -19.31
N ARG D 163 -22.72 7.41 -18.92
CA ARG D 163 -22.48 8.65 -19.63
C ARG D 163 -22.02 8.39 -21.07
N ASP D 164 -21.07 7.47 -21.25
CA ASP D 164 -20.54 7.27 -22.61
C ASP D 164 -21.56 6.60 -23.51
N CYS D 165 -22.41 5.74 -22.96
CA CYS D 165 -23.48 5.14 -23.73
C CYS D 165 -24.42 6.22 -24.29
N ALA D 166 -24.82 7.16 -23.44
CA ALA D 166 -25.73 8.22 -23.86
C ALA D 166 -25.01 9.24 -24.73
N TYR D 167 -23.78 9.61 -24.37
CA TYR D 167 -23.04 10.61 -25.13
C TYR D 167 -22.70 10.10 -26.52
N GLY D 168 -22.22 8.86 -26.62
CA GLY D 168 -21.90 8.30 -27.92
C GLY D 168 -23.12 8.23 -28.83
N LEU D 169 -24.27 7.88 -28.27
CA LEU D 169 -25.49 7.79 -29.07
C LEU D 169 -25.87 9.15 -29.63
N ALA D 170 -25.83 10.19 -28.79
CA ALA D 170 -26.23 11.53 -29.25
C ALA D 170 -25.27 12.07 -30.30
N ARG D 171 -23.97 11.80 -30.13
CA ARG D 171 -23.01 12.17 -31.16
C ARG D 171 -23.28 11.42 -32.45
N TYR D 172 -23.67 10.15 -32.34
CA TYR D 172 -23.96 9.35 -33.53
C TYR D 172 -25.25 9.81 -34.19
N ALA D 173 -26.26 10.15 -33.41
CA ALA D 173 -27.54 10.56 -33.97
C ALA D 173 -27.40 11.82 -34.81
N ALA D 174 -26.54 12.75 -34.39
CA ALA D 174 -26.34 13.97 -35.17
C ALA D 174 -25.57 13.69 -36.44
N ILE D 175 -24.53 12.87 -36.36
CA ILE D 175 -23.74 12.52 -37.54
C ILE D 175 -24.61 11.78 -38.56
N ALA D 176 -25.48 10.89 -38.07
CA ALA D 176 -26.31 10.11 -38.98
C ALA D 176 -27.31 11.00 -39.72
N GLN D 177 -27.96 11.91 -39.00
CA GLN D 177 -28.95 12.79 -39.63
C GLN D 177 -28.29 13.72 -40.65
N ASN D 178 -27.10 14.21 -40.35
CA ASN D 178 -26.42 15.11 -41.26
C ASN D 178 -25.93 14.41 -42.52
N ALA D 179 -25.90 13.08 -42.54
CA ALA D 179 -25.55 12.30 -43.73
C ALA D 179 -26.77 11.72 -44.42
N GLY D 180 -27.96 11.92 -43.86
CA GLY D 180 -29.19 11.47 -44.49
C GLY D 180 -29.77 10.19 -43.95
N LEU D 181 -29.27 9.68 -42.83
CA LEU D 181 -29.72 8.42 -42.26
C LEU D 181 -30.49 8.69 -40.97
N VAL D 182 -31.70 8.14 -40.87
CA VAL D 182 -32.48 8.23 -39.65
C VAL D 182 -31.79 7.39 -38.58
N PRO D 183 -31.34 7.98 -37.48
CA PRO D 183 -30.66 7.18 -36.45
C PRO D 183 -31.65 6.40 -35.62
N ILE D 184 -31.42 5.10 -35.48
CA ILE D 184 -32.05 4.31 -34.45
C ILE D 184 -31.19 4.38 -33.20
N VAL D 185 -31.79 4.75 -32.08
CA VAL D 185 -31.06 5.01 -30.84
C VAL D 185 -31.33 3.85 -29.90
N GLU D 186 -30.34 2.96 -29.73
CA GLU D 186 -30.47 1.75 -28.92
C GLU D 186 -29.53 1.80 -27.72
N PRO D 187 -29.98 2.34 -26.59
CA PRO D 187 -29.27 2.11 -25.33
C PRO D 187 -29.88 0.93 -24.59
N GLU D 188 -29.30 -0.26 -24.77
CA GLU D 188 -29.91 -1.47 -24.24
C GLU D 188 -29.56 -1.62 -22.76
N VAL D 189 -30.57 -1.54 -21.90
CA VAL D 189 -30.44 -1.95 -20.51
C VAL D 189 -30.47 -3.48 -20.50
N LEU D 190 -29.32 -4.09 -20.24
CA LEU D 190 -29.20 -5.53 -20.37
C LEU D 190 -30.07 -6.26 -19.33
N LEU D 191 -30.38 -7.51 -19.64
CA LEU D 191 -31.19 -8.36 -18.78
C LEU D 191 -30.38 -8.96 -17.63
N ASP D 192 -29.04 -8.91 -17.70
CA ASP D 192 -28.19 -9.60 -16.74
C ASP D 192 -28.53 -9.20 -15.30
N GLY D 193 -28.57 -10.20 -14.42
CA GLY D 193 -28.66 -9.97 -13.00
C GLY D 193 -29.98 -10.47 -12.42
N GLU D 194 -30.09 -10.33 -11.10
CA GLU D 194 -31.27 -10.72 -10.35
C GLU D 194 -32.20 -9.55 -10.06
N HIS D 195 -31.92 -8.37 -10.60
CA HIS D 195 -32.69 -7.18 -10.26
C HIS D 195 -34.16 -7.34 -10.64
N ASP D 196 -35.01 -6.68 -9.86
CA ASP D 196 -36.45 -6.69 -10.10
C ASP D 196 -36.81 -5.69 -11.19
N ILE D 197 -38.11 -5.61 -11.50
CA ILE D 197 -38.56 -4.75 -12.58
C ILE D 197 -38.44 -3.27 -12.19
N ASP D 198 -38.54 -2.97 -10.89
CA ASP D 198 -38.44 -1.58 -10.46
C ASP D 198 -37.04 -1.03 -10.65
N ARG D 199 -36.01 -1.86 -10.47
CA ARG D 199 -34.65 -1.39 -10.71
C ARG D 199 -34.41 -1.12 -12.18
N CYS D 200 -34.93 -2.01 -13.05
CA CYS D 200 -34.77 -1.81 -14.49
C CYS D 200 -35.57 -0.60 -14.96
N LEU D 201 -36.72 -0.32 -14.34
CA LEU D 201 -37.44 0.91 -14.63
C LEU D 201 -36.62 2.13 -14.24
N GLU D 202 -36.02 2.09 -13.06
CA GLU D 202 -35.17 3.18 -12.59
C GLU D 202 -34.02 3.42 -13.56
N VAL D 203 -33.33 2.34 -13.96
CA VAL D 203 -32.16 2.48 -14.83
C VAL D 203 -32.58 2.92 -16.23
N GLN D 204 -33.72 2.43 -16.71
CA GLN D 204 -34.19 2.83 -18.03
C GLN D 204 -34.53 4.32 -18.05
N GLU D 205 -35.27 4.78 -17.04
CA GLU D 205 -35.61 6.20 -16.97
C GLU D 205 -34.36 7.07 -16.93
N ALA D 206 -33.32 6.62 -16.22
CA ALA D 206 -32.10 7.41 -16.11
C ALA D 206 -31.36 7.48 -17.44
N ILE D 207 -31.20 6.34 -18.13
CA ILE D 207 -30.41 6.35 -19.35
C ILE D 207 -31.15 7.08 -20.47
N TRP D 208 -32.50 7.03 -20.46
CA TRP D 208 -33.24 7.74 -21.48
C TRP D 208 -33.26 9.25 -21.23
N ALA D 209 -33.48 9.66 -19.98
CA ALA D 209 -33.35 11.07 -19.63
C ALA D 209 -31.97 11.59 -20.03
N GLU D 210 -30.93 10.80 -19.78
CA GLU D 210 -29.57 11.24 -20.10
C GLU D 210 -29.32 11.27 -21.61
N THR D 211 -29.80 10.24 -22.32
CA THR D 211 -29.61 10.18 -23.77
C THR D 211 -30.36 11.30 -24.46
N PHE D 212 -31.60 11.57 -24.05
CA PHE D 212 -32.36 12.64 -24.67
C PHE D 212 -31.77 14.01 -24.37
N LYS D 213 -31.18 14.20 -23.18
CA LYS D 213 -30.58 15.49 -22.85
C LYS D 213 -29.40 15.78 -23.76
N TYR D 214 -28.53 14.80 -23.97
CA TYR D 214 -27.39 15.00 -24.87
C TYR D 214 -27.84 15.24 -26.30
N MET D 215 -28.89 14.54 -26.75
CA MET D 215 -29.38 14.73 -28.11
C MET D 215 -29.92 16.14 -28.31
N ALA D 216 -30.69 16.65 -27.35
CA ALA D 216 -31.11 18.04 -27.38
C ALA D 216 -29.90 18.98 -27.44
N ASP D 217 -28.87 18.70 -26.64
CA ASP D 217 -27.65 19.49 -26.68
C ASP D 217 -27.05 19.50 -28.08
N ASN D 218 -27.01 18.33 -28.74
CA ASN D 218 -26.44 18.22 -30.07
C ASN D 218 -27.39 18.66 -31.17
N LYS D 219 -28.59 19.13 -30.82
CA LYS D 219 -29.57 19.61 -31.79
C LYS D 219 -30.01 18.51 -32.74
N VAL D 220 -30.16 17.29 -32.21
CA VAL D 220 -30.77 16.22 -32.97
C VAL D 220 -32.24 16.54 -33.19
N MET D 221 -32.73 16.32 -34.41
CA MET D 221 -34.13 16.54 -34.73
C MET D 221 -34.93 15.32 -34.33
N PHE D 222 -35.76 15.47 -33.29
CA PHE D 222 -36.45 14.31 -32.72
C PHE D 222 -37.45 13.72 -33.71
N GLU D 223 -38.03 14.54 -34.59
CA GLU D 223 -38.95 14.05 -35.60
C GLU D 223 -38.31 13.04 -36.54
N GLY D 224 -36.98 13.04 -36.63
CA GLY D 224 -36.28 12.14 -37.53
C GLY D 224 -35.38 11.13 -36.84
N ILE D 225 -35.86 10.54 -35.74
CA ILE D 225 -35.15 9.47 -35.07
C ILE D 225 -36.15 8.39 -34.68
N LEU D 226 -35.62 7.19 -34.45
CA LEU D 226 -36.38 6.08 -33.91
C LEU D 226 -35.63 5.51 -32.72
N LEU D 227 -36.38 4.91 -31.80
CA LEU D 227 -35.83 4.38 -30.56
C LEU D 227 -35.91 2.86 -30.56
N LYS D 228 -34.84 2.21 -30.10
CA LYS D 228 -34.82 0.76 -29.93
C LYS D 228 -34.47 0.44 -28.49
N PRO D 229 -35.43 0.54 -27.58
CA PRO D 229 -35.16 0.21 -26.17
C PRO D 229 -35.48 -1.25 -25.87
N ALA D 230 -34.96 -1.70 -24.73
CA ALA D 230 -35.43 -2.93 -24.14
C ALA D 230 -36.71 -2.65 -23.37
N MET D 231 -37.54 -3.68 -23.23
CA MET D 231 -38.74 -3.53 -22.42
C MET D 231 -38.35 -3.46 -20.94
N VAL D 232 -39.25 -2.90 -20.14
CA VAL D 232 -39.07 -2.86 -18.70
C VAL D 232 -39.53 -4.21 -18.14
N THR D 233 -38.57 -5.04 -17.75
CA THR D 233 -38.82 -6.40 -17.27
C THR D 233 -37.86 -6.68 -16.12
N PRO D 234 -38.18 -7.65 -15.27
CA PRO D 234 -37.21 -8.07 -14.25
C PRO D 234 -35.97 -8.69 -14.87
N GLY D 235 -34.94 -8.86 -14.05
CA GLY D 235 -33.70 -9.42 -14.53
C GLY D 235 -33.83 -10.90 -14.87
N ALA D 236 -32.88 -11.36 -15.68
CA ALA D 236 -32.91 -12.75 -16.15
C ALA D 236 -32.95 -13.74 -14.99
N ASP D 237 -32.21 -13.45 -13.92
CA ASP D 237 -32.11 -14.35 -12.78
C ASP D 237 -32.98 -13.93 -11.60
N CYS D 238 -33.92 -13.01 -11.82
CA CYS D 238 -34.81 -12.57 -10.75
C CYS D 238 -35.91 -13.60 -10.55
N LYS D 239 -36.10 -14.05 -9.31
CA LYS D 239 -37.12 -15.06 -9.03
C LYS D 239 -38.54 -14.53 -9.24
N ASN D 240 -38.77 -13.25 -8.96
CA ASN D 240 -40.08 -12.64 -9.15
C ASN D 240 -40.26 -12.28 -10.62
N LYS D 241 -41.08 -13.05 -11.34
CA LYS D 241 -41.31 -12.79 -12.74
C LYS D 241 -42.47 -11.81 -12.92
N ALA D 242 -42.73 -11.42 -14.17
CA ALA D 242 -43.73 -10.40 -14.47
C ALA D 242 -44.49 -10.77 -15.73
N GLY D 243 -45.82 -10.82 -15.63
CA GLY D 243 -46.66 -11.16 -16.76
C GLY D 243 -46.76 -10.06 -17.79
N PRO D 244 -47.42 -10.34 -18.91
CA PRO D 244 -47.50 -9.34 -19.99
C PRO D 244 -48.18 -8.04 -19.58
N ALA D 245 -49.20 -8.12 -18.71
CA ALA D 245 -49.87 -6.91 -18.26
C ALA D 245 -48.90 -6.00 -17.51
N LYS D 246 -48.10 -6.57 -16.61
CA LYS D 246 -47.16 -5.76 -15.85
C LYS D 246 -46.05 -5.21 -16.75
N VAL D 247 -45.48 -6.07 -17.60
CA VAL D 247 -44.44 -5.62 -18.52
C VAL D 247 -44.94 -4.49 -19.40
N ALA D 248 -46.23 -4.52 -19.75
CA ALA D 248 -46.79 -3.44 -20.57
C ALA D 248 -46.97 -2.16 -19.77
N GLU D 249 -47.48 -2.28 -18.54
CA GLU D 249 -47.71 -1.10 -17.71
C GLU D 249 -46.41 -0.40 -17.35
N TYR D 250 -45.39 -1.18 -16.97
CA TYR D 250 -44.12 -0.60 -16.56
C TYR D 250 -43.37 0.00 -17.74
N THR D 251 -43.47 -0.64 -18.91
CA THR D 251 -42.75 -0.14 -20.08
C THR D 251 -43.40 1.11 -20.63
N LEU D 252 -44.74 1.17 -20.63
CA LEU D 252 -45.42 2.32 -21.20
C LEU D 252 -45.23 3.57 -20.33
N LYS D 253 -45.29 3.42 -19.00
CA LYS D 253 -45.08 4.58 -18.15
C LYS D 253 -43.65 5.11 -18.28
N MET D 254 -42.67 4.20 -18.38
CA MET D 254 -41.30 4.63 -18.66
C MET D 254 -41.23 5.47 -19.92
N LEU D 255 -41.80 4.98 -21.01
CA LEU D 255 -41.73 5.71 -22.28
C LEU D 255 -42.46 7.04 -22.20
N ARG D 256 -43.66 7.04 -21.59
CA ARG D 256 -44.43 8.28 -21.48
C ARG D 256 -43.71 9.31 -20.63
N ARG D 257 -42.83 8.87 -19.73
CA ARG D 257 -42.10 9.78 -18.86
C ARG D 257 -40.82 10.33 -19.48
N ARG D 258 -40.37 9.80 -20.63
CA ARG D 258 -39.04 10.12 -21.12
C ARG D 258 -38.96 10.47 -22.60
N VAL D 259 -39.92 10.10 -23.43
CA VAL D 259 -39.83 10.32 -24.86
C VAL D 259 -40.80 11.44 -25.23
N PRO D 260 -40.36 12.54 -25.84
CA PRO D 260 -41.31 13.58 -26.25
C PRO D 260 -42.11 13.12 -27.46
N PRO D 261 -43.33 13.64 -27.64
CA PRO D 261 -44.17 13.16 -28.74
C PRO D 261 -43.63 13.43 -30.13
N ALA D 262 -42.58 14.25 -30.26
CA ALA D 262 -42.00 14.46 -31.58
C ALA D 262 -41.34 13.21 -32.14
N VAL D 263 -41.06 12.20 -31.30
CA VAL D 263 -40.43 10.97 -31.75
C VAL D 263 -41.47 10.07 -32.39
N PRO D 264 -41.30 9.66 -33.63
CA PRO D 264 -42.37 8.91 -34.30
C PRO D 264 -42.50 7.45 -33.90
N GLY D 265 -41.40 6.74 -33.71
CA GLY D 265 -41.46 5.30 -33.54
C GLY D 265 -40.54 4.80 -32.45
N ILE D 266 -40.97 3.70 -31.82
CA ILE D 266 -40.24 3.02 -30.75
C ILE D 266 -40.36 1.52 -31.00
N MET D 267 -39.24 0.87 -31.32
CA MET D 267 -39.22 -0.54 -31.73
C MET D 267 -38.37 -1.34 -30.74
N PHE D 268 -39.04 -2.15 -29.91
CA PHE D 268 -38.35 -2.89 -28.86
C PHE D 268 -37.47 -4.01 -29.40
N LEU D 269 -36.46 -4.37 -28.61
CA LEU D 269 -35.66 -5.56 -28.85
C LEU D 269 -36.21 -6.72 -28.03
N SER D 270 -35.93 -7.93 -28.48
CA SER D 270 -36.37 -9.11 -27.72
C SER D 270 -35.49 -9.34 -26.49
N GLY D 271 -34.18 -9.30 -26.67
CA GLY D 271 -33.26 -9.23 -25.55
C GLY D 271 -33.14 -10.47 -24.68
N GLY D 272 -33.64 -11.60 -25.14
CA GLY D 272 -33.61 -12.81 -24.36
C GLY D 272 -34.97 -13.28 -23.86
N GLN D 273 -36.06 -12.76 -24.39
CA GLN D 273 -37.39 -13.24 -24.06
C GLN D 273 -37.74 -14.40 -24.99
N SER D 274 -38.95 -14.94 -24.81
CA SER D 274 -39.48 -15.92 -25.75
C SER D 274 -39.69 -15.28 -27.12
N GLU D 275 -40.31 -16.01 -28.03
CA GLU D 275 -40.95 -15.35 -29.15
C GLU D 275 -42.38 -14.97 -28.79
N LEU D 276 -43.04 -15.84 -28.02
CA LEU D 276 -44.40 -15.57 -27.55
C LEU D 276 -44.40 -14.47 -26.48
N GLU D 277 -43.46 -14.53 -25.54
CA GLU D 277 -43.34 -13.45 -24.56
C GLU D 277 -43.10 -12.11 -25.25
N SER D 278 -42.16 -12.09 -26.20
CA SER D 278 -41.95 -10.90 -27.01
C SER D 278 -43.21 -10.48 -27.74
N THR D 279 -44.07 -11.44 -28.07
CA THR D 279 -45.33 -11.15 -28.75
C THR D 279 -46.42 -10.75 -27.78
N LEU D 280 -46.57 -11.46 -26.65
CA LEU D 280 -47.57 -11.09 -25.66
C LEU D 280 -47.26 -9.74 -25.04
N ASN D 281 -46.00 -9.48 -24.71
CA ASN D 281 -45.63 -8.21 -24.07
C ASN D 281 -45.92 -7.03 -24.98
N LEU D 282 -45.53 -7.13 -26.26
CA LEU D 282 -45.86 -6.08 -27.21
C LEU D 282 -47.37 -5.96 -27.39
N ASN D 283 -48.07 -7.09 -27.47
CA ASN D 283 -49.52 -7.07 -27.63
C ASN D 283 -50.20 -6.39 -26.45
N ALA D 284 -49.74 -6.66 -25.24
CA ALA D 284 -50.33 -6.06 -24.05
C ALA D 284 -50.15 -4.55 -24.01
N MET D 285 -49.21 -4.00 -24.78
CA MET D 285 -48.98 -2.57 -24.83
C MET D 285 -49.83 -1.85 -25.87
N ASN D 286 -50.56 -2.58 -26.71
CA ASN D 286 -51.30 -1.98 -27.81
C ASN D 286 -52.78 -2.28 -27.75
N GLN D 287 -53.32 -2.49 -26.55
CA GLN D 287 -54.76 -2.48 -26.35
C GLN D 287 -55.32 -1.07 -26.35
N SER D 288 -54.48 -0.07 -26.18
CA SER D 288 -54.84 1.34 -26.10
C SER D 288 -54.05 2.10 -27.14
N PRO D 289 -54.45 3.33 -27.45
CA PRO D 289 -53.60 4.19 -28.29
C PRO D 289 -52.33 4.59 -27.55
N ASN D 290 -51.33 5.01 -28.34
CA ASN D 290 -50.04 5.41 -27.83
C ASN D 290 -49.62 6.71 -28.47
N PRO D 291 -48.86 7.55 -27.74
CA PRO D 291 -48.40 8.82 -28.33
C PRO D 291 -47.43 8.63 -29.48
N TRP D 292 -46.82 7.47 -29.55
CA TRP D 292 -45.93 7.16 -30.68
C TRP D 292 -46.21 5.73 -31.14
N HIS D 293 -45.59 5.30 -32.21
CA HIS D 293 -45.79 3.94 -32.71
C HIS D 293 -44.89 2.98 -31.95
N VAL D 294 -45.49 2.13 -31.14
CA VAL D 294 -44.77 1.18 -30.31
C VAL D 294 -44.76 -0.14 -31.07
N SER D 295 -43.62 -0.45 -31.68
CA SER D 295 -43.52 -1.63 -32.55
C SER D 295 -42.41 -2.56 -32.08
N PHE D 296 -41.83 -3.30 -33.02
CA PHE D 296 -40.81 -4.29 -32.71
C PHE D 296 -39.63 -4.16 -33.67
N SER D 297 -38.47 -4.63 -33.22
CA SER D 297 -37.28 -4.73 -34.06
C SER D 297 -36.48 -5.92 -33.53
N TYR D 298 -36.78 -7.10 -34.07
CA TYR D 298 -36.24 -8.35 -33.58
C TYR D 298 -35.24 -8.94 -34.58
N ALA D 299 -34.28 -9.68 -34.04
CA ALA D 299 -33.34 -10.43 -34.87
C ALA D 299 -33.60 -11.93 -34.72
N ARG D 300 -33.08 -12.52 -33.63
CA ARG D 300 -33.24 -13.95 -33.41
C ARG D 300 -34.72 -14.35 -33.30
N ALA D 301 -35.56 -13.45 -32.78
CA ALA D 301 -36.96 -13.79 -32.57
C ALA D 301 -37.68 -14.05 -33.88
N LEU D 302 -37.28 -13.37 -34.96
CA LEU D 302 -37.87 -13.58 -36.27
C LEU D 302 -37.10 -14.58 -37.11
N GLN D 303 -35.84 -14.85 -36.77
CA GLN D 303 -34.94 -15.60 -37.66
C GLN D 303 -34.70 -17.04 -37.24
N ASN D 304 -34.71 -17.36 -35.95
CA ASN D 304 -34.31 -18.70 -35.54
C ASN D 304 -35.27 -19.75 -36.08
N THR D 305 -36.56 -19.41 -36.23
CA THR D 305 -37.47 -20.33 -36.89
C THR D 305 -37.05 -20.60 -38.32
N VAL D 306 -36.47 -19.59 -39.00
CA VAL D 306 -36.16 -19.71 -40.41
C VAL D 306 -34.94 -20.58 -40.64
N LEU D 307 -33.93 -20.45 -39.78
CA LEU D 307 -32.68 -21.17 -40.01
C LEU D 307 -32.87 -22.67 -39.86
N LYS D 308 -33.52 -23.10 -38.77
CA LYS D 308 -33.73 -24.53 -38.54
C LYS D 308 -34.80 -25.12 -39.43
N THR D 309 -35.68 -24.31 -40.00
CA THR D 309 -36.59 -24.79 -41.04
C THR D 309 -35.87 -24.88 -42.37
N TRP D 310 -34.99 -23.93 -42.65
CA TRP D 310 -34.29 -23.91 -43.94
C TRP D 310 -33.33 -25.09 -44.04
N GLN D 311 -32.52 -25.31 -43.00
CA GLN D 311 -31.56 -26.42 -42.95
C GLN D 311 -30.62 -26.41 -44.15
N GLY D 312 -30.40 -25.24 -44.75
CA GLY D 312 -29.49 -25.08 -45.87
C GLY D 312 -29.97 -25.68 -47.18
N LYS D 313 -31.08 -26.42 -47.19
CA LYS D 313 -31.51 -27.14 -48.39
C LYS D 313 -32.43 -26.26 -49.22
N PRO D 314 -32.13 -26.06 -50.51
CA PRO D 314 -32.97 -25.16 -51.33
C PRO D 314 -34.41 -25.63 -51.47
N GLU D 315 -34.70 -26.90 -51.19
CA GLU D 315 -36.06 -27.40 -51.24
C GLU D 315 -36.87 -26.98 -50.02
N ASN D 316 -36.24 -26.51 -48.95
CA ASN D 316 -36.94 -26.02 -47.77
C ASN D 316 -37.03 -24.50 -47.75
N VAL D 317 -36.67 -23.84 -48.85
CA VAL D 317 -36.64 -22.38 -48.87
C VAL D 317 -38.05 -21.81 -48.67
N GLN D 318 -39.02 -22.35 -49.39
CA GLN D 318 -40.38 -21.81 -49.32
C GLN D 318 -40.99 -22.01 -47.94
N ALA D 319 -40.76 -23.18 -47.33
CA ALA D 319 -41.25 -23.40 -45.97
C ALA D 319 -40.54 -22.50 -44.96
N ALA D 320 -39.25 -22.22 -45.20
CA ALA D 320 -38.52 -21.33 -44.30
C ALA D 320 -38.99 -19.89 -44.45
N GLN D 321 -39.16 -19.43 -45.68
CA GLN D 321 -39.74 -18.11 -45.91
C GLN D 321 -41.15 -18.02 -45.34
N ALA D 322 -41.88 -19.13 -45.32
CA ALA D 322 -43.20 -19.14 -44.70
C ALA D 322 -43.10 -18.99 -43.19
N ALA D 323 -42.11 -19.65 -42.57
CA ALA D 323 -41.91 -19.50 -41.13
C ALA D 323 -41.58 -18.06 -40.78
N LEU D 324 -40.79 -17.40 -41.62
CA LEU D 324 -40.51 -15.98 -41.41
C LEU D 324 -41.81 -15.18 -41.33
N LEU D 325 -42.79 -15.47 -42.18
CA LEU D 325 -43.96 -14.62 -42.23
C LEU D 325 -44.92 -14.93 -41.09
N LYS D 326 -44.97 -16.19 -40.66
CA LYS D 326 -45.80 -16.56 -39.53
C LYS D 326 -45.40 -15.79 -38.27
N ARG D 327 -44.10 -15.60 -38.06
CA ARG D 327 -43.66 -14.86 -36.88
C ARG D 327 -43.70 -13.35 -37.09
N ALA D 328 -43.46 -12.89 -38.32
CA ALA D 328 -43.58 -11.46 -38.60
C ALA D 328 -45.04 -11.00 -38.52
N LYS D 329 -45.98 -11.86 -38.90
CA LYS D 329 -47.39 -11.50 -38.74
C LYS D 329 -47.85 -11.59 -37.30
N ALA D 330 -47.31 -12.55 -36.53
CA ALA D 330 -47.67 -12.66 -35.12
C ALA D 330 -47.29 -11.40 -34.36
N ASN D 331 -46.17 -10.78 -34.70
CA ASN D 331 -45.76 -9.55 -34.05
C ASN D 331 -46.51 -8.34 -34.59
N SER D 332 -46.86 -8.36 -35.88
CA SER D 332 -47.73 -7.31 -36.41
C SER D 332 -49.11 -7.37 -35.77
N ASP D 333 -49.62 -8.58 -35.53
CA ASP D 333 -50.86 -8.73 -34.76
C ASP D 333 -50.71 -8.12 -33.38
N ALA D 334 -49.53 -8.28 -32.77
CA ALA D 334 -49.30 -7.69 -31.45
C ALA D 334 -49.20 -6.18 -31.52
N GLN D 335 -48.59 -5.65 -32.59
CA GLN D 335 -48.43 -4.21 -32.74
C GLN D 335 -49.78 -3.50 -32.75
N GLN D 336 -50.84 -4.19 -33.15
CA GLN D 336 -52.18 -3.62 -33.14
C GLN D 336 -53.06 -4.25 -32.06
N GLY D 337 -52.50 -5.11 -31.21
CA GLY D 337 -53.28 -5.76 -30.20
C GLY D 337 -54.23 -6.82 -30.72
N LYS D 338 -54.02 -7.31 -31.95
CA LYS D 338 -54.90 -8.24 -32.61
C LYS D 338 -54.46 -9.69 -32.48
N TYR D 339 -53.64 -10.01 -31.48
CA TYR D 339 -53.07 -11.34 -31.38
C TYR D 339 -53.98 -12.29 -30.59
N MET E 9 28.33 -36.59 40.47
CA MET E 9 27.49 -35.67 41.25
C MET E 9 26.39 -35.10 40.36
N GLY E 10 25.13 -35.49 40.59
CA GLY E 10 24.05 -34.96 39.74
C GLY E 10 22.72 -35.70 39.78
N LYS E 11 21.69 -34.98 40.24
CA LYS E 11 20.25 -35.28 40.20
C LYS E 11 19.88 -36.76 40.02
N TYR E 12 19.36 -37.06 38.82
CA TYR E 12 18.94 -38.39 38.43
C TYR E 12 19.88 -39.01 37.40
N ASP E 13 21.13 -38.53 37.35
CA ASP E 13 22.04 -38.88 36.27
C ASP E 13 22.16 -40.39 36.09
N GLU E 14 22.47 -41.11 37.16
CA GLU E 14 22.64 -42.55 37.07
C GLU E 14 21.34 -43.23 36.67
N GLU E 15 20.21 -42.77 37.22
CA GLU E 15 18.93 -43.38 36.87
C GLU E 15 18.57 -43.12 35.41
N LEU E 16 18.91 -41.93 34.91
CA LEU E 16 18.64 -41.64 33.50
C LEU E 16 19.45 -42.56 32.58
N ILE E 17 20.72 -42.79 32.92
CA ILE E 17 21.57 -43.62 32.07
C ILE E 17 21.07 -45.06 32.07
N LYS E 18 20.60 -45.56 33.23
CA LYS E 18 20.08 -46.92 33.28
C LYS E 18 18.74 -47.02 32.55
N THR E 19 17.89 -46.01 32.68
CA THR E 19 16.65 -45.98 31.90
C THR E 19 16.95 -45.94 30.41
N ALA E 20 17.90 -45.09 30.00
CA ALA E 20 18.23 -44.97 28.59
C ALA E 20 18.76 -46.28 28.03
N GLY E 21 19.62 -46.96 28.79
CA GLY E 21 20.14 -48.24 28.33
C GLY E 21 19.09 -49.34 28.32
N THR E 22 18.25 -49.38 29.36
CA THR E 22 17.17 -50.35 29.39
C THR E 22 16.25 -50.20 28.19
N VAL E 23 15.90 -48.96 27.83
CA VAL E 23 14.97 -48.75 26.73
C VAL E 23 15.63 -49.07 25.40
N ALA E 24 16.90 -48.70 25.23
CA ALA E 24 17.66 -49.03 24.03
C ALA E 24 18.31 -50.41 24.12
N SER E 25 17.62 -51.39 24.69
CA SER E 25 18.20 -52.72 24.83
C SER E 25 18.10 -53.49 23.53
N LYS E 26 19.02 -54.44 23.34
CA LYS E 26 19.08 -55.19 22.10
C LYS E 26 17.81 -56.00 21.90
N GLY E 27 17.30 -55.98 20.67
CA GLY E 27 16.10 -56.73 20.33
C GLY E 27 14.82 -56.20 20.93
N ARG E 28 14.82 -54.96 21.42
CA ARG E 28 13.64 -54.38 22.02
C ARG E 28 13.40 -52.99 21.45
N GLY E 29 12.13 -52.60 21.41
CA GLY E 29 11.75 -51.29 20.93
C GLY E 29 10.69 -50.64 21.80
N ILE E 30 10.14 -49.53 21.35
CA ILE E 30 9.12 -48.79 22.09
C ILE E 30 7.78 -48.99 21.40
N LEU E 31 6.73 -49.19 22.20
CA LEU E 31 5.36 -49.21 21.70
C LEU E 31 4.73 -47.85 22.01
N ALA E 32 4.36 -47.11 20.97
CA ALA E 32 3.74 -45.80 21.11
C ALA E 32 2.24 -45.98 21.22
N MET E 33 1.69 -45.74 22.40
CA MET E 33 0.25 -45.74 22.63
C MET E 33 -0.19 -44.42 23.25
N ASP E 34 0.47 -43.33 22.84
CA ASP E 34 0.26 -42.01 23.41
C ASP E 34 -0.89 -41.24 22.78
N GLU E 35 -1.84 -41.95 22.16
CA GLU E 35 -2.93 -41.27 21.45
C GLU E 35 -3.75 -40.42 22.41
N SER E 36 -4.23 -39.28 21.91
CA SER E 36 -5.18 -38.47 22.66
C SER E 36 -6.50 -39.23 22.81
N ASN E 37 -7.34 -38.76 23.73
CA ASN E 37 -8.66 -39.34 23.87
C ASN E 37 -9.47 -39.21 22.58
N ALA E 38 -9.21 -38.17 21.80
CA ALA E 38 -9.92 -37.98 20.54
C ALA E 38 -9.32 -38.85 19.43
N THR E 39 -7.99 -38.91 19.34
CA THR E 39 -7.36 -39.69 18.27
C THR E 39 -7.62 -41.18 18.45
N CYS E 40 -7.49 -41.69 19.67
CA CYS E 40 -7.85 -43.07 19.95
C CYS E 40 -9.37 -43.26 19.80
N GLY E 41 -10.14 -42.19 19.97
CA GLY E 41 -11.56 -42.26 19.64
C GLY E 41 -11.79 -42.56 18.18
N LYS E 42 -11.00 -41.94 17.30
CA LYS E 42 -11.10 -42.21 15.86
C LYS E 42 -10.47 -43.55 15.49
N ARG E 43 -9.70 -44.18 16.39
CA ARG E 43 -9.20 -45.52 16.14
C ARG E 43 -10.23 -46.58 16.50
N LEU E 44 -11.09 -46.30 17.48
CA LEU E 44 -12.09 -47.26 17.91
C LEU E 44 -13.28 -47.30 16.96
N ASP E 45 -13.61 -46.19 16.32
CA ASP E 45 -14.70 -46.19 15.34
C ASP E 45 -14.26 -46.74 13.99
N SER E 46 -12.94 -46.83 13.75
CA SER E 46 -12.47 -47.59 12.60
C SER E 46 -12.94 -49.04 12.67
N ILE E 47 -13.13 -49.55 13.88
CA ILE E 47 -13.63 -50.90 14.10
C ILE E 47 -15.02 -50.86 14.76
N GLY E 48 -15.70 -49.73 14.68
CA GLY E 48 -17.05 -49.63 15.22
C GLY E 48 -17.16 -49.86 16.71
N VAL E 49 -16.25 -49.29 17.49
CA VAL E 49 -16.28 -49.38 18.94
C VAL E 49 -16.49 -47.97 19.50
N GLU E 50 -17.48 -47.82 20.36
CA GLU E 50 -17.81 -46.50 20.90
C GLU E 50 -16.69 -46.00 21.80
N ASN E 51 -16.32 -44.73 21.63
CA ASN E 51 -15.20 -44.15 22.37
C ASN E 51 -15.68 -43.72 23.76
N THR E 52 -15.90 -44.70 24.61
CA THR E 52 -16.11 -44.42 26.02
C THR E 52 -14.76 -44.33 26.72
N GLU E 53 -14.77 -43.85 27.96
CA GLU E 53 -13.53 -43.78 28.73
C GLU E 53 -13.06 -45.16 29.15
N GLU E 54 -13.98 -46.13 29.21
CA GLU E 54 -13.63 -47.48 29.63
C GLU E 54 -13.12 -48.32 28.47
N ASN E 55 -13.67 -48.14 27.26
CA ASN E 55 -13.14 -48.85 26.09
C ASN E 55 -11.75 -48.35 25.71
N ARG E 56 -11.49 -47.05 25.88
CA ARG E 56 -10.12 -46.58 25.79
C ARG E 56 -9.24 -47.30 26.79
N ARG E 57 -9.73 -47.46 28.02
CA ARG E 57 -8.96 -48.18 29.04
C ARG E 57 -8.89 -49.67 28.74
N ALA E 58 -9.97 -50.25 28.21
CA ALA E 58 -9.96 -51.66 27.88
C ALA E 58 -8.96 -51.97 26.78
N TYR E 59 -8.91 -51.13 25.74
CA TYR E 59 -7.94 -51.33 24.66
C TYR E 59 -6.52 -51.17 25.17
N ARG E 60 -6.30 -50.20 26.06
CA ARG E 60 -4.96 -49.99 26.60
C ARG E 60 -4.55 -51.13 27.53
N GLU E 61 -5.51 -51.72 28.26
CA GLU E 61 -5.18 -52.87 29.09
C GLU E 61 -4.82 -54.08 28.25
N LEU E 62 -5.57 -54.33 27.17
CA LEU E 62 -5.26 -55.44 26.27
C LEU E 62 -3.82 -55.35 25.78
N LEU E 63 -3.44 -54.17 25.30
CA LEU E 63 -2.11 -53.99 24.72
C LEU E 63 -1.03 -54.18 25.78
N VAL E 64 -1.19 -53.54 26.94
CA VAL E 64 -0.13 -53.52 27.93
C VAL E 64 0.04 -54.88 28.60
N THR E 65 -1.04 -55.62 28.80
CA THR E 65 -1.00 -56.89 29.51
C THR E 65 -0.82 -58.10 28.59
N ALA E 66 -0.42 -57.88 27.34
CA ALA E 66 -0.23 -59.00 26.43
C ALA E 66 0.92 -59.87 26.92
N PRO E 67 0.72 -61.18 27.05
CA PRO E 67 1.75 -62.05 27.64
C PRO E 67 3.04 -62.05 26.84
N GLY E 68 4.16 -61.93 27.54
CA GLY E 68 5.46 -61.98 26.91
C GLY E 68 5.85 -60.73 26.16
N LEU E 69 5.16 -59.61 26.40
CA LEU E 69 5.42 -58.40 25.64
C LEU E 69 6.80 -57.83 25.93
N GLY E 70 7.29 -57.96 27.17
CA GLY E 70 8.60 -57.43 27.53
C GLY E 70 9.75 -58.04 26.78
N GLN E 71 9.52 -59.12 26.02
CA GLN E 71 10.57 -59.74 25.23
C GLN E 71 11.01 -58.84 24.10
N TYR E 72 10.10 -58.06 23.54
CA TYR E 72 10.37 -57.20 22.40
C TYR E 72 10.06 -55.73 22.63
N ILE E 73 9.43 -55.39 23.75
CA ILE E 73 9.05 -54.01 24.06
C ILE E 73 9.74 -53.61 25.35
N SER E 74 10.63 -52.62 25.26
CA SER E 74 11.32 -52.10 26.43
C SER E 74 10.59 -50.95 27.10
N GLY E 75 9.76 -50.21 26.36
CA GLY E 75 9.04 -49.09 26.90
C GLY E 75 7.78 -48.81 26.11
N ALA E 76 6.84 -48.14 26.76
CA ALA E 76 5.57 -47.77 26.14
C ALA E 76 5.26 -46.32 26.44
N ILE E 77 5.07 -45.52 25.40
CA ILE E 77 4.67 -44.13 25.54
C ILE E 77 3.16 -44.08 25.79
N LEU E 78 2.77 -43.53 26.94
CA LEU E 78 1.38 -43.46 27.33
C LEU E 78 0.86 -42.04 27.23
N PHE E 79 -0.43 -41.92 26.92
CA PHE E 79 -1.16 -40.68 27.14
C PHE E 79 -1.37 -40.47 28.63
N GLU E 80 -1.48 -39.20 29.03
CA GLU E 80 -1.52 -38.87 30.45
C GLU E 80 -2.64 -39.57 31.18
N GLU E 81 -3.77 -39.79 30.51
CA GLU E 81 -4.89 -40.48 31.14
C GLU E 81 -4.52 -41.93 31.49
N THR E 82 -3.86 -42.62 30.56
CA THR E 82 -3.57 -44.04 30.75
C THR E 82 -2.51 -44.26 31.83
N LEU E 83 -1.57 -43.32 32.00
CA LEU E 83 -0.54 -43.45 33.02
C LEU E 83 -1.12 -43.65 34.41
N TYR E 84 -2.39 -43.27 34.62
CA TYR E 84 -3.03 -43.43 35.92
C TYR E 84 -4.13 -44.51 35.92
N GLN E 85 -4.54 -45.01 34.77
CA GLN E 85 -5.58 -46.03 34.72
C GLN E 85 -5.05 -47.35 35.27
N SER E 86 -5.97 -48.25 35.56
CA SER E 86 -5.65 -49.56 36.12
C SER E 86 -6.36 -50.65 35.34
N THR E 87 -5.95 -51.89 35.60
CA THR E 87 -6.58 -53.04 34.96
C THR E 87 -8.01 -53.21 35.49
N ALA E 88 -8.79 -54.02 34.77
CA ALA E 88 -10.04 -54.51 35.34
C ALA E 88 -9.78 -55.28 36.62
N SER E 89 -8.63 -55.95 36.69
CA SER E 89 -8.19 -56.60 37.92
C SER E 89 -8.16 -55.61 39.09
N GLY E 90 -7.78 -54.36 38.82
CA GLY E 90 -7.52 -53.39 39.87
C GLY E 90 -6.06 -53.06 40.03
N LYS E 91 -5.20 -53.60 39.16
CA LYS E 91 -3.77 -53.38 39.24
C LYS E 91 -3.42 -52.20 38.33
N LYS E 92 -2.60 -51.30 38.85
CA LYS E 92 -2.22 -50.12 38.09
C LYS E 92 -1.47 -50.54 36.82
N PHE E 93 -1.77 -49.83 35.73
CA PHE E 93 -1.11 -50.12 34.45
C PHE E 93 0.41 -50.03 34.55
N VAL E 94 0.90 -49.09 35.36
CA VAL E 94 2.34 -48.91 35.49
C VAL E 94 2.99 -50.13 36.13
N ASP E 95 2.28 -50.78 37.06
CA ASP E 95 2.84 -51.96 37.73
C ASP E 95 2.81 -53.18 36.81
N VAL E 96 1.76 -53.31 35.99
CA VAL E 96 1.70 -54.38 35.00
C VAL E 96 2.91 -54.29 34.07
N MET E 97 3.27 -53.07 33.67
CA MET E 97 4.44 -52.89 32.82
C MET E 97 5.73 -53.15 33.57
N LYS E 98 5.74 -52.98 34.89
CA LYS E 98 6.95 -53.22 35.67
C LYS E 98 7.23 -54.72 35.76
N GLU E 99 6.19 -55.53 35.98
CA GLU E 99 6.38 -56.98 35.98
C GLU E 99 6.87 -57.47 34.63
N GLN E 100 6.31 -56.94 33.54
CA GLN E 100 6.74 -57.29 32.20
C GLN E 100 8.05 -56.63 31.80
N ASN E 101 8.71 -55.91 32.71
CA ASN E 101 9.95 -55.19 32.43
C ASN E 101 9.79 -54.25 31.22
N ILE E 102 8.75 -53.42 31.28
CA ILE E 102 8.53 -52.38 30.29
C ILE E 102 8.53 -51.04 31.01
N VAL E 103 9.43 -50.15 30.59
CA VAL E 103 9.57 -48.85 31.25
C VAL E 103 8.39 -47.97 30.85
N PRO E 104 7.71 -47.32 31.81
CA PRO E 104 6.58 -46.45 31.45
C PRO E 104 7.06 -45.11 30.95
N GLY E 105 6.47 -44.64 29.85
CA GLY E 105 6.79 -43.35 29.29
C GLY E 105 5.55 -42.52 29.10
N ILE E 106 5.75 -41.21 29.02
CA ILE E 106 4.64 -40.25 29.01
C ILE E 106 4.92 -39.18 27.95
N LYS E 107 3.89 -38.84 27.17
CA LYS E 107 3.96 -37.71 26.26
C LYS E 107 3.69 -36.42 27.03
N VAL E 108 4.58 -35.44 26.89
CA VAL E 108 4.51 -34.24 27.72
C VAL E 108 4.35 -32.97 26.91
N ASP E 109 4.39 -33.03 25.58
CA ASP E 109 4.13 -31.82 24.81
C ASP E 109 2.63 -31.55 24.73
N LYS E 110 2.28 -30.34 24.31
CA LYS E 110 0.88 -29.92 24.28
C LYS E 110 0.37 -29.66 22.87
N GLY E 111 1.05 -30.17 21.84
CA GLY E 111 0.52 -30.19 20.50
C GLY E 111 1.05 -29.07 19.62
N LEU E 112 0.72 -29.17 18.34
CA LEU E 112 1.18 -28.21 17.34
C LEU E 112 0.22 -27.02 17.26
N VAL E 113 0.79 -25.86 16.97
CA VAL E 113 0.10 -24.58 16.97
C VAL E 113 0.69 -23.76 15.84
N PRO E 114 -0.10 -22.97 15.10
CA PRO E 114 0.48 -22.11 14.05
C PRO E 114 1.54 -21.18 14.63
N LEU E 115 2.63 -21.03 13.90
CA LEU E 115 3.73 -20.17 14.29
C LEU E 115 3.56 -18.81 13.63
N SER E 116 3.54 -17.76 14.45
CA SER E 116 3.28 -16.41 13.97
C SER E 116 4.27 -16.01 12.89
N ASN E 117 3.76 -15.37 11.83
CA ASN E 117 4.57 -14.79 10.76
C ASN E 117 5.30 -15.85 9.94
N THR E 118 4.74 -17.05 9.88
CA THR E 118 5.15 -18.07 8.90
C THR E 118 3.99 -18.32 7.95
N ASN E 119 4.29 -19.06 6.88
CA ASN E 119 3.28 -19.39 5.88
C ASN E 119 2.76 -20.79 6.18
N GLY E 120 1.89 -20.88 7.19
CA GLY E 120 1.25 -22.13 7.53
C GLY E 120 2.11 -23.15 8.25
N GLU E 121 3.12 -22.70 8.98
CA GLU E 121 4.03 -23.60 9.67
C GLU E 121 3.65 -23.71 11.14
N SER E 122 3.98 -24.85 11.73
CA SER E 122 3.61 -25.17 13.10
C SER E 122 4.79 -25.01 14.04
N TRP E 123 4.48 -24.84 15.32
CA TRP E 123 5.42 -25.04 16.41
C TRP E 123 4.74 -25.89 17.47
N CYS E 124 5.54 -26.40 18.40
CA CYS E 124 5.07 -27.33 19.43
C CYS E 124 5.10 -26.63 20.79
N MET E 125 3.94 -26.52 21.44
CA MET E 125 3.83 -26.00 22.79
C MET E 125 4.23 -27.05 23.82
N GLY E 126 4.41 -26.60 25.06
CA GLY E 126 4.57 -27.51 26.17
C GLY E 126 5.49 -27.07 27.30
N LEU E 127 6.27 -26.02 27.08
CA LEU E 127 7.28 -25.64 28.08
C LEU E 127 6.65 -25.10 29.35
N ASP E 128 5.52 -24.38 29.23
CA ASP E 128 4.89 -23.76 30.40
C ASP E 128 4.44 -24.83 31.40
N GLY E 129 5.00 -24.78 32.60
CA GLY E 129 4.66 -25.75 33.63
C GLY E 129 5.15 -27.16 33.35
N LEU E 130 6.11 -27.32 32.44
CA LEU E 130 6.59 -28.66 32.11
C LEU E 130 7.37 -29.28 33.27
N ASP E 131 8.18 -28.48 33.96
CA ASP E 131 8.96 -29.00 35.08
C ASP E 131 8.07 -29.64 36.13
N LYS E 132 6.95 -28.99 36.47
CA LYS E 132 6.06 -29.53 37.49
C LYS E 132 5.29 -30.74 36.96
N ARG E 133 4.91 -30.72 35.69
CA ARG E 133 4.21 -31.88 35.13
C ARG E 133 5.12 -33.10 35.07
N CYS E 134 6.39 -32.89 34.69
CA CYS E 134 7.32 -34.00 34.57
C CYS E 134 7.65 -34.59 35.94
N ALA E 135 7.76 -33.74 36.97
CA ALA E 135 7.96 -34.25 38.32
C ALA E 135 6.78 -35.10 38.77
N GLU E 136 5.56 -34.64 38.50
CA GLU E 136 4.39 -35.42 38.87
C GLU E 136 4.31 -36.72 38.07
N TYR E 137 4.67 -36.68 36.78
CA TYR E 137 4.70 -37.91 35.99
C TYR E 137 5.75 -38.87 36.53
N TYR E 138 6.87 -38.33 37.03
CA TYR E 138 7.92 -39.16 37.58
C TYR E 138 7.43 -39.91 38.82
N LYS E 139 6.78 -39.19 39.74
CA LYS E 139 6.24 -39.82 40.94
C LYS E 139 5.18 -40.86 40.62
N ALA E 140 4.56 -40.78 39.44
CA ALA E 140 3.53 -41.74 39.04
C ALA E 140 4.10 -42.97 38.36
N GLY E 141 5.42 -43.06 38.18
CA GLY E 141 6.04 -44.24 37.63
C GLY E 141 6.62 -44.07 36.23
N ALA E 142 6.38 -42.95 35.57
CA ALA E 142 7.02 -42.71 34.27
C ALA E 142 8.50 -42.42 34.48
N ARG E 143 9.32 -42.91 33.55
CA ARG E 143 10.76 -42.69 33.61
C ARG E 143 11.36 -42.11 32.34
N PHE E 144 10.59 -41.96 31.27
CA PHE E 144 11.06 -41.26 30.08
C PHE E 144 9.88 -40.53 29.46
N ALA E 145 10.19 -39.46 28.73
CA ALA E 145 9.16 -38.60 28.16
C ALA E 145 9.33 -38.49 26.66
N LYS E 146 8.30 -37.99 25.99
CA LYS E 146 8.31 -37.79 24.54
C LYS E 146 7.78 -36.40 24.22
N TRP E 147 8.41 -35.75 23.22
CA TRP E 147 7.98 -34.44 22.75
C TRP E 147 8.15 -34.40 21.25
N ARG E 148 7.05 -34.20 20.54
CA ARG E 148 7.03 -34.26 19.08
C ARG E 148 6.88 -32.86 18.51
N SER E 149 7.86 -32.44 17.73
CA SER E 149 7.78 -31.25 16.90
C SER E 149 8.08 -31.65 15.45
N VAL E 150 7.75 -30.76 14.51
CA VAL E 150 7.83 -31.08 13.09
C VAL E 150 8.43 -29.91 12.32
N VAL E 151 8.92 -30.22 11.13
CA VAL E 151 9.22 -29.23 10.10
C VAL E 151 8.69 -29.76 8.78
N SER E 152 8.29 -28.84 7.90
CA SER E 152 7.62 -29.18 6.65
C SER E 152 8.47 -28.69 5.48
N ILE E 153 8.81 -29.61 4.57
CA ILE E 153 9.62 -29.29 3.39
C ILE E 153 8.84 -28.43 2.40
N PRO E 154 7.54 -28.68 2.15
CA PRO E 154 6.79 -27.74 1.29
C PRO E 154 6.84 -26.31 1.75
N HIS E 155 7.04 -26.06 3.04
CA HIS E 155 7.20 -24.70 3.54
C HIS E 155 8.66 -24.27 3.64
N GLY E 156 9.60 -25.17 3.35
CA GLY E 156 11.00 -24.86 3.44
C GLY E 156 11.81 -25.99 4.04
N PRO E 157 11.84 -26.09 5.38
CA PRO E 157 11.20 -25.19 6.36
C PRO E 157 11.86 -23.81 6.44
N SER E 158 11.14 -22.86 7.01
CA SER E 158 11.69 -21.53 7.22
C SER E 158 12.66 -21.53 8.40
N ILE E 159 13.47 -20.47 8.46
CA ILE E 159 14.48 -20.36 9.51
C ILE E 159 13.83 -20.40 10.89
N ILE E 160 12.81 -19.57 11.10
CA ILE E 160 12.24 -19.45 12.44
C ILE E 160 11.42 -20.69 12.79
N ALA E 161 10.89 -21.40 11.80
CA ALA E 161 10.16 -22.62 12.08
C ALA E 161 11.10 -23.74 12.49
N ALA E 162 12.15 -23.97 11.69
CA ALA E 162 13.16 -24.95 12.08
C ALA E 162 13.82 -24.58 13.39
N ARG E 163 14.03 -23.28 13.63
CA ARG E 163 14.68 -22.86 14.86
C ARG E 163 13.87 -23.25 16.09
N ASP E 164 12.58 -22.94 16.10
CA ASP E 164 11.79 -23.25 17.28
C ASP E 164 11.62 -24.74 17.48
N CYS E 165 11.51 -25.51 16.39
CA CYS E 165 11.47 -26.96 16.51
C CYS E 165 12.68 -27.46 17.30
N ALA E 166 13.87 -27.01 16.91
CA ALA E 166 15.09 -27.43 17.62
C ALA E 166 15.17 -26.80 19.00
N TYR E 167 14.90 -25.50 19.10
CA TYR E 167 15.03 -24.80 20.37
C TYR E 167 14.10 -25.38 21.42
N GLY E 168 12.85 -25.61 21.05
CA GLY E 168 11.88 -26.14 22.02
C GLY E 168 12.23 -27.54 22.47
N LEU E 169 12.69 -28.38 21.54
CA LEU E 169 13.11 -29.73 21.92
C LEU E 169 14.30 -29.68 22.87
N ALA E 170 15.24 -28.78 22.63
CA ALA E 170 16.42 -28.70 23.49
C ALA E 170 16.05 -28.18 24.88
N ARG E 171 15.16 -27.20 24.95
CA ARG E 171 14.68 -26.75 26.26
C ARG E 171 13.92 -27.85 26.97
N TYR E 172 13.17 -28.66 26.21
CA TYR E 172 12.40 -29.74 26.79
C TYR E 172 13.31 -30.81 27.40
N ALA E 173 14.37 -31.18 26.68
CA ALA E 173 15.24 -32.25 27.17
C ALA E 173 15.89 -31.88 28.49
N ALA E 174 16.28 -30.61 28.65
CA ALA E 174 16.90 -30.19 29.90
C ALA E 174 15.88 -30.21 31.04
N ILE E 175 14.65 -29.77 30.77
CA ILE E 175 13.61 -29.81 31.80
C ILE E 175 13.30 -31.23 32.19
N ALA E 176 13.14 -32.11 31.20
CA ALA E 176 12.79 -33.51 31.46
C ALA E 176 13.85 -34.20 32.30
N GLN E 177 15.13 -34.00 31.97
CA GLN E 177 16.21 -34.67 32.69
C GLN E 177 16.27 -34.20 34.14
N ASN E 178 16.07 -32.90 34.36
CA ASN E 178 16.10 -32.35 35.72
C ASN E 178 14.92 -32.82 36.56
N ALA E 179 13.90 -33.42 35.95
CA ALA E 179 12.81 -34.06 36.67
C ALA E 179 12.93 -35.58 36.69
N GLY E 180 13.98 -36.13 36.09
CA GLY E 180 14.24 -37.56 36.16
C GLY E 180 13.71 -38.39 35.01
N LEU E 181 13.27 -37.77 33.92
CA LEU E 181 12.77 -38.49 32.76
C LEU E 181 13.78 -38.44 31.62
N VAL E 182 13.99 -39.59 30.99
CA VAL E 182 14.83 -39.66 29.80
C VAL E 182 14.09 -39.02 28.64
N PRO E 183 14.56 -37.90 28.09
CA PRO E 183 13.82 -37.24 27.01
C PRO E 183 14.02 -37.95 25.68
N ILE E 184 12.92 -38.30 25.03
CA ILE E 184 12.94 -38.72 23.64
C ILE E 184 12.81 -37.48 22.77
N VAL E 185 13.74 -37.30 21.84
CA VAL E 185 13.84 -36.09 21.04
C VAL E 185 13.32 -36.42 19.65
N GLU E 186 12.16 -35.85 19.30
CA GLU E 186 11.47 -36.16 18.05
C GLU E 186 11.27 -34.92 17.20
N PRO E 187 12.26 -34.54 16.39
CA PRO E 187 12.02 -33.53 15.35
C PRO E 187 11.65 -34.19 14.03
N GLU E 188 10.36 -34.39 13.80
CA GLU E 188 9.92 -35.17 12.65
C GLU E 188 9.99 -34.33 11.37
N VAL E 189 10.83 -34.75 10.44
CA VAL E 189 10.77 -34.22 9.08
C VAL E 189 9.61 -34.90 8.36
N LEU E 190 8.60 -34.12 8.00
CA LEU E 190 7.36 -34.66 7.49
C LEU E 190 7.53 -35.22 6.07
N LEU E 191 6.62 -36.13 5.71
CA LEU E 191 6.60 -36.72 4.38
C LEU E 191 5.96 -35.81 3.33
N ASP E 192 5.25 -34.76 3.75
CA ASP E 192 4.46 -33.95 2.83
C ASP E 192 5.31 -33.43 1.68
N GLY E 193 4.76 -33.49 0.47
CA GLY E 193 5.37 -32.91 -0.70
C GLY E 193 5.88 -33.97 -1.66
N GLU E 194 6.43 -33.48 -2.78
CA GLU E 194 6.97 -34.31 -3.84
C GLU E 194 8.48 -34.46 -3.77
N HIS E 195 9.11 -34.01 -2.69
CA HIS E 195 10.58 -33.93 -2.63
C HIS E 195 11.22 -35.32 -2.77
N ASP E 196 12.45 -35.37 -3.33
CA ASP E 196 13.20 -36.63 -3.45
C ASP E 196 13.79 -37.00 -2.10
N ILE E 197 14.51 -38.11 -2.11
CA ILE E 197 15.10 -38.60 -0.87
C ILE E 197 16.31 -37.75 -0.49
N ASP E 198 17.00 -37.16 -1.47
CA ASP E 198 18.14 -36.29 -1.15
C ASP E 198 17.67 -35.03 -0.45
N ARG E 199 16.50 -34.50 -0.84
CA ARG E 199 15.99 -33.30 -0.15
C ARG E 199 15.66 -33.64 1.29
N CYS E 200 15.16 -34.84 1.54
CA CYS E 200 14.88 -35.25 2.91
C CYS E 200 16.17 -35.38 3.72
N LEU E 201 17.21 -35.95 3.11
CA LEU E 201 18.51 -36.06 3.78
C LEU E 201 19.03 -34.69 4.21
N GLU E 202 18.94 -33.72 3.30
CA GLU E 202 19.45 -32.39 3.60
C GLU E 202 18.71 -31.77 4.78
N VAL E 203 17.37 -31.81 4.76
CA VAL E 203 16.59 -31.18 5.83
C VAL E 203 16.78 -31.93 7.14
N GLN E 204 16.87 -33.26 7.09
CA GLN E 204 17.18 -34.04 8.28
C GLN E 204 18.52 -33.60 8.88
N GLU E 205 19.55 -33.46 8.04
CA GLU E 205 20.86 -33.07 8.54
C GLU E 205 20.82 -31.68 9.16
N ALA E 206 20.09 -30.75 8.53
CA ALA E 206 20.00 -29.39 9.06
C ALA E 206 19.25 -29.34 10.38
N ILE E 207 18.12 -30.05 10.48
CA ILE E 207 17.33 -29.97 11.70
C ILE E 207 18.03 -30.73 12.84
N TRP E 208 18.80 -31.76 12.50
CA TRP E 208 19.49 -32.52 13.54
C TRP E 208 20.74 -31.78 14.04
N ALA E 209 21.49 -31.16 13.13
CA ALA E 209 22.60 -30.31 13.55
C ALA E 209 22.11 -29.23 14.50
N GLU E 210 21.02 -28.56 14.13
CA GLU E 210 20.50 -27.45 14.94
C GLU E 210 20.03 -27.93 16.31
N THR E 211 19.33 -29.07 16.35
CA THR E 211 18.81 -29.58 17.62
C THR E 211 19.94 -29.99 18.55
N PHE E 212 20.99 -30.62 18.01
CA PHE E 212 22.09 -31.06 18.85
C PHE E 212 22.88 -29.88 19.38
N LYS E 213 23.00 -28.80 18.59
CA LYS E 213 23.72 -27.62 19.06
C LYS E 213 23.00 -26.95 20.22
N TYR E 214 21.68 -26.79 20.11
CA TYR E 214 20.95 -26.19 21.22
C TYR E 214 20.95 -27.11 22.44
N MET E 215 20.99 -28.42 22.23
CA MET E 215 21.08 -29.35 23.36
C MET E 215 22.45 -29.28 24.02
N ALA E 216 23.51 -29.06 23.23
CA ALA E 216 24.83 -28.84 23.81
C ALA E 216 24.87 -27.56 24.64
N ASP E 217 24.29 -26.48 24.11
CA ASP E 217 24.26 -25.21 24.85
C ASP E 217 23.51 -25.37 26.17
N ASN E 218 22.43 -26.13 26.18
CA ASN E 218 21.67 -26.36 27.40
C ASN E 218 22.29 -27.40 28.30
N LYS E 219 23.43 -27.97 27.91
CA LYS E 219 24.17 -28.94 28.72
C LYS E 219 23.31 -30.16 29.05
N VAL E 220 22.58 -30.63 28.04
CA VAL E 220 21.82 -31.87 28.17
C VAL E 220 22.79 -33.04 28.13
N MET E 221 22.60 -33.99 29.04
CA MET E 221 23.47 -35.17 29.10
C MET E 221 23.09 -36.13 27.97
N PHE E 222 23.96 -36.22 26.96
CA PHE E 222 23.62 -37.00 25.76
C PHE E 222 23.49 -38.48 26.07
N GLU E 223 24.17 -38.97 27.10
CA GLU E 223 24.05 -40.37 27.49
C GLU E 223 22.66 -40.69 28.04
N GLY E 224 21.88 -39.68 28.40
CA GLY E 224 20.56 -39.91 28.96
C GLY E 224 19.43 -39.40 28.10
N ILE E 225 19.54 -39.56 26.78
CA ILE E 225 18.48 -39.18 25.85
C ILE E 225 18.26 -40.30 24.86
N LEU E 226 17.12 -40.23 24.17
CA LEU E 226 16.80 -41.13 23.07
C LEU E 226 16.26 -40.29 21.92
N LEU E 227 16.49 -40.78 20.70
CA LEU E 227 16.09 -40.07 19.50
C LEU E 227 14.92 -40.80 18.85
N LYS E 228 13.98 -40.02 18.30
CA LYS E 228 12.88 -40.56 17.52
C LYS E 228 12.78 -39.79 16.21
N PRO E 229 13.65 -40.08 15.25
CA PRO E 229 13.62 -39.39 13.97
C PRO E 229 12.74 -40.11 12.96
N ALA E 230 12.36 -39.36 11.93
CA ALA E 230 11.83 -39.98 10.72
C ALA E 230 12.98 -40.53 9.92
N MET E 231 12.75 -41.67 9.27
CA MET E 231 13.77 -42.21 8.37
C MET E 231 13.93 -41.27 7.18
N VAL E 232 15.00 -41.51 6.42
CA VAL E 232 15.30 -40.69 5.24
C VAL E 232 14.64 -41.39 4.05
N THR E 233 13.53 -40.83 3.60
CA THR E 233 12.71 -41.37 2.53
C THR E 233 12.33 -40.24 1.57
N PRO E 234 11.92 -40.57 0.36
CA PRO E 234 11.34 -39.54 -0.51
C PRO E 234 10.00 -39.06 0.05
N GLY E 235 9.55 -37.93 -0.49
CA GLY E 235 8.27 -37.39 -0.07
C GLY E 235 7.11 -38.31 -0.39
N ALA E 236 5.99 -38.06 0.28
CA ALA E 236 4.83 -38.93 0.14
C ALA E 236 4.30 -38.93 -1.30
N ASP E 237 4.36 -37.78 -1.98
CA ASP E 237 3.87 -37.66 -3.34
C ASP E 237 4.98 -37.71 -4.38
N CYS E 238 6.17 -38.20 -4.01
CA CYS E 238 7.27 -38.34 -4.95
C CYS E 238 7.11 -39.61 -5.78
N LYS E 239 7.42 -39.51 -7.07
CA LYS E 239 7.25 -40.63 -7.98
C LYS E 239 8.37 -41.66 -7.91
N ASN E 240 9.59 -41.23 -7.55
CA ASN E 240 10.73 -42.14 -7.40
C ASN E 240 10.75 -42.63 -5.96
N LYS E 241 10.27 -43.85 -5.74
CA LYS E 241 10.25 -44.42 -4.40
C LYS E 241 11.60 -45.06 -4.08
N ALA E 242 11.72 -45.62 -2.87
CA ALA E 242 13.01 -46.13 -2.40
C ALA E 242 12.78 -47.39 -1.58
N GLY E 243 13.44 -48.48 -1.97
CA GLY E 243 13.35 -49.72 -1.25
C GLY E 243 14.11 -49.70 0.06
N PRO E 244 14.03 -50.80 0.80
CA PRO E 244 14.69 -50.87 2.10
C PRO E 244 16.20 -50.65 2.04
N ALA E 245 16.88 -51.11 0.99
CA ALA E 245 18.33 -50.93 0.93
C ALA E 245 18.71 -49.46 0.82
N LYS E 246 17.99 -48.69 0.00
CA LYS E 246 18.30 -47.28 -0.18
C LYS E 246 17.90 -46.47 1.03
N VAL E 247 16.74 -46.79 1.63
CA VAL E 247 16.30 -46.09 2.82
C VAL E 247 17.31 -46.28 3.96
N ALA E 248 17.80 -47.51 4.13
CA ALA E 248 18.76 -47.79 5.20
C ALA E 248 20.09 -47.07 4.96
N GLU E 249 20.57 -47.03 3.73
CA GLU E 249 21.83 -46.36 3.45
C GLU E 249 21.72 -44.86 3.67
N TYR E 250 20.65 -44.24 3.16
CA TYR E 250 20.45 -42.81 3.35
C TYR E 250 20.22 -42.47 4.82
N THR E 251 19.45 -43.29 5.52
CA THR E 251 19.16 -43.01 6.92
C THR E 251 20.41 -43.14 7.79
N LEU E 252 21.21 -44.18 7.55
CA LEU E 252 22.34 -44.44 8.44
C LEU E 252 23.44 -43.40 8.27
N LYS E 253 23.71 -42.96 7.04
CA LYS E 253 24.72 -41.93 6.87
C LYS E 253 24.25 -40.61 7.46
N MET E 254 22.96 -40.29 7.32
CA MET E 254 22.40 -39.13 8.02
C MET E 254 22.66 -39.21 9.52
N LEU E 255 22.39 -40.38 10.12
CA LEU E 255 22.60 -40.53 11.55
C LEU E 255 24.08 -40.42 11.90
N ARG E 256 24.95 -41.10 11.14
CA ARG E 256 26.37 -41.09 11.42
C ARG E 256 26.99 -39.71 11.24
N ARG E 257 26.36 -38.86 10.43
CA ARG E 257 26.84 -37.50 10.20
C ARG E 257 26.37 -36.51 11.24
N ARG E 258 25.50 -36.90 12.17
CA ARG E 258 24.91 -35.92 13.09
C ARG E 258 24.70 -36.38 14.53
N VAL E 259 24.78 -37.67 14.85
CA VAL E 259 24.43 -38.14 16.19
C VAL E 259 25.73 -38.55 16.88
N PRO E 260 26.14 -37.89 17.97
CA PRO E 260 27.33 -38.34 18.68
C PRO E 260 27.11 -39.72 19.29
N PRO E 261 28.17 -40.51 19.45
CA PRO E 261 28.00 -41.89 19.94
C PRO E 261 27.56 -41.98 21.40
N ALA E 262 27.64 -40.90 22.17
CA ALA E 262 27.14 -40.96 23.55
C ALA E 262 25.64 -41.24 23.60
N VAL E 263 24.92 -40.99 22.51
CA VAL E 263 23.48 -41.23 22.47
C VAL E 263 23.23 -42.73 22.43
N PRO E 264 22.47 -43.28 23.39
CA PRO E 264 22.32 -44.74 23.49
C PRO E 264 21.39 -45.35 22.46
N GLY E 265 20.29 -44.67 22.15
CA GLY E 265 19.29 -45.27 21.29
C GLY E 265 18.59 -44.36 20.30
N ILE E 266 18.24 -44.92 19.15
CA ILE E 266 17.56 -44.20 18.08
C ILE E 266 16.35 -45.03 17.68
N MET E 267 15.16 -44.58 18.07
CA MET E 267 13.92 -45.32 17.88
C MET E 267 13.07 -44.60 16.83
N PHE E 268 12.95 -45.20 15.65
CA PHE E 268 12.34 -44.50 14.53
C PHE E 268 10.82 -44.48 14.64
N LEU E 269 10.24 -43.59 13.85
CA LEU E 269 8.78 -43.41 13.73
C LEU E 269 8.33 -44.06 12.43
N SER E 270 7.09 -44.50 12.41
CA SER E 270 6.50 -45.25 11.27
C SER E 270 6.08 -44.32 10.14
N GLY E 271 5.33 -43.27 10.45
CA GLY E 271 4.89 -42.38 9.37
C GLY E 271 3.85 -43.07 8.52
N GLY E 272 3.94 -42.89 7.20
CA GLY E 272 2.92 -43.50 6.34
C GLY E 272 3.37 -44.84 5.82
N GLN E 273 4.20 -45.51 6.60
CA GLN E 273 4.72 -46.79 6.13
C GLN E 273 3.76 -47.93 6.47
N SER E 274 3.63 -48.87 5.54
CA SER E 274 2.97 -50.12 5.84
C SER E 274 3.70 -50.83 6.97
N GLU E 275 3.07 -51.87 7.50
CA GLU E 275 3.75 -52.62 8.55
C GLU E 275 4.96 -53.36 8.00
N LEU E 276 4.80 -54.03 6.86
CA LEU E 276 5.93 -54.76 6.28
C LEU E 276 7.08 -53.81 5.95
N GLU E 277 6.80 -52.74 5.22
CA GLU E 277 7.85 -51.80 4.85
C GLU E 277 8.50 -51.18 6.09
N SER E 278 7.73 -50.99 7.16
CA SER E 278 8.31 -50.47 8.39
C SER E 278 9.32 -51.44 8.99
N THR E 279 8.98 -52.74 9.01
CA THR E 279 9.90 -53.74 9.52
C THR E 279 11.11 -53.89 8.61
N LEU E 280 10.88 -53.96 7.29
CA LEU E 280 11.98 -54.19 6.36
C LEU E 280 12.97 -53.04 6.36
N ASN E 281 12.48 -51.80 6.50
CA ASN E 281 13.39 -50.65 6.53
C ASN E 281 14.29 -50.70 7.75
N LEU E 282 13.71 -50.97 8.93
CA LEU E 282 14.52 -51.12 10.14
C LEU E 282 15.45 -52.31 10.04
N ASN E 283 15.01 -53.39 9.38
CA ASN E 283 15.83 -54.60 9.28
C ASN E 283 17.06 -54.36 8.41
N ALA E 284 16.92 -53.61 7.32
CA ALA E 284 18.06 -53.33 6.46
C ALA E 284 19.08 -52.43 7.14
N MET E 285 18.68 -51.70 8.18
CA MET E 285 19.59 -50.86 8.95
C MET E 285 20.34 -51.63 10.03
N ASN E 286 20.15 -52.94 10.12
CA ASN E 286 20.80 -53.74 11.15
C ASN E 286 21.38 -55.02 10.57
N GLN E 287 21.85 -54.95 9.33
CA GLN E 287 22.67 -56.01 8.75
C GLN E 287 24.14 -55.86 9.12
N SER E 288 24.48 -54.84 9.90
CA SER E 288 25.85 -54.57 10.34
C SER E 288 25.77 -53.89 11.70
N PRO E 289 26.86 -53.86 12.46
CA PRO E 289 26.85 -53.12 13.72
C PRO E 289 26.71 -51.62 13.51
N ASN E 290 26.13 -50.96 14.52
CA ASN E 290 25.94 -49.53 14.50
C ASN E 290 26.51 -48.92 15.77
N PRO E 291 26.95 -47.65 15.71
CA PRO E 291 27.46 -47.00 16.93
C PRO E 291 26.39 -46.74 17.97
N TRP E 292 25.11 -46.83 17.60
CA TRP E 292 24.02 -46.71 18.55
C TRP E 292 23.02 -47.83 18.28
N HIS E 293 22.14 -48.05 19.26
CA HIS E 293 21.10 -49.07 19.11
C HIS E 293 19.99 -48.52 18.23
N VAL E 294 19.96 -48.95 16.98
CA VAL E 294 18.96 -48.49 16.01
C VAL E 294 17.73 -49.39 16.13
N SER E 295 16.66 -48.87 16.72
CA SER E 295 15.44 -49.66 16.89
C SER E 295 14.21 -48.88 16.44
N PHE E 296 13.07 -49.14 17.08
CA PHE E 296 11.78 -48.63 16.62
C PHE E 296 10.98 -48.04 17.77
N SER E 297 10.05 -47.15 17.40
CA SER E 297 9.04 -46.60 18.30
C SER E 297 7.79 -46.36 17.46
N TYR E 298 6.97 -47.39 17.32
CA TYR E 298 5.88 -47.42 16.35
C TYR E 298 4.52 -47.31 17.03
N ALA E 299 3.54 -46.78 16.29
CA ALA E 299 2.19 -46.64 16.80
C ALA E 299 1.30 -47.52 15.94
N ARG E 300 0.74 -47.01 14.84
CA ARG E 300 -0.18 -47.82 14.04
C ARG E 300 0.48 -49.08 13.49
N ALA E 301 1.77 -49.02 13.17
CA ALA E 301 2.47 -50.19 12.64
C ALA E 301 2.34 -51.38 13.58
N LEU E 302 2.35 -51.15 14.89
CA LEU E 302 2.19 -52.24 15.84
C LEU E 302 0.74 -52.44 16.27
N GLN E 303 -0.09 -51.40 16.21
CA GLN E 303 -1.44 -51.46 16.75
C GLN E 303 -2.50 -51.84 15.72
N ASN E 304 -2.29 -51.49 14.45
CA ASN E 304 -3.32 -51.66 13.44
C ASN E 304 -3.86 -53.08 13.42
N THR E 305 -2.97 -54.08 13.46
CA THR E 305 -3.41 -55.46 13.45
C THR E 305 -4.17 -55.83 14.72
N VAL E 306 -3.91 -55.14 15.83
CA VAL E 306 -4.54 -55.51 17.10
C VAL E 306 -6.00 -55.10 17.11
N LEU E 307 -6.31 -53.90 16.62
CA LEU E 307 -7.69 -53.42 16.62
C LEU E 307 -8.55 -54.24 15.66
N LYS E 308 -8.02 -54.52 14.46
CA LYS E 308 -8.78 -55.26 13.46
C LYS E 308 -8.98 -56.72 13.84
N THR E 309 -8.17 -57.25 14.77
CA THR E 309 -8.40 -58.57 15.32
C THR E 309 -9.34 -58.51 16.53
N TRP E 310 -9.20 -57.47 17.34
CA TRP E 310 -10.02 -57.35 18.54
C TRP E 310 -11.49 -57.10 18.19
N GLN E 311 -11.74 -56.06 17.38
CA GLN E 311 -13.09 -55.67 16.97
C GLN E 311 -14.00 -55.37 18.17
N GLY E 312 -13.42 -55.15 19.34
CA GLY E 312 -14.17 -54.84 20.53
C GLY E 312 -14.69 -56.02 21.32
N LYS E 313 -14.71 -57.21 20.72
CA LYS E 313 -15.31 -58.37 21.37
C LYS E 313 -14.32 -59.02 22.32
N PRO E 314 -14.72 -59.29 23.58
CA PRO E 314 -13.76 -59.85 24.55
C PRO E 314 -13.30 -61.27 24.22
N GLU E 315 -13.89 -61.95 23.24
CA GLU E 315 -13.45 -63.29 22.90
C GLU E 315 -12.18 -63.29 22.06
N ASN E 316 -11.87 -62.19 21.38
CA ASN E 316 -10.63 -62.06 20.61
C ASN E 316 -9.54 -61.34 21.39
N VAL E 317 -9.68 -61.24 22.72
CA VAL E 317 -8.65 -60.55 23.51
C VAL E 317 -7.31 -61.25 23.35
N GLN E 318 -7.30 -62.59 23.35
CA GLN E 318 -6.05 -63.32 23.21
C GLN E 318 -5.61 -63.43 21.75
N ALA E 319 -6.57 -63.46 20.81
CA ALA E 319 -6.19 -63.41 19.40
C ALA E 319 -5.62 -62.04 19.04
N ALA E 320 -6.10 -60.98 19.68
CA ALA E 320 -5.56 -59.65 19.42
C ALA E 320 -4.19 -59.47 20.07
N GLN E 321 -4.01 -60.00 21.28
CA GLN E 321 -2.68 -59.98 21.89
C GLN E 321 -1.68 -60.77 21.07
N ALA E 322 -2.14 -61.86 20.43
CA ALA E 322 -1.26 -62.64 19.57
C ALA E 322 -0.77 -61.82 18.38
N ALA E 323 -1.69 -61.12 17.72
CA ALA E 323 -1.31 -60.27 16.60
C ALA E 323 -0.34 -59.18 17.05
N LEU E 324 -0.45 -58.73 18.30
CA LEU E 324 0.46 -57.71 18.80
C LEU E 324 1.89 -58.24 18.88
N LEU E 325 2.07 -59.48 19.34
CA LEU E 325 3.40 -60.02 19.51
C LEU E 325 3.97 -60.58 18.22
N LYS E 326 3.14 -61.06 17.31
CA LYS E 326 3.62 -61.36 15.97
C LYS E 326 4.25 -60.13 15.35
N ARG E 327 3.61 -58.97 15.54
CA ARG E 327 4.17 -57.70 15.07
C ARG E 327 5.31 -57.23 15.94
N ALA E 328 5.19 -57.40 17.26
CA ALA E 328 6.26 -56.98 18.16
C ALA E 328 7.53 -57.80 17.93
N LYS E 329 7.39 -59.11 17.75
CA LYS E 329 8.55 -59.96 17.48
C LYS E 329 9.17 -59.63 16.13
N ALA E 330 8.35 -59.40 15.12
CA ALA E 330 8.86 -59.13 13.78
C ALA E 330 9.78 -57.91 13.77
N ASN E 331 9.42 -56.88 14.54
CA ASN E 331 10.25 -55.68 14.59
C ASN E 331 11.45 -55.86 15.51
N SER E 332 11.33 -56.71 16.54
CA SER E 332 12.49 -57.02 17.36
C SER E 332 13.53 -57.80 16.55
N ASP E 333 13.08 -58.74 15.71
CA ASP E 333 14.02 -59.42 14.82
C ASP E 333 14.64 -58.44 13.83
N ALA E 334 13.84 -57.48 13.34
CA ALA E 334 14.39 -56.45 12.47
C ALA E 334 15.45 -55.62 13.19
N GLN E 335 15.30 -55.43 14.50
CA GLN E 335 16.30 -54.69 15.27
C GLN E 335 17.64 -55.39 15.24
N GLN E 336 17.65 -56.72 15.19
CA GLN E 336 18.88 -57.49 15.14
C GLN E 336 19.16 -58.04 13.75
N GLY E 337 18.44 -57.57 12.73
CA GLY E 337 18.70 -57.96 11.36
C GLY E 337 18.32 -59.37 10.99
N LYS E 338 17.53 -60.05 11.83
CA LYS E 338 17.18 -61.45 11.63
C LYS E 338 15.71 -61.63 11.23
N TYR E 339 15.13 -60.66 10.54
CA TYR E 339 13.72 -60.76 10.19
C TYR E 339 13.50 -61.84 9.14
N ASP E 340 12.53 -62.71 9.39
CA ASP E 340 12.28 -63.87 8.54
C ASP E 340 10.78 -64.15 8.52
N ALA E 341 10.40 -65.33 8.04
CA ALA E 341 9.01 -65.76 8.06
C ALA E 341 8.92 -67.26 8.36
N GLY F 10 39.56 4.96 24.56
CA GLY F 10 39.82 4.49 23.22
C GLY F 10 40.67 5.45 22.42
N LYS F 11 41.77 4.95 21.85
CA LYS F 11 42.79 5.83 21.28
C LYS F 11 42.27 6.62 20.10
N TYR F 12 41.51 5.99 19.21
CA TYR F 12 41.01 6.65 18.02
C TYR F 12 39.56 7.10 18.14
N ASP F 13 38.92 6.83 19.28
CA ASP F 13 37.48 7.05 19.41
C ASP F 13 37.08 8.47 19.01
N GLU F 14 37.82 9.47 19.51
CA GLU F 14 37.46 10.85 19.21
C GLU F 14 37.68 11.18 17.74
N GLU F 15 38.75 10.64 17.14
CA GLU F 15 39.01 10.97 15.74
C GLU F 15 38.05 10.24 14.80
N LEU F 16 37.65 9.01 15.14
CA LEU F 16 36.66 8.30 14.34
C LEU F 16 35.34 9.06 14.33
N ILE F 17 34.89 9.51 15.51
CA ILE F 17 33.66 10.27 15.63
C ILE F 17 33.74 11.55 14.81
N LYS F 18 34.89 12.25 14.87
CA LYS F 18 35.03 13.49 14.11
C LYS F 18 35.05 13.21 12.60
N THR F 19 35.76 12.17 12.17
CA THR F 19 35.80 11.84 10.75
C THR F 19 34.41 11.46 10.24
N ALA F 20 33.70 10.60 10.97
CA ALA F 20 32.38 10.17 10.56
C ALA F 20 31.42 11.35 10.50
N GLY F 21 31.57 12.31 11.41
CA GLY F 21 30.76 13.51 11.36
C GLY F 21 31.09 14.40 10.17
N THR F 22 32.37 14.43 9.77
CA THR F 22 32.77 15.24 8.63
C THR F 22 32.28 14.66 7.32
N VAL F 23 32.42 13.34 7.15
CA VAL F 23 31.97 12.72 5.91
C VAL F 23 30.45 12.79 5.80
N ALA F 24 29.74 12.60 6.91
CA ALA F 24 28.28 12.71 6.94
C ALA F 24 27.87 14.14 7.29
N SER F 25 28.30 15.08 6.47
CA SER F 25 27.98 16.49 6.66
C SER F 25 26.85 16.90 5.72
N LYS F 26 26.03 17.85 6.17
CA LYS F 26 24.87 18.28 5.42
C LYS F 26 25.26 18.78 4.03
N GLY F 27 24.54 18.31 3.03
CA GLY F 27 24.76 18.72 1.66
C GLY F 27 25.97 18.14 0.99
N ARG F 28 26.63 17.15 1.59
CA ARG F 28 27.84 16.58 1.04
C ARG F 28 27.74 15.06 0.98
N GLY F 29 28.42 14.49 -0.01
CA GLY F 29 28.51 13.05 -0.16
C GLY F 29 29.91 12.58 -0.49
N ILE F 30 30.04 11.31 -0.86
CA ILE F 30 31.34 10.69 -1.13
C ILE F 30 31.49 10.48 -2.62
N LEU F 31 32.69 10.74 -3.12
CA LEU F 31 33.06 10.44 -4.50
C LEU F 31 33.86 9.14 -4.48
N ALA F 32 33.27 8.08 -5.05
CA ALA F 32 33.95 6.79 -5.12
C ALA F 32 34.85 6.76 -6.35
N MET F 33 36.16 6.66 -6.14
CA MET F 33 37.13 6.68 -7.23
C MET F 33 38.19 5.60 -7.03
N ASP F 34 37.84 4.51 -6.37
CA ASP F 34 38.79 3.48 -5.93
C ASP F 34 38.95 2.36 -6.96
N GLU F 35 38.85 2.66 -8.25
CA GLU F 35 38.98 1.62 -9.26
C GLU F 35 40.38 1.00 -9.24
N SER F 36 40.44 -0.30 -9.56
CA SER F 36 41.71 -0.97 -9.69
C SER F 36 42.52 -0.36 -10.82
N ASN F 37 43.78 -0.78 -10.93
CA ASN F 37 44.61 -0.33 -12.05
C ASN F 37 44.03 -0.82 -13.36
N ALA F 38 43.54 -2.06 -13.40
CA ALA F 38 42.92 -2.58 -14.61
C ALA F 38 41.56 -1.94 -14.87
N THR F 39 40.71 -1.88 -13.84
CA THR F 39 39.38 -1.29 -14.01
C THR F 39 39.49 0.16 -14.46
N CYS F 40 40.39 0.93 -13.85
CA CYS F 40 40.57 2.32 -14.24
C CYS F 40 41.01 2.43 -15.69
N GLY F 41 41.99 1.60 -16.09
CA GLY F 41 42.42 1.59 -17.47
C GLY F 41 41.32 1.18 -18.43
N LYS F 42 40.46 0.26 -18.01
CA LYS F 42 39.31 -0.11 -18.84
C LYS F 42 38.33 1.04 -18.95
N ARG F 43 38.29 1.91 -17.93
CA ARG F 43 37.49 3.13 -18.04
C ARG F 43 38.13 4.11 -19.02
N LEU F 44 39.45 4.02 -19.21
CA LEU F 44 40.17 5.06 -19.93
C LEU F 44 40.13 4.86 -21.43
N ASP F 45 40.13 3.62 -21.92
CA ASP F 45 40.09 3.41 -23.36
C ASP F 45 38.71 3.64 -23.94
N SER F 46 37.68 3.83 -23.10
CA SER F 46 36.42 4.38 -23.57
C SER F 46 36.65 5.74 -24.23
N ILE F 47 37.65 6.49 -23.78
CA ILE F 47 38.02 7.77 -24.35
C ILE F 47 39.40 7.75 -24.98
N GLY F 48 39.96 6.56 -25.21
CA GLY F 48 41.21 6.41 -25.92
C GLY F 48 42.41 7.11 -25.28
N VAL F 49 42.78 6.66 -24.09
CA VAL F 49 43.90 7.26 -23.38
C VAL F 49 45.01 6.27 -23.07
N GLU F 50 44.73 4.96 -23.07
CA GLU F 50 45.65 3.89 -22.75
C GLU F 50 46.03 3.90 -21.27
N ASN F 51 46.06 2.72 -20.66
CA ASN F 51 46.28 2.57 -19.23
C ASN F 51 47.78 2.63 -18.93
N THR F 52 48.30 3.85 -18.88
CA THR F 52 49.59 4.07 -18.26
C THR F 52 49.37 4.40 -16.78
N GLU F 53 50.46 4.49 -16.03
CA GLU F 53 50.32 4.87 -14.63
C GLU F 53 50.17 6.37 -14.44
N GLU F 54 50.63 7.17 -15.39
CA GLU F 54 50.55 8.62 -15.23
C GLU F 54 49.21 9.20 -15.68
N ASN F 55 48.55 8.60 -16.68
CA ASN F 55 47.21 9.05 -17.05
C ASN F 55 46.19 8.65 -15.99
N ARG F 56 46.40 7.52 -15.33
CA ARG F 56 45.64 7.23 -14.11
C ARG F 56 45.90 8.30 -13.06
N ARG F 57 47.19 8.61 -12.83
CA ARG F 57 47.54 9.69 -11.91
C ARG F 57 47.05 11.04 -12.41
N ALA F 58 47.01 11.23 -13.73
CA ALA F 58 46.49 12.49 -14.26
C ALA F 58 44.98 12.59 -14.08
N TYR F 59 44.26 11.49 -14.37
CA TYR F 59 42.81 11.50 -14.18
C TYR F 59 42.46 11.73 -12.73
N ARG F 60 43.08 10.98 -11.83
CA ARG F 60 42.81 11.15 -10.41
C ARG F 60 43.14 12.56 -9.95
N GLU F 61 44.19 13.16 -10.53
CA GLU F 61 44.53 14.55 -10.21
C GLU F 61 43.45 15.50 -10.72
N LEU F 62 42.93 15.27 -11.93
CA LEU F 62 41.83 16.08 -12.44
C LEU F 62 40.67 16.06 -11.45
N LEU F 63 40.33 14.88 -10.95
CA LEU F 63 39.15 14.73 -10.11
C LEU F 63 39.31 15.49 -8.79
N VAL F 64 40.37 15.19 -8.03
CA VAL F 64 40.48 15.73 -6.68
C VAL F 64 40.87 17.21 -6.66
N THR F 65 41.46 17.74 -7.72
CA THR F 65 41.80 19.15 -7.77
C THR F 65 40.69 20.00 -8.39
N ALA F 66 39.54 19.39 -8.70
CA ALA F 66 38.40 20.15 -9.22
C ALA F 66 38.12 21.34 -8.31
N PRO F 67 37.85 22.51 -8.87
CA PRO F 67 37.89 23.76 -8.07
C PRO F 67 37.01 23.77 -6.82
N GLY F 68 35.70 23.74 -6.97
CA GLY F 68 34.84 23.89 -5.81
C GLY F 68 34.43 22.61 -5.12
N LEU F 69 35.21 21.53 -5.32
CA LEU F 69 34.74 20.19 -5.00
C LEU F 69 34.34 20.05 -3.54
N GLY F 70 35.19 20.50 -2.62
CA GLY F 70 34.94 20.33 -1.20
C GLY F 70 33.62 20.91 -0.72
N GLN F 71 32.96 21.70 -1.55
CA GLN F 71 31.66 22.25 -1.22
C GLN F 71 30.58 21.17 -1.21
N TYR F 72 30.69 20.17 -2.09
CA TYR F 72 29.68 19.14 -2.24
C TYR F 72 30.18 17.74 -1.92
N ILE F 73 31.49 17.54 -1.80
CA ILE F 73 32.08 16.22 -1.61
C ILE F 73 32.85 16.24 -0.29
N SER F 74 32.46 15.36 0.63
CA SER F 74 33.10 15.29 1.94
C SER F 74 34.19 14.25 2.02
N GLY F 75 34.22 13.30 1.07
CA GLY F 75 35.23 12.27 1.10
C GLY F 75 35.42 11.68 -0.27
N ALA F 76 36.57 11.04 -0.46
CA ALA F 76 36.89 10.36 -1.71
C ALA F 76 37.50 9.01 -1.38
N ILE F 77 36.98 7.96 -2.00
CA ILE F 77 37.49 6.60 -1.80
C ILE F 77 38.60 6.37 -2.81
N LEU F 78 39.82 6.20 -2.31
CA LEU F 78 41.00 6.07 -3.17
C LEU F 78 41.41 4.61 -3.32
N PHE F 79 41.93 4.30 -4.51
CA PHE F 79 42.68 3.06 -4.67
C PHE F 79 44.05 3.20 -4.02
N GLU F 80 44.67 2.06 -3.70
CA GLU F 80 45.95 2.06 -3.00
C GLU F 80 47.00 2.88 -3.73
N GLU F 81 47.06 2.75 -5.06
CA GLU F 81 48.04 3.50 -5.83
C GLU F 81 47.84 5.00 -5.66
N THR F 82 46.59 5.47 -5.78
CA THR F 82 46.34 6.91 -5.76
C THR F 82 46.58 7.50 -4.37
N LEU F 83 46.39 6.72 -3.32
CA LEU F 83 46.62 7.23 -1.96
C LEU F 83 48.03 7.77 -1.79
N TYR F 84 48.98 7.28 -2.58
CA TYR F 84 50.37 7.73 -2.50
C TYR F 84 50.80 8.62 -3.66
N GLN F 85 49.99 8.72 -4.72
CA GLN F 85 50.35 9.55 -5.86
C GLN F 85 50.40 11.02 -5.46
N SER F 86 50.79 11.86 -6.41
CA SER F 86 50.93 13.29 -6.18
C SER F 86 50.54 14.07 -7.41
N THR F 87 50.31 15.35 -7.22
CA THR F 87 50.06 16.26 -8.34
C THR F 87 51.30 16.36 -9.22
N ALA F 88 51.11 16.85 -10.44
CA ALA F 88 52.25 17.13 -11.31
C ALA F 88 53.17 18.17 -10.69
N SER F 89 52.60 19.14 -9.95
CA SER F 89 53.41 20.14 -9.26
C SER F 89 54.19 19.52 -8.10
N GLY F 90 53.70 18.42 -7.52
CA GLY F 90 54.41 17.72 -6.48
C GLY F 90 53.73 17.66 -5.14
N LYS F 91 52.55 18.24 -4.96
CA LYS F 91 51.82 18.14 -3.70
C LYS F 91 51.07 16.81 -3.64
N LYS F 92 51.17 16.12 -2.50
CA LYS F 92 50.53 14.83 -2.36
C LYS F 92 49.01 14.97 -2.40
N PHE F 93 48.36 13.99 -3.04
CA PHE F 93 46.90 14.03 -3.18
C PHE F 93 46.22 14.18 -1.83
N VAL F 94 46.69 13.45 -0.82
CA VAL F 94 46.09 13.54 0.52
C VAL F 94 46.20 14.96 1.05
N ASP F 95 47.28 15.66 0.72
CA ASP F 95 47.42 17.05 1.15
C ASP F 95 46.55 17.98 0.31
N VAL F 96 46.35 17.65 -0.97
CA VAL F 96 45.43 18.44 -1.79
C VAL F 96 44.01 18.34 -1.25
N MET F 97 43.59 17.12 -0.91
CA MET F 97 42.22 16.93 -0.44
C MET F 97 42.00 17.56 0.94
N LYS F 98 43.03 17.56 1.80
CA LYS F 98 42.92 18.24 3.07
C LYS F 98 42.64 19.72 2.89
N GLU F 99 43.30 20.35 1.90
CA GLU F 99 43.10 21.78 1.68
C GLU F 99 41.71 22.10 1.16
N GLN F 100 41.09 21.17 0.43
CA GLN F 100 39.71 21.35 -0.01
C GLN F 100 38.71 20.70 0.95
N ASN F 101 39.14 20.31 2.15
CA ASN F 101 38.26 19.75 3.18
C ASN F 101 37.56 18.48 2.68
N ILE F 102 38.33 17.58 2.09
CA ILE F 102 37.85 16.28 1.64
C ILE F 102 38.67 15.21 2.35
N VAL F 103 38.01 14.33 3.09
CA VAL F 103 38.72 13.32 3.87
C VAL F 103 39.18 12.19 2.96
N PRO F 104 40.42 11.72 3.11
CA PRO F 104 40.90 10.60 2.27
C PRO F 104 40.40 9.26 2.77
N GLY F 105 39.81 8.48 1.86
CA GLY F 105 39.42 7.12 2.14
C GLY F 105 40.10 6.14 1.19
N ILE F 106 40.18 4.87 1.57
CA ILE F 106 40.84 3.86 0.76
C ILE F 106 40.04 2.57 0.78
N LYS F 107 39.96 1.91 -0.38
CA LYS F 107 39.40 0.57 -0.45
C LYS F 107 40.40 -0.44 0.12
N VAL F 108 39.94 -1.23 1.08
CA VAL F 108 40.84 -2.16 1.77
C VAL F 108 40.44 -3.62 1.60
N ASP F 109 39.30 -3.91 0.96
CA ASP F 109 38.94 -5.30 0.68
C ASP F 109 39.74 -5.82 -0.51
N LYS F 110 39.76 -7.15 -0.65
CA LYS F 110 40.54 -7.79 -1.70
C LYS F 110 39.66 -8.48 -2.74
N GLY F 111 38.37 -8.16 -2.80
CA GLY F 111 37.54 -8.56 -3.91
C GLY F 111 36.75 -9.82 -3.65
N LEU F 112 35.93 -10.17 -4.65
CA LEU F 112 35.00 -11.29 -4.56
C LEU F 112 35.64 -12.59 -5.03
N VAL F 113 35.32 -13.66 -4.32
CA VAL F 113 35.84 -15.01 -4.60
C VAL F 113 34.68 -15.99 -4.48
N PRO F 114 34.58 -17.00 -5.34
CA PRO F 114 33.53 -18.01 -5.17
C PRO F 114 33.57 -18.63 -3.78
N LEU F 115 32.40 -18.74 -3.16
CA LEU F 115 32.28 -19.30 -1.82
C LEU F 115 31.99 -20.78 -1.92
N SER F 116 32.78 -21.58 -1.20
CA SER F 116 32.71 -23.03 -1.33
C SER F 116 31.32 -23.55 -0.97
N ASN F 117 30.86 -24.53 -1.75
CA ASN F 117 29.61 -25.26 -1.50
C ASN F 117 28.38 -24.37 -1.61
N THR F 118 28.44 -23.35 -2.46
CA THR F 118 27.28 -22.59 -2.90
C THR F 118 27.13 -22.76 -4.41
N ASN F 119 25.98 -22.35 -4.93
CA ASN F 119 25.73 -22.41 -6.37
C ASN F 119 25.98 -21.02 -6.95
N GLY F 120 27.26 -20.72 -7.18
CA GLY F 120 27.64 -19.46 -7.78
C GLY F 120 27.56 -18.24 -6.89
N GLU F 121 27.65 -18.41 -5.57
CA GLU F 121 27.68 -17.28 -4.66
C GLU F 121 29.12 -16.97 -4.26
N SER F 122 29.39 -15.69 -4.05
CA SER F 122 30.73 -15.23 -3.74
C SER F 122 30.81 -14.68 -2.31
N TRP F 123 32.04 -14.57 -1.83
CA TRP F 123 32.35 -13.92 -0.56
C TRP F 123 33.44 -12.88 -0.79
N CYS F 124 33.64 -12.01 0.20
CA CYS F 124 34.61 -10.93 0.11
C CYS F 124 35.82 -11.26 0.99
N MET F 125 37.00 -11.28 0.37
CA MET F 125 38.25 -11.56 1.07
C MET F 125 38.95 -10.26 1.46
N GLY F 126 39.86 -10.37 2.43
CA GLY F 126 40.69 -9.22 2.79
C GLY F 126 41.13 -9.15 4.25
N LEU F 127 40.59 -10.00 5.11
CA LEU F 127 40.88 -9.86 6.54
C LEU F 127 42.32 -10.22 6.87
N ASP F 128 42.93 -11.13 6.11
CA ASP F 128 44.32 -11.52 6.37
C ASP F 128 45.23 -10.31 6.22
N GLY F 129 45.92 -9.95 7.30
CA GLY F 129 46.81 -8.80 7.29
C GLY F 129 46.14 -7.46 7.19
N LEU F 130 44.82 -7.38 7.39
CA LEU F 130 44.12 -6.11 7.24
C LEU F 130 44.52 -5.12 8.33
N ASP F 131 44.89 -5.61 9.52
CA ASP F 131 45.28 -4.72 10.61
C ASP F 131 46.50 -3.88 10.24
N LYS F 132 47.51 -4.52 9.66
CA LYS F 132 48.73 -3.80 9.32
C LYS F 132 48.57 -2.93 8.08
N ARG F 133 47.69 -3.32 7.15
CA ARG F 133 47.44 -2.49 5.98
C ARG F 133 46.78 -1.17 6.36
N CYS F 134 45.70 -1.24 7.15
CA CYS F 134 45.00 -0.03 7.58
C CYS F 134 45.89 0.86 8.42
N ALA F 135 46.72 0.27 9.29
CA ALA F 135 47.69 1.06 10.04
C ALA F 135 48.63 1.80 9.09
N GLU F 136 48.98 1.17 7.98
CA GLU F 136 49.81 1.84 6.98
C GLU F 136 49.01 2.93 6.25
N TYR F 137 47.78 2.60 5.84
CA TYR F 137 46.93 3.59 5.18
C TYR F 137 46.68 4.78 6.10
N TYR F 138 46.53 4.52 7.39
CA TYR F 138 46.38 5.61 8.35
C TYR F 138 47.61 6.51 8.35
N LYS F 139 48.80 5.92 8.43
CA LYS F 139 50.03 6.70 8.33
C LYS F 139 50.07 7.50 7.03
N ALA F 140 49.56 6.93 5.94
CA ALA F 140 49.58 7.61 4.65
C ALA F 140 48.53 8.71 4.54
N GLY F 141 47.64 8.85 5.52
CA GLY F 141 46.68 9.93 5.54
C GLY F 141 45.23 9.53 5.35
N ALA F 142 44.93 8.28 5.04
CA ALA F 142 43.54 7.86 4.95
C ALA F 142 42.90 7.90 6.33
N ARG F 143 41.60 8.22 6.36
CA ARG F 143 40.87 8.24 7.61
C ARG F 143 39.56 7.44 7.59
N PHE F 144 39.08 7.00 6.43
CA PHE F 144 37.99 6.03 6.38
C PHE F 144 38.31 4.97 5.35
N ALA F 145 37.74 3.78 5.56
CA ALA F 145 37.99 2.62 4.72
C ALA F 145 36.71 2.18 4.03
N LYS F 146 36.86 1.29 3.05
CA LYS F 146 35.75 0.73 2.31
C LYS F 146 35.95 -0.76 2.12
N TRP F 147 34.86 -1.51 2.26
CA TRP F 147 34.84 -2.96 2.07
C TRP F 147 33.48 -3.30 1.49
N ARG F 148 33.47 -3.88 0.29
CA ARG F 148 32.23 -4.17 -0.42
C ARG F 148 32.01 -5.67 -0.49
N SER F 149 30.89 -6.13 0.06
CA SER F 149 30.43 -7.49 -0.05
C SER F 149 29.04 -7.48 -0.67
N VAL F 150 28.62 -8.62 -1.21
CA VAL F 150 27.37 -8.69 -1.97
C VAL F 150 26.55 -9.90 -1.54
N VAL F 151 25.24 -9.80 -1.79
CA VAL F 151 24.34 -10.94 -1.72
C VAL F 151 23.46 -10.90 -2.96
N SER F 152 23.11 -12.08 -3.47
CA SER F 152 22.32 -12.21 -4.69
C SER F 152 20.96 -12.82 -4.35
N ILE F 153 19.90 -12.17 -4.81
CA ILE F 153 18.53 -12.64 -4.58
C ILE F 153 18.22 -13.85 -5.47
N PRO F 154 18.62 -13.87 -6.75
CA PRO F 154 18.43 -15.11 -7.52
C PRO F 154 19.00 -16.35 -6.86
N HIS F 155 20.07 -16.23 -6.08
CA HIS F 155 20.61 -17.35 -5.34
C HIS F 155 20.05 -17.45 -3.93
N GLY F 156 19.09 -16.59 -3.58
CA GLY F 156 18.47 -16.62 -2.27
C GLY F 156 18.43 -15.27 -1.60
N PRO F 157 19.55 -14.86 -0.98
CA PRO F 157 20.82 -15.60 -0.93
C PRO F 157 20.77 -16.79 0.03
N SER F 158 21.78 -17.65 -0.03
CA SER F 158 21.84 -18.76 0.91
C SER F 158 22.21 -18.26 2.29
N ILE F 159 21.98 -19.13 3.29
CA ILE F 159 22.31 -18.78 4.67
C ILE F 159 23.80 -18.45 4.79
N ILE F 160 24.66 -19.35 4.31
CA ILE F 160 26.08 -19.18 4.55
C ILE F 160 26.65 -18.02 3.75
N ALA F 161 26.07 -17.71 2.59
CA ALA F 161 26.56 -16.57 1.82
C ALA F 161 26.20 -15.26 2.47
N ALA F 162 24.96 -15.13 2.95
CA ALA F 162 24.57 -13.94 3.69
C ALA F 162 25.34 -13.83 5.01
N ARG F 163 25.54 -14.96 5.69
CA ARG F 163 26.25 -14.96 6.96
C ARG F 163 27.67 -14.44 6.79
N ASP F 164 28.37 -14.90 5.76
CA ASP F 164 29.77 -14.48 5.60
C ASP F 164 29.87 -13.02 5.19
N CYS F 165 28.92 -12.55 4.37
CA CYS F 165 28.83 -11.13 4.02
C CYS F 165 28.74 -10.27 5.27
N ALA F 166 27.82 -10.62 6.17
CA ALA F 166 27.66 -9.87 7.41
C ALA F 166 28.82 -10.11 8.35
N TYR F 167 29.26 -11.36 8.48
CA TYR F 167 30.34 -11.68 9.43
C TYR F 167 31.62 -10.96 9.06
N GLY F 168 32.06 -11.09 7.80
CA GLY F 168 33.29 -10.43 7.38
C GLY F 168 33.23 -8.92 7.56
N LEU F 169 32.09 -8.31 7.25
CA LEU F 169 31.96 -6.87 7.37
C LEU F 169 32.13 -6.44 8.83
N ALA F 170 31.54 -7.19 9.76
CA ALA F 170 31.70 -6.85 11.18
C ALA F 170 33.11 -7.12 11.68
N ARG F 171 33.80 -8.11 11.10
CA ARG F 171 35.21 -8.30 11.43
C ARG F 171 36.04 -7.13 10.95
N TYR F 172 35.80 -6.71 9.71
CA TYR F 172 36.56 -5.62 9.10
C TYR F 172 36.29 -4.30 9.82
N ALA F 173 35.03 -4.01 10.12
CA ALA F 173 34.69 -2.76 10.81
C ALA F 173 35.45 -2.62 12.12
N ALA F 174 35.57 -3.72 12.87
CA ALA F 174 36.34 -3.67 14.12
C ALA F 174 37.82 -3.47 13.85
N ILE F 175 38.37 -4.20 12.86
CA ILE F 175 39.79 -4.08 12.54
C ILE F 175 40.12 -2.68 12.06
N ALA F 176 39.29 -2.13 11.18
CA ALA F 176 39.51 -0.77 10.68
C ALA F 176 39.50 0.25 11.81
N GLN F 177 38.53 0.13 12.72
CA GLN F 177 38.42 1.11 13.80
C GLN F 177 39.59 1.05 14.77
N ASN F 178 40.13 -0.14 15.01
CA ASN F 178 41.29 -0.26 15.89
C ASN F 178 42.55 0.26 15.23
N ALA F 179 42.53 0.51 13.92
CA ALA F 179 43.65 1.11 13.21
C ALA F 179 43.38 2.57 12.85
N GLY F 180 42.29 3.15 13.35
CA GLY F 180 42.02 4.56 13.15
C GLY F 180 41.24 4.94 11.93
N LEU F 181 40.60 3.97 11.26
CA LEU F 181 39.85 4.23 10.03
C LEU F 181 38.36 4.02 10.28
N VAL F 182 37.55 4.96 9.80
CA VAL F 182 36.10 4.84 9.88
C VAL F 182 35.64 3.85 8.81
N PRO F 183 35.12 2.68 9.19
CA PRO F 183 34.73 1.70 8.18
C PRO F 183 33.41 2.08 7.52
N ILE F 184 33.43 2.16 6.20
CA ILE F 184 32.18 2.20 5.44
C ILE F 184 31.70 0.76 5.26
N VAL F 185 30.48 0.49 5.71
CA VAL F 185 29.93 -0.85 5.72
C VAL F 185 29.02 -0.98 4.49
N GLU F 186 29.44 -1.80 3.53
CA GLU F 186 28.72 -1.94 2.25
C GLU F 186 28.37 -3.40 2.00
N PRO F 187 27.23 -3.86 2.50
CA PRO F 187 26.67 -5.11 2.00
C PRO F 187 25.64 -4.82 0.92
N GLU F 188 26.04 -4.92 -0.34
CA GLU F 188 25.16 -4.54 -1.44
C GLU F 188 24.20 -5.68 -1.75
N VAL F 189 22.91 -5.37 -1.76
CA VAL F 189 21.90 -6.26 -2.33
C VAL F 189 21.87 -5.98 -3.83
N LEU F 190 22.31 -6.95 -4.62
CA LEU F 190 22.44 -6.73 -6.06
C LEU F 190 21.07 -6.51 -6.69
N LEU F 191 21.07 -5.76 -7.79
CA LEU F 191 19.87 -5.53 -8.58
C LEU F 191 19.40 -6.78 -9.33
N ASP F 192 20.23 -7.80 -9.42
CA ASP F 192 20.00 -8.90 -10.36
C ASP F 192 18.70 -9.62 -10.08
N GLY F 193 17.98 -9.95 -11.16
CA GLY F 193 16.79 -10.77 -11.10
C GLY F 193 15.54 -9.97 -11.43
N GLU F 194 14.40 -10.65 -11.31
CA GLU F 194 13.10 -10.02 -11.57
C GLU F 194 12.29 -9.84 -10.29
N HIS F 195 12.91 -10.00 -9.13
CA HIS F 195 12.24 -9.77 -7.85
C HIS F 195 11.65 -8.37 -7.78
N ASP F 196 10.55 -8.24 -7.06
CA ASP F 196 9.90 -6.94 -6.90
C ASP F 196 10.57 -6.14 -5.78
N ILE F 197 10.05 -4.95 -5.52
CA ILE F 197 10.64 -4.07 -4.51
C ILE F 197 10.44 -4.65 -3.11
N ASP F 198 9.33 -5.36 -2.88
CA ASP F 198 9.09 -5.96 -1.56
C ASP F 198 10.11 -7.04 -1.25
N ARG F 199 10.57 -7.78 -2.27
CA ARG F 199 11.61 -8.77 -2.06
C ARG F 199 12.95 -8.09 -1.74
N CYS F 200 13.26 -7.00 -2.43
CA CYS F 200 14.46 -6.24 -2.06
C CYS F 200 14.39 -5.78 -0.62
N LEU F 201 13.26 -5.19 -0.22
CA LEU F 201 13.08 -4.74 1.16
C LEU F 201 13.35 -5.86 2.16
N GLU F 202 12.82 -7.05 1.89
CA GLU F 202 12.98 -8.19 2.80
C GLU F 202 14.44 -8.58 2.94
N VAL F 203 15.16 -8.67 1.81
CA VAL F 203 16.55 -9.09 1.84
C VAL F 203 17.42 -8.01 2.49
N GLN F 204 17.16 -6.74 2.18
CA GLN F 204 17.90 -5.65 2.82
C GLN F 204 17.73 -5.70 4.33
N GLU F 205 16.49 -5.84 4.80
CA GLU F 205 16.24 -5.87 6.23
C GLU F 205 16.95 -7.02 6.91
N ALA F 206 17.07 -8.16 6.22
CA ALA F 206 17.72 -9.33 6.80
C ALA F 206 19.23 -9.17 6.87
N ILE F 207 19.85 -8.69 5.79
CA ILE F 207 21.30 -8.57 5.79
C ILE F 207 21.75 -7.46 6.75
N TRP F 208 20.95 -6.41 6.90
CA TRP F 208 21.31 -5.34 7.81
C TRP F 208 21.11 -5.76 9.26
N ALA F 209 20.07 -6.55 9.53
CA ALA F 209 19.91 -7.11 10.87
C ALA F 209 21.10 -7.99 11.24
N GLU F 210 21.52 -8.85 10.32
CA GLU F 210 22.63 -9.76 10.61
C GLU F 210 23.94 -9.00 10.75
N THR F 211 24.18 -8.01 9.89
CA THR F 211 25.40 -7.22 9.98
C THR F 211 25.48 -6.47 11.30
N PHE F 212 24.41 -5.75 11.67
CA PHE F 212 24.44 -4.98 12.91
C PHE F 212 24.55 -5.89 14.13
N LYS F 213 24.01 -7.09 14.08
CA LYS F 213 24.17 -8.01 15.21
C LYS F 213 25.63 -8.41 15.37
N TYR F 214 26.29 -8.78 14.28
CA TYR F 214 27.70 -9.17 14.36
C TYR F 214 28.57 -8.00 14.79
N MET F 215 28.26 -6.78 14.32
CA MET F 215 29.03 -5.61 14.74
C MET F 215 28.86 -5.33 16.22
N ALA F 216 27.65 -5.51 16.76
CA ALA F 216 27.45 -5.34 18.19
C ALA F 216 28.25 -6.37 18.98
N ASP F 217 28.30 -7.61 18.49
CA ASP F 217 29.12 -8.63 19.13
C ASP F 217 30.59 -8.23 19.14
N ASN F 218 31.09 -7.70 18.02
CA ASN F 218 32.50 -7.34 17.91
C ASN F 218 32.84 -6.03 18.61
N LYS F 219 31.89 -5.42 19.32
CA LYS F 219 32.10 -4.19 20.06
C LYS F 219 32.45 -3.02 19.15
N VAL F 220 31.91 -3.02 17.93
CA VAL F 220 32.11 -1.90 17.03
C VAL F 220 31.39 -0.67 17.56
N MET F 221 32.06 0.49 17.48
CA MET F 221 31.48 1.75 17.93
C MET F 221 30.64 2.33 16.80
N PHE F 222 29.32 2.33 16.97
CA PHE F 222 28.44 2.75 15.88
C PHE F 222 28.57 4.23 15.58
N GLU F 223 28.98 5.03 16.56
CA GLU F 223 29.17 6.45 16.33
C GLU F 223 30.27 6.72 15.31
N GLY F 224 31.15 5.75 15.07
CA GLY F 224 32.21 5.92 14.11
C GLY F 224 32.21 4.91 12.98
N ILE F 225 31.06 4.70 12.35
CA ILE F 225 30.96 3.95 11.11
C ILE F 225 30.11 4.75 10.12
N LEU F 226 30.12 4.32 8.87
CA LEU F 226 29.24 4.84 7.84
C LEU F 226 28.68 3.68 7.04
N LEU F 227 27.47 3.87 6.52
CA LEU F 227 26.78 2.85 5.75
C LEU F 227 26.77 3.22 4.27
N LYS F 228 26.96 2.22 3.42
CA LYS F 228 26.80 2.38 1.97
C LYS F 228 25.91 1.25 1.47
N PRO F 229 24.59 1.40 1.57
CA PRO F 229 23.69 0.36 1.08
C PRO F 229 23.19 0.64 -0.32
N ALA F 230 22.64 -0.38 -0.97
CA ALA F 230 21.82 -0.12 -2.14
C ALA F 230 20.48 0.45 -1.69
N MET F 231 19.88 1.28 -2.53
CA MET F 231 18.51 1.70 -2.29
C MET F 231 17.58 0.49 -2.38
N VAL F 232 16.37 0.64 -1.87
CA VAL F 232 15.35 -0.40 -1.97
C VAL F 232 14.59 -0.15 -3.27
N THR F 233 14.85 -0.99 -4.27
CA THR F 233 14.29 -0.84 -5.61
C THR F 233 13.87 -2.21 -6.10
N PRO F 234 13.01 -2.27 -7.12
CA PRO F 234 12.75 -3.56 -7.77
C PRO F 234 14.02 -4.07 -8.46
N GLY F 235 14.02 -5.36 -8.74
CA GLY F 235 15.13 -5.96 -9.45
C GLY F 235 15.29 -5.38 -10.84
N ALA F 236 16.44 -5.69 -11.46
CA ALA F 236 16.76 -5.13 -12.76
C ALA F 236 15.74 -5.55 -13.82
N ASP F 237 15.25 -6.81 -13.74
CA ASP F 237 14.37 -7.36 -14.76
C ASP F 237 12.92 -7.47 -14.30
N CYS F 238 12.56 -6.77 -13.22
CA CYS F 238 11.18 -6.70 -12.75
C CYS F 238 10.43 -5.62 -13.53
N LYS F 239 9.28 -5.98 -14.08
CA LYS F 239 8.57 -5.05 -14.95
C LYS F 239 7.67 -4.09 -14.18
N ASN F 240 7.44 -4.32 -12.89
CA ASN F 240 6.78 -3.34 -12.04
C ASN F 240 7.83 -2.38 -11.50
N LYS F 241 7.78 -1.13 -11.97
CA LYS F 241 8.80 -0.14 -11.64
C LYS F 241 8.46 0.56 -10.32
N ALA F 242 9.31 1.51 -9.93
CA ALA F 242 9.13 2.29 -8.71
C ALA F 242 9.59 3.71 -8.94
N GLY F 243 8.68 4.67 -8.79
CA GLY F 243 9.02 6.08 -8.89
C GLY F 243 9.82 6.53 -7.68
N PRO F 244 10.32 7.77 -7.73
CA PRO F 244 11.18 8.24 -6.63
C PRO F 244 10.50 8.25 -5.27
N ALA F 245 9.25 8.70 -5.20
CA ALA F 245 8.54 8.72 -3.92
C ALA F 245 8.46 7.32 -3.31
N LYS F 246 8.21 6.30 -4.14
CA LYS F 246 8.08 4.95 -3.62
C LYS F 246 9.44 4.38 -3.22
N VAL F 247 10.46 4.59 -4.05
CA VAL F 247 11.82 4.19 -3.67
C VAL F 247 12.23 4.87 -2.37
N ALA F 248 11.92 6.16 -2.22
CA ALA F 248 12.22 6.86 -0.99
C ALA F 248 11.49 6.23 0.21
N GLU F 249 10.17 6.04 0.07
CA GLU F 249 9.38 5.47 1.15
C GLU F 249 9.92 4.12 1.58
N TYR F 250 10.16 3.23 0.61
CA TYR F 250 10.64 1.89 0.94
C TYR F 250 12.04 1.94 1.55
N THR F 251 12.93 2.76 1.00
CA THR F 251 14.30 2.83 1.48
C THR F 251 14.36 3.40 2.89
N LEU F 252 13.62 4.48 3.15
CA LEU F 252 13.64 5.09 4.47
C LEU F 252 12.96 4.19 5.50
N LYS F 253 11.91 3.48 5.09
CA LYS F 253 11.33 2.44 5.94
C LYS F 253 12.40 1.45 6.38
N MET F 254 13.12 0.89 5.41
CA MET F 254 14.14 -0.09 5.72
C MET F 254 15.16 0.46 6.71
N LEU F 255 15.70 1.65 6.43
CA LEU F 255 16.71 2.24 7.32
C LEU F 255 16.15 2.49 8.70
N ARG F 256 14.95 3.06 8.79
CA ARG F 256 14.33 3.36 10.08
C ARG F 256 14.16 2.09 10.92
N ARG F 257 14.03 0.93 10.27
CA ARG F 257 13.82 -0.33 10.97
C ARG F 257 15.11 -1.03 11.36
N ARG F 258 16.27 -0.60 10.86
CA ARG F 258 17.48 -1.40 10.99
C ARG F 258 18.73 -0.64 11.44
N VAL F 259 18.76 0.68 11.32
CA VAL F 259 19.98 1.44 11.61
C VAL F 259 19.75 2.17 12.93
N PRO F 260 20.56 1.94 13.97
CA PRO F 260 20.40 2.72 15.19
C PRO F 260 20.80 4.16 14.97
N PRO F 261 20.21 5.11 15.72
CA PRO F 261 20.51 6.53 15.46
C PRO F 261 21.95 6.91 15.71
N ALA F 262 22.70 6.08 16.44
CA ALA F 262 24.11 6.37 16.67
C ALA F 262 24.89 6.46 15.37
N VAL F 263 24.49 5.70 14.35
CA VAL F 263 25.15 5.76 13.04
C VAL F 263 24.95 7.16 12.46
N PRO F 264 26.02 7.87 12.10
CA PRO F 264 25.85 9.27 11.67
C PRO F 264 25.45 9.45 10.21
N GLY F 265 25.83 8.53 9.33
CA GLY F 265 25.65 8.77 7.90
C GLY F 265 25.35 7.51 7.12
N ILE F 266 24.54 7.67 6.07
CA ILE F 266 24.13 6.60 5.17
C ILE F 266 24.25 7.13 3.75
N MET F 267 25.08 6.49 2.94
CA MET F 267 25.46 7.04 1.64
C MET F 267 25.30 5.98 0.56
N PHE F 268 24.29 6.17 -0.30
CA PHE F 268 23.87 5.13 -1.21
C PHE F 268 24.79 4.99 -2.42
N LEU F 269 24.97 3.74 -2.84
CA LEU F 269 25.46 3.48 -4.20
C LEU F 269 24.34 3.72 -5.20
N SER F 270 24.73 4.03 -6.44
CA SER F 270 23.74 4.20 -7.49
C SER F 270 23.38 2.88 -8.14
N GLY F 271 24.38 2.00 -8.35
CA GLY F 271 24.12 0.60 -8.65
C GLY F 271 23.41 0.32 -9.96
N GLY F 272 23.40 1.27 -10.89
CA GLY F 272 22.79 0.98 -12.17
C GLY F 272 21.57 1.81 -12.51
N GLN F 273 21.39 2.91 -11.80
CA GLN F 273 20.38 3.88 -12.19
C GLN F 273 21.02 4.96 -13.06
N SER F 274 20.18 5.75 -13.71
CA SER F 274 20.70 6.88 -14.45
C SER F 274 21.13 7.98 -13.48
N GLU F 275 21.81 9.00 -14.02
CA GLU F 275 22.22 10.13 -13.19
C GLU F 275 21.02 10.88 -12.65
N LEU F 276 20.01 11.11 -13.49
CA LEU F 276 18.80 11.77 -13.03
C LEU F 276 18.04 10.91 -12.03
N GLU F 277 17.94 9.60 -12.31
CA GLU F 277 17.25 8.68 -11.41
C GLU F 277 17.90 8.64 -10.03
N SER F 278 19.24 8.60 -9.98
CA SER F 278 19.94 8.62 -8.70
C SER F 278 19.66 9.90 -7.94
N THR F 279 19.55 11.02 -8.66
CA THR F 279 19.34 12.31 -8.02
C THR F 279 17.93 12.41 -7.46
N LEU F 280 16.92 12.11 -8.27
CA LEU F 280 15.53 12.24 -7.83
C LEU F 280 15.21 11.27 -6.70
N ASN F 281 15.86 10.10 -6.67
CA ASN F 281 15.62 9.16 -5.59
C ASN F 281 16.16 9.70 -4.26
N LEU F 282 17.41 10.17 -4.24
CA LEU F 282 17.94 10.80 -3.04
C LEU F 282 17.14 12.04 -2.66
N ASN F 283 16.73 12.83 -3.66
CA ASN F 283 15.98 14.06 -3.40
C ASN F 283 14.66 13.75 -2.70
N ALA F 284 14.02 12.64 -3.06
CA ALA F 284 12.74 12.29 -2.46
C ALA F 284 12.87 11.79 -1.03
N MET F 285 14.06 11.34 -0.63
CA MET F 285 14.30 10.92 0.74
C MET F 285 14.66 12.07 1.67
N ASN F 286 14.63 13.32 1.18
CA ASN F 286 15.07 14.45 2.00
C ASN F 286 14.09 15.61 1.90
N GLN F 287 12.80 15.31 1.70
CA GLN F 287 11.77 16.33 1.83
C GLN F 287 11.45 16.65 3.29
N SER F 288 11.74 15.73 4.19
CA SER F 288 11.58 15.87 5.62
C SER F 288 12.85 15.37 6.29
N PRO F 289 13.10 15.78 7.54
CA PRO F 289 14.37 15.39 8.19
C PRO F 289 14.46 13.89 8.40
N ASN F 290 15.70 13.43 8.61
CA ASN F 290 15.99 12.04 8.89
C ASN F 290 16.81 11.94 10.16
N PRO F 291 16.71 10.81 10.89
CA PRO F 291 17.51 10.65 12.11
C PRO F 291 18.99 10.43 11.86
N TRP F 292 19.35 10.24 10.61
CA TRP F 292 20.77 10.19 10.21
C TRP F 292 20.92 10.94 8.89
N HIS F 293 22.13 11.29 8.53
CA HIS F 293 22.36 11.96 7.26
C HIS F 293 22.22 10.94 6.12
N VAL F 294 21.31 11.21 5.19
CA VAL F 294 21.03 10.32 4.07
C VAL F 294 21.58 10.99 2.82
N SER F 295 22.67 10.43 2.28
CA SER F 295 23.36 11.07 1.17
C SER F 295 23.81 10.03 0.13
N PHE F 296 24.87 10.35 -0.61
CA PHE F 296 25.28 9.58 -1.77
C PHE F 296 26.75 9.19 -1.65
N SER F 297 27.12 8.15 -2.40
CA SER F 297 28.50 7.67 -2.53
C SER F 297 28.59 6.99 -3.90
N TYR F 298 28.69 7.81 -4.94
CA TYR F 298 28.60 7.36 -6.31
C TYR F 298 29.97 7.24 -6.96
N ALA F 299 30.04 6.39 -7.99
CA ALA F 299 31.23 6.28 -8.81
C ALA F 299 30.97 6.89 -10.18
N ARG F 300 30.37 6.11 -11.07
CA ARG F 300 30.13 6.58 -12.43
C ARG F 300 29.13 7.73 -12.49
N ALA F 301 28.16 7.75 -11.58
CA ALA F 301 27.17 8.83 -11.59
C ALA F 301 27.83 10.20 -11.43
N LEU F 302 29.00 10.25 -10.79
CA LEU F 302 29.81 11.46 -10.72
C LEU F 302 30.94 11.48 -11.74
N GLN F 303 31.45 10.31 -12.14
CA GLN F 303 32.64 10.24 -12.97
C GLN F 303 32.36 10.13 -14.46
N ASN F 304 31.19 9.59 -14.86
CA ASN F 304 30.98 9.26 -16.26
C ASN F 304 31.02 10.49 -17.16
N THR F 305 30.36 11.56 -16.76
CA THR F 305 30.37 12.76 -17.59
C THR F 305 31.72 13.47 -17.56
N VAL F 306 32.55 13.19 -16.55
CA VAL F 306 33.86 13.83 -16.46
C VAL F 306 34.81 13.25 -17.50
N LEU F 307 34.75 11.93 -17.71
CA LEU F 307 35.67 11.30 -18.65
C LEU F 307 35.41 11.75 -20.08
N LYS F 308 34.14 11.79 -20.47
CA LYS F 308 33.80 12.14 -21.85
C LYS F 308 33.90 13.64 -22.12
N THR F 309 33.91 14.47 -21.08
CA THR F 309 34.21 15.89 -21.27
C THR F 309 35.72 16.11 -21.37
N TRP F 310 36.48 15.39 -20.55
CA TRP F 310 37.94 15.42 -20.66
C TRP F 310 38.38 14.93 -22.03
N GLN F 311 37.93 13.73 -22.42
CA GLN F 311 38.32 13.08 -23.67
C GLN F 311 39.85 12.97 -23.78
N GLY F 312 40.52 12.94 -22.63
CA GLY F 312 41.97 12.90 -22.57
C GLY F 312 42.69 14.17 -22.94
N LYS F 313 42.02 15.11 -23.63
CA LYS F 313 42.69 16.32 -24.10
C LYS F 313 42.94 17.27 -22.93
N PRO F 314 44.18 17.73 -22.74
CA PRO F 314 44.51 18.55 -21.57
C PRO F 314 43.95 19.97 -21.61
N GLU F 315 43.47 20.44 -22.76
CA GLU F 315 42.81 21.74 -22.79
C GLU F 315 41.36 21.66 -22.35
N ASN F 316 40.78 20.47 -22.36
CA ASN F 316 39.39 20.29 -21.94
C ASN F 316 39.27 19.89 -20.47
N VAL F 317 40.31 20.11 -19.68
CA VAL F 317 40.19 20.11 -18.23
C VAL F 317 39.28 21.24 -17.76
N GLN F 318 38.94 22.17 -18.66
CA GLN F 318 37.98 23.23 -18.41
C GLN F 318 36.66 22.68 -17.87
N ALA F 319 35.81 22.16 -18.77
CA ALA F 319 34.51 21.65 -18.39
C ALA F 319 34.57 20.26 -17.78
N ALA F 320 35.66 19.52 -17.99
CA ALA F 320 35.78 18.21 -17.35
C ALA F 320 35.70 18.33 -15.84
N GLN F 321 36.46 19.26 -15.26
CA GLN F 321 36.32 19.56 -13.84
C GLN F 321 35.00 20.26 -13.56
N ALA F 322 34.49 21.05 -14.51
CA ALA F 322 33.22 21.74 -14.30
C ALA F 322 32.05 20.78 -14.33
N ALA F 323 32.12 19.77 -15.20
CA ALA F 323 31.06 18.75 -15.25
C ALA F 323 30.98 17.98 -13.94
N LEU F 324 32.13 17.72 -13.32
CA LEU F 324 32.15 17.09 -12.01
C LEU F 324 31.47 17.97 -10.97
N LEU F 325 31.70 19.29 -11.05
CA LEU F 325 31.14 20.20 -10.06
C LEU F 325 29.62 20.28 -10.16
N LYS F 326 29.08 20.26 -11.38
CA LYS F 326 27.64 20.35 -11.54
C LYS F 326 26.96 19.05 -11.11
N ARG F 327 27.58 17.91 -11.41
CA ARG F 327 27.01 16.63 -10.98
C ARG F 327 27.01 16.51 -9.47
N ALA F 328 28.14 16.87 -8.84
CA ALA F 328 28.23 16.82 -7.39
C ALA F 328 27.24 17.78 -6.74
N LYS F 329 26.99 18.93 -7.37
CA LYS F 329 26.06 19.89 -6.80
C LYS F 329 24.63 19.41 -6.90
N ALA F 330 24.29 18.75 -8.02
CA ALA F 330 22.94 18.21 -8.16
C ALA F 330 22.63 17.20 -7.07
N ASN F 331 23.61 16.37 -6.71
CA ASN F 331 23.41 15.38 -5.66
C ASN F 331 23.47 16.01 -4.28
N SER F 332 24.27 17.06 -4.11
CA SER F 332 24.26 17.84 -2.88
C SER F 332 22.88 18.46 -2.66
N ASP F 333 22.35 19.11 -3.71
CA ASP F 333 21.00 19.67 -3.64
C ASP F 333 19.98 18.59 -3.30
N ALA F 334 20.12 17.40 -3.89
CA ALA F 334 19.18 16.31 -3.60
C ALA F 334 19.31 15.86 -2.15
N GLN F 335 20.53 15.84 -1.62
CA GLN F 335 20.71 15.48 -0.21
C GLN F 335 19.91 16.41 0.70
N GLN F 336 19.68 17.65 0.29
CA GLN F 336 18.93 18.60 1.10
C GLN F 336 17.49 18.73 0.65
N GLY F 337 17.06 17.91 -0.30
CA GLY F 337 15.70 18.01 -0.82
C GLY F 337 15.44 19.18 -1.73
N LYS F 338 16.49 19.83 -2.26
CA LYS F 338 16.35 21.07 -3.00
C LYS F 338 16.69 20.93 -4.48
N TYR F 339 16.64 19.72 -5.05
CA TYR F 339 17.07 19.57 -6.44
C TYR F 339 16.15 20.34 -7.40
N ASP F 340 14.86 20.33 -7.14
CA ASP F 340 13.91 20.95 -8.06
C ASP F 340 13.84 22.47 -7.87
N GLY G 10 30.81 -35.15 -6.77
CA GLY G 10 31.52 -34.29 -5.83
C GLY G 10 32.97 -34.02 -6.22
N LYS G 11 33.48 -34.87 -7.13
CA LYS G 11 34.81 -34.77 -7.74
C LYS G 11 35.91 -35.38 -6.88
N TYR G 12 36.13 -34.86 -5.68
CA TYR G 12 37.17 -35.36 -4.81
C TYR G 12 36.64 -36.22 -3.67
N ASP G 13 35.33 -36.44 -3.60
CA ASP G 13 34.75 -37.07 -2.42
C ASP G 13 35.36 -38.44 -2.16
N GLU G 14 35.50 -39.26 -3.20
CA GLU G 14 36.02 -40.61 -3.01
C GLU G 14 37.51 -40.60 -2.73
N GLU G 15 38.26 -39.66 -3.32
CA GLU G 15 39.69 -39.55 -2.98
C GLU G 15 39.87 -39.04 -1.56
N LEU G 16 39.02 -38.11 -1.12
CA LEU G 16 39.10 -37.63 0.26
C LEU G 16 38.81 -38.75 1.25
N ILE G 17 37.86 -39.62 0.92
CA ILE G 17 37.50 -40.71 1.82
C ILE G 17 38.65 -41.72 1.90
N LYS G 18 39.31 -41.99 0.77
CA LYS G 18 40.43 -42.92 0.76
C LYS G 18 41.61 -42.37 1.57
N THR G 19 41.89 -41.08 1.43
CA THR G 19 42.97 -40.47 2.19
C THR G 19 42.69 -40.52 3.69
N ALA G 20 41.46 -40.18 4.09
CA ALA G 20 41.13 -40.16 5.50
C ALA G 20 41.23 -41.56 6.11
N GLY G 21 40.85 -42.58 5.35
CA GLY G 21 41.02 -43.95 5.83
C GLY G 21 42.48 -44.34 5.94
N THR G 22 43.30 -43.88 4.99
CA THR G 22 44.72 -44.21 5.03
C THR G 22 45.39 -43.56 6.25
N VAL G 23 45.09 -42.29 6.51
CA VAL G 23 45.74 -41.59 7.61
C VAL G 23 45.26 -42.15 8.95
N ALA G 24 43.97 -42.44 9.08
CA ALA G 24 43.44 -43.10 10.27
C ALA G 24 43.55 -44.60 10.05
N SER G 25 44.74 -45.13 10.29
CA SER G 25 45.02 -46.56 10.15
C SER G 25 45.42 -47.12 11.50
N LYS G 26 44.92 -48.31 11.82
CA LYS G 26 45.24 -48.97 13.07
C LYS G 26 46.75 -49.03 13.29
N GLY G 27 47.18 -48.67 14.49
CA GLY G 27 48.60 -48.68 14.79
C GLY G 27 49.41 -47.64 14.05
N ARG G 28 48.76 -46.60 13.52
CA ARG G 28 49.45 -45.57 12.76
C ARG G 28 48.93 -44.19 13.18
N GLY G 29 49.84 -43.22 13.22
CA GLY G 29 49.51 -41.85 13.55
C GLY G 29 50.23 -40.89 12.63
N ILE G 30 50.21 -39.61 12.95
CA ILE G 30 50.81 -38.56 12.11
C ILE G 30 52.03 -37.99 12.82
N LEU G 31 53.10 -37.79 12.06
CA LEU G 31 54.27 -37.05 12.52
C LEU G 31 54.14 -35.61 12.04
N ALA G 32 53.90 -34.69 12.98
CA ALA G 32 53.78 -33.28 12.65
C ALA G 32 55.17 -32.67 12.57
N MET G 33 55.52 -32.11 11.41
CA MET G 33 56.83 -31.52 11.17
C MET G 33 56.70 -30.29 10.28
N ASP G 34 55.61 -29.54 10.47
CA ASP G 34 55.31 -28.38 9.65
C ASP G 34 55.86 -27.08 10.22
N GLU G 35 56.99 -27.15 10.94
CA GLU G 35 57.55 -25.94 11.53
C GLU G 35 57.97 -24.96 10.45
N SER G 36 57.70 -23.67 10.70
CA SER G 36 58.19 -22.62 9.83
C SER G 36 59.72 -22.62 9.85
N ASN G 37 60.30 -21.91 8.87
CA ASN G 37 61.76 -21.81 8.80
C ASN G 37 62.33 -21.21 10.09
N ALA G 38 61.63 -20.24 10.67
CA ALA G 38 62.12 -19.60 11.88
C ALA G 38 62.05 -20.54 13.08
N THR G 39 60.93 -21.24 13.26
CA THR G 39 60.79 -22.14 14.39
C THR G 39 61.68 -23.37 14.25
N CYS G 40 61.90 -23.83 13.02
CA CYS G 40 62.88 -24.91 12.81
C CYS G 40 64.28 -24.44 13.15
N GLY G 41 64.58 -23.17 12.90
CA GLY G 41 65.84 -22.59 13.36
C GLY G 41 65.94 -22.60 14.87
N LYS G 42 64.84 -22.32 15.57
CA LYS G 42 64.82 -22.41 17.02
C LYS G 42 65.25 -23.80 17.49
N ARG G 43 64.73 -24.84 16.84
CA ARG G 43 65.08 -26.21 17.23
C ARG G 43 66.49 -26.59 16.81
N LEU G 44 66.99 -26.01 15.72
CA LEU G 44 68.36 -26.32 15.30
C LEU G 44 69.40 -25.76 16.26
N ASP G 45 69.08 -24.64 16.93
CA ASP G 45 69.98 -24.10 17.94
C ASP G 45 69.88 -24.85 19.26
N SER G 46 68.80 -25.61 19.47
CA SER G 46 68.73 -26.48 20.64
C SER G 46 69.94 -27.41 20.72
N ILE G 47 70.47 -27.80 19.56
CA ILE G 47 71.61 -28.69 19.45
C ILE G 47 72.82 -28.01 18.82
N GLY G 48 72.81 -26.69 18.75
CA GLY G 48 73.94 -25.93 18.21
C GLY G 48 74.19 -26.16 16.74
N VAL G 49 73.14 -26.06 15.91
CA VAL G 49 73.27 -26.19 14.47
C VAL G 49 72.72 -24.92 13.83
N GLU G 50 73.48 -24.33 12.93
CA GLU G 50 73.10 -23.08 12.30
C GLU G 50 71.96 -23.29 11.32
N ASN G 51 71.08 -22.29 11.24
CA ASN G 51 69.82 -22.40 10.52
C ASN G 51 69.97 -21.85 9.11
N THR G 52 70.35 -22.72 8.18
CA THR G 52 70.31 -22.43 6.76
C THR G 52 69.23 -23.27 6.09
N GLU G 53 69.02 -23.04 4.80
CA GLU G 53 68.03 -23.83 4.07
C GLU G 53 68.51 -25.25 3.83
N GLU G 54 69.83 -25.48 3.82
CA GLU G 54 70.35 -26.83 3.65
C GLU G 54 70.21 -27.66 4.92
N ASN G 55 70.35 -27.03 6.10
CA ASN G 55 70.29 -27.79 7.34
C ASN G 55 68.87 -28.22 7.67
N ARG G 56 67.89 -27.37 7.36
CA ARG G 56 66.49 -27.78 7.53
C ARG G 56 66.15 -28.92 6.58
N ARG G 57 66.56 -28.80 5.32
CA ARG G 57 66.34 -29.87 4.35
C ARG G 57 67.00 -31.16 4.79
N ALA G 58 68.19 -31.07 5.39
CA ALA G 58 68.86 -32.25 5.91
C ALA G 58 68.07 -32.88 7.06
N TYR G 59 67.63 -32.05 8.01
CA TYR G 59 66.87 -32.55 9.14
C TYR G 59 65.56 -33.20 8.69
N ARG G 60 64.85 -32.54 7.77
CA ARG G 60 63.61 -33.11 7.26
C ARG G 60 63.89 -34.35 6.43
N GLU G 61 65.04 -34.41 5.76
CA GLU G 61 65.45 -35.64 5.10
C GLU G 61 65.65 -36.77 6.10
N LEU G 62 66.27 -36.46 7.24
CA LEU G 62 66.49 -37.46 8.27
C LEU G 62 65.17 -38.08 8.73
N LEU G 63 64.14 -37.26 8.91
CA LEU G 63 62.87 -37.77 9.45
C LEU G 63 62.15 -38.63 8.41
N VAL G 64 62.01 -38.14 7.18
CA VAL G 64 61.17 -38.82 6.21
C VAL G 64 61.81 -40.10 5.66
N THR G 65 63.14 -40.22 5.70
CA THR G 65 63.81 -41.40 5.17
C THR G 65 64.14 -42.42 6.25
N ALA G 66 63.60 -42.26 7.45
CA ALA G 66 63.81 -43.24 8.49
C ALA G 66 63.24 -44.59 8.04
N PRO G 67 63.98 -45.69 8.25
CA PRO G 67 63.69 -46.94 7.51
C PRO G 67 62.27 -47.47 7.63
N GLY G 68 61.84 -47.84 8.84
CA GLY G 68 60.55 -48.49 8.98
C GLY G 68 59.39 -47.57 9.32
N LEU G 69 59.51 -46.29 8.97
CA LEU G 69 58.54 -45.28 9.37
C LEU G 69 57.11 -45.69 9.03
N GLY G 70 56.89 -46.23 7.83
CA GLY G 70 55.56 -46.51 7.33
C GLY G 70 54.72 -47.44 8.18
N GLN G 71 55.34 -48.18 9.11
CA GLN G 71 54.56 -49.07 9.96
C GLN G 71 53.83 -48.33 11.07
N TYR G 72 54.35 -47.19 11.51
CA TYR G 72 53.77 -46.44 12.62
C TYR G 72 53.30 -45.04 12.23
N ILE G 73 53.66 -44.55 11.05
CA ILE G 73 53.35 -43.19 10.64
C ILE G 73 52.54 -43.26 9.34
N SER G 74 51.30 -42.77 9.39
CA SER G 74 50.42 -42.79 8.23
C SER G 74 50.39 -41.47 7.47
N GLY G 75 50.86 -40.38 8.07
CA GLY G 75 50.86 -39.08 7.43
C GLY G 75 51.88 -38.18 8.05
N ALA G 76 52.36 -37.20 7.28
CA ALA G 76 53.35 -36.25 7.73
C ALA G 76 52.91 -34.85 7.35
N ILE G 77 52.67 -34.00 8.36
CA ILE G 77 52.31 -32.61 8.12
C ILE G 77 53.58 -31.84 7.79
N LEU G 78 53.67 -31.34 6.57
CA LEU G 78 54.88 -30.67 6.10
C LEU G 78 54.66 -29.17 6.02
N PHE G 79 55.74 -28.43 6.23
CA PHE G 79 55.76 -27.02 5.88
C PHE G 79 55.81 -26.86 4.36
N GLU G 80 55.46 -25.67 3.89
CA GLU G 80 55.34 -25.44 2.45
C GLU G 80 56.65 -25.71 1.72
N GLU G 81 57.76 -25.24 2.27
CA GLU G 81 59.05 -25.40 1.61
C GLU G 81 59.45 -26.87 1.52
N THR G 82 59.27 -27.62 2.62
CA THR G 82 59.65 -29.03 2.62
C THR G 82 58.85 -29.84 1.60
N LEU G 83 57.65 -29.38 1.26
CA LEU G 83 56.82 -30.10 0.29
C LEU G 83 57.47 -30.21 -1.08
N TYR G 84 58.42 -29.31 -1.40
CA TYR G 84 59.08 -29.32 -2.69
C TYR G 84 60.52 -29.78 -2.63
N GLN G 85 61.08 -30.00 -1.45
CA GLN G 85 62.47 -30.39 -1.32
C GLN G 85 62.66 -31.87 -1.68
N SER G 86 63.93 -32.27 -1.72
CA SER G 86 64.30 -33.63 -2.10
C SER G 86 65.45 -34.10 -1.23
N THR G 87 65.65 -35.41 -1.23
CA THR G 87 66.84 -35.97 -0.59
C THR G 87 68.09 -35.52 -1.33
N ALA G 88 69.24 -35.71 -0.69
CA ALA G 88 70.51 -35.54 -1.40
C ALA G 88 70.59 -36.46 -2.61
N SER G 89 69.94 -37.63 -2.53
CA SER G 89 69.89 -38.56 -3.66
C SER G 89 69.22 -37.92 -4.88
N GLY G 90 68.27 -37.03 -4.67
CA GLY G 90 67.52 -36.41 -5.75
C GLY G 90 66.07 -36.83 -5.82
N LYS G 91 65.64 -37.76 -4.96
CA LYS G 91 64.26 -38.18 -4.91
C LYS G 91 63.43 -37.17 -4.13
N LYS G 92 62.29 -36.77 -4.68
CA LYS G 92 61.42 -35.83 -4.00
C LYS G 92 60.86 -36.45 -2.72
N PHE G 93 60.66 -35.60 -1.71
CA PHE G 93 60.20 -36.08 -0.41
C PHE G 93 58.85 -36.76 -0.52
N VAL G 94 57.97 -36.25 -1.38
CA VAL G 94 56.64 -36.85 -1.53
C VAL G 94 56.73 -38.26 -2.09
N ASP G 95 57.69 -38.51 -2.97
CA ASP G 95 57.88 -39.87 -3.51
C ASP G 95 58.53 -40.78 -2.48
N VAL G 96 59.41 -40.25 -1.63
CA VAL G 96 59.94 -41.04 -0.53
C VAL G 96 58.81 -41.46 0.41
N MET G 97 57.85 -40.56 0.64
CA MET G 97 56.73 -40.88 1.52
C MET G 97 55.71 -41.78 0.85
N LYS G 98 55.56 -41.66 -0.48
CA LYS G 98 54.73 -42.61 -1.21
C LYS G 98 55.26 -44.03 -1.04
N GLU G 99 56.58 -44.18 -1.02
CA GLU G 99 57.19 -45.51 -0.88
C GLU G 99 56.84 -46.17 0.45
N GLN G 100 56.67 -45.37 1.51
CA GLN G 100 56.37 -45.90 2.83
C GLN G 100 54.88 -45.85 3.16
N ASN G 101 54.03 -45.55 2.18
CA ASN G 101 52.59 -45.42 2.39
C ASN G 101 52.27 -44.38 3.46
N ILE G 102 52.99 -43.26 3.42
CA ILE G 102 52.76 -42.13 4.30
C ILE G 102 52.20 -40.99 3.46
N VAL G 103 51.02 -40.52 3.82
CA VAL G 103 50.36 -39.49 3.02
C VAL G 103 51.00 -38.14 3.31
N PRO G 104 51.37 -37.36 2.29
CA PRO G 104 51.92 -36.02 2.53
C PRO G 104 50.83 -35.05 2.97
N GLY G 105 51.11 -34.30 4.03
CA GLY G 105 50.24 -33.23 4.47
C GLY G 105 50.92 -31.89 4.33
N ILE G 106 50.13 -30.83 4.49
CA ILE G 106 50.63 -29.46 4.33
C ILE G 106 49.90 -28.56 5.32
N LYS G 107 50.65 -27.71 6.01
CA LYS G 107 50.04 -26.64 6.80
C LYS G 107 49.66 -25.50 5.87
N VAL G 108 48.43 -25.02 6.00
CA VAL G 108 47.90 -24.02 5.08
C VAL G 108 47.39 -22.77 5.79
N ASP G 109 47.37 -22.75 7.11
CA ASP G 109 46.99 -21.53 7.81
C ASP G 109 48.18 -20.58 7.90
N LYS G 110 47.86 -19.31 8.12
CA LYS G 110 48.88 -18.26 8.17
C LYS G 110 49.13 -17.75 9.59
N GLY G 111 48.81 -18.54 10.60
CA GLY G 111 49.21 -18.23 11.96
C GLY G 111 48.20 -17.41 12.75
N LEU G 112 48.54 -17.21 14.02
CA LEU G 112 47.69 -16.54 14.99
C LEU G 112 47.94 -15.02 14.97
N VAL G 113 46.86 -14.28 15.22
CA VAL G 113 46.87 -12.82 15.14
C VAL G 113 45.95 -12.29 16.24
N PRO G 114 46.27 -11.15 16.86
CA PRO G 114 45.36 -10.59 17.87
C PRO G 114 43.99 -10.26 17.28
N LEU G 115 42.93 -10.70 17.97
CA LEU G 115 41.56 -10.44 17.55
C LEU G 115 41.11 -9.10 18.15
N SER G 116 40.68 -8.19 17.29
CA SER G 116 40.34 -6.83 17.70
C SER G 116 39.18 -6.82 18.68
N ASN G 117 39.29 -5.98 19.71
CA ASN G 117 38.27 -5.81 20.75
C ASN G 117 38.11 -7.05 21.61
N THR G 118 39.16 -7.84 21.72
CA THR G 118 39.31 -8.84 22.78
C THR G 118 40.44 -8.41 23.71
N ASN G 119 40.49 -9.04 24.87
CA ASN G 119 41.52 -8.77 25.85
C ASN G 119 42.65 -9.81 25.71
N GLY G 120 43.43 -9.63 24.65
CA GLY G 120 44.58 -10.48 24.42
C GLY G 120 44.28 -11.83 23.81
N GLU G 121 43.25 -11.94 22.99
CA GLU G 121 42.87 -13.20 22.37
C GLU G 121 43.21 -13.20 20.89
N SER G 122 43.46 -14.39 20.36
CA SER G 122 43.96 -14.54 18.99
C SER G 122 42.93 -15.20 18.08
N TRP G 123 43.10 -14.94 16.79
CA TRP G 123 42.42 -15.66 15.74
C TRP G 123 43.43 -16.13 14.71
N CYS G 124 43.03 -17.10 13.89
CA CYS G 124 43.91 -17.73 12.92
C CYS G 124 43.53 -17.26 11.52
N MET G 125 44.45 -16.58 10.86
CA MET G 125 44.23 -16.08 9.51
C MET G 125 44.56 -17.16 8.49
N GLY G 126 44.23 -16.88 7.22
CA GLY G 126 44.64 -17.76 6.14
C GLY G 126 43.61 -18.07 5.07
N LEU G 127 42.40 -17.53 5.20
CA LEU G 127 41.37 -17.84 4.20
C LEU G 127 41.63 -17.13 2.89
N ASP G 128 42.28 -15.98 2.92
CA ASP G 128 42.52 -15.22 1.69
C ASP G 128 43.43 -16.00 0.75
N GLY G 129 42.90 -16.35 -0.42
CA GLY G 129 43.63 -17.12 -1.40
C GLY G 129 43.86 -18.56 -1.02
N LEU G 130 43.18 -19.06 0.03
CA LEU G 130 43.42 -20.43 0.47
C LEU G 130 43.06 -21.44 -0.61
N ASP G 131 42.07 -21.13 -1.45
CA ASP G 131 41.66 -22.05 -2.50
C ASP G 131 42.78 -22.30 -3.50
N LYS G 132 43.51 -21.24 -3.89
CA LYS G 132 44.60 -21.42 -4.84
C LYS G 132 45.77 -22.16 -4.21
N ARG G 133 46.11 -21.83 -2.96
CA ARG G 133 47.24 -22.48 -2.29
C ARG G 133 47.01 -23.99 -2.18
N CYS G 134 45.81 -24.39 -1.76
CA CYS G 134 45.50 -25.81 -1.64
C CYS G 134 45.45 -26.49 -3.00
N ALA G 135 45.05 -25.75 -4.04
CA ALA G 135 45.07 -26.30 -5.39
C ALA G 135 46.50 -26.61 -5.82
N GLU G 136 47.44 -25.70 -5.52
CA GLU G 136 48.83 -25.95 -5.87
C GLU G 136 49.45 -27.02 -4.98
N TYR G 137 49.10 -27.04 -3.69
CA TYR G 137 49.61 -28.08 -2.81
C TYR G 137 49.13 -29.45 -3.25
N TYR G 138 47.88 -29.53 -3.74
CA TYR G 138 47.36 -30.81 -4.24
C TYR G 138 48.18 -31.32 -5.42
N LYS G 139 48.53 -30.43 -6.33
CA LYS G 139 49.36 -30.84 -7.47
C LYS G 139 50.78 -31.16 -7.04
N ALA G 140 51.25 -30.59 -5.94
CA ALA G 140 52.57 -30.93 -5.43
C ALA G 140 52.60 -32.30 -4.76
N GLY G 141 51.45 -32.95 -4.57
CA GLY G 141 51.39 -34.28 -4.01
C GLY G 141 50.80 -34.35 -2.61
N ALA G 142 50.48 -33.22 -1.99
CA ALA G 142 49.85 -33.24 -0.69
C ALA G 142 48.40 -33.68 -0.81
N ARG G 143 47.92 -34.45 0.16
CA ARG G 143 46.56 -34.95 0.14
C ARG G 143 45.78 -34.67 1.41
N PHE G 144 46.39 -34.00 2.40
CA PHE G 144 45.64 -33.50 3.54
C PHE G 144 46.30 -32.22 4.04
N ALA G 145 45.53 -31.42 4.78
CA ALA G 145 45.95 -30.10 5.20
C ALA G 145 45.79 -29.96 6.71
N LYS G 146 46.35 -28.88 7.26
CA LYS G 146 46.26 -28.59 8.68
C LYS G 146 46.02 -27.11 8.91
N TRP G 147 45.14 -26.81 9.87
CA TRP G 147 44.79 -25.45 10.25
C TRP G 147 44.63 -25.43 11.77
N ARG G 148 45.40 -24.61 12.45
CA ARG G 148 45.41 -24.56 13.90
C ARG G 148 44.95 -23.20 14.39
N SER G 149 43.85 -23.18 15.15
CA SER G 149 43.43 -22.02 15.90
C SER G 149 43.31 -22.43 17.37
N VAL G 150 43.21 -21.44 18.25
CA VAL G 150 43.27 -21.68 19.69
C VAL G 150 42.18 -20.91 20.42
N VAL G 151 41.84 -21.39 21.60
CA VAL G 151 41.04 -20.65 22.58
C VAL G 151 41.73 -20.74 23.93
N SER G 152 41.70 -19.65 24.69
CA SER G 152 42.36 -19.58 25.99
C SER G 152 41.31 -19.50 27.09
N ILE G 153 41.37 -20.45 28.02
CA ILE G 153 40.45 -20.49 29.16
C ILE G 153 40.69 -19.29 30.09
N PRO G 154 41.93 -18.89 30.38
CA PRO G 154 42.12 -17.66 31.16
C PRO G 154 41.44 -16.42 30.59
N HIS G 155 41.18 -16.39 29.29
CA HIS G 155 40.45 -15.28 28.68
C HIS G 155 38.96 -15.57 28.52
N GLY G 156 38.50 -16.74 28.94
CA GLY G 156 37.11 -17.10 28.82
C GLY G 156 36.92 -18.51 28.32
N PRO G 157 37.08 -18.71 27.00
CA PRO G 157 37.37 -17.67 25.99
C PRO G 157 36.16 -16.80 25.71
N SER G 158 36.37 -15.66 25.07
CA SER G 158 35.26 -14.78 24.77
C SER G 158 34.39 -15.37 23.65
N ILE G 159 33.18 -14.82 23.53
CA ILE G 159 32.22 -15.33 22.55
C ILE G 159 32.77 -15.18 21.14
N ILE G 160 33.29 -14.01 20.80
CA ILE G 160 33.76 -13.76 19.44
C ILE G 160 35.09 -14.45 19.17
N ALA G 161 35.84 -14.82 20.21
CA ALA G 161 37.08 -15.57 19.98
C ALA G 161 36.76 -17.02 19.64
N ALA G 162 35.97 -17.68 20.48
CA ALA G 162 35.52 -19.03 20.16
C ALA G 162 34.78 -19.07 18.83
N ARG G 163 34.00 -18.02 18.53
CA ARG G 163 33.22 -18.02 17.29
C ARG G 163 34.14 -18.03 16.06
N ASP G 164 35.14 -17.15 16.04
CA ASP G 164 36.00 -17.09 14.85
C ASP G 164 36.86 -18.34 14.72
N CYS G 165 37.34 -18.85 15.86
CA CYS G 165 38.08 -20.11 15.85
C CYS G 165 37.26 -21.21 15.19
N ALA G 166 36.00 -21.38 15.63
CA ALA G 166 35.12 -22.37 15.00
C ALA G 166 34.74 -21.96 13.58
N TYR G 167 34.43 -20.67 13.39
CA TYR G 167 33.97 -20.22 12.07
C TYR G 167 35.05 -20.36 11.01
N GLY G 168 36.27 -19.96 11.32
CA GLY G 168 37.34 -20.04 10.34
C GLY G 168 37.75 -21.46 10.03
N LEU G 169 37.72 -22.34 11.04
CA LEU G 169 37.99 -23.75 10.82
C LEU G 169 36.99 -24.35 9.83
N ALA G 170 35.69 -24.06 10.03
CA ALA G 170 34.67 -24.63 9.16
C ALA G 170 34.71 -24.04 7.76
N ARG G 171 35.06 -22.76 7.63
CA ARG G 171 35.29 -22.19 6.30
C ARG G 171 36.48 -22.86 5.64
N TYR G 172 37.52 -23.16 6.42
CA TYR G 172 38.72 -23.79 5.87
C TYR G 172 38.44 -25.23 5.44
N ALA G 173 37.63 -25.95 6.23
CA ALA G 173 37.32 -27.33 5.90
C ALA G 173 36.65 -27.44 4.54
N ALA G 174 35.73 -26.53 4.23
CA ALA G 174 35.04 -26.57 2.95
C ALA G 174 35.99 -26.27 1.79
N ILE G 175 36.83 -25.25 1.93
CA ILE G 175 37.74 -24.88 0.85
C ILE G 175 38.76 -25.99 0.60
N ALA G 176 39.26 -26.61 1.67
CA ALA G 176 40.24 -27.68 1.52
C ALA G 176 39.66 -28.87 0.76
N GLN G 177 38.43 -29.26 1.08
CA GLN G 177 37.80 -30.40 0.42
C GLN G 177 37.55 -30.13 -1.05
N ASN G 178 37.14 -28.90 -1.40
CA ASN G 178 36.93 -28.55 -2.79
C ASN G 178 38.24 -28.44 -3.56
N ALA G 179 39.38 -28.46 -2.88
CA ALA G 179 40.68 -28.48 -3.54
C ALA G 179 41.32 -29.87 -3.52
N GLY G 180 40.67 -30.85 -2.91
CA GLY G 180 41.17 -32.22 -2.86
C GLY G 180 41.99 -32.56 -1.64
N LEU G 181 41.94 -31.76 -0.58
CA LEU G 181 42.72 -31.99 0.63
C LEU G 181 41.80 -32.32 1.78
N VAL G 182 42.06 -33.43 2.46
CA VAL G 182 41.37 -33.77 3.71
C VAL G 182 41.80 -32.76 4.76
N PRO G 183 40.90 -31.92 5.27
CA PRO G 183 41.31 -30.92 6.27
C PRO G 183 41.44 -31.56 7.65
N ILE G 184 42.54 -31.26 8.32
CA ILE G 184 42.66 -31.52 9.74
C ILE G 184 42.07 -30.33 10.48
N VAL G 185 41.12 -30.60 11.37
CA VAL G 185 40.40 -29.57 12.09
C VAL G 185 40.98 -29.50 13.49
N GLU G 186 41.78 -28.47 13.76
CA GLU G 186 42.51 -28.33 15.02
C GLU G 186 42.07 -27.07 15.77
N PRO G 187 41.04 -27.16 16.61
CA PRO G 187 40.81 -26.11 17.60
C PRO G 187 41.47 -26.48 18.93
N GLU G 188 42.60 -25.84 19.24
CA GLU G 188 43.36 -26.22 20.42
C GLU G 188 42.87 -25.46 21.64
N VAL G 189 42.36 -26.19 22.63
CA VAL G 189 42.09 -25.63 23.94
C VAL G 189 43.41 -25.63 24.71
N LEU G 190 43.95 -24.43 24.94
CA LEU G 190 45.29 -24.30 25.48
C LEU G 190 45.38 -24.77 26.92
N LEU G 191 46.59 -25.18 27.32
CA LEU G 191 46.83 -25.66 28.68
C LEU G 191 46.95 -24.54 29.69
N ASP G 192 47.11 -23.30 29.25
CA ASP G 192 47.40 -22.17 30.14
C ASP G 192 46.36 -22.04 31.24
N GLY G 193 46.81 -21.75 32.45
CA GLY G 193 45.95 -21.42 33.56
C GLY G 193 45.94 -22.51 34.63
N GLU G 194 45.16 -22.25 35.68
CA GLU G 194 45.01 -23.15 36.81
C GLU G 194 43.71 -23.96 36.75
N HIS G 195 43.01 -23.93 35.61
CA HIS G 195 41.68 -24.52 35.54
C HIS G 195 41.74 -26.02 35.74
N ASP G 196 40.75 -26.55 36.45
CA ASP G 196 40.65 -27.98 36.67
C ASP G 196 40.25 -28.69 35.37
N ILE G 197 40.26 -30.02 35.42
CA ILE G 197 39.94 -30.81 34.24
C ILE G 197 38.48 -30.60 33.82
N ASP G 198 37.60 -30.31 34.78
CA ASP G 198 36.19 -30.15 34.46
C ASP G 198 35.95 -28.91 33.61
N ARG G 199 36.67 -27.82 33.87
CA ARG G 199 36.53 -26.62 33.05
C ARG G 199 37.07 -26.86 31.64
N CYS G 200 38.15 -27.63 31.52
CA CYS G 200 38.66 -27.97 30.19
C CYS G 200 37.65 -28.81 29.42
N LEU G 201 37.05 -29.80 30.08
CA LEU G 201 35.97 -30.58 29.45
C LEU G 201 34.87 -29.67 28.94
N GLU G 202 34.44 -28.72 29.78
CA GLU G 202 33.34 -27.83 29.41
C GLU G 202 33.71 -26.95 28.21
N VAL G 203 34.93 -26.39 28.22
CA VAL G 203 35.35 -25.53 27.11
C VAL G 203 35.54 -26.36 25.83
N GLN G 204 36.01 -27.60 25.98
CA GLN G 204 36.17 -28.48 24.82
C GLN G 204 34.81 -28.80 24.20
N GLU G 205 33.87 -29.26 25.02
CA GLU G 205 32.54 -29.59 24.51
C GLU G 205 31.89 -28.42 23.80
N ALA G 206 32.17 -27.19 24.25
CA ALA G 206 31.56 -26.01 23.64
C ALA G 206 32.20 -25.70 22.29
N ILE G 207 33.53 -25.73 22.21
CA ILE G 207 34.19 -25.36 20.95
C ILE G 207 33.95 -26.42 19.88
N TRP G 208 33.75 -27.68 20.28
CA TRP G 208 33.49 -28.71 19.29
C TRP G 208 32.05 -28.67 18.81
N ALA G 209 31.11 -28.43 19.72
CA ALA G 209 29.73 -28.19 19.32
C ALA G 209 29.64 -27.06 18.30
N GLU G 210 30.35 -25.96 18.56
CA GLU G 210 30.31 -24.81 17.67
C GLU G 210 30.97 -25.13 16.33
N THR G 211 32.11 -25.82 16.36
CA THR G 211 32.84 -26.12 15.13
C THR G 211 32.05 -27.04 14.21
N PHE G 212 31.48 -28.12 14.78
CA PHE G 212 30.72 -29.06 13.96
C PHE G 212 29.45 -28.43 13.41
N LYS G 213 28.84 -27.49 14.13
CA LYS G 213 27.65 -26.82 13.63
C LYS G 213 27.96 -26.00 12.38
N TYR G 214 29.02 -25.18 12.44
CA TYR G 214 29.41 -24.39 11.29
C TYR G 214 29.82 -25.29 10.12
N MET G 215 30.49 -26.40 10.41
CA MET G 215 30.88 -27.33 9.35
C MET G 215 29.67 -27.98 8.70
N ALA G 216 28.68 -28.37 9.52
CA ALA G 216 27.41 -28.83 8.95
C ALA G 216 26.79 -27.76 8.07
N ASP G 217 26.74 -26.51 8.56
CA ASP G 217 26.18 -25.41 7.79
C ASP G 217 26.89 -25.27 6.44
N ASN G 218 28.20 -25.49 6.40
CA ASN G 218 28.99 -25.30 5.20
C ASN G 218 29.02 -26.53 4.29
N LYS G 219 28.23 -27.56 4.60
CA LYS G 219 28.16 -28.79 3.80
C LYS G 219 29.53 -29.47 3.73
N VAL G 220 30.28 -29.43 4.83
CA VAL G 220 31.51 -30.19 4.93
C VAL G 220 31.18 -31.67 4.99
N MET G 221 31.96 -32.49 4.29
CA MET G 221 31.76 -33.94 4.28
C MET G 221 32.51 -34.54 5.46
N PHE G 222 31.78 -35.04 6.45
CA PHE G 222 32.39 -35.53 7.68
C PHE G 222 33.18 -36.81 7.46
N GLU G 223 32.88 -37.56 6.40
CA GLU G 223 33.65 -38.76 6.08
C GLU G 223 35.04 -38.42 5.58
N GLY G 224 35.27 -37.18 5.16
CA GLY G 224 36.57 -36.77 4.63
C GLY G 224 37.22 -35.65 5.40
N ILE G 225 37.21 -35.71 6.73
CA ILE G 225 37.93 -34.79 7.58
C ILE G 225 38.60 -35.58 8.69
N LEU G 226 39.56 -34.95 9.34
CA LEU G 226 40.18 -35.52 10.54
C LEU G 226 40.22 -34.45 11.62
N LEU G 227 40.26 -34.90 12.87
CA LEU G 227 40.23 -34.02 14.03
C LEU G 227 41.58 -34.06 14.75
N LYS G 228 42.06 -32.89 15.18
CA LYS G 228 43.27 -32.79 15.99
C LYS G 228 42.96 -31.96 17.25
N PRO G 229 42.37 -32.58 18.26
CA PRO G 229 42.12 -31.87 19.52
C PRO G 229 43.26 -32.04 20.52
N ALA G 230 43.24 -31.16 21.51
CA ALA G 230 44.03 -31.40 22.71
C ALA G 230 43.27 -32.36 23.63
N MET G 231 44.02 -33.06 24.47
CA MET G 231 43.38 -33.94 25.42
C MET G 231 42.67 -33.11 26.48
N VAL G 232 41.66 -33.72 27.12
CA VAL G 232 40.97 -33.07 28.23
C VAL G 232 41.79 -33.36 29.48
N THR G 233 42.47 -32.32 29.97
CA THR G 233 43.37 -32.41 31.11
C THR G 233 43.15 -31.19 31.99
N PRO G 234 43.60 -31.23 33.24
CA PRO G 234 43.66 -30.01 34.03
C PRO G 234 44.66 -29.02 33.41
N GLY G 235 44.50 -27.76 33.76
CA GLY G 235 45.36 -26.72 33.24
C GLY G 235 46.81 -26.91 33.67
N ALA G 236 47.68 -26.18 32.98
CA ALA G 236 49.12 -26.29 33.24
C ALA G 236 49.46 -25.99 34.69
N ASP G 237 48.79 -25.00 35.27
CA ASP G 237 49.08 -24.55 36.64
C ASP G 237 48.06 -25.07 37.65
N CYS G 238 47.25 -26.05 37.29
CA CYS G 238 46.33 -26.67 38.24
C CYS G 238 47.08 -27.71 39.05
N LYS G 239 46.85 -27.72 40.37
CA LYS G 239 47.63 -28.59 41.23
C LYS G 239 47.06 -30.00 41.25
N ASN G 240 45.74 -30.14 41.20
CA ASN G 240 45.11 -31.46 41.17
C ASN G 240 45.29 -32.05 39.78
N LYS G 241 46.24 -32.97 39.64
CA LYS G 241 46.58 -33.54 38.34
C LYS G 241 45.75 -34.80 38.09
N ALA G 242 45.88 -35.36 36.90
CA ALA G 242 45.07 -36.49 36.46
C ALA G 242 45.97 -37.53 35.79
N GLY G 243 45.86 -38.78 36.26
CA GLY G 243 46.59 -39.87 35.67
C GLY G 243 46.00 -40.29 34.35
N PRO G 244 46.64 -41.29 33.73
CA PRO G 244 46.18 -41.74 32.40
C PRO G 244 44.74 -42.20 32.39
N ALA G 245 44.28 -42.84 33.47
CA ALA G 245 42.90 -43.33 33.52
C ALA G 245 41.90 -42.18 33.47
N LYS G 246 42.19 -41.08 34.18
CA LYS G 246 41.26 -39.97 34.23
C LYS G 246 41.27 -39.18 32.93
N VAL G 247 42.45 -38.94 32.35
CA VAL G 247 42.52 -38.25 31.06
C VAL G 247 41.75 -39.03 30.00
N ALA G 248 41.89 -40.36 30.00
CA ALA G 248 41.22 -41.18 29.01
C ALA G 248 39.70 -41.12 29.19
N GLU G 249 39.22 -41.23 30.42
CA GLU G 249 37.78 -41.18 30.65
C GLU G 249 37.21 -39.82 30.30
N TYR G 250 37.91 -38.74 30.66
CA TYR G 250 37.41 -37.40 30.37
C TYR G 250 37.50 -37.07 28.88
N THR G 251 38.58 -37.47 28.22
CA THR G 251 38.75 -37.15 26.81
C THR G 251 37.80 -37.97 25.94
N LEU G 252 37.64 -39.26 26.25
CA LEU G 252 36.70 -40.09 25.49
C LEU G 252 35.28 -39.61 25.66
N LYS G 253 34.90 -39.24 26.89
CA LYS G 253 33.59 -38.64 27.14
C LYS G 253 33.33 -37.49 26.19
N MET G 254 34.26 -36.54 26.12
CA MET G 254 34.08 -35.35 25.28
C MET G 254 33.87 -35.73 23.83
N LEU G 255 34.72 -36.62 23.30
CA LEU G 255 34.62 -36.98 21.88
C LEU G 255 33.30 -37.69 21.59
N ARG G 256 32.92 -38.65 22.44
CA ARG G 256 31.67 -39.38 22.22
C ARG G 256 30.44 -38.49 22.31
N ARG G 257 30.57 -37.30 22.89
CA ARG G 257 29.46 -36.37 23.02
C ARG G 257 29.41 -35.36 21.88
N ARG G 258 30.47 -35.22 21.08
CA ARG G 258 30.54 -34.12 20.13
C ARG G 258 31.00 -34.49 18.73
N VAL G 259 31.47 -35.71 18.50
CA VAL G 259 31.98 -36.09 17.19
C VAL G 259 31.00 -37.12 16.60
N PRO G 260 30.42 -36.87 15.42
CA PRO G 260 29.57 -37.90 14.82
C PRO G 260 30.39 -39.04 14.27
N PRO G 261 29.85 -40.27 14.26
CA PRO G 261 30.66 -41.42 13.86
C PRO G 261 31.19 -41.37 12.45
N ALA G 262 30.65 -40.50 11.60
CA ALA G 262 31.14 -40.41 10.24
C ALA G 262 32.56 -39.88 10.16
N VAL G 263 33.08 -39.26 11.23
CA VAL G 263 34.45 -38.76 11.26
C VAL G 263 35.41 -39.94 11.39
N PRO G 264 36.32 -40.15 10.43
CA PRO G 264 37.14 -41.37 10.50
C PRO G 264 38.22 -41.34 11.58
N GLY G 265 38.93 -40.23 11.75
CA GLY G 265 40.06 -40.24 12.66
C GLY G 265 40.21 -39.05 13.59
N ILE G 266 40.70 -39.33 14.80
CA ILE G 266 40.93 -38.33 15.82
C ILE G 266 42.37 -38.47 16.29
N MET G 267 43.21 -37.49 15.96
CA MET G 267 44.65 -37.57 16.17
C MET G 267 45.08 -36.42 17.08
N PHE G 268 45.42 -36.76 18.32
CA PHE G 268 45.65 -35.74 19.35
C PHE G 268 46.99 -35.04 19.19
N LEU G 269 47.02 -33.81 19.66
CA LEU G 269 48.25 -33.01 19.80
C LEU G 269 48.82 -33.32 21.18
N SER G 270 50.11 -33.22 21.37
CA SER G 270 50.62 -33.63 22.69
C SER G 270 50.71 -32.47 23.66
N GLY G 271 50.71 -31.23 23.19
CA GLY G 271 50.77 -29.98 23.97
C GLY G 271 51.33 -30.01 25.37
N GLY G 272 52.64 -29.86 25.52
CA GLY G 272 53.26 -29.68 26.85
C GLY G 272 53.30 -30.91 27.71
N GLN G 273 52.90 -32.07 27.22
CA GLN G 273 53.06 -33.20 28.11
C GLN G 273 54.39 -33.90 27.86
N SER G 274 54.75 -34.79 28.77
CA SER G 274 55.97 -35.56 28.62
C SER G 274 55.76 -36.70 27.62
N GLU G 275 56.90 -37.23 27.13
CA GLU G 275 56.84 -38.29 26.12
C GLU G 275 56.08 -39.50 26.64
N LEU G 276 56.37 -39.93 27.87
CA LEU G 276 55.65 -41.05 28.46
C LEU G 276 54.22 -40.67 28.81
N GLU G 277 53.99 -39.43 29.23
CA GLU G 277 52.64 -38.95 29.50
C GLU G 277 51.78 -39.02 28.24
N SER G 278 52.34 -38.63 27.09
CA SER G 278 51.59 -38.64 25.84
C SER G 278 51.21 -40.06 25.45
N THR G 279 52.10 -41.02 25.69
CA THR G 279 51.85 -42.41 25.28
C THR G 279 50.92 -43.12 26.26
N LEU G 280 51.12 -42.91 27.56
CA LEU G 280 50.24 -43.54 28.55
C LEU G 280 48.81 -43.05 28.40
N ASN G 281 48.62 -41.76 28.14
CA ASN G 281 47.27 -41.21 27.99
C ASN G 281 46.59 -41.80 26.75
N LEU G 282 47.29 -41.83 25.62
CA LEU G 282 46.74 -42.47 24.42
C LEU G 282 46.47 -43.95 24.68
N ASN G 283 47.38 -44.63 25.36
CA ASN G 283 47.22 -46.06 25.61
C ASN G 283 45.98 -46.35 26.43
N ALA G 284 45.70 -45.51 27.44
CA ALA G 284 44.52 -45.71 28.28
C ALA G 284 43.22 -45.47 27.52
N MET G 285 43.28 -44.80 26.37
CA MET G 285 42.12 -44.55 25.55
C MET G 285 41.80 -45.69 24.60
N ASN G 286 42.68 -46.68 24.47
CA ASN G 286 42.52 -47.75 23.50
C ASN G 286 42.54 -49.13 24.15
N GLN G 287 42.15 -49.21 25.43
CA GLN G 287 41.94 -50.50 26.07
C GLN G 287 40.65 -51.17 25.64
N SER G 288 39.78 -50.44 24.95
CA SER G 288 38.50 -50.93 24.45
C SER G 288 38.22 -50.22 23.14
N PRO G 289 37.40 -50.81 22.27
CA PRO G 289 37.15 -50.19 20.96
C PRO G 289 36.56 -48.79 21.08
N ASN G 290 36.84 -47.97 20.07
CA ASN G 290 36.30 -46.63 19.95
C ASN G 290 35.47 -46.52 18.67
N PRO G 291 34.49 -45.61 18.62
CA PRO G 291 33.71 -45.42 17.39
C PRO G 291 34.51 -44.81 16.24
N TRP G 292 35.69 -44.25 16.52
CA TRP G 292 36.59 -43.78 15.48
C TRP G 292 38.01 -44.14 15.86
N HIS G 293 38.93 -44.00 14.90
CA HIS G 293 40.33 -44.28 15.16
C HIS G 293 40.92 -43.17 16.02
N VAL G 294 41.29 -43.51 17.25
CA VAL G 294 41.84 -42.55 18.20
C VAL G 294 43.35 -42.72 18.20
N SER G 295 44.06 -41.78 17.58
CA SER G 295 45.50 -41.92 17.39
C SER G 295 46.25 -40.68 17.87
N PHE G 296 47.36 -40.37 17.19
CA PHE G 296 48.26 -39.31 17.61
C PHE G 296 48.72 -38.51 16.39
N SER G 297 49.00 -37.22 16.63
CA SER G 297 49.66 -36.34 15.66
C SER G 297 50.62 -35.48 16.47
N TYR G 298 51.82 -36.00 16.69
CA TYR G 298 52.80 -35.39 17.58
C TYR G 298 53.91 -34.73 16.78
N ALA G 299 54.46 -33.66 17.35
CA ALA G 299 55.68 -33.05 16.81
C ALA G 299 56.86 -33.36 17.73
N ARG G 300 56.97 -32.61 18.82
CA ARG G 300 58.14 -32.76 19.70
C ARG G 300 58.14 -34.08 20.44
N ALA G 301 56.97 -34.65 20.73
CA ALA G 301 56.92 -35.95 21.39
C ALA G 301 57.52 -37.06 20.53
N LEU G 302 57.69 -36.80 19.23
CA LEU G 302 58.40 -37.70 18.34
C LEU G 302 59.74 -37.16 17.88
N GLN G 303 59.93 -35.84 17.89
CA GLN G 303 61.08 -35.21 17.26
C GLN G 303 62.23 -34.91 18.21
N ASN G 304 61.97 -34.71 19.51
CA ASN G 304 63.04 -34.20 20.38
C ASN G 304 64.14 -35.23 20.60
N THR G 305 63.77 -36.48 20.85
CA THR G 305 64.79 -37.53 20.97
C THR G 305 65.60 -37.65 19.70
N VAL G 306 65.02 -37.29 18.55
CA VAL G 306 65.73 -37.35 17.27
C VAL G 306 66.74 -36.24 17.18
N LEU G 307 66.28 -34.99 17.29
CA LEU G 307 67.16 -33.84 17.21
C LEU G 307 68.32 -33.97 18.18
N LYS G 308 68.05 -34.48 19.39
CA LYS G 308 69.08 -34.58 20.42
C LYS G 308 69.97 -35.80 20.28
N THR G 309 69.49 -36.85 19.61
CA THR G 309 70.38 -37.93 19.23
C THR G 309 71.21 -37.52 18.02
N TRP G 310 70.61 -36.77 17.09
CA TRP G 310 71.34 -36.31 15.90
C TRP G 310 72.52 -35.43 16.28
N GLN G 311 72.27 -34.40 17.09
CA GLN G 311 73.28 -33.41 17.49
C GLN G 311 73.97 -32.77 16.29
N GLY G 312 73.32 -32.75 15.13
CA GLY G 312 73.92 -32.26 13.91
C GLY G 312 75.04 -33.10 13.35
N LYS G 313 75.47 -34.14 14.06
CA LYS G 313 76.60 -34.96 13.63
C LYS G 313 76.11 -36.13 12.78
N PRO G 314 76.47 -36.19 11.49
CA PRO G 314 75.96 -37.27 10.64
C PRO G 314 76.29 -38.68 11.10
N GLU G 315 77.24 -38.83 12.04
CA GLU G 315 77.50 -40.15 12.60
C GLU G 315 76.35 -40.65 13.47
N ASN G 316 75.51 -39.76 13.96
CA ASN G 316 74.38 -40.11 14.80
C ASN G 316 73.08 -40.21 14.02
N VAL G 317 73.13 -40.07 12.69
CA VAL G 317 71.91 -40.07 11.89
C VAL G 317 71.19 -41.40 11.99
N GLN G 318 71.94 -42.51 11.95
CA GLN G 318 71.33 -43.82 12.08
C GLN G 318 70.73 -44.01 13.47
N ALA G 319 71.44 -43.58 14.51
CA ALA G 319 70.90 -43.67 15.86
C ALA G 319 69.72 -42.71 16.05
N ALA G 320 69.73 -41.56 15.37
CA ALA G 320 68.61 -40.64 15.45
C ALA G 320 67.38 -41.21 14.76
N GLN G 321 67.55 -41.71 13.53
CA GLN G 321 66.43 -42.34 12.85
C GLN G 321 65.89 -43.52 13.65
N ALA G 322 66.76 -44.27 14.32
CA ALA G 322 66.30 -45.36 15.18
C ALA G 322 65.56 -44.83 16.40
N ALA G 323 65.95 -43.67 16.93
CA ALA G 323 65.22 -43.09 18.05
C ALA G 323 63.85 -42.60 17.62
N LEU G 324 63.72 -42.13 16.37
CA LEU G 324 62.40 -41.79 15.85
C LEU G 324 61.49 -43.00 15.82
N LEU G 325 62.01 -44.14 15.36
CA LEU G 325 61.15 -45.30 15.17
C LEU G 325 60.75 -45.93 16.49
N LYS G 326 61.58 -45.78 17.52
CA LYS G 326 61.23 -46.33 18.82
C LYS G 326 60.07 -45.58 19.45
N ARG G 327 60.06 -44.25 19.34
CA ARG G 327 58.93 -43.49 19.84
C ARG G 327 57.73 -43.57 18.92
N ALA G 328 57.95 -43.71 17.61
CA ALA G 328 56.84 -43.95 16.69
C ALA G 328 56.17 -45.29 16.99
N LYS G 329 56.97 -46.30 17.35
CA LYS G 329 56.40 -47.60 17.71
C LYS G 329 55.72 -47.56 19.07
N ALA G 330 56.28 -46.80 20.01
CA ALA G 330 55.67 -46.68 21.33
C ALA G 330 54.27 -46.08 21.23
N ASN G 331 54.12 -45.04 20.40
CA ASN G 331 52.81 -44.41 20.24
C ASN G 331 51.86 -45.31 19.47
N SER G 332 52.38 -46.06 18.51
CA SER G 332 51.53 -46.99 17.76
C SER G 332 51.04 -48.12 18.65
N ASP G 333 51.87 -48.58 19.59
CA ASP G 333 51.41 -49.56 20.57
C ASP G 333 50.31 -48.97 21.44
N ALA G 334 50.45 -47.70 21.83
CA ALA G 334 49.41 -47.04 22.61
C ALA G 334 48.13 -46.85 21.79
N GLN G 335 48.29 -46.57 20.49
CA GLN G 335 47.11 -46.57 19.61
C GLN G 335 46.39 -47.90 19.65
N GLN G 336 47.12 -48.98 19.89
CA GLN G 336 46.55 -50.32 19.96
C GLN G 336 46.24 -50.76 21.38
N GLY G 337 46.60 -49.96 22.38
CA GLY G 337 46.45 -50.38 23.75
C GLY G 337 47.42 -51.44 24.22
N LYS G 338 48.42 -51.80 23.41
CA LYS G 338 49.38 -52.85 23.75
C LYS G 338 50.70 -52.30 24.27
N TYR G 339 50.70 -51.09 24.82
CA TYR G 339 51.94 -50.51 25.31
C TYR G 339 52.26 -51.02 26.72
N LYS H 11 -47.82 8.44 -1.08
CA LYS H 11 -48.75 8.93 -0.07
C LYS H 11 -49.67 10.02 -0.62
N TYR H 12 -49.09 10.97 -1.34
CA TYR H 12 -49.85 11.96 -2.09
C TYR H 12 -49.90 11.62 -3.57
N ASP H 13 -49.33 10.48 -3.97
CA ASP H 13 -49.20 10.14 -5.39
C ASP H 13 -50.57 10.12 -6.08
N GLU H 14 -51.54 9.43 -5.48
CA GLU H 14 -52.85 9.32 -6.12
C GLU H 14 -53.56 10.66 -6.18
N GLU H 15 -53.49 11.44 -5.09
CA GLU H 15 -54.18 12.72 -5.07
C GLU H 15 -53.50 13.75 -5.97
N LEU H 16 -52.18 13.66 -6.11
CA LEU H 16 -51.50 14.57 -7.04
C LEU H 16 -51.97 14.32 -8.47
N ILE H 17 -52.19 13.06 -8.84
CA ILE H 17 -52.65 12.74 -10.18
C ILE H 17 -54.08 13.23 -10.39
N LYS H 18 -54.94 13.04 -9.39
CA LYS H 18 -56.30 13.55 -9.48
C LYS H 18 -56.30 15.06 -9.67
N THR H 19 -55.57 15.79 -8.80
CA THR H 19 -55.55 17.25 -8.86
C THR H 19 -55.05 17.74 -10.21
N ALA H 20 -53.95 17.15 -10.70
CA ALA H 20 -53.41 17.55 -11.99
C ALA H 20 -54.41 17.32 -13.11
N GLY H 21 -55.21 16.25 -13.02
CA GLY H 21 -56.24 16.02 -14.01
C GLY H 21 -57.39 17.01 -13.88
N THR H 22 -57.83 17.26 -12.65
CA THR H 22 -58.87 18.26 -12.42
C THR H 22 -58.46 19.62 -12.96
N VAL H 23 -57.24 20.05 -12.66
CA VAL H 23 -56.77 21.34 -13.13
C VAL H 23 -56.59 21.31 -14.64
N ALA H 24 -56.09 20.20 -15.19
CA ALA H 24 -55.98 20.05 -16.64
C ALA H 24 -57.26 19.52 -17.26
N SER H 25 -58.41 19.97 -16.81
CA SER H 25 -59.63 19.62 -17.49
C SER H 25 -59.69 20.30 -18.85
N LYS H 26 -60.54 19.77 -19.71
CA LYS H 26 -60.69 20.33 -21.05
C LYS H 26 -61.70 21.46 -21.03
N GLY H 27 -61.42 22.50 -21.82
CA GLY H 27 -62.23 23.70 -21.78
C GLY H 27 -62.03 24.55 -20.54
N ARG H 28 -60.92 24.37 -19.82
CA ARG H 28 -60.69 25.14 -18.61
C ARG H 28 -59.22 25.52 -18.51
N GLY H 29 -58.98 26.68 -17.90
CA GLY H 29 -57.64 27.14 -17.59
C GLY H 29 -57.57 27.63 -16.15
N ILE H 30 -56.44 28.23 -15.78
CA ILE H 30 -56.21 28.73 -14.42
C ILE H 30 -56.26 30.25 -14.43
N LEU H 31 -56.92 30.82 -13.42
CA LEU H 31 -56.89 32.25 -13.18
C LEU H 31 -55.82 32.55 -12.13
N ALA H 32 -54.82 33.35 -12.49
CA ALA H 32 -53.75 33.73 -11.58
C ALA H 32 -54.15 34.99 -10.83
N MET H 33 -54.32 34.88 -9.51
CA MET H 33 -54.63 36.02 -8.65
C MET H 33 -53.62 36.18 -7.52
N ASP H 34 -52.35 35.81 -7.75
CA ASP H 34 -51.38 35.69 -6.66
C ASP H 34 -50.58 36.97 -6.41
N GLU H 35 -51.17 38.14 -6.60
CA GLU H 35 -50.42 39.38 -6.43
C GLU H 35 -50.10 39.62 -4.96
N SER H 36 -48.89 40.13 -4.71
CA SER H 36 -48.53 40.56 -3.37
C SER H 36 -49.47 41.69 -2.91
N ASN H 37 -49.45 41.93 -1.60
CA ASN H 37 -50.24 43.03 -1.07
C ASN H 37 -49.80 44.35 -1.70
N ALA H 38 -48.50 44.53 -1.91
CA ALA H 38 -48.01 45.74 -2.56
C ALA H 38 -48.43 45.80 -4.02
N THR H 39 -48.29 44.68 -4.75
CA THR H 39 -48.62 44.67 -6.18
C THR H 39 -50.10 44.90 -6.41
N CYS H 40 -50.94 44.21 -5.64
CA CYS H 40 -52.38 44.39 -5.78
C CYS H 40 -52.79 45.82 -5.40
N GLY H 41 -52.08 46.45 -4.46
CA GLY H 41 -52.33 47.84 -4.16
C GLY H 41 -52.06 48.74 -5.35
N LYS H 42 -51.01 48.43 -6.11
CA LYS H 42 -50.76 49.16 -7.35
C LYS H 42 -51.95 49.05 -8.30
N ARG H 43 -52.59 47.87 -8.35
CA ARG H 43 -53.74 47.67 -9.21
C ARG H 43 -54.92 48.54 -8.78
N LEU H 44 -55.20 48.60 -7.48
CA LEU H 44 -56.33 49.37 -7.00
C LEU H 44 -56.10 50.87 -7.10
N ASP H 45 -54.84 51.31 -7.02
CA ASP H 45 -54.56 52.73 -7.19
C ASP H 45 -54.79 53.18 -8.63
N SER H 46 -54.62 52.27 -9.60
CA SER H 46 -54.84 52.64 -10.98
C SER H 46 -56.32 52.85 -11.29
N ILE H 47 -57.22 52.29 -10.50
CA ILE H 47 -58.66 52.55 -10.62
C ILE H 47 -59.15 53.41 -9.46
N GLY H 48 -58.23 54.09 -8.76
CA GLY H 48 -58.60 55.01 -7.70
C GLY H 48 -59.17 54.37 -6.45
N VAL H 49 -58.57 53.27 -5.98
CA VAL H 49 -59.04 52.56 -4.81
C VAL H 49 -57.89 52.45 -3.80
N GLU H 50 -58.25 52.49 -2.53
CA GLU H 50 -57.28 52.54 -1.43
C GLU H 50 -56.86 51.13 -1.02
N ASN H 51 -55.54 50.91 -0.95
CA ASN H 51 -54.97 49.61 -0.65
C ASN H 51 -55.05 49.34 0.86
N THR H 52 -56.19 48.84 1.29
CA THR H 52 -56.35 48.24 2.60
C THR H 52 -56.53 46.73 2.45
N GLU H 53 -56.41 46.01 3.57
CA GLU H 53 -56.63 44.58 3.51
C GLU H 53 -58.07 44.27 3.13
N GLU H 54 -59.02 45.13 3.52
CA GLU H 54 -60.41 44.84 3.24
C GLU H 54 -60.76 45.06 1.77
N ASN H 55 -60.11 46.04 1.13
CA ASN H 55 -60.34 46.24 -0.30
C ASN H 55 -59.62 45.20 -1.15
N ARG H 56 -58.50 44.67 -0.67
CA ARG H 56 -57.90 43.51 -1.31
C ARG H 56 -58.80 42.30 -1.17
N ARG H 57 -59.28 42.04 0.05
CA ARG H 57 -60.18 40.91 0.27
C ARG H 57 -61.48 41.07 -0.52
N ALA H 58 -62.02 42.29 -0.58
CA ALA H 58 -63.24 42.53 -1.34
C ALA H 58 -63.01 42.27 -2.83
N TYR H 59 -61.86 42.71 -3.35
CA TYR H 59 -61.56 42.48 -4.76
C TYR H 59 -61.36 41.00 -5.05
N ARG H 60 -60.68 40.29 -4.14
CA ARG H 60 -60.47 38.87 -4.35
C ARG H 60 -61.78 38.08 -4.21
N GLU H 61 -62.65 38.52 -3.29
CA GLU H 61 -63.99 37.93 -3.21
C GLU H 61 -64.75 38.14 -4.51
N LEU H 62 -64.59 39.32 -5.12
CA LEU H 62 -65.25 39.58 -6.40
C LEU H 62 -64.82 38.56 -7.45
N LEU H 63 -63.55 38.16 -7.43
CA LEU H 63 -63.06 37.17 -8.39
C LEU H 63 -63.57 35.77 -8.04
N VAL H 64 -63.39 35.36 -6.79
CA VAL H 64 -63.73 34.00 -6.38
C VAL H 64 -65.24 33.75 -6.44
N THR H 65 -66.07 34.79 -6.36
CA THR H 65 -67.50 34.62 -6.28
C THR H 65 -68.22 34.87 -7.60
N ALA H 66 -67.49 35.01 -8.70
CA ALA H 66 -68.15 35.14 -9.99
C ALA H 66 -69.01 33.90 -10.24
N PRO H 67 -70.30 34.07 -10.55
CA PRO H 67 -71.25 32.95 -10.43
C PRO H 67 -70.97 31.77 -11.36
N GLY H 68 -70.47 32.01 -12.57
CA GLY H 68 -70.28 30.91 -13.50
C GLY H 68 -68.89 30.31 -13.52
N LEU H 69 -67.91 31.07 -13.02
CA LEU H 69 -66.48 30.81 -13.08
C LEU H 69 -66.05 29.36 -13.22
N GLY H 70 -66.51 28.49 -12.31
CA GLY H 70 -66.06 27.10 -12.26
C GLY H 70 -66.36 26.28 -13.50
N GLN H 71 -66.75 26.95 -14.58
CA GLN H 71 -67.02 26.32 -15.86
C GLN H 71 -65.89 26.51 -16.86
N TYR H 72 -65.17 27.63 -16.80
CA TYR H 72 -63.99 27.85 -17.64
C TYR H 72 -62.69 27.92 -16.86
N ILE H 73 -62.75 27.87 -15.53
CA ILE H 73 -61.58 28.01 -14.67
C ILE H 73 -61.50 26.80 -13.75
N SER H 74 -60.39 26.07 -13.83
CA SER H 74 -60.18 24.87 -13.03
C SER H 74 -59.37 25.13 -11.76
N GLY H 75 -58.48 26.13 -11.78
CA GLY H 75 -57.72 26.47 -10.60
C GLY H 75 -57.52 27.97 -10.51
N ALA H 76 -57.13 28.42 -9.33
CA ALA H 76 -56.77 29.82 -9.11
C ALA H 76 -55.55 29.89 -8.21
N ILE H 77 -54.51 30.58 -8.69
CA ILE H 77 -53.28 30.76 -7.94
C ILE H 77 -53.50 31.91 -6.96
N LEU H 78 -53.46 31.60 -5.66
CA LEU H 78 -53.70 32.58 -4.62
C LEU H 78 -52.40 33.10 -4.01
N PHE H 79 -52.46 34.33 -3.51
CA PHE H 79 -51.44 34.83 -2.61
C PHE H 79 -51.69 34.27 -1.21
N GLU H 80 -50.62 34.21 -0.41
CA GLU H 80 -50.69 33.54 0.89
C GLU H 80 -51.79 34.13 1.77
N GLU H 81 -52.05 35.43 1.66
CA GLU H 81 -53.08 36.03 2.49
C GLU H 81 -54.47 35.58 2.06
N THR H 82 -54.73 35.59 0.75
CA THR H 82 -56.07 35.26 0.27
C THR H 82 -56.45 33.83 0.59
N LEU H 83 -55.48 32.92 0.65
CA LEU H 83 -55.77 31.52 0.96
C LEU H 83 -56.49 31.36 2.29
N TYR H 84 -56.37 32.35 3.19
CA TYR H 84 -56.92 32.23 4.53
C TYR H 84 -58.14 33.10 4.80
N GLN H 85 -58.43 34.07 3.94
CA GLN H 85 -59.54 34.98 4.21
C GLN H 85 -60.85 34.41 3.66
N SER H 86 -61.94 34.84 4.27
CA SER H 86 -63.28 34.34 3.99
C SER H 86 -64.08 35.41 3.24
N THR H 87 -65.30 35.03 2.85
CA THR H 87 -66.23 35.99 2.27
C THR H 87 -66.80 36.87 3.37
N ALA H 88 -67.56 37.90 2.94
CA ALA H 88 -68.27 38.73 3.90
C ALA H 88 -69.23 37.91 4.74
N SER H 89 -69.78 36.84 4.19
CA SER H 89 -70.62 35.93 4.97
C SER H 89 -69.83 35.31 6.12
N GLY H 90 -68.62 34.81 5.85
CA GLY H 90 -67.77 34.27 6.89
C GLY H 90 -67.19 32.92 6.53
N LYS H 91 -67.62 32.36 5.41
CA LYS H 91 -67.12 31.09 4.96
C LYS H 91 -65.88 31.29 4.09
N LYS H 92 -64.93 30.37 4.25
CA LYS H 92 -63.61 30.56 3.67
C LYS H 92 -63.65 30.52 2.15
N PHE H 93 -62.77 31.35 1.55
CA PHE H 93 -62.66 31.40 0.09
C PHE H 93 -62.40 30.03 -0.50
N VAL H 94 -61.63 29.19 0.19
CA VAL H 94 -61.30 27.87 -0.33
C VAL H 94 -62.55 27.02 -0.47
N ASP H 95 -63.57 27.27 0.35
CA ASP H 95 -64.82 26.53 0.25
C ASP H 95 -65.69 27.01 -0.90
N VAL H 96 -65.63 28.31 -1.24
CA VAL H 96 -66.26 28.78 -2.48
C VAL H 96 -65.67 28.05 -3.68
N MET H 97 -64.34 27.90 -3.69
CA MET H 97 -63.66 27.32 -4.83
C MET H 97 -64.02 25.84 -5.00
N LYS H 98 -64.10 25.11 -3.89
CA LYS H 98 -64.48 23.70 -3.98
C LYS H 98 -65.94 23.56 -4.43
N GLU H 99 -66.82 24.46 -3.98
CA GLU H 99 -68.20 24.46 -4.45
C GLU H 99 -68.28 24.69 -5.95
N GLN H 100 -67.33 25.44 -6.51
CA GLN H 100 -67.29 25.69 -7.95
C GLN H 100 -66.36 24.74 -8.68
N ASN H 101 -65.85 23.71 -8.01
CA ASN H 101 -64.90 22.76 -8.58
C ASN H 101 -63.68 23.47 -9.15
N ILE H 102 -63.21 24.49 -8.43
CA ILE H 102 -61.96 25.17 -8.74
C ILE H 102 -60.95 24.81 -7.66
N VAL H 103 -59.79 24.32 -8.06
CA VAL H 103 -58.78 23.88 -7.11
C VAL H 103 -58.01 25.09 -6.61
N PRO H 104 -57.82 25.25 -5.30
CA PRO H 104 -57.03 26.37 -4.79
C PRO H 104 -55.55 26.13 -5.02
N GLY H 105 -54.87 27.15 -5.55
CA GLY H 105 -53.44 27.16 -5.71
C GLY H 105 -52.79 28.18 -4.79
N ILE H 106 -51.46 28.16 -4.77
CA ILE H 106 -50.71 29.04 -3.88
C ILE H 106 -49.34 29.32 -4.50
N LYS H 107 -48.98 30.60 -4.54
CA LYS H 107 -47.62 30.97 -4.94
C LYS H 107 -46.68 30.71 -3.77
N VAL H 108 -45.59 29.99 -4.04
CA VAL H 108 -44.71 29.52 -2.98
C VAL H 108 -43.28 30.01 -3.13
N ASP H 109 -42.92 30.71 -4.20
CA ASP H 109 -41.58 31.25 -4.29
C ASP H 109 -41.48 32.55 -3.52
N LYS H 110 -40.26 33.04 -3.36
CA LYS H 110 -40.00 34.28 -2.62
C LYS H 110 -39.41 35.36 -3.51
N GLY H 111 -39.47 35.19 -4.83
CA GLY H 111 -39.21 36.27 -5.76
C GLY H 111 -37.82 36.23 -6.35
N LEU H 112 -37.60 37.14 -7.30
CA LEU H 112 -36.37 37.22 -8.07
C LEU H 112 -35.31 38.05 -7.35
N VAL H 113 -34.05 37.60 -7.46
CA VAL H 113 -32.90 38.26 -6.86
C VAL H 113 -31.74 38.23 -7.83
N PRO H 114 -30.88 39.25 -7.81
CA PRO H 114 -29.67 39.20 -8.64
C PRO H 114 -28.84 37.94 -8.35
N LEU H 115 -28.36 37.32 -9.41
CA LEU H 115 -27.50 36.15 -9.31
C LEU H 115 -26.06 36.60 -9.31
N SER H 116 -25.27 36.09 -8.35
CA SER H 116 -23.91 36.54 -8.19
C SER H 116 -23.07 36.22 -9.44
N ASN H 117 -22.23 37.17 -9.82
CA ASN H 117 -21.26 37.05 -10.91
C ASN H 117 -21.92 36.89 -12.27
N THR H 118 -23.16 37.34 -12.41
CA THR H 118 -23.77 37.58 -13.72
C THR H 118 -23.83 39.08 -13.98
N ASN H 119 -24.10 39.44 -15.23
CA ASN H 119 -24.26 40.85 -15.58
C ASN H 119 -25.74 41.18 -15.68
N GLY H 120 -26.38 41.24 -14.52
CA GLY H 120 -27.76 41.66 -14.43
C GLY H 120 -28.79 40.55 -14.50
N GLU H 121 -28.40 39.30 -14.30
CA GLU H 121 -29.37 38.21 -14.35
C GLU H 121 -29.91 37.90 -12.96
N SER H 122 -31.10 37.29 -12.95
CA SER H 122 -31.82 37.02 -11.72
C SER H 122 -31.91 35.53 -11.46
N TRP H 123 -32.25 35.20 -10.21
CA TRP H 123 -32.57 33.84 -9.81
C TRP H 123 -33.75 33.91 -8.83
N CYS H 124 -34.45 32.79 -8.70
CA CYS H 124 -35.70 32.75 -7.94
C CYS H 124 -35.44 32.11 -6.58
N MET H 125 -35.68 32.87 -5.51
CA MET H 125 -35.57 32.44 -4.13
C MET H 125 -36.72 31.54 -3.72
N GLY H 126 -36.53 30.78 -2.65
CA GLY H 126 -37.68 30.16 -2.01
C GLY H 126 -37.52 28.77 -1.42
N LEU H 127 -36.39 28.10 -1.63
CA LEU H 127 -36.27 26.72 -1.17
C LEU H 127 -36.23 26.64 0.35
N ASP H 128 -35.63 27.63 1.01
CA ASP H 128 -35.51 27.61 2.46
C ASP H 128 -36.88 27.63 3.11
N GLY H 129 -37.16 26.61 3.92
CA GLY H 129 -38.44 26.48 4.59
C GLY H 129 -39.60 26.09 3.71
N LEU H 130 -39.37 25.85 2.41
CA LEU H 130 -40.47 25.60 1.49
C LEU H 130 -41.24 24.33 1.86
N ASP H 131 -40.54 23.31 2.35
CA ASP H 131 -41.22 22.07 2.71
C ASP H 131 -42.25 22.32 3.82
N LYS H 132 -41.90 23.12 4.82
CA LYS H 132 -42.84 23.41 5.89
C LYS H 132 -43.90 24.40 5.45
N ARG H 133 -43.57 25.31 4.53
CA ARG H 133 -44.56 26.26 4.04
C ARG H 133 -45.68 25.59 3.23
N CYS H 134 -45.31 24.64 2.36
CA CYS H 134 -46.26 23.91 1.52
C CYS H 134 -47.08 22.93 2.32
N ALA H 135 -46.49 22.34 3.36
CA ALA H 135 -47.22 21.42 4.23
C ALA H 135 -48.39 22.11 4.91
N GLU H 136 -48.23 23.39 5.27
CA GLU H 136 -49.32 24.11 5.90
C GLU H 136 -50.30 24.67 4.89
N TYR H 137 -49.83 25.06 3.70
CA TYR H 137 -50.76 25.42 2.64
C TYR H 137 -51.67 24.26 2.28
N TYR H 138 -51.12 23.04 2.30
CA TYR H 138 -51.95 21.86 2.08
C TYR H 138 -52.99 21.72 3.18
N LYS H 139 -52.57 21.94 4.44
CA LYS H 139 -53.53 21.95 5.54
C LYS H 139 -54.60 23.00 5.33
N ALA H 140 -54.25 24.13 4.72
CA ALA H 140 -55.19 25.20 4.44
C ALA H 140 -56.05 24.96 3.22
N GLY H 141 -55.87 23.84 2.52
CA GLY H 141 -56.72 23.48 1.42
C GLY H 141 -56.16 23.75 0.03
N ALA H 142 -54.94 24.26 -0.07
CA ALA H 142 -54.31 24.38 -1.39
C ALA H 142 -53.90 23.00 -1.88
N ARG H 143 -54.02 22.78 -3.19
CA ARG H 143 -53.67 21.49 -3.77
C ARG H 143 -52.68 21.60 -4.93
N PHE H 144 -52.29 22.81 -5.33
CA PHE H 144 -51.18 22.97 -6.25
C PHE H 144 -50.42 24.24 -5.89
N ALA H 145 -49.20 24.35 -6.43
CA ALA H 145 -48.29 25.42 -6.09
C ALA H 145 -47.76 26.07 -7.37
N LYS H 146 -47.17 27.25 -7.21
CA LYS H 146 -46.57 27.96 -8.35
C LYS H 146 -45.24 28.58 -7.94
N TRP H 147 -44.26 28.47 -8.85
CA TRP H 147 -42.92 28.98 -8.64
C TRP H 147 -42.42 29.48 -9.98
N ARG H 148 -42.13 30.77 -10.08
CA ARG H 148 -41.79 31.40 -11.35
C ARG H 148 -40.33 31.84 -11.33
N SER H 149 -39.55 31.31 -12.27
CA SER H 149 -38.19 31.76 -12.52
C SER H 149 -38.08 32.17 -13.99
N VAL H 150 -37.05 32.95 -14.31
CA VAL H 150 -36.95 33.60 -15.61
C VAL H 150 -35.56 33.39 -16.20
N VAL H 151 -35.50 33.49 -17.53
CA VAL H 151 -34.26 33.63 -18.26
C VAL H 151 -34.43 34.78 -19.25
N SER H 152 -33.34 35.47 -19.53
CA SER H 152 -33.36 36.69 -20.34
C SER H 152 -32.47 36.48 -21.56
N ILE H 153 -33.09 36.41 -22.75
CA ILE H 153 -32.33 36.31 -23.98
C ILE H 153 -31.32 37.44 -24.14
N PRO H 154 -31.64 38.71 -23.83
CA PRO H 154 -30.61 39.76 -23.94
C PRO H 154 -29.37 39.53 -23.08
N HIS H 155 -29.46 38.71 -22.04
CA HIS H 155 -28.28 38.36 -21.24
C HIS H 155 -27.68 37.02 -21.63
N GLY H 156 -28.24 36.35 -22.64
CA GLY H 156 -27.74 35.08 -23.09
C GLY H 156 -28.85 34.10 -23.38
N PRO H 157 -29.39 33.45 -22.33
CA PRO H 157 -28.97 33.57 -20.93
C PRO H 157 -27.64 32.88 -20.64
N SER H 158 -27.00 33.24 -19.54
CA SER H 158 -25.72 32.62 -19.20
C SER H 158 -25.93 31.19 -18.73
N ILE H 159 -24.83 30.43 -18.72
CA ILE H 159 -24.88 29.04 -18.31
C ILE H 159 -25.43 28.91 -16.89
N ILE H 160 -24.87 29.69 -15.95
CA ILE H 160 -25.26 29.49 -14.56
C ILE H 160 -26.64 30.09 -14.27
N ALA H 161 -27.06 31.10 -15.04
CA ALA H 161 -28.40 31.66 -14.83
C ALA H 161 -29.48 30.69 -15.27
N ALA H 162 -29.35 30.12 -16.48
CA ALA H 162 -30.29 29.10 -16.92
C ALA H 162 -30.21 27.87 -16.03
N ARG H 163 -29.02 27.51 -15.57
CA ARG H 163 -28.86 26.35 -14.71
C ARG H 163 -29.68 26.49 -13.44
N ASP H 164 -29.53 27.63 -12.74
CA ASP H 164 -30.24 27.81 -11.48
C ASP H 164 -31.75 27.89 -11.67
N CYS H 165 -32.18 28.50 -12.79
CA CYS H 165 -33.60 28.53 -13.11
C CYS H 165 -34.15 27.11 -13.21
N ALA H 166 -33.47 26.25 -13.97
CA ALA H 166 -33.88 24.85 -14.08
C ALA H 166 -33.62 24.08 -12.79
N TYR H 167 -32.49 24.36 -12.13
CA TYR H 167 -32.16 23.63 -10.90
C TYR H 167 -33.14 23.95 -9.78
N GLY H 168 -33.46 25.22 -9.59
CA GLY H 168 -34.40 25.59 -8.54
C GLY H 168 -35.79 25.03 -8.79
N LEU H 169 -36.26 25.12 -10.03
CA LEU H 169 -37.60 24.61 -10.35
C LEU H 169 -37.68 23.11 -10.10
N ALA H 170 -36.62 22.37 -10.43
CA ALA H 170 -36.64 20.94 -10.19
C ALA H 170 -36.56 20.62 -8.70
N ARG H 171 -35.83 21.44 -7.92
CA ARG H 171 -35.84 21.26 -6.46
C ARG H 171 -37.25 21.54 -5.91
N TYR H 172 -37.84 22.67 -6.30
CA TYR H 172 -39.18 23.02 -5.82
C TYR H 172 -40.20 21.96 -6.19
N ALA H 173 -40.17 21.48 -7.44
CA ALA H 173 -41.14 20.47 -7.86
C ALA H 173 -41.10 19.25 -6.95
N ALA H 174 -39.90 18.79 -6.59
CA ALA H 174 -39.79 17.64 -5.70
C ALA H 174 -40.31 17.96 -4.30
N ILE H 175 -40.05 19.17 -3.82
CA ILE H 175 -40.51 19.56 -2.48
C ILE H 175 -42.03 19.66 -2.45
N ALA H 176 -42.61 20.31 -3.47
CA ALA H 176 -44.06 20.51 -3.50
C ALA H 176 -44.81 19.18 -3.57
N GLN H 177 -44.32 18.24 -4.39
CA GLN H 177 -44.98 16.95 -4.49
C GLN H 177 -44.96 16.20 -3.16
N ASN H 178 -43.81 16.21 -2.48
CA ASN H 178 -43.72 15.55 -1.18
C ASN H 178 -44.56 16.22 -0.11
N ALA H 179 -45.00 17.46 -0.34
CA ALA H 179 -45.90 18.13 0.57
C ALA H 179 -47.36 17.99 0.17
N GLY H 180 -47.64 17.43 -1.01
CA GLY H 180 -48.99 17.20 -1.46
C GLY H 180 -49.54 18.21 -2.43
N LEU H 181 -48.70 19.05 -3.01
CA LEU H 181 -49.14 20.07 -3.96
C LEU H 181 -48.58 19.76 -5.35
N VAL H 182 -49.43 19.85 -6.35
CA VAL H 182 -49.00 19.69 -7.73
C VAL H 182 -48.17 20.91 -8.10
N PRO H 183 -46.89 20.74 -8.42
CA PRO H 183 -46.07 21.90 -8.80
C PRO H 183 -46.41 22.38 -10.20
N ILE H 184 -46.62 23.68 -10.33
CA ILE H 184 -46.64 24.32 -11.64
C ILE H 184 -45.23 24.80 -11.95
N VAL H 185 -44.70 24.38 -13.09
CA VAL H 185 -43.31 24.59 -13.45
C VAL H 185 -43.26 25.73 -14.47
N GLU H 186 -42.73 26.87 -14.05
CA GLU H 186 -42.76 28.10 -14.85
C GLU H 186 -41.35 28.67 -15.05
N PRO H 187 -40.60 28.14 -16.02
CA PRO H 187 -39.38 28.82 -16.45
C PRO H 187 -39.67 29.81 -17.56
N GLU H 188 -39.88 31.08 -17.21
CA GLU H 188 -40.36 32.05 -18.19
C GLU H 188 -39.20 32.59 -19.00
N VAL H 189 -39.19 32.28 -20.30
CA VAL H 189 -38.32 32.95 -21.24
C VAL H 189 -38.93 34.33 -21.50
N LEU H 190 -38.25 35.38 -21.05
CA LEU H 190 -38.81 36.72 -21.12
C LEU H 190 -38.94 37.19 -22.56
N LEU H 191 -39.88 38.12 -22.78
CA LEU H 191 -40.05 38.73 -24.10
C LEU H 191 -38.98 39.76 -24.42
N ASP H 192 -38.26 40.25 -23.41
CA ASP H 192 -37.34 41.36 -23.58
C ASP H 192 -36.35 41.08 -24.71
N GLY H 193 -36.02 42.14 -25.45
CA GLY H 193 -35.02 42.07 -26.50
C GLY H 193 -35.65 42.15 -27.90
N GLU H 194 -34.76 42.15 -28.89
CA GLU H 194 -35.14 42.20 -30.29
C GLU H 194 -35.07 40.82 -30.96
N HIS H 195 -35.00 39.76 -30.18
CA HIS H 195 -34.80 38.43 -30.74
C HIS H 195 -36.01 37.99 -31.56
N ASP H 196 -35.74 37.17 -32.57
CA ASP H 196 -36.77 36.67 -33.46
C ASP H 196 -37.40 35.41 -32.85
N ILE H 197 -38.29 34.76 -33.61
CA ILE H 197 -38.99 33.59 -33.08
C ILE H 197 -38.05 32.39 -33.02
N ASP H 198 -37.10 32.28 -33.94
CA ASP H 198 -36.20 31.13 -33.93
C ASP H 198 -35.29 31.17 -32.72
N ARG H 199 -34.87 32.36 -32.28
CA ARG H 199 -34.01 32.44 -31.10
C ARG H 199 -34.79 32.14 -29.82
N CYS H 200 -36.02 32.62 -29.72
CA CYS H 200 -36.87 32.22 -28.60
C CYS H 200 -37.13 30.72 -28.64
N LEU H 201 -37.29 30.16 -29.84
CA LEU H 201 -37.46 28.71 -29.97
C LEU H 201 -36.25 27.97 -29.42
N GLU H 202 -35.04 28.43 -29.78
CA GLU H 202 -33.82 27.76 -29.36
C GLU H 202 -33.65 27.82 -27.84
N VAL H 203 -33.85 29.01 -27.26
CA VAL H 203 -33.69 29.18 -25.82
C VAL H 203 -34.76 28.42 -25.06
N GLN H 204 -35.99 28.38 -25.59
CA GLN H 204 -37.06 27.62 -24.94
C GLN H 204 -36.74 26.12 -24.93
N GLU H 205 -36.24 25.59 -26.05
CA GLU H 205 -35.91 24.17 -26.11
C GLU H 205 -34.80 23.81 -25.15
N ALA H 206 -33.81 24.71 -25.01
CA ALA H 206 -32.70 24.45 -24.09
C ALA H 206 -33.17 24.42 -22.64
N ILE H 207 -33.89 25.46 -22.21
CA ILE H 207 -34.26 25.57 -20.81
C ILE H 207 -35.20 24.44 -20.40
N TRP H 208 -36.02 23.94 -21.33
CA TRP H 208 -36.94 22.85 -20.98
C TRP H 208 -36.21 21.51 -20.93
N ALA H 209 -35.25 21.31 -21.84
CA ALA H 209 -34.39 20.12 -21.75
C ALA H 209 -33.67 20.09 -20.41
N GLU H 210 -33.14 21.23 -19.97
CA GLU H 210 -32.43 21.28 -18.70
C GLU H 210 -33.38 21.06 -17.53
N THR H 211 -34.57 21.67 -17.57
CA THR H 211 -35.50 21.54 -16.46
C THR H 211 -36.00 20.11 -16.32
N PHE H 212 -36.33 19.46 -17.44
CA PHE H 212 -36.83 18.09 -17.37
C PHE H 212 -35.73 17.11 -16.96
N LYS H 213 -34.49 17.36 -17.37
CA LYS H 213 -33.38 16.51 -16.95
C LYS H 213 -33.22 16.54 -15.44
N TYR H 214 -33.17 17.74 -14.85
CA TYR H 214 -33.04 17.86 -13.40
C TYR H 214 -34.24 17.26 -12.68
N MET H 215 -35.45 17.47 -13.21
CA MET H 215 -36.64 16.90 -12.59
C MET H 215 -36.61 15.38 -12.63
N ALA H 216 -36.03 14.81 -13.68
CA ALA H 216 -35.86 13.35 -13.74
C ALA H 216 -34.87 12.88 -12.68
N ASP H 217 -33.73 13.56 -12.58
CA ASP H 217 -32.77 13.24 -11.52
C ASP H 217 -33.42 13.30 -10.15
N ASN H 218 -34.31 14.27 -9.93
CA ASN H 218 -34.95 14.45 -8.64
C ASN H 218 -36.13 13.51 -8.42
N LYS H 219 -36.39 12.60 -9.37
CA LYS H 219 -37.48 11.62 -9.26
C LYS H 219 -38.84 12.29 -9.13
N VAL H 220 -39.01 13.44 -9.75
CA VAL H 220 -40.31 14.10 -9.78
C VAL H 220 -41.27 13.29 -10.63
N MET H 221 -42.49 13.08 -10.11
CA MET H 221 -43.50 12.31 -10.82
C MET H 221 -44.15 13.20 -11.89
N PHE H 222 -43.86 12.91 -13.16
CA PHE H 222 -44.32 13.76 -14.24
C PHE H 222 -45.83 13.70 -14.42
N GLU H 223 -46.49 12.66 -13.92
CA GLU H 223 -47.94 12.59 -13.99
C GLU H 223 -48.61 13.58 -13.05
N GLY H 224 -47.87 14.12 -12.08
CA GLY H 224 -48.45 15.05 -11.14
C GLY H 224 -47.80 16.43 -11.15
N ILE H 225 -47.44 16.92 -12.34
CA ILE H 225 -46.90 18.26 -12.49
C ILE H 225 -47.66 18.98 -13.60
N LEU H 226 -47.56 20.30 -13.59
CA LEU H 226 -48.14 21.15 -14.63
C LEU H 226 -47.09 22.14 -15.10
N LEU H 227 -47.18 22.52 -16.36
CA LEU H 227 -46.22 23.44 -16.97
C LEU H 227 -46.88 24.78 -17.24
N LYS H 228 -46.15 25.86 -16.98
CA LYS H 228 -46.58 27.21 -17.33
C LYS H 228 -45.46 27.87 -18.11
N PRO H 229 -45.36 27.59 -19.40
CA PRO H 229 -44.32 28.23 -20.22
C PRO H 229 -44.81 29.53 -20.85
N ALA H 230 -43.83 30.29 -21.33
CA ALA H 230 -44.14 31.35 -22.27
C ALA H 230 -44.27 30.75 -23.66
N MET H 231 -45.23 31.25 -24.43
CA MET H 231 -45.36 30.79 -25.80
C MET H 231 -44.16 31.22 -26.62
N VAL H 232 -43.96 30.54 -27.75
CA VAL H 232 -42.80 30.80 -28.60
C VAL H 232 -43.16 31.91 -29.56
N THR H 233 -42.58 33.09 -29.33
CA THR H 233 -42.92 34.32 -30.04
C THR H 233 -41.63 35.08 -30.29
N PRO H 234 -41.63 36.01 -31.26
CA PRO H 234 -40.50 36.94 -31.39
C PRO H 234 -40.39 37.86 -30.18
N GLY H 235 -39.25 38.54 -30.10
CA GLY H 235 -39.01 39.44 -28.99
C GLY H 235 -39.91 40.66 -29.03
N ALA H 236 -40.11 41.24 -27.84
CA ALA H 236 -40.99 42.39 -27.71
C ALA H 236 -40.56 43.53 -28.61
N ASP H 237 -39.25 43.68 -28.84
CA ASP H 237 -38.70 44.74 -29.67
C ASP H 237 -38.25 44.23 -31.04
N CYS H 238 -38.82 43.14 -31.52
CA CYS H 238 -38.42 42.57 -32.80
C CYS H 238 -39.42 42.95 -33.90
N LYS H 239 -38.89 43.25 -35.08
CA LYS H 239 -39.73 43.77 -36.17
C LYS H 239 -40.72 42.72 -36.66
N ASN H 240 -40.23 41.50 -36.92
CA ASN H 240 -41.09 40.47 -37.49
C ASN H 240 -42.10 39.98 -36.45
N LYS H 241 -43.38 40.19 -36.72
CA LYS H 241 -44.42 39.70 -35.84
C LYS H 241 -44.74 38.25 -36.20
N ALA H 242 -45.75 37.69 -35.54
CA ALA H 242 -46.12 36.30 -35.78
C ALA H 242 -47.61 36.15 -35.52
N GLY H 243 -48.32 35.65 -36.53
CA GLY H 243 -49.74 35.41 -36.42
C GLY H 243 -50.03 34.24 -35.50
N PRO H 244 -51.30 34.07 -35.12
CA PRO H 244 -51.66 32.90 -34.30
C PRO H 244 -51.27 31.58 -34.94
N ALA H 245 -51.22 31.52 -36.27
CA ALA H 245 -50.95 30.26 -36.94
C ALA H 245 -49.51 29.80 -36.70
N LYS H 246 -48.55 30.72 -36.75
CA LYS H 246 -47.15 30.33 -36.67
C LYS H 246 -46.62 30.31 -35.25
N VAL H 247 -47.13 31.16 -34.35
CA VAL H 247 -46.84 30.96 -32.93
C VAL H 247 -47.34 29.60 -32.49
N ALA H 248 -48.50 29.19 -33.03
CA ALA H 248 -49.07 27.89 -32.68
C ALA H 248 -48.16 26.76 -33.10
N GLU H 249 -47.64 26.82 -34.34
CA GLU H 249 -46.82 25.72 -34.81
C GLU H 249 -45.41 25.78 -34.28
N TYR H 250 -44.91 26.97 -33.95
CA TYR H 250 -43.61 27.08 -33.28
C TYR H 250 -43.71 26.62 -31.84
N THR H 251 -44.80 26.97 -31.15
CA THR H 251 -44.97 26.57 -29.76
C THR H 251 -45.18 25.08 -29.64
N LEU H 252 -46.10 24.52 -30.44
CA LEU H 252 -46.45 23.11 -30.29
C LEU H 252 -45.29 22.19 -30.68
N LYS H 253 -44.51 22.60 -31.69
CA LYS H 253 -43.36 21.78 -32.06
C LYS H 253 -42.32 21.77 -30.94
N MET H 254 -42.12 22.90 -30.26
CA MET H 254 -41.19 22.93 -29.14
C MET H 254 -41.71 22.10 -27.98
N LEU H 255 -43.01 22.21 -27.68
CA LEU H 255 -43.58 21.37 -26.62
C LEU H 255 -43.46 19.89 -26.97
N ARG H 256 -43.73 19.55 -28.23
CA ARG H 256 -43.66 18.15 -28.65
C ARG H 256 -42.22 17.63 -28.69
N ARG H 257 -41.24 18.53 -28.79
CA ARG H 257 -39.83 18.15 -28.78
C ARG H 257 -39.23 18.08 -27.38
N ARG H 258 -40.02 18.35 -26.33
CA ARG H 258 -39.43 18.50 -24.99
C ARG H 258 -40.29 17.97 -23.85
N VAL H 259 -41.60 18.01 -23.93
CA VAL H 259 -42.48 17.60 -22.84
C VAL H 259 -42.82 16.13 -23.07
N PRO H 260 -42.63 15.25 -22.07
CA PRO H 260 -43.04 13.86 -22.25
C PRO H 260 -44.55 13.71 -22.08
N PRO H 261 -45.17 12.73 -22.75
CA PRO H 261 -46.63 12.63 -22.70
C PRO H 261 -47.19 12.43 -21.32
N ALA H 262 -46.38 12.00 -20.35
CA ALA H 262 -46.89 11.80 -19.00
C ALA H 262 -47.36 13.09 -18.35
N VAL H 263 -46.85 14.25 -18.79
CA VAL H 263 -47.24 15.53 -18.21
C VAL H 263 -48.70 15.79 -18.57
N PRO H 264 -49.59 15.96 -17.58
CA PRO H 264 -51.01 16.10 -17.93
C PRO H 264 -51.37 17.41 -18.60
N GLY H 265 -50.79 18.53 -18.18
CA GLY H 265 -51.28 19.82 -18.60
C GLY H 265 -50.19 20.84 -18.83
N ILE H 266 -50.47 21.76 -19.76
CA ILE H 266 -49.60 22.88 -20.10
C ILE H 266 -50.41 24.16 -20.18
N MET H 267 -50.29 25.02 -19.16
CA MET H 267 -51.11 26.22 -19.03
C MET H 267 -50.23 27.45 -19.25
N PHE H 268 -50.47 28.16 -20.35
CA PHE H 268 -49.55 29.22 -20.75
C PHE H 268 -49.79 30.51 -19.99
N LEU H 269 -48.76 31.35 -19.98
CA LEU H 269 -48.86 32.72 -19.48
C LEU H 269 -49.00 33.67 -20.67
N SER H 270 -49.81 34.71 -20.50
CA SER H 270 -49.99 35.69 -21.56
C SER H 270 -48.77 36.60 -21.69
N GLY H 271 -48.42 37.29 -20.60
CA GLY H 271 -47.20 38.07 -20.55
C GLY H 271 -47.09 39.15 -21.60
N GLY H 272 -47.98 40.14 -21.56
CA GLY H 272 -47.85 41.31 -22.41
C GLY H 272 -48.10 41.08 -23.89
N GLN H 273 -49.05 40.23 -24.24
CA GLN H 273 -49.46 40.06 -25.64
C GLN H 273 -50.60 41.03 -25.93
N SER H 274 -51.79 40.70 -25.41
CA SER H 274 -53.03 41.47 -25.52
C SER H 274 -54.14 40.57 -25.00
N GLU H 275 -55.21 41.15 -24.46
CA GLU H 275 -56.37 40.35 -24.12
C GLU H 275 -56.91 39.62 -25.34
N LEU H 276 -56.79 40.24 -26.51
CA LEU H 276 -57.22 39.61 -27.77
C LEU H 276 -56.24 38.52 -28.20
N GLU H 277 -54.96 38.86 -28.24
CA GLU H 277 -53.95 37.99 -28.85
C GLU H 277 -53.78 36.69 -28.09
N SER H 278 -53.90 36.75 -26.76
CA SER H 278 -53.80 35.54 -25.96
C SER H 278 -54.83 34.50 -26.39
N THR H 279 -56.03 34.95 -26.74
CA THR H 279 -57.07 34.03 -27.18
C THR H 279 -56.78 33.47 -28.57
N LEU H 280 -56.32 34.32 -29.48
CA LEU H 280 -56.07 33.90 -30.86
C LEU H 280 -54.96 32.85 -30.92
N ASN H 281 -53.93 33.01 -30.09
CA ASN H 281 -52.82 32.08 -30.10
C ASN H 281 -53.21 30.73 -29.51
N LEU H 282 -53.87 30.75 -28.35
CA LEU H 282 -54.30 29.50 -27.73
C LEU H 282 -55.28 28.75 -28.63
N ASN H 283 -56.23 29.47 -29.21
CA ASN H 283 -57.22 28.84 -30.07
C ASN H 283 -56.56 28.19 -31.29
N ALA H 284 -55.50 28.80 -31.82
CA ALA H 284 -54.80 28.24 -32.96
C ALA H 284 -54.06 26.96 -32.62
N MET H 285 -53.72 26.74 -31.35
CA MET H 285 -53.03 25.52 -30.93
C MET H 285 -54.00 24.39 -30.59
N ASN H 286 -55.30 24.63 -30.67
CA ASN H 286 -56.30 23.60 -30.43
C ASN H 286 -57.17 23.37 -31.66
N GLN H 287 -56.58 23.51 -32.85
CA GLN H 287 -57.24 23.11 -34.08
C GLN H 287 -57.19 21.61 -34.29
N SER H 288 -56.20 20.94 -33.72
CA SER H 288 -55.99 19.51 -33.78
C SER H 288 -55.74 18.98 -32.38
N PRO H 289 -55.89 17.67 -32.16
CA PRO H 289 -55.60 17.13 -30.84
C PRO H 289 -54.13 17.27 -30.48
N ASN H 290 -53.86 17.43 -29.19
CA ASN H 290 -52.52 17.55 -28.65
C ASN H 290 -52.25 16.40 -27.69
N PRO H 291 -50.98 16.01 -27.52
CA PRO H 291 -50.67 14.94 -26.56
C PRO H 291 -50.95 15.32 -25.12
N TRP H 292 -51.08 16.61 -24.82
CA TRP H 292 -51.47 17.09 -23.49
C TRP H 292 -52.50 18.20 -23.63
N HIS H 293 -53.12 18.54 -22.51
CA HIS H 293 -54.10 19.62 -22.49
C HIS H 293 -53.36 20.95 -22.53
N VAL H 294 -53.45 21.65 -23.66
CA VAL H 294 -52.79 22.92 -23.88
C VAL H 294 -53.80 24.02 -23.58
N SER H 295 -53.65 24.70 -22.44
CA SER H 295 -54.64 25.69 -22.01
C SER H 295 -54.00 27.01 -21.62
N PHE H 296 -54.58 27.72 -20.65
CA PHE H 296 -54.16 29.06 -20.30
C PHE H 296 -54.03 29.22 -18.79
N SER H 297 -53.05 30.03 -18.38
CA SER H 297 -52.87 30.44 -16.99
C SER H 297 -52.60 31.94 -17.04
N TYR H 298 -53.66 32.74 -16.95
CA TYR H 298 -53.58 34.18 -17.17
C TYR H 298 -53.92 34.94 -15.90
N ALA H 299 -53.32 36.12 -15.76
CA ALA H 299 -53.61 37.02 -14.66
C ALA H 299 -54.35 38.25 -15.16
N ARG H 300 -53.62 39.15 -15.80
CA ARG H 300 -54.21 40.40 -16.26
C ARG H 300 -55.18 40.21 -17.43
N ALA H 301 -54.93 39.21 -18.28
CA ALA H 301 -55.80 38.98 -19.43
C ALA H 301 -57.22 38.61 -19.03
N LEU H 302 -57.41 38.13 -17.80
CA LEU H 302 -58.73 37.89 -17.24
C LEU H 302 -59.14 38.95 -16.23
N GLN H 303 -58.17 39.60 -15.59
CA GLN H 303 -58.42 40.48 -14.45
C GLN H 303 -58.58 41.95 -14.85
N ASN H 304 -57.95 42.39 -15.92
CA ASN H 304 -57.80 43.82 -16.15
C ASN H 304 -59.14 44.48 -16.43
N THR H 305 -59.94 43.91 -17.33
CA THR H 305 -61.27 44.48 -17.57
C THR H 305 -62.18 44.32 -16.37
N VAL H 306 -61.92 43.34 -15.50
CA VAL H 306 -62.62 43.27 -14.22
C VAL H 306 -62.26 44.47 -13.37
N LEU H 307 -60.99 44.85 -13.36
CA LEU H 307 -60.52 45.97 -12.56
C LEU H 307 -61.17 47.28 -13.02
N LYS H 308 -61.13 47.54 -14.32
CA LYS H 308 -61.60 48.81 -14.84
C LYS H 308 -63.12 48.90 -14.92
N THR H 309 -63.83 47.77 -14.88
CA THR H 309 -65.29 47.81 -14.80
C THR H 309 -65.79 47.94 -13.37
N TRP H 310 -65.06 47.39 -12.40
CA TRP H 310 -65.49 47.48 -11.00
C TRP H 310 -65.36 48.91 -10.48
N GLN H 311 -64.21 49.54 -10.75
CA GLN H 311 -63.90 50.89 -10.26
C GLN H 311 -64.08 51.03 -8.75
N GLY H 312 -64.02 49.90 -8.04
CA GLY H 312 -64.21 49.87 -6.60
C GLY H 312 -65.63 50.09 -6.14
N LYS H 313 -66.56 50.43 -7.03
CA LYS H 313 -67.92 50.76 -6.62
C LYS H 313 -68.75 49.49 -6.51
N PRO H 314 -69.40 49.24 -5.37
CA PRO H 314 -70.17 47.99 -5.20
C PRO H 314 -71.32 47.84 -6.17
N GLU H 315 -71.77 48.94 -6.80
CA GLU H 315 -72.88 48.85 -7.73
C GLU H 315 -72.51 48.09 -9.00
N ASN H 316 -71.23 48.08 -9.35
CA ASN H 316 -70.76 47.44 -10.58
C ASN H 316 -70.16 46.06 -10.33
N VAL H 317 -70.38 45.48 -9.14
CA VAL H 317 -69.85 44.14 -8.86
C VAL H 317 -70.37 43.15 -9.90
N GLN H 318 -71.66 43.24 -10.24
CA GLN H 318 -72.27 42.28 -11.14
C GLN H 318 -71.73 42.43 -12.55
N ALA H 319 -71.58 43.68 -13.03
CA ALA H 319 -71.04 43.91 -14.36
C ALA H 319 -69.56 43.55 -14.46
N ALA H 320 -68.81 43.72 -13.37
CA ALA H 320 -67.40 43.33 -13.40
C ALA H 320 -67.22 41.83 -13.32
N GLN H 321 -68.04 41.16 -12.49
CA GLN H 321 -67.99 39.70 -12.45
C GLN H 321 -68.41 39.10 -13.78
N ALA H 322 -69.41 39.71 -14.45
CA ALA H 322 -69.77 39.28 -15.78
C ALA H 322 -68.64 39.49 -16.77
N ALA H 323 -67.91 40.60 -16.63
CA ALA H 323 -66.76 40.85 -17.50
C ALA H 323 -65.68 39.80 -17.29
N LEU H 324 -65.57 39.25 -16.08
CA LEU H 324 -64.64 38.16 -15.84
C LEU H 324 -65.04 36.93 -16.63
N LEU H 325 -66.29 36.49 -16.48
CA LEU H 325 -66.73 35.27 -17.14
C LEU H 325 -66.67 35.37 -18.66
N LYS H 326 -66.93 36.57 -19.20
CA LYS H 326 -66.97 36.72 -20.65
C LYS H 326 -65.60 36.46 -21.26
N ARG H 327 -64.54 36.99 -20.64
CA ARG H 327 -63.21 36.72 -21.15
C ARG H 327 -62.65 35.39 -20.65
N ALA H 328 -63.25 34.78 -19.62
CA ALA H 328 -62.90 33.42 -19.27
C ALA H 328 -63.34 32.45 -20.37
N LYS H 329 -64.61 32.53 -20.77
CA LYS H 329 -65.12 31.66 -21.82
C LYS H 329 -64.40 31.89 -23.15
N ALA H 330 -64.01 33.12 -23.44
CA ALA H 330 -63.24 33.38 -24.66
C ALA H 330 -61.98 32.53 -24.69
N ASN H 331 -61.29 32.40 -23.56
CA ASN H 331 -60.07 31.59 -23.51
C ASN H 331 -60.39 30.10 -23.35
N SER H 332 -61.50 29.76 -22.70
CA SER H 332 -61.91 28.36 -22.64
C SER H 332 -62.33 27.85 -24.02
N ASP H 333 -63.05 28.67 -24.78
CA ASP H 333 -63.36 28.32 -26.16
C ASP H 333 -62.09 28.20 -26.99
N ALA H 334 -61.06 29.00 -26.67
CA ALA H 334 -59.77 28.85 -27.33
C ALA H 334 -59.10 27.53 -26.96
N GLN H 335 -59.31 27.06 -25.73
CA GLN H 335 -58.84 25.73 -25.34
C GLN H 335 -59.49 24.63 -26.17
N GLN H 336 -60.68 24.89 -26.73
CA GLN H 336 -61.39 23.92 -27.54
C GLN H 336 -61.28 24.22 -29.03
N GLY H 337 -60.49 25.22 -29.42
CA GLY H 337 -60.40 25.59 -30.82
C GLY H 337 -61.70 26.07 -31.42
N LYS H 338 -62.65 26.49 -30.58
CA LYS H 338 -63.99 26.83 -31.05
C LYS H 338 -64.39 28.24 -30.66
N TYR H 339 -63.55 29.23 -30.94
CA TYR H 339 -63.78 30.59 -30.46
C TYR H 339 -64.01 31.56 -31.60
N ASP H 340 -65.01 32.40 -31.43
CA ASP H 340 -65.38 33.40 -32.42
C ASP H 340 -64.29 34.44 -32.69
S SO4 I . -0.31 16.97 -38.89
O1 SO4 I . -0.12 15.69 -38.20
O2 SO4 I . -1.12 17.85 -38.04
O3 SO4 I . 0.98 17.59 -39.15
O4 SO4 I . -1.01 16.75 -40.15
S SO4 J . -12.85 37.29 -31.06
O1 SO4 J . -14.10 36.52 -30.98
O2 SO4 J . -12.83 38.25 -29.96
O3 SO4 J . -11.70 36.40 -30.94
O4 SO4 J . -12.80 38.00 -32.33
S SO4 K . -23.37 21.28 -18.19
O1 SO4 K . -24.10 20.18 -18.77
O2 SO4 K . -23.03 20.98 -16.80
O3 SO4 K . -22.14 21.51 -18.95
O4 SO4 K . -24.19 22.49 -18.24
S SO4 L . -8.85 38.09 -12.82
O1 SO4 L . -8.84 36.69 -13.27
O2 SO4 L . -10.22 38.46 -12.45
O3 SO4 L . -7.96 38.25 -11.67
O4 SO4 L . -8.38 38.94 -13.92
S SO4 M . 3.50 25.75 5.41
O1 SO4 M . 2.23 26.48 5.52
O2 SO4 M . 3.75 24.97 6.62
O3 SO4 M . 4.57 26.71 5.26
O4 SO4 M . 3.47 24.85 4.26
S SO4 N . -23.58 14.72 -14.11
O1 SO4 N . -24.28 13.55 -14.62
O2 SO4 N . -23.05 14.43 -12.78
O3 SO4 N . -22.48 15.06 -15.01
O4 SO4 N . -24.50 15.84 -14.02
S SO4 O . -20.62 2.13 4.76
O1 SO4 O . -21.10 1.27 5.84
O2 SO4 O . -21.75 2.59 3.97
O3 SO4 O . -19.72 1.39 3.89
O4 SO4 O . -19.92 3.28 5.34
S SO4 P . -14.78 19.49 15.78
O1 SO4 P . -15.06 18.06 15.57
O2 SO4 P . -15.95 20.11 16.38
O3 SO4 P . -13.64 19.61 16.68
O4 SO4 P . -14.49 20.13 14.49
S SO4 Q . -18.78 23.77 13.18
O1 SO4 Q . -17.99 23.19 14.27
O2 SO4 Q . -20.10 24.14 13.69
O3 SO4 Q . -18.91 22.80 12.09
O4 SO4 Q . -18.11 24.97 12.69
CL CL R . -15.69 -0.19 1.79
S SO4 S . 32.31 -4.99 37.26
O1 SO4 S . 33.30 -5.41 38.26
O2 SO4 S . 31.45 -6.13 36.95
O3 SO4 S . 31.50 -3.90 37.80
O4 SO4 S . 32.99 -4.54 36.06
S SO4 T . 27.94 -8.22 40.19
O1 SO4 T . 28.01 -9.55 39.62
O2 SO4 T . 28.04 -8.31 41.65
O3 SO4 T . 29.06 -7.42 39.68
O4 SO4 T . 26.68 -7.58 39.84
S SO4 U . 5.48 -4.47 36.56
O1 SO4 U . 5.09 -5.64 37.35
O2 SO4 U . 4.43 -4.15 35.60
O3 SO4 U . 6.71 -4.76 35.84
O4 SO4 U . 5.69 -3.33 37.45
S SO4 V . 8.52 0.14 39.60
O1 SO4 V . 7.64 -0.84 40.25
O2 SO4 V . 8.16 1.49 40.03
O3 SO4 V . 9.91 -0.14 39.96
O4 SO4 V . 8.37 0.03 38.14
S SO4 W . 24.90 -17.24 19.68
O1 SO4 W . 25.34 -18.62 19.60
O2 SO4 W . 24.23 -17.00 20.96
O3 SO4 W . 26.05 -16.35 19.56
O4 SO4 W . 23.96 -16.95 18.59
S SO4 X . -15.51 -17.07 -48.94
O1 SO4 X . -15.49 -18.31 -48.16
O2 SO4 X . -16.46 -16.13 -48.33
O3 SO4 X . -14.18 -16.48 -48.95
O4 SO4 X . -15.94 -17.37 -50.31
S SO4 Y . -28.33 -7.37 -10.09
O1 SO4 Y . -27.69 -8.68 -10.01
O2 SO4 Y . -29.32 -7.24 -9.01
O3 SO4 Y . -27.31 -6.34 -9.93
O4 SO4 Y . -28.99 -7.22 -11.38
S SO4 Z . -29.17 -6.35 -33.56
O1 SO4 Z . -28.61 -5.57 -32.44
O2 SO4 Z . -30.30 -7.14 -33.08
O3 SO4 Z . -28.13 -7.24 -34.08
O4 SO4 Z . -29.62 -5.45 -34.62
S SO4 AA . -33.56 -10.19 -30.83
O1 SO4 AA . -34.81 -10.58 -31.48
O2 SO4 AA . -33.50 -10.81 -29.50
O3 SO4 AA . -32.43 -10.64 -31.62
O4 SO4 AA . -33.51 -8.73 -30.69
S SO4 BA . 21.36 -18.88 12.78
O1 SO4 BA . 20.21 -19.78 12.68
O2 SO4 BA . 22.53 -19.62 13.23
O3 SO4 BA . 21.06 -17.80 13.73
O4 SO4 BA . 21.64 -18.29 11.46
S SO4 CA . 8.15 -30.47 -1.84
O1 SO4 CA . 6.97 -30.65 -2.68
O2 SO4 CA . 8.18 -31.49 -0.79
O3 SO4 CA . 9.35 -30.60 -2.66
O4 SO4 CA . 8.12 -29.15 -1.22
S SO4 DA . 5.85 -3.78 5.30
O1 SO4 DA . 5.05 -4.91 4.83
O2 SO4 DA . 5.32 -3.32 6.58
O3 SO4 DA . 7.24 -4.22 5.47
O4 SO4 DA . 5.80 -2.70 4.32
S SO4 EA . 14.73 -13.11 -8.78
O1 SO4 EA . 15.45 -14.15 -8.06
O2 SO4 EA . 13.35 -13.08 -8.31
O3 SO4 EA . 14.75 -13.40 -10.21
O4 SO4 EA . 15.36 -11.82 -8.53
S SO4 FA . 20.41 16.11 6.97
O1 SO4 FA . 20.46 14.69 6.69
O2 SO4 FA . 20.24 16.31 8.40
O3 SO4 FA . 21.68 16.73 6.54
O4 SO4 FA . 19.31 16.73 6.25
S SO4 GA . 9.21 -11.76 -5.94
O1 SO4 GA . 8.70 -13.03 -6.43
O2 SO4 GA . 8.31 -11.24 -4.91
O3 SO4 GA . 10.55 -11.96 -5.38
O4 SO4 GA . 9.29 -10.81 -7.04
S SO4 HA . 28.21 3.82 -8.42
O1 SO4 HA . 27.14 2.87 -8.10
O2 SO4 HA . 28.83 4.26 -7.18
O3 SO4 HA . 29.21 3.16 -9.27
O4 SO4 HA . 27.65 4.96 -9.14
S SO4 IA . 40.88 -48.16 16.60
O1 SO4 IA . 40.23 -48.92 15.52
O2 SO4 IA . 39.76 -47.79 17.47
O3 SO4 IA . 41.54 -46.99 16.01
O4 SO4 IA . 41.87 -48.96 17.34
S SO4 JA . 53.17 -31.57 20.10
O1 SO4 JA . 52.18 -32.22 19.24
O2 SO4 JA . 52.47 -30.84 21.16
O3 SO4 JA . 54.06 -32.57 20.67
O4 SO4 JA . 53.97 -30.63 19.32
S SO4 KA . 42.35 -20.23 34.44
O1 SO4 KA . 42.72 -21.28 33.50
O2 SO4 KA . 41.63 -20.81 35.57
O3 SO4 KA . 43.55 -19.54 34.92
O4 SO4 KA . 41.47 -19.27 33.78
S SO4 LA . -31.93 40.35 -28.14
O1 SO4 LA . -30.88 39.56 -27.52
O2 SO4 LA . -33.24 39.76 -27.85
O3 SO4 LA . -31.71 40.39 -29.58
O4 SO4 LA . -31.89 41.71 -27.62
#